data_2JRF
#
_entry.id   2JRF
#
_entity_poly.entity_id   1
_entity_poly.type   'polypeptide(L)'
_entity_poly.pdbx_seq_one_letter_code
;MAASTDIAGLEESFRKFAIHGDPKASGQEMNGKNWAKLCKDCKVADGKSVTGTDVDIVFSKVKGKSARVINYEEFKKALE
ELATKRFKGKSKEEAFDAICQLVAGKEPANVGVTKAKTGGAVDRLTDTSRYTGSHKERFDESGKGKGIAGRQDILDDSGY
VSAYKNAGTYDAKVKKLEHHHHHH
;
_entity_poly.pdbx_strand_id   A
#
# COMPACT_ATOMS: atom_id res chain seq x y z
N MET A 1 -17.21 -2.46 -4.70
CA MET A 1 -17.87 -3.75 -5.01
C MET A 1 -17.38 -4.86 -4.07
N ALA A 2 -18.33 -5.48 -3.34
CA ALA A 2 -18.01 -6.52 -2.34
C ALA A 2 -17.17 -5.97 -1.18
N ALA A 3 -17.84 -5.61 -0.09
CA ALA A 3 -17.17 -5.06 1.10
C ALA A 3 -16.41 -6.13 1.88
N SER A 4 -15.34 -6.64 1.28
CA SER A 4 -14.53 -7.73 1.85
C SER A 4 -13.42 -8.13 0.88
N THR A 5 -13.80 -8.73 -0.24
CA THR A 5 -12.86 -9.07 -1.32
C THR A 5 -12.96 -8.05 -2.46
N ASP A 6 -12.42 -6.86 -2.21
CA ASP A 6 -12.55 -5.72 -3.12
C ASP A 6 -11.71 -5.86 -4.40
N ILE A 7 -10.40 -5.93 -4.24
CA ILE A 7 -9.47 -5.85 -5.37
C ILE A 7 -8.75 -7.17 -5.65
N ALA A 8 -8.50 -7.96 -4.60
CA ALA A 8 -7.83 -9.28 -4.73
C ALA A 8 -6.33 -9.14 -5.08
N GLY A 9 -6.04 -8.73 -6.31
CA GLY A 9 -4.66 -8.61 -6.78
C GLY A 9 -3.79 -7.71 -5.90
N LEU A 10 -4.34 -6.55 -5.53
CA LEU A 10 -3.67 -5.64 -4.59
C LEU A 10 -3.38 -6.34 -3.26
N GLU A 11 -4.38 -7.05 -2.75
CA GLU A 11 -4.26 -7.78 -1.49
C GLU A 11 -3.19 -8.87 -1.60
N GLU A 12 -3.06 -9.46 -2.79
CA GLU A 12 -2.04 -10.48 -3.05
C GLU A 12 -0.63 -9.87 -2.98
N SER A 13 -0.44 -8.75 -3.70
CA SER A 13 0.84 -8.04 -3.69
C SER A 13 1.18 -7.54 -2.27
N PHE A 14 0.15 -7.17 -1.49
CA PHE A 14 0.36 -6.81 -0.09
C PHE A 14 1.01 -7.98 0.66
N ARG A 15 0.44 -9.17 0.52
CA ARG A 15 1.00 -10.38 1.13
C ARG A 15 2.44 -10.61 0.66
N LYS A 16 2.68 -10.50 -0.64
CA LYS A 16 4.03 -10.63 -1.23
C LYS A 16 5.08 -9.84 -0.42
N PHE A 17 4.77 -8.57 -0.11
CA PHE A 17 5.69 -7.72 0.66
C PHE A 17 5.53 -7.93 2.17
N ALA A 18 4.34 -8.34 2.61
CA ALA A 18 4.06 -8.53 4.04
C ALA A 18 4.83 -9.73 4.62
N ILE A 19 4.69 -10.89 3.98
CA ILE A 19 5.34 -12.13 4.45
C ILE A 19 6.84 -12.16 4.09
N HIS A 20 7.35 -11.05 3.56
CA HIS A 20 8.78 -10.93 3.24
C HIS A 20 9.63 -11.04 4.51
N GLY A 21 10.03 -12.28 4.83
CA GLY A 21 10.79 -12.54 6.05
C GLY A 21 10.13 -13.61 6.93
N ASP A 22 8.85 -13.39 7.27
CA ASP A 22 8.11 -14.33 8.12
C ASP A 22 6.78 -14.73 7.44
N PRO A 23 6.66 -16.00 6.98
CA PRO A 23 5.45 -16.49 6.30
C PRO A 23 4.27 -16.80 7.25
N LYS A 24 4.52 -16.70 8.57
CA LYS A 24 3.49 -16.96 9.57
C LYS A 24 2.71 -15.68 9.91
N ALA A 25 3.23 -14.54 9.45
CA ALA A 25 2.54 -13.25 9.63
C ALA A 25 1.22 -13.19 8.85
N SER A 26 1.09 -14.07 7.84
CA SER A 26 -0.12 -14.18 7.01
C SER A 26 -0.27 -13.00 6.03
N GLY A 27 -0.24 -11.79 6.56
CA GLY A 27 -0.43 -10.59 5.76
C GLY A 27 -1.33 -9.56 6.45
N GLN A 28 -1.04 -9.30 7.72
CA GLN A 28 -1.83 -8.35 8.52
C GLN A 28 -1.20 -6.94 8.52
N GLU A 29 0.13 -6.89 8.50
CA GLU A 29 0.85 -5.62 8.59
C GLU A 29 1.99 -5.51 7.55
N MET A 30 2.67 -4.37 7.56
CA MET A 30 3.83 -4.14 6.68
C MET A 30 4.74 -3.05 7.26
N ASN A 31 6.06 -3.30 7.27
CA ASN A 31 7.02 -2.35 7.81
C ASN A 31 7.46 -1.29 6.78
N GLY A 32 8.13 -0.24 7.26
CA GLY A 32 8.54 0.88 6.42
C GLY A 32 9.42 0.48 5.24
N LYS A 33 10.26 -0.53 5.43
CA LYS A 33 11.18 -0.98 4.37
C LYS A 33 10.42 -1.64 3.21
N ASN A 34 9.61 -2.63 3.54
CA ASN A 34 8.80 -3.35 2.57
C ASN A 34 7.82 -2.40 1.84
N TRP A 35 7.23 -1.48 2.59
CA TRP A 35 6.34 -0.45 2.02
C TRP A 35 7.11 0.48 1.05
N ALA A 36 8.31 0.89 1.46
CA ALA A 36 9.17 1.72 0.62
C ALA A 36 9.53 1.00 -0.69
N LYS A 37 9.89 -0.29 -0.59
CA LYS A 37 10.21 -1.10 -1.77
C LYS A 37 8.95 -1.31 -2.64
N LEU A 38 7.81 -1.52 -1.99
CA LEU A 38 6.52 -1.71 -2.69
C LEU A 38 6.28 -0.57 -3.69
N CYS A 39 6.49 0.67 -3.24
CA CYS A 39 6.37 1.84 -4.11
C CYS A 39 7.42 1.82 -5.24
N LYS A 40 8.64 1.42 -4.89
CA LYS A 40 9.75 1.36 -5.85
C LYS A 40 9.47 0.34 -6.98
N ASP A 41 9.22 -0.92 -6.60
CA ASP A 41 8.89 -1.99 -7.56
C ASP A 41 7.71 -1.60 -8.47
N CYS A 42 6.71 -0.94 -7.89
CA CYS A 42 5.52 -0.51 -8.65
C CYS A 42 5.68 0.91 -9.21
N LYS A 43 6.82 1.54 -8.93
CA LYS A 43 7.13 2.89 -9.41
C LYS A 43 6.00 3.90 -9.11
N VAL A 44 5.29 3.69 -8.01
CA VAL A 44 4.31 4.67 -7.54
C VAL A 44 5.04 5.92 -7.03
N ALA A 45 6.18 5.71 -6.38
CA ALA A 45 7.08 6.79 -6.01
C ALA A 45 7.89 7.25 -7.23
N ASP A 46 7.24 8.07 -8.06
CA ASP A 46 7.81 8.49 -9.34
C ASP A 46 8.89 9.58 -9.19
N GLY A 47 8.96 10.20 -8.01
CA GLY A 47 9.94 11.24 -7.76
C GLY A 47 9.47 12.63 -8.13
N LYS A 48 8.54 12.72 -9.10
CA LYS A 48 7.98 14.00 -9.54
C LYS A 48 6.81 14.44 -8.65
N SER A 49 5.99 13.47 -8.23
CA SER A 49 4.87 13.74 -7.32
C SER A 49 5.13 13.07 -5.96
N VAL A 50 5.46 11.78 -5.99
CA VAL A 50 5.74 11.02 -4.77
C VAL A 50 7.22 10.62 -4.70
N THR A 51 7.96 11.22 -3.77
CA THR A 51 9.38 10.91 -3.57
C THR A 51 9.59 9.90 -2.44
N GLY A 52 10.80 9.35 -2.35
CA GLY A 52 11.12 8.39 -1.29
C GLY A 52 10.75 8.90 0.11
N THR A 53 11.26 10.07 0.46
CA THR A 53 10.95 10.69 1.76
C THR A 53 9.44 10.79 1.98
N ASP A 54 8.71 11.31 0.99
CA ASP A 54 7.25 11.49 1.09
C ASP A 54 6.56 10.15 1.37
N VAL A 55 7.07 9.06 0.77
CA VAL A 55 6.56 7.71 1.03
C VAL A 55 6.75 7.31 2.50
N ASP A 56 7.87 7.72 3.10
CA ASP A 56 8.14 7.39 4.51
C ASP A 56 7.26 8.25 5.43
N ILE A 57 7.00 9.48 4.99
CA ILE A 57 6.12 10.40 5.70
C ILE A 57 4.71 9.82 5.81
N VAL A 58 4.14 9.43 4.67
CA VAL A 58 2.82 8.80 4.63
C VAL A 58 2.72 7.62 5.60
N PHE A 59 3.72 6.74 5.54
CA PHE A 59 3.81 5.59 6.44
C PHE A 59 3.87 6.03 7.92
N SER A 60 4.64 7.09 8.18
CA SER A 60 4.80 7.62 9.54
C SER A 60 3.55 8.38 10.01
N LYS A 61 2.70 8.80 9.07
CA LYS A 61 1.45 9.51 9.41
C LYS A 61 0.30 8.53 9.73
N VAL A 62 0.00 7.64 8.78
CA VAL A 62 -1.15 6.74 8.88
C VAL A 62 -1.07 5.78 10.09
N LYS A 63 0.14 5.38 10.48
CA LYS A 63 0.33 4.38 11.55
C LYS A 63 -0.34 4.80 12.88
N GLY A 64 -0.05 6.00 13.35
CA GLY A 64 -0.62 6.49 14.59
C GLY A 64 -0.05 5.84 15.86
N LYS A 65 -0.28 4.53 16.04
CA LYS A 65 0.09 3.82 17.28
C LYS A 65 1.59 3.50 17.37
N SER A 66 2.44 4.52 17.20
CA SER A 66 3.92 4.35 17.13
C SER A 66 4.30 3.33 16.04
N ALA A 67 4.14 2.04 16.35
CA ALA A 67 4.13 0.93 15.38
C ALA A 67 5.27 0.95 14.33
N ARG A 68 6.11 -0.08 14.35
CA ARG A 68 7.11 -0.29 13.28
C ARG A 68 6.40 -0.63 11.95
N VAL A 69 5.13 -1.04 12.04
CA VAL A 69 4.36 -1.52 10.89
C VAL A 69 2.94 -0.93 10.86
N ILE A 70 2.31 -0.94 9.68
CA ILE A 70 0.90 -0.50 9.54
C ILE A 70 0.02 -1.68 9.12
N ASN A 71 -1.24 -1.68 9.57
CA ASN A 71 -2.18 -2.75 9.22
C ASN A 71 -2.90 -2.47 7.88
N TYR A 72 -3.40 -3.53 7.24
CA TYR A 72 -4.04 -3.45 5.90
C TYR A 72 -4.94 -2.20 5.73
N GLU A 73 -5.81 -1.95 6.70
CA GLU A 73 -6.70 -0.77 6.67
C GLU A 73 -5.90 0.53 6.44
N GLU A 74 -4.81 0.70 7.17
CA GLU A 74 -3.98 1.90 7.08
C GLU A 74 -3.12 1.86 5.81
N PHE A 75 -2.93 0.67 5.25
CA PHE A 75 -2.24 0.50 3.98
C PHE A 75 -3.09 1.05 2.83
N LYS A 76 -4.36 0.63 2.79
CA LYS A 76 -5.30 1.12 1.78
C LYS A 76 -5.66 2.60 2.03
N LYS A 77 -5.49 3.06 3.27
CA LYS A 77 -5.60 4.48 3.58
C LYS A 77 -4.38 5.25 3.01
N ALA A 78 -3.19 4.66 3.15
CA ALA A 78 -1.98 5.22 2.58
C ALA A 78 -2.05 5.26 1.04
N LEU A 79 -2.64 4.23 0.44
CA LEU A 79 -2.86 4.19 -1.00
C LEU A 79 -3.72 5.37 -1.47
N GLU A 80 -4.79 5.67 -0.73
CA GLU A 80 -5.61 6.85 -1.01
C GLU A 80 -4.75 8.13 -1.04
N GLU A 81 -3.85 8.25 -0.06
CA GLU A 81 -2.90 9.37 -0.01
C GLU A 81 -2.10 9.48 -1.31
N LEU A 82 -1.30 8.47 -1.63
CA LEU A 82 -0.48 8.45 -2.85
C LEU A 82 -1.34 8.60 -4.11
N ALA A 83 -2.54 8.06 -4.07
CA ALA A 83 -3.51 8.21 -5.17
C ALA A 83 -3.86 9.68 -5.41
N THR A 84 -4.18 10.41 -4.33
CA THR A 84 -4.52 11.84 -4.43
C THR A 84 -3.28 12.69 -4.76
N LYS A 85 -2.09 12.13 -4.53
CA LYS A 85 -0.83 12.80 -4.91
C LYS A 85 -0.70 12.87 -6.44
N ARG A 86 -1.07 11.77 -7.13
CA ARG A 86 -0.92 11.68 -8.59
C ARG A 86 -2.27 11.79 -9.33
N PHE A 87 -3.22 10.92 -9.02
CA PHE A 87 -4.47 10.82 -9.78
C PHE A 87 -5.58 11.76 -9.26
N LYS A 88 -5.19 12.88 -8.68
CA LYS A 88 -6.16 13.85 -8.15
C LYS A 88 -6.91 14.58 -9.28
N GLY A 89 -8.16 14.98 -9.02
CA GLY A 89 -8.96 15.65 -10.04
C GLY A 89 -9.94 14.71 -10.73
N LYS A 90 -9.59 13.42 -10.79
CA LYS A 90 -10.46 12.40 -11.38
C LYS A 90 -11.43 11.84 -10.32
N SER A 91 -12.25 10.85 -10.73
CA SER A 91 -13.18 10.18 -9.81
C SER A 91 -12.44 9.44 -8.70
N LYS A 92 -12.91 9.60 -7.47
CA LYS A 92 -12.30 8.97 -6.29
C LYS A 92 -12.02 7.48 -6.51
N GLU A 93 -13.03 6.77 -7.02
CA GLU A 93 -12.89 5.33 -7.31
C GLU A 93 -11.80 5.08 -8.36
N GLU A 94 -11.83 5.83 -9.46
CA GLU A 94 -10.85 5.67 -10.54
C GLU A 94 -9.42 5.87 -10.04
N ALA A 95 -9.19 6.93 -9.28
CA ALA A 95 -7.88 7.23 -8.71
C ALA A 95 -7.37 6.09 -7.84
N PHE A 96 -8.25 5.54 -6.98
CA PHE A 96 -7.89 4.47 -6.08
C PHE A 96 -7.60 3.16 -6.84
N ASP A 97 -8.52 2.76 -7.72
CA ASP A 97 -8.33 1.56 -8.55
C ASP A 97 -7.10 1.69 -9.46
N ALA A 98 -6.80 2.92 -9.89
CA ALA A 98 -5.66 3.18 -10.78
C ALA A 98 -4.33 2.91 -10.07
N ILE A 99 -4.11 3.55 -8.92
CA ILE A 99 -2.86 3.35 -8.17
C ILE A 99 -2.68 1.87 -7.79
N CYS A 100 -3.77 1.20 -7.42
CA CYS A 100 -3.75 -0.23 -7.15
C CYS A 100 -3.41 -1.03 -8.41
N GLN A 101 -3.93 -0.57 -9.55
CA GLN A 101 -3.65 -1.20 -10.85
C GLN A 101 -2.13 -1.17 -11.17
N LEU A 102 -1.43 -0.17 -10.65
CA LEU A 102 0.03 -0.06 -10.86
C LEU A 102 0.81 -1.03 -9.95
N VAL A 103 0.13 -1.61 -8.95
CA VAL A 103 0.79 -2.48 -7.95
C VAL A 103 0.35 -3.95 -8.10
N ALA A 104 -0.95 -4.19 -8.08
CA ALA A 104 -1.56 -5.53 -8.04
C ALA A 104 -0.87 -6.55 -8.95
N GLY A 105 -0.48 -7.68 -8.37
CA GLY A 105 0.06 -8.80 -9.15
C GLY A 105 1.55 -9.03 -8.97
N LYS A 106 2.31 -7.95 -8.75
CA LYS A 106 3.78 -8.04 -8.67
C LYS A 106 4.27 -8.51 -7.29
N GLU A 107 5.57 -8.82 -7.24
CA GLU A 107 6.24 -9.32 -6.03
C GLU A 107 7.50 -8.47 -5.71
N PRO A 108 8.07 -8.58 -4.48
CA PRO A 108 9.25 -7.77 -4.08
C PRO A 108 10.55 -8.15 -4.83
N ALA A 109 10.61 -7.79 -6.12
CA ALA A 109 11.78 -8.10 -6.97
C ALA A 109 11.56 -7.63 -8.42
N ASN A 110 12.34 -6.63 -8.85
CA ASN A 110 12.32 -6.18 -10.25
C ASN A 110 13.11 -7.15 -11.14
N VAL A 111 12.46 -8.25 -11.53
CA VAL A 111 13.11 -9.34 -12.28
C VAL A 111 14.18 -10.05 -11.43
N GLY A 112 15.26 -9.33 -11.10
CA GLY A 112 16.29 -9.87 -10.22
C GLY A 112 16.03 -9.56 -8.75
N VAL A 113 16.42 -10.47 -7.86
CA VAL A 113 16.22 -10.30 -6.42
C VAL A 113 17.31 -9.41 -5.80
N THR A 114 17.00 -8.79 -4.66
CA THR A 114 17.93 -7.87 -3.99
C THR A 114 18.94 -8.62 -3.12
N LYS A 115 20.20 -8.64 -3.54
CA LYS A 115 21.28 -9.24 -2.76
C LYS A 115 21.49 -8.48 -1.44
N ALA A 116 21.15 -9.12 -0.32
CA ALA A 116 21.26 -8.46 0.99
C ALA A 116 22.00 -9.33 2.02
N LYS A 117 22.62 -10.42 1.56
CA LYS A 117 23.34 -11.33 2.47
C LYS A 117 24.58 -10.66 3.07
N THR A 118 24.44 -10.19 4.30
CA THR A 118 25.52 -9.52 5.02
C THR A 118 25.04 -9.07 6.41
N GLY A 119 23.75 -8.79 6.53
CA GLY A 119 23.16 -8.44 7.81
C GLY A 119 23.06 -9.63 8.75
N GLY A 120 23.82 -9.58 9.85
CA GLY A 120 23.83 -10.68 10.81
C GLY A 120 22.46 -10.95 11.42
N ALA A 121 21.82 -12.04 10.99
CA ALA A 121 20.52 -12.45 11.54
C ALA A 121 20.67 -13.65 12.49
N VAL A 122 21.89 -13.85 13.00
CA VAL A 122 22.20 -14.98 13.88
C VAL A 122 21.91 -14.66 15.36
N ASP A 123 21.18 -13.57 15.60
CA ASP A 123 20.87 -13.10 16.96
C ASP A 123 19.80 -13.97 17.65
N ARG A 124 19.71 -15.25 17.28
CA ARG A 124 18.70 -16.15 17.83
C ARG A 124 18.93 -16.42 19.32
N LEU A 125 18.43 -15.51 20.16
CA LEU A 125 18.58 -15.61 21.61
C LEU A 125 17.33 -16.23 22.26
N THR A 126 16.43 -16.76 21.41
CA THR A 126 15.11 -17.32 21.81
C THR A 126 14.13 -16.20 22.24
N ASP A 127 14.58 -15.30 23.12
CA ASP A 127 13.80 -14.11 23.47
C ASP A 127 13.37 -13.30 22.23
N THR A 128 14.23 -13.29 21.21
CA THR A 128 13.96 -12.59 19.94
C THR A 128 12.71 -13.12 19.24
N SER A 129 11.65 -12.30 19.18
CA SER A 129 10.33 -12.72 18.68
C SER A 129 9.70 -13.77 19.61
N ARG A 130 10.32 -14.95 19.65
CA ARG A 130 9.93 -16.04 20.58
C ARG A 130 8.56 -16.67 20.23
N TYR A 131 7.69 -15.90 19.55
CA TYR A 131 6.33 -16.35 19.25
C TYR A 131 5.56 -16.80 20.51
N THR A 132 5.74 -18.06 20.89
CA THR A 132 5.07 -18.62 22.07
C THR A 132 5.75 -18.17 23.36
N GLY A 133 5.25 -17.09 23.96
CA GLY A 133 5.81 -16.58 25.21
C GLY A 133 6.04 -15.08 25.22
N SER A 134 6.12 -14.46 24.05
CA SER A 134 6.38 -13.01 23.98
C SER A 134 5.08 -12.19 24.17
N HIS A 135 4.33 -11.97 23.08
CA HIS A 135 3.06 -11.24 23.16
C HIS A 135 2.29 -11.29 21.83
N LYS A 136 0.97 -11.39 21.92
CA LYS A 136 0.10 -11.34 20.74
C LYS A 136 -0.96 -10.23 20.92
N GLU A 137 -1.52 -9.74 19.82
CA GLU A 137 -2.51 -8.66 19.88
C GLU A 137 -3.76 -9.06 20.70
N ARG A 138 -4.05 -8.28 21.73
CA ARG A 138 -5.22 -8.52 22.59
C ARG A 138 -6.52 -8.13 21.87
N PHE A 139 -7.64 -8.76 22.25
CA PHE A 139 -8.93 -8.49 21.60
C PHE A 139 -9.43 -7.05 21.88
N ASP A 140 -8.90 -6.10 21.14
CA ASP A 140 -9.38 -4.72 21.16
C ASP A 140 -9.70 -4.26 19.74
N GLU A 141 -10.03 -5.22 18.89
CA GLU A 141 -10.34 -4.96 17.48
C GLU A 141 -11.73 -4.35 17.32
N SER A 142 -12.64 -4.67 18.23
CA SER A 142 -14.00 -4.13 18.20
C SER A 142 -14.05 -2.69 18.73
N GLY A 143 -13.51 -2.48 19.93
CA GLY A 143 -13.54 -1.14 20.54
C GLY A 143 -12.19 -0.41 20.50
N LYS A 144 -11.89 0.24 19.36
CA LYS A 144 -10.68 1.07 19.25
C LYS A 144 -11.01 2.57 19.34
N GLY A 145 -9.97 3.38 19.43
CA GLY A 145 -10.14 4.83 19.53
C GLY A 145 -10.33 5.52 18.18
N LYS A 146 -11.47 6.17 18.00
CA LYS A 146 -11.75 6.94 16.78
C LYS A 146 -10.84 8.18 16.72
N GLY A 147 -9.85 8.14 15.83
CA GLY A 147 -8.82 9.17 15.82
C GLY A 147 -7.86 9.05 17.01
N ILE A 148 -7.57 7.80 17.39
CA ILE A 148 -6.69 7.49 18.52
C ILE A 148 -7.27 7.97 19.87
N ALA A 149 -7.28 9.29 20.07
CA ALA A 149 -7.84 9.89 21.28
C ALA A 149 -8.38 11.30 21.00
N GLY A 150 -7.47 12.25 20.77
CA GLY A 150 -7.87 13.63 20.50
C GLY A 150 -7.64 14.05 19.05
N ARG A 151 -7.75 13.11 18.11
CA ARG A 151 -7.60 13.37 16.66
C ARG A 151 -6.12 13.62 16.29
N GLN A 152 -5.48 14.58 16.98
CA GLN A 152 -4.02 14.81 16.93
C GLN A 152 -3.39 14.70 15.51
N ASP A 153 -3.19 15.85 14.86
CA ASP A 153 -2.50 15.90 13.57
C ASP A 153 -1.20 16.73 13.65
N ILE A 154 -1.32 18.05 13.55
CA ILE A 154 -0.14 18.93 13.59
C ILE A 154 -0.40 20.17 14.46
N LEU A 155 0.57 20.51 15.31
CA LEU A 155 0.48 21.69 16.19
C LEU A 155 1.53 22.74 15.80
N ASP A 156 1.85 22.81 14.51
CA ASP A 156 2.87 23.72 14.00
C ASP A 156 2.49 25.20 14.23
N ASP A 157 3.45 25.99 14.73
CA ASP A 157 3.22 27.41 15.02
C ASP A 157 4.15 28.31 14.16
N SER A 158 3.83 29.60 14.13
CA SER A 158 4.65 30.61 13.42
C SER A 158 6.10 30.66 13.93
N GLY A 159 6.32 30.25 15.17
CA GLY A 159 7.67 30.21 15.72
C GLY A 159 7.78 30.73 17.16
N TYR A 160 6.62 30.92 17.81
CA TYR A 160 6.57 31.40 19.21
C TYR A 160 7.26 32.76 19.39
N VAL A 161 6.48 33.85 19.32
CA VAL A 161 7.02 35.20 19.43
C VAL A 161 6.92 35.75 20.87
N SER A 162 8.05 36.20 21.42
CA SER A 162 8.10 36.76 22.78
C SER A 162 8.19 38.29 22.74
N ALA A 163 7.46 38.95 23.65
CA ALA A 163 7.41 40.42 23.70
C ALA A 163 8.78 41.06 23.98
N TYR A 164 9.31 41.77 22.97
CA TYR A 164 10.60 42.49 23.10
C TYR A 164 11.75 41.53 23.46
N LYS A 165 11.58 40.24 23.14
CA LYS A 165 12.57 39.21 23.47
C LYS A 165 12.74 39.05 25.00
N ASN A 166 13.81 38.39 25.42
CA ASN A 166 14.11 38.14 26.84
C ASN A 166 13.07 37.20 27.49
N ALA A 167 11.87 37.75 27.76
CA ALA A 167 10.76 36.98 28.35
C ALA A 167 11.13 36.29 29.67
N GLY A 168 11.81 35.15 29.57
CA GLY A 168 12.24 34.41 30.75
C GLY A 168 13.56 33.70 30.50
N THR A 169 14.67 34.41 30.69
CA THR A 169 16.02 33.92 30.34
C THR A 169 16.06 33.42 28.88
N TYR A 170 15.57 34.28 27.97
CA TYR A 170 15.50 33.99 26.53
C TYR A 170 14.40 32.95 26.21
N ASP A 171 14.33 32.56 24.94
CA ASP A 171 13.28 31.65 24.47
C ASP A 171 13.46 30.21 25.00
N ALA A 172 13.14 30.02 26.28
CA ALA A 172 13.20 28.68 26.88
C ALA A 172 11.97 27.84 26.51
N LYS A 173 11.90 27.41 25.26
CA LYS A 173 10.77 26.62 24.74
C LYS A 173 10.70 25.24 25.42
N VAL A 174 9.76 25.09 26.36
CA VAL A 174 9.61 23.87 27.18
C VAL A 174 10.96 23.30 27.66
N LYS A 175 11.89 24.23 27.94
CA LYS A 175 13.24 23.88 28.39
C LYS A 175 13.25 23.42 29.86
N LYS A 176 12.98 22.13 30.07
CA LYS A 176 12.98 21.52 31.41
C LYS A 176 11.97 22.21 32.37
N LEU A 177 12.33 23.38 32.88
CA LEU A 177 11.45 24.15 33.78
C LEU A 177 10.37 24.89 32.97
N GLU A 178 9.11 24.54 33.20
CA GLU A 178 7.99 25.09 32.41
C GLU A 178 6.77 25.35 33.32
N MET A 1 -24.91 -1.41 -7.09
CA MET A 1 -23.71 -2.11 -6.57
C MET A 1 -23.15 -1.42 -5.32
N ALA A 2 -22.80 -0.14 -5.45
CA ALA A 2 -22.36 0.69 -4.31
C ALA A 2 -21.05 0.19 -3.68
N ALA A 3 -21.15 -0.87 -2.87
CA ALA A 3 -20.00 -1.43 -2.17
C ALA A 3 -19.00 -2.11 -3.13
N SER A 4 -19.53 -2.69 -4.21
CA SER A 4 -18.70 -3.36 -5.22
C SER A 4 -17.88 -4.51 -4.63
N THR A 5 -16.90 -5.00 -5.39
CA THR A 5 -16.01 -6.07 -4.93
C THR A 5 -14.55 -5.60 -4.89
N ASP A 6 -14.04 -5.37 -3.68
CA ASP A 6 -12.64 -4.96 -3.48
C ASP A 6 -11.67 -5.98 -4.11
N ILE A 7 -10.74 -5.48 -4.92
CA ILE A 7 -9.88 -6.34 -5.75
C ILE A 7 -9.08 -7.37 -4.93
N ALA A 8 -9.23 -8.64 -5.29
CA ALA A 8 -8.53 -9.73 -4.59
C ALA A 8 -7.03 -9.71 -4.87
N GLY A 9 -6.66 -9.23 -6.06
CA GLY A 9 -5.26 -9.06 -6.42
C GLY A 9 -4.52 -8.09 -5.49
N LEU A 10 -5.28 -7.27 -4.75
CA LEU A 10 -4.69 -6.33 -3.79
C LEU A 10 -4.14 -7.08 -2.56
N GLU A 11 -4.99 -7.83 -1.87
CA GLU A 11 -4.55 -8.62 -0.71
C GLU A 11 -3.41 -9.57 -1.07
N GLU A 12 -3.47 -10.18 -2.25
CA GLU A 12 -2.41 -11.10 -2.69
C GLU A 12 -1.06 -10.38 -2.81
N SER A 13 -1.01 -9.32 -3.62
CA SER A 13 0.24 -8.55 -3.79
C SER A 13 0.74 -8.01 -2.44
N PHE A 14 -0.20 -7.47 -1.64
CA PHE A 14 0.11 -6.99 -0.30
C PHE A 14 0.68 -8.12 0.58
N ARG A 15 0.11 -9.32 0.47
CA ARG A 15 0.57 -10.46 1.24
C ARG A 15 1.97 -10.90 0.81
N LYS A 16 2.20 -10.95 -0.50
CA LYS A 16 3.53 -11.31 -1.05
C LYS A 16 4.60 -10.30 -0.65
N PHE A 17 4.21 -9.03 -0.53
CA PHE A 17 5.10 -7.98 -0.02
C PHE A 17 5.30 -8.13 1.50
N ALA A 18 4.20 -8.27 2.24
CA ALA A 18 4.25 -8.33 3.71
C ALA A 18 5.15 -9.46 4.22
N ILE A 19 5.00 -10.66 3.66
CA ILE A 19 5.78 -11.83 4.11
C ILE A 19 7.17 -11.88 3.47
N HIS A 20 7.51 -10.84 2.71
CA HIS A 20 8.81 -10.77 2.02
C HIS A 20 9.91 -10.34 3.02
N GLY A 21 10.74 -11.29 3.42
CA GLY A 21 11.74 -11.02 4.46
C GLY A 21 11.20 -11.26 5.86
N ASP A 22 10.21 -10.47 6.27
CA ASP A 22 9.52 -10.65 7.55
C ASP A 22 8.32 -11.60 7.40
N PRO A 23 8.49 -12.90 7.73
CA PRO A 23 7.48 -13.93 7.44
C PRO A 23 6.22 -13.88 8.33
N LYS A 24 6.38 -13.42 9.58
CA LYS A 24 5.30 -13.46 10.56
C LYS A 24 4.25 -12.35 10.31
N ALA A 25 4.45 -11.57 9.25
CA ALA A 25 3.49 -10.53 8.87
C ALA A 25 2.15 -11.15 8.42
N SER A 26 2.23 -12.28 7.72
CA SER A 26 1.05 -13.06 7.30
C SER A 26 0.04 -12.23 6.47
N GLY A 27 0.48 -11.09 5.96
CA GLY A 27 -0.41 -10.25 5.14
C GLY A 27 -1.43 -9.46 5.96
N GLN A 28 -1.23 -9.39 7.27
CA GLN A 28 -2.08 -8.58 8.15
C GLN A 28 -1.45 -7.21 8.40
N GLU A 29 -0.13 -7.19 8.51
CA GLU A 29 0.64 -5.96 8.78
C GLU A 29 1.91 -5.89 7.91
N MET A 30 2.25 -4.69 7.46
CA MET A 30 3.37 -4.48 6.53
C MET A 30 4.39 -3.48 7.10
N ASN A 31 5.68 -3.75 6.86
CA ASN A 31 6.76 -2.93 7.43
C ASN A 31 7.38 -1.97 6.40
N GLY A 32 8.14 -0.99 6.91
CA GLY A 32 8.77 0.01 6.05
C GLY A 32 9.71 -0.57 5.00
N LYS A 33 10.36 -1.69 5.34
CA LYS A 33 11.24 -2.40 4.40
C LYS A 33 10.57 -2.61 3.03
N ASN A 34 9.45 -3.33 3.05
CA ASN A 34 8.74 -3.70 1.82
C ASN A 34 7.86 -2.55 1.30
N TRP A 35 7.53 -1.61 2.18
CA TRP A 35 6.74 -0.42 1.80
C TRP A 35 7.56 0.53 0.90
N ALA A 36 8.78 0.86 1.34
CA ALA A 36 9.71 1.65 0.53
C ALA A 36 10.00 0.92 -0.79
N LYS A 37 10.26 -0.39 -0.67
CA LYS A 37 10.44 -1.24 -1.84
C LYS A 37 9.22 -1.18 -2.76
N LEU A 38 8.03 -1.29 -2.17
CA LEU A 38 6.76 -1.25 -2.92
C LEU A 38 6.69 -0.02 -3.83
N CYS A 39 7.04 1.14 -3.28
CA CYS A 39 7.07 2.39 -4.05
C CYS A 39 7.99 2.27 -5.28
N LYS A 40 9.21 1.80 -5.05
CA LYS A 40 10.19 1.61 -6.14
C LYS A 40 9.81 0.42 -7.06
N ASP A 41 9.14 -0.56 -6.48
CA ASP A 41 8.82 -1.83 -7.17
C ASP A 41 7.68 -1.64 -8.18
N CYS A 42 6.64 -0.92 -7.77
CA CYS A 42 5.49 -0.64 -8.64
C CYS A 42 5.53 0.80 -9.17
N LYS A 43 6.59 1.55 -8.81
CA LYS A 43 6.77 2.94 -9.26
C LYS A 43 5.65 3.84 -8.77
N VAL A 44 5.16 3.56 -7.56
CA VAL A 44 4.07 4.33 -6.95
C VAL A 44 4.54 5.76 -6.60
N ALA A 45 5.75 5.88 -6.05
CA ALA A 45 6.29 7.19 -5.70
C ALA A 45 6.73 7.95 -6.96
N ASP A 46 5.82 8.74 -7.51
CA ASP A 46 6.05 9.56 -8.71
C ASP A 46 7.32 10.42 -8.61
N GLY A 47 7.72 10.78 -7.38
CA GLY A 47 8.88 11.63 -7.18
C GLY A 47 8.55 13.10 -7.40
N LYS A 48 8.03 13.41 -8.58
CA LYS A 48 7.60 14.77 -8.93
C LYS A 48 6.42 15.22 -8.03
N SER A 49 5.57 14.26 -7.65
CA SER A 49 4.41 14.54 -6.78
C SER A 49 4.60 13.93 -5.38
N VAL A 50 5.52 12.96 -5.26
CA VAL A 50 5.75 12.24 -4.00
C VAL A 50 7.12 11.54 -3.96
N THR A 51 8.01 12.00 -3.09
CA THR A 51 9.35 11.42 -2.95
C THR A 51 9.42 10.38 -1.84
N GLY A 52 10.56 9.68 -1.75
CA GLY A 52 10.77 8.68 -0.70
C GLY A 52 10.49 9.21 0.71
N THR A 53 10.83 10.48 0.96
CA THR A 53 10.55 11.11 2.25
C THR A 53 9.05 11.14 2.52
N ASP A 54 8.32 11.72 1.56
CA ASP A 54 6.89 11.91 1.70
C ASP A 54 6.19 10.55 1.93
N VAL A 55 6.68 9.53 1.24
CA VAL A 55 6.21 8.15 1.42
C VAL A 55 6.40 7.67 2.87
N ASP A 56 7.52 8.04 3.48
CA ASP A 56 7.80 7.69 4.86
C ASP A 56 6.86 8.46 5.82
N ILE A 57 6.57 9.70 5.46
CA ILE A 57 5.65 10.54 6.22
C ILE A 57 4.25 9.90 6.24
N VAL A 58 3.77 9.46 5.07
CA VAL A 58 2.47 8.79 4.97
C VAL A 58 2.45 7.50 5.81
N PHE A 59 3.52 6.71 5.71
CA PHE A 59 3.68 5.50 6.52
C PHE A 59 3.67 5.83 8.03
N SER A 60 4.15 7.04 8.36
CA SER A 60 4.16 7.51 9.76
C SER A 60 2.79 8.11 10.16
N LYS A 61 2.03 8.59 9.18
CA LYS A 61 0.68 9.14 9.45
C LYS A 61 -0.27 8.04 9.93
N VAL A 62 -0.41 6.98 9.13
CA VAL A 62 -1.32 5.87 9.43
C VAL A 62 -0.70 4.84 10.40
N LYS A 63 0.47 5.17 10.92
CA LYS A 63 1.20 4.29 11.85
C LYS A 63 0.62 4.35 13.27
N GLY A 64 0.62 3.21 13.96
CA GLY A 64 0.14 3.17 15.35
C GLY A 64 1.11 3.82 16.33
N LYS A 65 0.74 3.86 17.62
CA LYS A 65 1.54 4.49 18.67
C LYS A 65 3.00 3.99 18.66
N SER A 66 3.90 4.79 18.07
CA SER A 66 5.34 4.46 17.98
C SER A 66 5.58 3.07 17.37
N ALA A 67 4.62 2.58 16.60
CA ALA A 67 4.71 1.24 16.01
C ALA A 67 5.77 1.16 14.89
N ARG A 68 5.98 -0.04 14.34
CA ARG A 68 6.96 -0.23 13.27
C ARG A 68 6.30 -0.68 11.95
N VAL A 69 5.01 -1.03 12.01
CA VAL A 69 4.28 -1.51 10.82
C VAL A 69 2.88 -0.87 10.71
N ILE A 70 2.21 -1.13 9.58
CA ILE A 70 0.82 -0.68 9.36
C ILE A 70 -0.08 -1.85 8.92
N ASN A 71 -1.35 -1.83 9.35
CA ASN A 71 -2.29 -2.90 8.99
C ASN A 71 -2.86 -2.71 7.57
N TYR A 72 -3.36 -3.80 6.98
CA TYR A 72 -3.84 -3.80 5.58
C TYR A 72 -4.79 -2.61 5.27
N GLU A 73 -5.76 -2.36 6.13
CA GLU A 73 -6.73 -1.29 5.91
C GLU A 73 -6.04 0.09 5.81
N GLU A 74 -5.10 0.34 6.72
CA GLU A 74 -4.36 1.62 6.72
C GLU A 74 -3.39 1.69 5.55
N PHE A 75 -2.93 0.53 5.09
CA PHE A 75 -2.14 0.43 3.85
C PHE A 75 -2.93 1.00 2.67
N LYS A 76 -4.24 0.73 2.66
CA LYS A 76 -5.14 1.26 1.64
C LYS A 76 -5.29 2.79 1.76
N LYS A 77 -5.27 3.27 3.00
CA LYS A 77 -5.32 4.72 3.28
C LYS A 77 -4.03 5.40 2.79
N ALA A 78 -2.90 4.73 2.99
CA ALA A 78 -1.60 5.20 2.49
C ALA A 78 -1.62 5.28 0.95
N LEU A 79 -2.13 4.23 0.30
CA LEU A 79 -2.32 4.24 -1.16
C LEU A 79 -3.28 5.36 -1.59
N GLU A 80 -4.25 5.68 -0.74
CA GLU A 80 -5.19 6.77 -1.01
C GLU A 80 -4.45 8.10 -1.25
N GLU A 81 -3.55 8.46 -0.33
CA GLU A 81 -2.71 9.65 -0.53
C GLU A 81 -1.83 9.52 -1.78
N LEU A 82 -1.06 8.44 -1.85
CA LEU A 82 -0.14 8.21 -2.98
C LEU A 82 -0.87 8.30 -4.34
N ALA A 83 -2.09 7.78 -4.39
CA ALA A 83 -2.91 7.82 -5.61
C ALA A 83 -3.33 9.27 -5.95
N THR A 84 -3.92 9.95 -4.96
CA THR A 84 -4.39 11.33 -5.15
C THR A 84 -3.24 12.31 -5.37
N LYS A 85 -2.01 11.90 -5.06
CA LYS A 85 -0.82 12.70 -5.35
C LYS A 85 -0.24 12.35 -6.74
N ARG A 86 -0.07 11.05 -6.99
CA ARG A 86 0.47 10.56 -8.27
C ARG A 86 -0.41 10.99 -9.44
N PHE A 87 -1.71 10.72 -9.32
CA PHE A 87 -2.68 11.04 -10.39
C PHE A 87 -3.34 12.41 -10.17
N LYS A 88 -2.66 13.26 -9.43
CA LYS A 88 -3.12 14.64 -9.14
C LYS A 88 -4.47 14.67 -8.42
N GLY A 89 -4.96 15.89 -8.12
CA GLY A 89 -6.19 16.05 -7.36
C GLY A 89 -7.47 15.79 -8.16
N LYS A 90 -7.59 14.60 -8.72
CA LYS A 90 -8.80 14.20 -9.45
C LYS A 90 -9.72 13.35 -8.56
N SER A 91 -10.65 12.61 -9.16
CA SER A 91 -11.54 11.72 -8.41
C SER A 91 -10.74 10.71 -7.57
N LYS A 92 -10.94 10.75 -6.25
CA LYS A 92 -10.25 9.82 -5.33
C LYS A 92 -10.54 8.36 -5.70
N GLU A 93 -11.81 8.05 -5.98
CA GLU A 93 -12.20 6.70 -6.40
C GLU A 93 -11.46 6.28 -7.68
N GLU A 94 -11.49 7.15 -8.69
CA GLU A 94 -10.78 6.90 -9.96
C GLU A 94 -9.28 6.69 -9.73
N ALA A 95 -8.66 7.57 -8.95
CA ALA A 95 -7.24 7.47 -8.63
C ALA A 95 -6.91 6.17 -7.87
N PHE A 96 -7.82 5.76 -7.00
CA PHE A 96 -7.67 4.52 -6.23
C PHE A 96 -7.70 3.30 -7.16
N ASP A 97 -8.63 3.30 -8.12
CA ASP A 97 -8.68 2.24 -9.14
C ASP A 97 -7.39 2.20 -9.95
N ALA A 98 -6.89 3.38 -10.32
CA ALA A 98 -5.65 3.49 -11.10
C ALA A 98 -4.43 2.93 -10.35
N ILE A 99 -4.25 3.33 -9.08
CA ILE A 99 -3.12 2.85 -8.28
C ILE A 99 -3.22 1.33 -8.05
N CYS A 100 -4.45 0.82 -7.94
CA CYS A 100 -4.68 -0.63 -7.86
C CYS A 100 -4.30 -1.29 -9.20
N GLN A 101 -4.61 -0.62 -10.31
CA GLN A 101 -4.21 -1.08 -11.64
C GLN A 101 -2.69 -1.31 -11.73
N LEU A 102 -1.93 -0.48 -11.01
CA LEU A 102 -0.46 -0.60 -10.98
C LEU A 102 0.03 -1.74 -10.06
N VAL A 103 -0.66 -1.95 -8.93
CA VAL A 103 -0.19 -2.90 -7.90
C VAL A 103 -0.91 -4.27 -7.94
N ALA A 104 -2.25 -4.24 -7.98
CA ALA A 104 -3.06 -5.48 -7.92
C ALA A 104 -2.73 -6.45 -9.06
N GLY A 105 -2.57 -7.73 -8.71
CA GLY A 105 -2.27 -8.75 -9.71
C GLY A 105 -0.86 -8.62 -10.29
N LYS A 106 0.07 -8.14 -9.46
CA LYS A 106 1.47 -7.95 -9.85
C LYS A 106 2.42 -8.31 -8.70
N GLU A 107 3.48 -9.08 -9.01
CA GLU A 107 4.41 -9.56 -7.98
C GLU A 107 5.53 -8.56 -7.66
N PRO A 108 6.11 -8.65 -6.43
CA PRO A 108 7.24 -7.82 -6.00
C PRO A 108 8.53 -8.11 -6.79
N ALA A 109 8.65 -7.48 -7.96
CA ALA A 109 9.87 -7.55 -8.79
C ALA A 109 10.13 -8.97 -9.32
N ASN A 110 9.08 -9.77 -9.44
CA ASN A 110 9.18 -11.09 -10.05
C ASN A 110 8.42 -11.13 -11.39
N VAL A 111 8.78 -12.07 -12.26
CA VAL A 111 8.11 -12.20 -13.57
C VAL A 111 6.62 -12.55 -13.40
N GLY A 112 5.81 -11.51 -13.29
CA GLY A 112 4.37 -11.68 -13.10
C GLY A 112 3.63 -10.35 -13.03
N VAL A 113 3.15 -9.88 -14.18
CA VAL A 113 2.41 -8.61 -14.27
C VAL A 113 1.63 -8.52 -15.59
N THR A 114 2.32 -8.72 -16.72
CA THR A 114 1.70 -8.68 -18.05
C THR A 114 0.94 -9.96 -18.33
N LYS A 115 -0.39 -9.87 -18.44
CA LYS A 115 -1.24 -11.04 -18.60
C LYS A 115 -2.32 -10.81 -19.68
N ALA A 116 -2.67 -11.88 -20.40
CA ALA A 116 -3.69 -11.85 -21.45
C ALA A 116 -3.20 -11.13 -22.72
N LYS A 117 -3.10 -9.80 -22.66
CA LYS A 117 -2.67 -8.99 -23.81
C LYS A 117 -2.64 -7.50 -23.44
N THR A 118 -3.64 -7.04 -22.70
CA THR A 118 -3.69 -5.65 -22.22
C THR A 118 -2.80 -5.47 -20.98
N GLY A 119 -2.79 -4.27 -20.42
CA GLY A 119 -1.93 -3.97 -19.28
C GLY A 119 -0.47 -3.72 -19.68
N GLY A 120 0.14 -4.70 -20.34
CA GLY A 120 1.49 -4.53 -20.87
C GLY A 120 1.58 -3.45 -21.94
N ALA A 121 0.45 -3.15 -22.56
CA ALA A 121 0.36 -2.10 -23.59
C ALA A 121 -0.92 -1.28 -23.43
N VAL A 122 -0.89 -0.02 -23.89
CA VAL A 122 -2.04 0.88 -23.74
C VAL A 122 -2.43 1.52 -25.07
N ASP A 123 -3.73 1.75 -25.26
CA ASP A 123 -4.26 2.40 -26.46
C ASP A 123 -4.28 3.94 -26.27
N ARG A 124 -4.17 4.67 -27.38
CA ARG A 124 -4.16 6.14 -27.34
C ARG A 124 -5.59 6.72 -27.24
N LEU A 125 -5.91 7.28 -26.08
CA LEU A 125 -7.21 7.95 -25.88
C LEU A 125 -7.17 9.39 -26.40
N THR A 126 -6.88 9.54 -27.70
CA THR A 126 -6.73 10.85 -28.38
C THR A 126 -6.01 11.91 -27.52
N ASP A 127 -5.01 11.48 -26.75
CA ASP A 127 -4.28 12.39 -25.87
C ASP A 127 -3.44 13.40 -26.67
N THR A 128 -3.48 14.66 -26.26
CA THR A 128 -2.68 15.72 -26.89
C THR A 128 -1.70 16.35 -25.90
N SER A 129 -0.50 16.69 -26.38
CA SER A 129 0.53 17.27 -25.51
C SER A 129 0.31 18.77 -25.31
N ARG A 130 0.53 19.56 -26.37
CA ARG A 130 0.28 21.01 -26.35
C ARG A 130 1.19 21.73 -25.32
N TYR A 131 2.08 20.98 -24.68
CA TYR A 131 2.94 21.50 -23.60
C TYR A 131 2.08 22.12 -22.46
N THR A 132 0.86 21.59 -22.31
CA THR A 132 -0.09 22.13 -21.32
C THR A 132 0.32 21.81 -19.87
N GLY A 133 1.30 22.54 -19.36
CA GLY A 133 1.68 22.44 -17.96
C GLY A 133 0.76 23.24 -17.06
N SER A 134 -0.48 22.77 -16.92
CA SER A 134 -1.53 23.50 -16.20
C SER A 134 -1.87 24.82 -16.92
N HIS A 135 -2.58 25.72 -16.24
CA HIS A 135 -2.97 27.01 -16.82
C HIS A 135 -3.09 28.09 -15.72
N LYS A 136 -2.10 28.12 -14.84
CA LYS A 136 -2.11 29.04 -13.69
C LYS A 136 -1.66 30.46 -14.08
N GLU A 137 -2.42 31.11 -14.96
CA GLU A 137 -2.18 32.50 -15.37
C GLU A 137 -0.89 32.64 -16.19
N ARG A 138 0.25 32.68 -15.49
CA ARG A 138 1.55 32.91 -16.12
C ARG A 138 2.68 32.84 -15.09
N PHE A 139 2.50 33.54 -13.98
CA PHE A 139 3.50 33.58 -12.89
C PHE A 139 2.97 32.88 -11.62
N ASP A 140 3.88 32.45 -10.75
CA ASP A 140 3.49 31.82 -9.48
C ASP A 140 3.22 32.87 -8.40
N GLU A 141 4.25 33.62 -8.00
CA GLU A 141 4.13 34.65 -6.95
C GLU A 141 5.22 35.73 -7.11
N SER A 142 6.02 35.62 -8.17
CA SER A 142 7.25 36.41 -8.34
C SER A 142 8.18 36.26 -7.11
N GLY A 143 7.95 37.07 -6.08
CA GLY A 143 8.72 36.96 -4.84
C GLY A 143 10.12 37.55 -4.92
N LYS A 144 10.90 37.17 -5.94
CA LYS A 144 12.31 37.57 -6.08
C LYS A 144 13.19 36.86 -5.04
N GLY A 145 12.91 37.12 -3.76
CA GLY A 145 13.64 36.45 -2.69
C GLY A 145 12.75 35.55 -1.84
N LYS A 146 12.47 34.35 -2.34
CA LYS A 146 11.65 33.37 -1.61
C LYS A 146 12.38 32.88 -0.33
N GLY A 147 12.18 33.57 0.79
CA GLY A 147 12.78 33.15 2.05
C GLY A 147 13.24 34.32 2.93
N ILE A 148 13.10 34.16 4.25
CA ILE A 148 13.47 35.23 5.20
C ILE A 148 14.79 34.90 5.94
N ALA A 149 15.76 35.83 5.87
CA ALA A 149 17.03 35.72 6.58
C ALA A 149 17.85 34.47 6.18
N GLY A 150 17.49 33.86 5.06
CA GLY A 150 18.16 32.64 4.62
C GLY A 150 19.40 32.90 3.78
N ARG A 151 20.53 33.18 4.43
CA ARG A 151 21.80 33.40 3.72
C ARG A 151 23.00 32.88 4.54
N GLN A 152 23.12 33.35 5.77
CA GLN A 152 24.22 32.94 6.67
C GLN A 152 24.04 31.50 7.15
N ASP A 153 25.16 30.80 7.35
CA ASP A 153 25.14 29.40 7.82
C ASP A 153 25.64 29.31 9.28
N ILE A 154 25.99 28.10 9.75
CA ILE A 154 26.45 27.91 11.13
C ILE A 154 27.80 28.61 11.41
N LEU A 155 27.84 29.44 12.45
CA LEU A 155 29.06 30.16 12.82
C LEU A 155 29.31 30.12 14.33
N ASP A 156 29.98 29.06 14.78
CA ASP A 156 30.50 28.94 16.15
C ASP A 156 29.42 28.62 17.21
N ASP A 157 28.30 29.35 17.19
CA ASP A 157 27.25 29.21 18.21
C ASP A 157 26.77 27.75 18.35
N SER A 158 26.90 27.20 19.56
CA SER A 158 26.42 25.84 19.83
C SER A 158 24.91 25.84 20.15
N GLY A 159 24.44 26.91 20.79
CA GLY A 159 23.01 27.06 21.04
C GLY A 159 22.68 27.27 22.51
N TYR A 160 22.29 28.49 22.87
CA TYR A 160 21.84 28.81 24.24
C TYR A 160 20.52 28.10 24.59
N VAL A 161 20.22 28.03 25.88
CA VAL A 161 18.98 27.42 26.38
C VAL A 161 18.07 28.51 27.01
N SER A 162 18.24 29.75 26.53
CA SER A 162 17.51 30.93 27.06
C SER A 162 18.02 31.36 28.44
N ALA A 163 18.25 32.66 28.60
CA ALA A 163 18.70 33.23 29.87
C ALA A 163 17.71 32.94 31.01
N TYR A 164 18.25 32.55 32.16
CA TYR A 164 17.43 32.16 33.32
C TYR A 164 16.94 33.39 34.10
N LYS A 165 16.19 34.23 33.42
CA LYS A 165 15.61 35.44 34.05
C LYS A 165 14.18 35.19 34.55
N ASN A 166 13.20 35.20 33.64
CA ASN A 166 11.79 35.05 34.04
C ASN A 166 10.88 34.57 32.89
N ALA A 167 10.90 35.29 31.76
CA ALA A 167 10.01 35.01 30.63
C ALA A 167 10.15 33.56 30.12
N GLY A 168 9.12 32.75 30.36
CA GLY A 168 9.14 31.36 29.95
C GLY A 168 8.66 31.16 28.51
N THR A 169 9.51 31.54 27.55
CA THR A 169 9.18 31.40 26.13
C THR A 169 9.11 29.92 25.73
N TYR A 170 7.95 29.30 25.96
CA TYR A 170 7.72 27.90 25.59
C TYR A 170 6.81 27.81 24.36
N ASP A 171 7.18 26.97 23.40
CA ASP A 171 6.42 26.82 22.16
C ASP A 171 5.16 25.95 22.36
N ALA A 172 4.09 26.60 22.82
CA ALA A 172 2.79 25.93 22.99
C ALA A 172 1.71 26.60 22.13
N LYS A 173 1.43 27.88 22.41
CA LYS A 173 0.40 28.64 21.68
C LYS A 173 0.96 29.24 20.37
N VAL A 174 1.92 28.53 19.76
CA VAL A 174 2.54 29.00 18.52
C VAL A 174 1.64 28.69 17.31
N LYS A 175 0.73 29.60 17.02
CA LYS A 175 -0.20 29.47 15.89
C LYS A 175 -0.59 30.86 15.38
N LYS A 176 0.43 31.64 15.03
CA LYS A 176 0.27 33.06 14.68
C LYS A 176 0.39 33.28 13.15
N LEU A 177 1.63 33.38 12.65
CA LEU A 177 1.87 33.56 11.21
C LEU A 177 1.87 32.20 10.50
N GLU A 178 2.99 31.48 10.61
CA GLU A 178 3.05 30.05 10.24
C GLU A 178 2.78 29.77 8.75
N MET A 1 -22.77 -16.03 -7.45
CA MET A 1 -21.81 -14.96 -7.86
C MET A 1 -20.79 -14.70 -6.73
N ALA A 2 -19.50 -14.77 -7.07
CA ALA A 2 -18.43 -14.62 -6.09
C ALA A 2 -18.35 -13.19 -5.50
N ALA A 3 -18.87 -13.02 -4.28
CA ALA A 3 -18.76 -11.75 -3.57
C ALA A 3 -17.41 -11.64 -2.83
N SER A 4 -16.39 -11.18 -3.54
CA SER A 4 -15.03 -11.09 -2.99
C SER A 4 -14.91 -10.08 -1.85
N THR A 5 -13.99 -10.35 -0.92
CA THR A 5 -13.67 -9.40 0.16
C THR A 5 -12.66 -8.36 -0.33
N ASP A 6 -13.16 -7.21 -0.78
CA ASP A 6 -12.32 -6.14 -1.36
C ASP A 6 -11.60 -6.65 -2.64
N ILE A 7 -10.57 -5.94 -3.09
CA ILE A 7 -9.82 -6.33 -4.28
C ILE A 7 -8.89 -7.52 -3.96
N ALA A 8 -9.27 -8.72 -4.41
CA ALA A 8 -8.52 -9.95 -4.14
C ALA A 8 -7.06 -9.84 -4.58
N GLY A 9 -6.83 -9.17 -5.71
CA GLY A 9 -5.47 -8.95 -6.19
C GLY A 9 -4.67 -7.98 -5.32
N LEU A 10 -5.37 -7.07 -4.64
CA LEU A 10 -4.71 -6.08 -3.79
C LEU A 10 -4.23 -6.72 -2.48
N GLU A 11 -5.12 -7.45 -1.79
CA GLU A 11 -4.74 -8.16 -0.58
C GLU A 11 -3.67 -9.24 -0.87
N GLU A 12 -3.70 -9.79 -2.09
CA GLU A 12 -2.68 -10.75 -2.51
C GLU A 12 -1.30 -10.07 -2.55
N SER A 13 -1.22 -8.94 -3.25
CA SER A 13 0.02 -8.16 -3.34
C SER A 13 0.46 -7.66 -1.97
N PHE A 14 -0.50 -7.22 -1.15
CA PHE A 14 -0.20 -6.77 0.22
C PHE A 14 0.57 -7.86 0.98
N ARG A 15 0.03 -9.08 0.98
CA ARG A 15 0.71 -10.23 1.58
C ARG A 15 2.03 -10.53 0.86
N LYS A 16 1.98 -10.51 -0.47
CA LYS A 16 3.14 -10.80 -1.32
C LYS A 16 4.37 -9.97 -0.92
N PHE A 17 4.12 -8.74 -0.48
CA PHE A 17 5.18 -7.87 0.06
C PHE A 17 5.30 -8.00 1.59
N ALA A 18 4.17 -8.10 2.29
CA ALA A 18 4.14 -8.12 3.76
C ALA A 18 4.99 -9.26 4.34
N ILE A 19 4.90 -10.44 3.73
CA ILE A 19 5.63 -11.62 4.22
C ILE A 19 7.09 -11.65 3.70
N HIS A 20 7.54 -10.54 3.10
CA HIS A 20 8.91 -10.41 2.61
C HIS A 20 9.86 -9.99 3.75
N GLY A 21 10.96 -10.71 3.90
CA GLY A 21 11.90 -10.44 4.99
C GLY A 21 11.49 -11.09 6.30
N ASP A 22 10.23 -10.90 6.68
CA ASP A 22 9.66 -11.54 7.87
C ASP A 22 8.96 -12.87 7.50
N PRO A 23 9.63 -14.02 7.74
CA PRO A 23 9.09 -15.33 7.37
C PRO A 23 8.00 -15.84 8.34
N LYS A 24 7.64 -14.99 9.30
CA LYS A 24 6.61 -15.35 10.31
C LYS A 24 5.36 -14.49 10.16
N ALA A 25 5.32 -13.63 9.14
CA ALA A 25 4.17 -12.74 8.90
C ALA A 25 2.97 -13.51 8.32
N SER A 26 1.79 -13.28 8.91
CA SER A 26 0.55 -13.94 8.44
C SER A 26 0.03 -13.29 7.16
N GLY A 27 0.18 -11.97 7.06
CA GLY A 27 -0.23 -11.26 5.85
C GLY A 27 -1.18 -10.09 6.09
N GLN A 28 -1.29 -9.64 7.35
CA GLN A 28 -2.13 -8.48 7.67
C GLN A 28 -1.29 -7.29 8.16
N GLU A 29 0.01 -7.51 8.37
CA GLU A 29 0.92 -6.45 8.84
C GLU A 29 2.10 -6.28 7.86
N MET A 30 2.46 -5.03 7.57
CA MET A 30 3.58 -4.72 6.68
C MET A 30 4.50 -3.64 7.26
N ASN A 31 5.81 -3.83 7.14
CA ASN A 31 6.79 -2.88 7.69
C ASN A 31 7.21 -1.82 6.66
N GLY A 32 7.96 -0.82 7.12
CA GLY A 32 8.43 0.26 6.24
C GLY A 32 9.35 -0.23 5.13
N LYS A 33 10.09 -1.31 5.39
CA LYS A 33 11.02 -1.89 4.40
C LYS A 33 10.26 -2.33 3.12
N ASN A 34 9.25 -3.17 3.30
CA ASN A 34 8.45 -3.66 2.17
C ASN A 34 7.58 -2.53 1.58
N TRP A 35 7.19 -1.58 2.41
CA TRP A 35 6.47 -0.38 1.96
C TRP A 35 7.34 0.43 0.98
N ALA A 36 8.63 0.56 1.30
CA ALA A 36 9.59 1.22 0.40
C ALA A 36 9.71 0.45 -0.92
N LYS A 37 9.77 -0.88 -0.84
CA LYS A 37 9.79 -1.74 -2.02
C LYS A 37 8.51 -1.55 -2.86
N LEU A 38 7.36 -1.51 -2.20
CA LEU A 38 6.08 -1.30 -2.87
C LEU A 38 6.12 -0.11 -3.82
N CYS A 39 6.52 1.05 -3.32
CA CYS A 39 6.56 2.25 -4.16
C CYS A 39 7.55 2.09 -5.33
N LYS A 40 8.75 1.59 -5.07
CA LYS A 40 9.77 1.47 -6.11
C LYS A 40 9.39 0.41 -7.17
N ASP A 41 9.00 -0.77 -6.70
CA ASP A 41 8.67 -1.89 -7.58
C ASP A 41 7.37 -1.64 -8.35
N CYS A 42 6.38 -1.02 -7.70
CA CYS A 42 5.12 -0.65 -8.37
C CYS A 42 5.23 0.71 -9.07
N LYS A 43 6.38 1.38 -8.93
CA LYS A 43 6.66 2.64 -9.64
C LYS A 43 5.67 3.76 -9.25
N VAL A 44 5.27 3.76 -7.98
CA VAL A 44 4.42 4.82 -7.43
C VAL A 44 5.26 6.06 -7.08
N ALA A 45 6.55 5.84 -6.86
CA ALA A 45 7.48 6.93 -6.53
C ALA A 45 8.16 7.48 -7.79
N ASP A 46 7.62 8.58 -8.33
CA ASP A 46 8.19 9.23 -9.52
C ASP A 46 9.67 9.63 -9.28
N GLY A 47 10.01 9.93 -8.03
CA GLY A 47 11.35 10.37 -7.69
C GLY A 47 11.48 11.88 -7.58
N LYS A 48 10.97 12.59 -8.59
CA LYS A 48 10.99 14.05 -8.60
C LYS A 48 9.80 14.65 -7.83
N SER A 49 8.74 13.85 -7.66
CA SER A 49 7.57 14.24 -6.88
C SER A 49 7.43 13.38 -5.62
N VAL A 50 7.04 12.12 -5.80
CA VAL A 50 7.00 11.15 -4.70
C VAL A 50 8.35 10.45 -4.55
N THR A 51 8.95 10.55 -3.37
CA THR A 51 10.28 9.99 -3.11
C THR A 51 10.37 9.36 -1.72
N GLY A 52 11.54 8.80 -1.37
CA GLY A 52 11.72 8.08 -0.11
C GLY A 52 11.14 8.80 1.10
N THR A 53 11.51 10.07 1.29
CA THR A 53 10.99 10.88 2.39
C THR A 53 9.46 10.97 2.34
N ASP A 54 8.93 11.35 1.18
CA ASP A 54 7.48 11.48 0.98
C ASP A 54 6.75 10.15 1.32
N VAL A 55 7.33 9.04 0.88
CA VAL A 55 6.79 7.70 1.15
C VAL A 55 6.87 7.37 2.67
N ASP A 56 7.85 7.95 3.36
CA ASP A 56 8.03 7.70 4.80
C ASP A 56 7.02 8.53 5.60
N ILE A 57 6.72 9.71 5.07
CA ILE A 57 5.69 10.59 5.64
C ILE A 57 4.31 9.93 5.57
N VAL A 58 3.98 9.39 4.40
CA VAL A 58 2.72 8.65 4.21
C VAL A 58 2.61 7.47 5.19
N PHE A 59 3.70 6.71 5.31
CA PHE A 59 3.76 5.62 6.30
C PHE A 59 3.53 6.15 7.72
N SER A 60 4.15 7.30 8.03
CA SER A 60 4.02 7.94 9.34
C SER A 60 2.58 8.42 9.60
N LYS A 61 1.90 8.87 8.53
CA LYS A 61 0.50 9.30 8.62
C LYS A 61 -0.41 8.17 9.13
N VAL A 62 -0.30 7.02 8.48
CA VAL A 62 -1.14 5.86 8.82
C VAL A 62 -0.55 5.04 9.99
N LYS A 63 0.66 5.40 10.41
CA LYS A 63 1.34 4.73 11.53
C LYS A 63 0.60 4.93 12.86
N GLY A 64 0.76 3.99 13.78
CA GLY A 64 0.18 4.14 15.12
C GLY A 64 1.02 5.05 16.02
N LYS A 65 0.81 4.95 17.33
CA LYS A 65 1.53 5.79 18.31
C LYS A 65 3.04 5.51 18.27
N SER A 66 3.42 4.25 18.10
CA SER A 66 4.84 3.86 17.99
C SER A 66 5.00 2.56 17.19
N ALA A 67 3.96 2.19 16.45
CA ALA A 67 3.95 0.96 15.64
C ALA A 67 5.00 0.99 14.51
N ARG A 68 5.68 -0.13 14.30
CA ARG A 68 6.69 -0.25 13.24
C ARG A 68 6.07 -0.84 11.95
N VAL A 69 4.83 -1.30 12.05
CA VAL A 69 4.12 -1.94 10.93
C VAL A 69 2.70 -1.35 10.75
N ILE A 70 2.20 -1.39 9.52
CA ILE A 70 0.83 -0.94 9.22
C ILE A 70 -0.01 -2.10 8.66
N ASN A 71 -1.32 -2.06 8.88
CA ASN A 71 -2.22 -3.13 8.44
C ASN A 71 -2.96 -2.78 7.13
N TYR A 72 -3.70 -3.77 6.59
CA TYR A 72 -4.30 -3.68 5.24
C TYR A 72 -5.16 -2.41 5.03
N GLU A 73 -6.09 -2.14 5.93
CA GLU A 73 -7.00 -0.99 5.77
C GLU A 73 -6.25 0.36 5.77
N GLU A 74 -5.28 0.52 6.68
CA GLU A 74 -4.47 1.74 6.71
C GLU A 74 -3.53 1.79 5.49
N PHE A 75 -3.12 0.62 5.02
CA PHE A 75 -2.38 0.48 3.76
C PHE A 75 -3.22 1.06 2.60
N LYS A 76 -4.50 0.74 2.58
CA LYS A 76 -5.42 1.28 1.58
C LYS A 76 -5.49 2.81 1.68
N LYS A 77 -5.50 3.33 2.90
CA LYS A 77 -5.47 4.78 3.13
C LYS A 77 -4.11 5.38 2.75
N ALA A 78 -3.05 4.59 2.85
CA ALA A 78 -1.73 5.00 2.38
C ALA A 78 -1.71 5.12 0.85
N LEU A 79 -2.34 4.15 0.18
CA LEU A 79 -2.53 4.21 -1.28
C LEU A 79 -3.44 5.38 -1.67
N GLU A 80 -4.51 5.57 -0.89
CA GLU A 80 -5.42 6.71 -1.06
C GLU A 80 -4.64 8.04 -0.97
N GLU A 81 -3.77 8.14 0.04
CA GLU A 81 -2.91 9.30 0.23
C GLU A 81 -2.02 9.54 -1.01
N LEU A 82 -1.20 8.54 -1.35
CA LEU A 82 -0.32 8.63 -2.53
C LEU A 82 -1.13 8.91 -3.81
N ALA A 83 -2.32 8.32 -3.90
CA ALA A 83 -3.21 8.55 -5.05
C ALA A 83 -3.57 10.04 -5.19
N THR A 84 -4.15 10.62 -4.15
CA THR A 84 -4.54 12.04 -4.15
C THR A 84 -3.34 12.96 -4.52
N LYS A 85 -2.15 12.56 -4.10
CA LYS A 85 -0.93 13.32 -4.39
C LYS A 85 -0.53 13.19 -5.87
N ARG A 86 -0.74 12.01 -6.47
CA ARG A 86 -0.41 11.78 -7.88
C ARG A 86 -1.64 11.96 -8.79
N PHE A 87 -2.64 11.09 -8.64
CA PHE A 87 -3.88 11.16 -9.42
C PHE A 87 -4.90 12.08 -8.74
N LYS A 88 -5.18 13.22 -9.36
CA LYS A 88 -6.00 14.25 -8.70
C LYS A 88 -6.94 14.96 -9.68
N GLY A 89 -7.42 14.24 -10.69
CA GLY A 89 -8.41 14.80 -11.62
C GLY A 89 -9.84 14.80 -11.06
N LYS A 90 -9.97 15.17 -9.78
CA LYS A 90 -11.26 15.24 -9.06
C LYS A 90 -11.83 13.85 -8.73
N SER A 91 -11.82 12.93 -9.70
CA SER A 91 -12.34 11.58 -9.49
C SER A 91 -11.41 10.73 -8.61
N LYS A 92 -11.85 10.43 -7.40
CA LYS A 92 -11.06 9.61 -6.46
C LYS A 92 -11.21 8.11 -6.75
N GLU A 93 -12.41 7.71 -7.19
CA GLU A 93 -12.69 6.29 -7.53
C GLU A 93 -11.58 5.70 -8.41
N GLU A 94 -11.52 6.16 -9.67
CA GLU A 94 -10.57 5.64 -10.64
C GLU A 94 -9.11 5.98 -10.27
N ALA A 95 -8.90 7.09 -9.57
CA ALA A 95 -7.57 7.44 -9.07
C ALA A 95 -7.03 6.35 -8.14
N PHE A 96 -7.91 5.85 -7.26
CA PHE A 96 -7.56 4.74 -6.37
C PHE A 96 -7.35 3.44 -7.16
N ASP A 97 -8.21 3.20 -8.17
CA ASP A 97 -8.04 2.07 -9.08
C ASP A 97 -6.66 2.11 -9.78
N ALA A 98 -6.24 3.31 -10.18
CA ALA A 98 -4.96 3.48 -10.90
C ALA A 98 -3.75 3.08 -10.02
N ILE A 99 -3.73 3.57 -8.78
CA ILE A 99 -2.63 3.22 -7.87
C ILE A 99 -2.74 1.74 -7.44
N CYS A 100 -3.96 1.22 -7.36
CA CYS A 100 -4.18 -0.22 -7.13
C CYS A 100 -3.72 -1.03 -8.34
N GLN A 101 -3.88 -0.47 -9.54
CA GLN A 101 -3.36 -1.06 -10.77
C GLN A 101 -1.85 -1.30 -10.67
N LEU A 102 -1.16 -0.33 -10.07
CA LEU A 102 0.29 -0.45 -9.83
C LEU A 102 0.64 -1.53 -8.79
N VAL A 103 -0.18 -1.65 -7.74
CA VAL A 103 0.10 -2.57 -6.62
C VAL A 103 -0.58 -3.95 -6.78
N ALA A 104 -1.91 -3.95 -6.89
CA ALA A 104 -2.68 -5.20 -7.00
C ALA A 104 -2.16 -6.13 -8.10
N GLY A 105 -1.85 -7.37 -7.73
CA GLY A 105 -1.29 -8.33 -8.67
C GLY A 105 0.23 -8.33 -8.69
N LYS A 106 0.82 -7.13 -8.67
CA LYS A 106 2.28 -6.95 -8.76
C LYS A 106 3.05 -7.82 -7.75
N GLU A 107 4.09 -8.49 -8.25
CA GLU A 107 5.00 -9.26 -7.39
C GLU A 107 6.24 -8.43 -7.01
N PRO A 108 6.90 -8.74 -5.88
CA PRO A 108 8.09 -8.00 -5.41
C PRO A 108 9.23 -7.98 -6.46
N ALA A 109 9.74 -6.78 -6.71
CA ALA A 109 10.79 -6.56 -7.73
C ALA A 109 10.33 -6.98 -9.14
N ASN A 110 10.84 -8.12 -9.63
CA ASN A 110 10.56 -8.60 -11.00
C ASN A 110 11.01 -7.59 -12.07
N VAL A 111 11.89 -8.03 -12.96
CA VAL A 111 12.39 -7.18 -14.05
C VAL A 111 11.31 -6.96 -15.13
N GLY A 112 10.34 -6.12 -14.81
CA GLY A 112 9.28 -5.80 -15.77
C GLY A 112 9.34 -4.35 -16.23
N VAL A 113 10.18 -4.08 -17.22
CA VAL A 113 10.41 -2.72 -17.71
C VAL A 113 9.63 -2.43 -19.00
N THR A 114 8.73 -1.45 -18.95
CA THR A 114 8.04 -0.98 -20.16
C THR A 114 9.02 -0.23 -21.07
N LYS A 115 9.49 -0.91 -22.12
CA LYS A 115 10.54 -0.37 -22.99
C LYS A 115 10.01 0.72 -23.94
N ALA A 116 10.65 1.89 -23.91
CA ALA A 116 10.34 2.97 -24.84
C ALA A 116 11.36 3.03 -25.98
N LYS A 117 12.59 3.45 -25.67
CA LYS A 117 13.67 3.55 -26.66
C LYS A 117 14.80 2.55 -26.39
N THR A 118 14.80 1.43 -27.11
CA THR A 118 15.87 0.44 -27.01
C THR A 118 17.13 0.87 -27.78
N GLY A 119 18.11 -0.01 -27.87
CA GLY A 119 19.35 0.33 -28.55
C GLY A 119 20.44 0.79 -27.57
N GLY A 120 21.65 0.27 -27.75
CA GLY A 120 22.75 0.60 -26.85
C GLY A 120 23.82 -0.48 -26.81
N ALA A 121 23.66 -1.45 -25.91
CA ALA A 121 24.61 -2.55 -25.78
C ALA A 121 23.95 -3.78 -25.14
N VAL A 122 24.67 -4.89 -25.11
CA VAL A 122 24.19 -6.11 -24.45
C VAL A 122 24.31 -6.00 -22.92
N ASP A 123 23.23 -6.26 -22.21
CA ASP A 123 23.22 -6.17 -20.75
C ASP A 123 23.26 -7.57 -20.12
N ARG A 124 24.47 -8.05 -19.82
CA ARG A 124 24.66 -9.32 -19.12
C ARG A 124 24.02 -10.52 -19.87
N LEU A 125 23.71 -10.32 -21.15
CA LEU A 125 23.04 -11.35 -21.97
C LEU A 125 21.65 -11.71 -21.43
N THR A 126 20.63 -10.97 -21.84
CA THR A 126 19.25 -11.18 -21.38
C THR A 126 18.32 -11.58 -22.54
N ASP A 127 18.89 -11.89 -23.69
CA ASP A 127 18.10 -12.20 -24.90
C ASP A 127 17.69 -13.68 -24.98
N THR A 128 17.68 -14.37 -23.84
CA THR A 128 17.26 -15.78 -23.78
C THR A 128 15.73 -15.92 -23.77
N SER A 129 15.12 -15.59 -24.91
CA SER A 129 13.65 -15.58 -25.08
C SER A 129 12.92 -14.80 -23.97
N ARG A 130 12.44 -13.61 -24.32
CA ARG A 130 11.78 -12.71 -23.36
C ARG A 130 10.61 -13.40 -22.62
N TYR A 131 9.81 -14.15 -23.38
CA TYR A 131 8.75 -15.00 -22.82
C TYR A 131 8.15 -15.89 -23.92
N THR A 132 8.98 -16.23 -24.90
CA THR A 132 8.54 -17.05 -26.04
C THR A 132 8.57 -18.54 -25.69
N GLY A 133 9.41 -18.93 -24.74
CA GLY A 133 9.63 -20.34 -24.46
C GLY A 133 10.56 -20.99 -25.48
N SER A 134 10.13 -21.00 -26.73
CA SER A 134 10.94 -21.50 -27.85
C SER A 134 12.17 -20.61 -28.08
N HIS A 135 13.37 -21.14 -27.85
CA HIS A 135 14.61 -20.36 -28.01
C HIS A 135 15.74 -21.19 -28.64
N LYS A 136 15.50 -22.48 -28.89
CA LYS A 136 16.46 -23.32 -29.63
C LYS A 136 16.36 -23.01 -31.13
N GLU A 137 15.25 -22.41 -31.52
CA GLU A 137 15.03 -21.88 -32.86
C GLU A 137 14.32 -20.52 -32.77
N ARG A 138 13.96 -19.94 -33.93
CA ARG A 138 13.40 -18.60 -34.04
C ARG A 138 13.93 -17.56 -33.02
N PHE A 139 13.52 -17.69 -31.75
CA PHE A 139 13.90 -16.77 -30.65
C PHE A 139 13.80 -15.26 -31.00
N ASP A 140 14.08 -14.41 -30.01
CA ASP A 140 13.97 -12.96 -30.16
C ASP A 140 15.29 -12.33 -30.65
N GLU A 141 15.18 -11.22 -31.37
CA GLU A 141 16.35 -10.45 -31.79
C GLU A 141 16.95 -9.69 -30.61
N SER A 142 18.27 -9.60 -30.55
CA SER A 142 18.93 -8.89 -29.45
C SER A 142 18.57 -7.40 -29.45
N GLY A 143 17.60 -7.03 -28.61
CA GLY A 143 17.13 -5.65 -28.56
C GLY A 143 18.21 -4.67 -28.14
N LYS A 144 19.17 -5.14 -27.34
CA LYS A 144 20.28 -4.31 -26.85
C LYS A 144 19.78 -3.11 -26.04
N GLY A 145 19.84 -3.22 -24.73
CA GLY A 145 19.33 -2.16 -23.85
C GLY A 145 20.38 -1.11 -23.49
N LYS A 146 20.01 -0.20 -22.60
CA LYS A 146 20.91 0.84 -22.10
C LYS A 146 21.35 0.55 -20.66
N GLY A 147 22.59 0.89 -20.33
CA GLY A 147 23.14 0.61 -19.01
C GLY A 147 22.49 1.44 -17.90
N ILE A 148 21.30 1.01 -17.47
CA ILE A 148 20.58 1.71 -16.39
C ILE A 148 19.76 0.71 -15.54
N ALA A 149 19.98 -0.58 -15.77
CA ALA A 149 19.24 -1.61 -15.03
C ALA A 149 19.73 -1.73 -13.57
N GLY A 150 19.22 -0.85 -12.71
CA GLY A 150 19.60 -0.88 -11.29
C GLY A 150 19.65 0.52 -10.68
N ARG A 151 18.89 0.73 -9.60
CA ARG A 151 18.86 2.02 -8.91
C ARG A 151 19.33 1.88 -7.45
N GLN A 152 20.62 2.16 -7.22
CA GLN A 152 21.21 2.06 -5.87
C GLN A 152 21.53 3.45 -5.32
N ASP A 153 20.87 4.48 -5.87
CA ASP A 153 21.06 5.89 -5.47
C ASP A 153 22.49 6.37 -5.71
N ILE A 154 22.82 7.52 -5.12
CA ILE A 154 24.17 8.10 -5.22
C ILE A 154 25.08 7.64 -4.06
N LEU A 155 26.36 8.04 -4.10
CA LEU A 155 27.34 7.66 -3.08
C LEU A 155 27.36 8.67 -1.91
N ASP A 156 26.28 9.45 -1.78
CA ASP A 156 26.17 10.49 -0.75
C ASP A 156 27.22 11.61 -0.93
N ASP A 157 28.44 11.37 -0.40
CA ASP A 157 29.57 12.33 -0.42
C ASP A 157 29.20 13.81 -0.17
N SER A 158 28.47 14.43 -1.09
CA SER A 158 28.06 15.83 -1.00
C SER A 158 27.24 16.12 0.28
N GLY A 159 27.96 16.43 1.36
CA GLY A 159 27.32 16.71 2.64
C GLY A 159 28.29 16.55 3.80
N TYR A 160 28.71 17.65 4.42
CA TYR A 160 29.75 17.61 5.45
C TYR A 160 29.27 16.90 6.73
N VAL A 161 29.85 15.73 7.01
CA VAL A 161 29.53 14.98 8.23
C VAL A 161 30.82 14.45 8.92
N SER A 162 31.96 15.07 8.60
CA SER A 162 33.26 14.68 9.19
C SER A 162 33.62 15.54 10.41
N ALA A 163 32.62 16.19 11.01
CA ALA A 163 32.86 17.06 12.17
C ALA A 163 33.25 16.24 13.42
N TYR A 164 34.53 16.34 13.82
CA TYR A 164 35.09 15.61 14.97
C TYR A 164 35.27 14.12 14.66
N LYS A 165 34.19 13.49 14.22
CA LYS A 165 34.18 12.09 13.75
C LYS A 165 34.31 11.06 14.90
N ASN A 166 35.37 11.15 15.69
CA ASN A 166 35.63 10.17 16.76
C ASN A 166 34.50 10.13 17.81
N ALA A 167 33.53 9.26 17.59
CA ALA A 167 32.39 9.09 18.50
C ALA A 167 31.47 7.94 18.05
N GLY A 168 30.55 7.54 18.92
CA GLY A 168 29.57 6.52 18.57
C GLY A 168 28.32 7.12 17.92
N THR A 169 27.82 8.21 18.50
CA THR A 169 26.67 8.97 17.96
C THR A 169 25.32 8.23 18.15
N TYR A 170 25.33 6.92 17.93
CA TYR A 170 24.11 6.12 18.07
C TYR A 170 23.71 5.94 19.55
N ASP A 171 22.84 6.81 20.03
CA ASP A 171 22.38 6.82 21.42
C ASP A 171 21.05 6.05 21.60
N ALA A 172 20.44 5.65 20.48
CA ALA A 172 19.14 4.94 20.46
C ALA A 172 17.95 5.87 20.75
N LYS A 173 18.09 6.77 21.72
CA LYS A 173 16.99 7.65 22.14
C LYS A 173 16.51 8.57 20.99
N VAL A 174 17.39 9.46 20.54
CA VAL A 174 17.03 10.47 19.53
C VAL A 174 18.28 11.15 18.93
N LYS A 175 18.23 11.49 17.65
CA LYS A 175 19.36 12.13 16.97
C LYS A 175 19.22 13.67 16.91
N LYS A 176 18.97 14.28 18.07
CA LYS A 176 18.88 15.75 18.21
C LYS A 176 17.75 16.37 17.36
N LEU A 177 16.68 16.80 18.01
CA LEU A 177 15.54 17.42 17.32
C LEU A 177 15.72 18.94 17.14
N GLU A 178 16.95 19.43 17.35
CA GLU A 178 17.27 20.84 17.14
C GLU A 178 17.05 21.26 15.67
N MET A 1 -15.32 -0.76 8.99
CA MET A 1 -16.47 -1.14 8.12
C MET A 1 -16.85 -2.61 8.31
N ALA A 2 -18.14 -2.91 8.23
CA ALA A 2 -18.62 -4.30 8.24
C ALA A 2 -18.48 -4.92 6.85
N ALA A 3 -19.16 -4.31 5.87
CA ALA A 3 -19.02 -4.71 4.47
C ALA A 3 -17.83 -4.01 3.81
N SER A 4 -16.70 -4.70 3.75
CA SER A 4 -15.47 -4.12 3.21
C SER A 4 -15.45 -4.17 1.67
N THR A 5 -15.56 -5.38 1.13
CA THR A 5 -15.54 -5.59 -0.33
C THR A 5 -14.27 -4.98 -0.97
N ASP A 6 -13.11 -5.44 -0.50
CA ASP A 6 -11.82 -4.92 -0.97
C ASP A 6 -11.37 -5.58 -2.28
N ILE A 7 -10.15 -5.32 -2.69
CA ILE A 7 -9.59 -5.94 -3.90
C ILE A 7 -8.71 -7.14 -3.53
N ALA A 8 -9.15 -8.35 -3.92
CA ALA A 8 -8.43 -9.59 -3.61
C ALA A 8 -6.99 -9.56 -4.15
N GLY A 9 -6.85 -9.19 -5.42
CA GLY A 9 -5.52 -9.07 -6.03
C GLY A 9 -4.59 -8.13 -5.28
N LEU A 10 -5.18 -7.11 -4.64
CA LEU A 10 -4.41 -6.16 -3.84
C LEU A 10 -3.91 -6.81 -2.54
N GLU A 11 -4.79 -7.55 -1.87
CA GLU A 11 -4.42 -8.28 -0.64
C GLU A 11 -3.29 -9.27 -0.92
N GLU A 12 -3.43 -10.04 -2.00
CA GLU A 12 -2.42 -11.03 -2.38
C GLU A 12 -1.04 -10.37 -2.57
N SER A 13 -1.02 -9.27 -3.31
CA SER A 13 0.23 -8.50 -3.52
C SER A 13 0.75 -7.93 -2.20
N PHE A 14 -0.16 -7.40 -1.39
CA PHE A 14 0.16 -6.87 -0.06
C PHE A 14 0.89 -7.92 0.79
N ARG A 15 0.39 -9.15 0.78
CA ARG A 15 1.03 -10.26 1.50
C ARG A 15 2.47 -10.50 0.99
N LYS A 16 2.61 -10.72 -0.33
CA LYS A 16 3.90 -11.06 -0.92
C LYS A 16 4.98 -10.02 -0.60
N PHE A 17 4.60 -8.76 -0.48
CA PHE A 17 5.51 -7.71 -0.04
C PHE A 17 5.67 -7.69 1.50
N ALA A 18 4.54 -7.70 2.22
CA ALA A 18 4.54 -7.65 3.68
C ALA A 18 5.40 -8.74 4.32
N ILE A 19 5.33 -9.95 3.77
CA ILE A 19 6.05 -11.11 4.30
C ILE A 19 7.35 -11.36 3.50
N HIS A 20 7.73 -10.38 2.68
CA HIS A 20 8.88 -10.50 1.79
C HIS A 20 10.18 -10.77 2.57
N GLY A 21 10.52 -12.04 2.71
CA GLY A 21 11.74 -12.43 3.42
C GLY A 21 11.49 -12.88 4.85
N ASP A 22 10.25 -12.76 5.33
CA ASP A 22 9.89 -13.16 6.70
C ASP A 22 8.59 -13.97 6.76
N PRO A 23 8.67 -15.32 6.70
CA PRO A 23 7.51 -16.20 6.96
C PRO A 23 7.00 -16.05 8.40
N LYS A 24 7.82 -15.41 9.25
CA LYS A 24 7.47 -15.16 10.65
C LYS A 24 6.87 -13.76 10.86
N ALA A 25 6.59 -13.04 9.76
CA ALA A 25 6.07 -11.67 9.85
C ALA A 25 4.64 -11.62 10.41
N SER A 26 3.64 -11.54 9.52
CA SER A 26 2.21 -11.50 9.92
C SER A 26 1.29 -11.81 8.73
N GLY A 27 1.19 -10.86 7.79
CA GLY A 27 0.36 -11.06 6.61
C GLY A 27 -0.77 -10.03 6.52
N GLN A 28 -1.24 -9.59 7.69
CA GLN A 28 -2.24 -8.53 7.78
C GLN A 28 -1.59 -7.18 8.13
N GLU A 29 -0.32 -7.22 8.54
CA GLU A 29 0.44 -6.01 8.89
C GLU A 29 1.77 -5.96 8.11
N MET A 30 2.14 -4.76 7.64
CA MET A 30 3.31 -4.58 6.77
C MET A 30 4.27 -3.52 7.34
N ASN A 31 5.59 -3.68 7.07
CA ASN A 31 6.61 -2.77 7.61
C ASN A 31 7.02 -1.70 6.57
N GLY A 32 7.86 -0.76 7.00
CA GLY A 32 8.27 0.35 6.12
C GLY A 32 9.31 -0.04 5.07
N LYS A 33 10.10 -1.07 5.35
CA LYS A 33 11.16 -1.51 4.43
C LYS A 33 10.60 -2.00 3.09
N ASN A 34 9.74 -3.02 3.14
CA ASN A 34 9.11 -3.56 1.93
C ASN A 34 8.03 -2.60 1.39
N TRP A 35 7.54 -1.69 2.23
CA TRP A 35 6.64 -0.62 1.79
C TRP A 35 7.35 0.35 0.84
N ALA A 36 8.56 0.78 1.23
CA ALA A 36 9.39 1.61 0.35
C ALA A 36 9.72 0.86 -0.95
N LYS A 37 9.93 -0.44 -0.85
CA LYS A 37 10.17 -1.29 -2.02
C LYS A 37 8.92 -1.36 -2.90
N LEU A 38 7.76 -1.55 -2.27
CA LEU A 38 6.47 -1.65 -2.97
C LEU A 38 6.26 -0.44 -3.88
N CYS A 39 6.30 0.76 -3.29
CA CYS A 39 6.09 2.00 -4.05
C CYS A 39 7.20 2.22 -5.10
N LYS A 40 8.42 1.76 -4.79
CA LYS A 40 9.55 1.93 -5.71
C LYS A 40 9.43 1.00 -6.93
N ASP A 41 8.92 -0.21 -6.71
CA ASP A 41 8.71 -1.17 -7.80
C ASP A 41 7.52 -0.78 -8.68
N CYS A 42 6.44 -0.30 -8.06
CA CYS A 42 5.31 0.26 -8.81
C CYS A 42 5.62 1.70 -9.24
N LYS A 43 6.78 2.19 -8.80
CA LYS A 43 7.33 3.48 -9.22
C LYS A 43 6.40 4.67 -8.95
N VAL A 44 5.48 4.50 -8.00
CA VAL A 44 4.71 5.62 -7.48
C VAL A 44 5.67 6.69 -6.96
N ALA A 45 6.70 6.24 -6.23
CA ALA A 45 7.74 7.12 -5.69
C ALA A 45 8.86 7.36 -6.72
N ASP A 46 8.52 8.03 -7.81
CA ASP A 46 9.47 8.36 -8.89
C ASP A 46 9.02 9.59 -9.69
N GLY A 47 8.01 10.29 -9.17
CA GLY A 47 7.36 11.36 -9.94
C GLY A 47 7.95 12.75 -9.72
N LYS A 48 9.29 12.84 -9.57
CA LYS A 48 9.97 14.14 -9.34
C LYS A 48 9.39 14.91 -8.14
N SER A 49 8.58 14.22 -7.34
CA SER A 49 7.92 14.82 -6.18
C SER A 49 7.56 13.72 -5.17
N VAL A 50 6.79 12.75 -5.64
CA VAL A 50 6.53 11.53 -4.87
C VAL A 50 7.80 10.68 -4.80
N THR A 51 8.40 10.60 -3.62
CA THR A 51 9.65 9.86 -3.42
C THR A 51 9.60 9.01 -2.15
N GLY A 52 10.65 8.22 -1.90
CA GLY A 52 10.69 7.36 -0.72
C GLY A 52 10.32 8.09 0.57
N THR A 53 10.83 9.31 0.75
CA THR A 53 10.49 10.13 1.91
C THR A 53 9.00 10.48 1.95
N ASP A 54 8.48 11.02 0.83
CA ASP A 54 7.07 11.39 0.72
C ASP A 54 6.14 10.19 1.01
N VAL A 55 6.54 9.02 0.53
CA VAL A 55 5.78 7.79 0.76
C VAL A 55 5.92 7.30 2.22
N ASP A 56 7.00 7.69 2.89
CA ASP A 56 7.20 7.32 4.29
C ASP A 56 6.35 8.22 5.19
N ILE A 57 6.17 9.46 4.75
CA ILE A 57 5.25 10.40 5.40
C ILE A 57 3.83 9.82 5.40
N VAL A 58 3.40 9.32 4.25
CA VAL A 58 2.09 8.67 4.13
C VAL A 58 2.02 7.43 5.04
N PHE A 59 3.10 6.65 5.06
CA PHE A 59 3.23 5.51 5.98
C PHE A 59 3.07 5.97 7.44
N SER A 60 3.66 7.12 7.76
CA SER A 60 3.54 7.72 9.09
C SER A 60 2.12 8.23 9.36
N LYS A 61 1.48 8.73 8.30
CA LYS A 61 0.08 9.21 8.37
C LYS A 61 -0.88 8.06 8.75
N VAL A 62 -0.52 6.86 8.33
CA VAL A 62 -1.36 5.67 8.57
C VAL A 62 -0.68 4.68 9.53
N LYS A 63 0.28 5.16 10.32
CA LYS A 63 1.01 4.30 11.25
C LYS A 63 0.16 3.91 12.47
N GLY A 64 0.01 2.60 12.68
CA GLY A 64 -0.71 2.10 13.85
C GLY A 64 -0.14 2.59 15.17
N LYS A 65 -0.58 3.77 15.62
CA LYS A 65 -0.13 4.38 16.87
C LYS A 65 1.36 4.75 16.81
N SER A 66 2.22 3.75 16.99
CA SER A 66 3.68 3.96 16.97
C SER A 66 4.42 2.76 16.38
N ALA A 67 3.66 1.76 15.91
CA ALA A 67 4.22 0.50 15.44
C ALA A 67 5.03 0.65 14.14
N ARG A 68 6.02 -0.22 13.96
CA ARG A 68 6.79 -0.26 12.71
C ARG A 68 5.95 -0.89 11.57
N VAL A 69 4.78 -1.42 11.91
CA VAL A 69 3.90 -2.09 10.94
C VAL A 69 2.47 -1.49 10.94
N ILE A 70 1.88 -1.41 9.74
CA ILE A 70 0.49 -0.95 9.58
C ILE A 70 -0.40 -2.09 9.09
N ASN A 71 -1.70 -2.06 9.41
CA ASN A 71 -2.61 -3.13 9.01
C ASN A 71 -3.20 -2.90 7.60
N TYR A 72 -3.87 -3.92 7.07
CA TYR A 72 -4.41 -3.88 5.70
C TYR A 72 -5.28 -2.64 5.42
N GLU A 73 -6.08 -2.19 6.38
CA GLU A 73 -6.93 -1.01 6.16
C GLU A 73 -6.08 0.26 6.07
N GLU A 74 -5.08 0.37 6.95
CA GLU A 74 -4.16 1.52 6.94
C GLU A 74 -3.34 1.54 5.64
N PHE A 75 -3.04 0.35 5.13
CA PHE A 75 -2.44 0.19 3.81
C PHE A 75 -3.28 0.86 2.72
N LYS A 76 -4.60 0.64 2.76
CA LYS A 76 -5.53 1.28 1.82
C LYS A 76 -5.56 2.80 2.03
N LYS A 77 -5.51 3.23 3.28
CA LYS A 77 -5.46 4.66 3.61
C LYS A 77 -4.20 5.31 3.00
N ALA A 78 -3.08 4.57 3.05
CA ALA A 78 -1.83 5.01 2.44
C ALA A 78 -1.97 5.13 0.92
N LEU A 79 -2.56 4.10 0.30
CA LEU A 79 -2.83 4.13 -1.15
C LEU A 79 -3.73 5.32 -1.52
N GLU A 80 -4.65 5.66 -0.62
CA GLU A 80 -5.52 6.84 -0.80
C GLU A 80 -4.68 8.11 -1.04
N GLU A 81 -3.85 8.45 -0.06
CA GLU A 81 -2.98 9.61 -0.18
C GLU A 81 -2.01 9.48 -1.38
N LEU A 82 -1.35 8.33 -1.49
CA LEU A 82 -0.43 8.08 -2.63
C LEU A 82 -1.14 8.23 -3.98
N ALA A 83 -2.42 7.88 -4.04
CA ALA A 83 -3.22 8.08 -5.25
C ALA A 83 -3.28 9.57 -5.62
N THR A 84 -3.59 10.42 -4.64
CA THR A 84 -3.63 11.88 -4.86
C THR A 84 -2.22 12.48 -5.00
N LYS A 85 -1.20 11.67 -4.75
CA LYS A 85 0.20 12.09 -4.97
C LYS A 85 0.57 11.97 -6.47
N ARG A 86 0.31 10.79 -7.04
CA ARG A 86 0.63 10.51 -8.44
C ARG A 86 -0.43 11.03 -9.42
N PHE A 87 -1.67 10.58 -9.27
CA PHE A 87 -2.73 10.85 -10.26
C PHE A 87 -3.44 12.18 -10.02
N LYS A 88 -2.65 13.27 -9.99
CA LYS A 88 -3.18 14.63 -9.76
C LYS A 88 -3.84 14.75 -8.37
N GLY A 89 -4.27 15.97 -8.04
CA GLY A 89 -4.98 16.19 -6.78
C GLY A 89 -6.50 16.19 -6.95
N LYS A 90 -6.99 15.44 -7.94
CA LYS A 90 -8.42 15.37 -8.26
C LYS A 90 -8.81 13.95 -8.70
N SER A 91 -10.13 13.69 -8.79
CA SER A 91 -10.64 12.39 -9.26
C SER A 91 -10.07 11.23 -8.42
N LYS A 92 -10.11 11.38 -7.10
CA LYS A 92 -9.50 10.41 -6.18
C LYS A 92 -10.17 9.03 -6.25
N GLU A 93 -11.40 8.96 -6.76
CA GLU A 93 -12.05 7.66 -7.02
C GLU A 93 -11.26 6.88 -8.07
N GLU A 94 -11.13 7.48 -9.26
CA GLU A 94 -10.31 6.91 -10.35
C GLU A 94 -8.86 6.68 -9.91
N ALA A 95 -8.30 7.67 -9.21
CA ALA A 95 -6.91 7.61 -8.72
C ALA A 95 -6.69 6.40 -7.80
N PHE A 96 -7.61 6.18 -6.86
CA PHE A 96 -7.49 5.07 -5.91
C PHE A 96 -7.48 3.71 -6.65
N ASP A 97 -8.51 3.48 -7.47
CA ASP A 97 -8.58 2.26 -8.29
C ASP A 97 -7.33 2.10 -9.18
N ALA A 98 -6.82 3.21 -9.72
CA ALA A 98 -5.66 3.18 -10.61
C ALA A 98 -4.38 2.72 -9.89
N ILE A 99 -4.08 3.32 -8.72
CA ILE A 99 -2.88 2.93 -7.97
C ILE A 99 -2.98 1.47 -7.49
N CYS A 100 -4.18 1.07 -7.07
CA CYS A 100 -4.43 -0.32 -6.70
C CYS A 100 -4.23 -1.25 -7.91
N GLN A 101 -4.66 -0.78 -9.08
CA GLN A 101 -4.51 -1.53 -10.33
C GLN A 101 -3.03 -1.81 -10.66
N LEU A 102 -2.17 -0.83 -10.40
CA LEU A 102 -0.73 -0.96 -10.67
C LEU A 102 -0.07 -2.01 -9.75
N VAL A 103 -0.54 -2.08 -8.51
CA VAL A 103 0.02 -3.02 -7.52
C VAL A 103 -0.59 -4.43 -7.67
N ALA A 104 -1.88 -4.50 -7.98
CA ALA A 104 -2.61 -5.76 -8.04
C ALA A 104 -1.99 -6.77 -9.02
N GLY A 105 -1.30 -7.77 -8.48
CA GLY A 105 -0.75 -8.85 -9.29
C GLY A 105 0.70 -8.63 -9.70
N LYS A 106 1.36 -7.67 -9.08
CA LYS A 106 2.76 -7.37 -9.40
C LYS A 106 3.73 -8.26 -8.61
N GLU A 107 4.97 -8.36 -9.08
CA GLU A 107 6.00 -9.17 -8.43
C GLU A 107 6.50 -8.52 -7.12
N PRO A 108 6.64 -9.31 -6.04
CA PRO A 108 7.20 -8.82 -4.77
C PRO A 108 8.72 -8.55 -4.88
N ALA A 109 9.06 -7.46 -5.57
CA ALA A 109 10.46 -7.11 -5.84
C ALA A 109 11.16 -8.17 -6.71
N ASN A 110 11.13 -7.97 -8.01
CA ASN A 110 11.73 -8.92 -8.95
C ASN A 110 13.26 -8.84 -8.96
N VAL A 111 13.87 -9.35 -7.89
CA VAL A 111 15.33 -9.34 -7.72
C VAL A 111 15.75 -10.30 -6.57
N GLY A 112 14.93 -10.34 -5.52
CA GLY A 112 15.19 -11.26 -4.41
C GLY A 112 15.12 -12.72 -4.82
N VAL A 113 16.21 -13.45 -4.60
CA VAL A 113 16.28 -14.86 -4.97
C VAL A 113 15.78 -15.78 -3.84
N THR A 114 14.62 -16.40 -4.08
CA THR A 114 14.05 -17.37 -3.12
C THR A 114 13.72 -18.69 -3.81
N LYS A 115 13.04 -18.60 -4.95
CA LYS A 115 12.72 -19.77 -5.81
C LYS A 115 11.76 -20.76 -5.11
N ALA A 116 12.30 -21.57 -4.21
CA ALA A 116 11.53 -22.67 -3.59
C ALA A 116 10.43 -22.18 -2.63
N LYS A 117 9.43 -23.03 -2.41
CA LYS A 117 8.29 -22.72 -1.54
C LYS A 117 8.00 -23.89 -0.58
N THR A 118 8.33 -23.72 0.70
CA THR A 118 8.21 -24.80 1.68
C THR A 118 6.79 -24.91 2.30
N GLY A 119 6.48 -24.02 3.25
CA GLY A 119 5.21 -24.14 3.98
C GLY A 119 4.44 -22.84 4.12
N GLY A 120 3.17 -22.94 4.52
CA GLY A 120 2.33 -21.75 4.68
C GLY A 120 2.40 -21.14 6.09
N ALA A 121 2.75 -21.97 7.09
CA ALA A 121 2.92 -21.51 8.48
C ALA A 121 1.61 -20.98 9.11
N VAL A 122 0.48 -21.28 8.46
CA VAL A 122 -0.84 -20.80 8.92
C VAL A 122 -1.57 -21.82 9.82
N ASP A 123 -2.86 -21.58 10.06
CA ASP A 123 -3.72 -22.47 10.88
C ASP A 123 -3.49 -22.33 12.39
N ARG A 124 -2.26 -22.06 12.82
CA ARG A 124 -1.95 -21.92 14.26
C ARG A 124 -2.78 -20.80 14.93
N LEU A 125 -2.69 -19.60 14.38
CA LEU A 125 -3.31 -18.41 15.00
C LEU A 125 -4.74 -18.15 14.49
N THR A 126 -5.51 -19.21 14.27
CA THR A 126 -6.90 -19.07 13.82
C THR A 126 -7.79 -20.24 14.27
N ASP A 127 -8.51 -20.01 15.38
CA ASP A 127 -9.49 -20.99 15.88
C ASP A 127 -10.52 -21.37 14.79
N THR A 128 -10.93 -22.63 14.77
CA THR A 128 -11.91 -23.11 13.78
C THR A 128 -13.23 -22.32 13.89
N SER A 129 -13.46 -21.45 12.92
CA SER A 129 -14.66 -20.59 12.91
C SER A 129 -14.93 -20.06 11.49
N ARG A 130 -16.21 -19.91 11.16
CA ARG A 130 -16.62 -19.50 9.82
C ARG A 130 -16.73 -17.95 9.70
N TYR A 131 -16.74 -17.27 10.85
CA TYR A 131 -16.90 -15.81 10.86
C TYR A 131 -15.61 -15.07 11.28
N THR A 132 -15.39 -14.93 12.59
CA THR A 132 -14.25 -14.15 13.09
C THR A 132 -13.79 -14.63 14.48
N GLY A 133 -14.13 -15.87 14.83
CA GLY A 133 -13.81 -16.39 16.15
C GLY A 133 -14.85 -17.39 16.65
N SER A 134 -14.51 -18.12 17.71
CA SER A 134 -15.42 -19.11 18.30
C SER A 134 -15.22 -19.21 19.82
N HIS A 135 -15.82 -20.24 20.44
CA HIS A 135 -15.75 -20.42 21.90
C HIS A 135 -16.56 -19.33 22.64
N LYS A 136 -15.99 -18.13 22.73
CA LYS A 136 -16.67 -16.97 23.35
C LYS A 136 -16.34 -15.69 22.57
N GLU A 137 -17.38 -14.92 22.23
CA GLU A 137 -17.23 -13.73 21.39
C GLU A 137 -16.70 -12.53 22.18
N ARG A 138 -17.37 -12.23 23.29
CA ARG A 138 -16.99 -11.12 24.15
C ARG A 138 -16.63 -11.61 25.57
N PHE A 139 -15.37 -11.48 25.96
CA PHE A 139 -14.94 -11.78 27.33
C PHE A 139 -15.21 -10.59 28.26
N ASP A 140 -14.89 -10.72 29.54
CA ASP A 140 -15.05 -9.62 30.49
C ASP A 140 -14.00 -8.53 30.24
N GLU A 141 -14.43 -7.26 30.28
CA GLU A 141 -13.55 -6.14 29.94
C GLU A 141 -12.42 -5.96 30.97
N SER A 142 -11.22 -6.41 30.62
CA SER A 142 -10.02 -6.21 31.45
C SER A 142 -9.31 -4.92 31.04
N GLY A 143 -7.99 -4.86 31.27
CA GLY A 143 -7.22 -3.69 30.85
C GLY A 143 -6.95 -3.63 29.35
N LYS A 144 -7.99 -3.84 28.54
CA LYS A 144 -7.87 -3.79 27.08
C LYS A 144 -8.09 -2.36 26.56
N GLY A 145 -7.05 -1.75 26.00
CA GLY A 145 -7.16 -0.37 25.54
C GLY A 145 -7.07 0.64 26.68
N LYS A 146 -8.08 0.63 27.56
CA LYS A 146 -8.09 1.47 28.76
C LYS A 146 -6.86 1.17 29.66
N GLY A 147 -6.59 -0.12 29.85
CA GLY A 147 -5.41 -0.57 30.59
C GLY A 147 -5.44 -0.24 32.08
N ILE A 148 -4.92 -1.17 32.90
CA ILE A 148 -4.67 -0.89 34.32
C ILE A 148 -3.31 -0.18 34.45
N ALA A 149 -2.30 -0.75 33.83
CA ALA A 149 -1.01 -0.08 33.61
C ALA A 149 -0.98 0.47 32.17
N GLY A 150 -1.14 1.79 32.04
CA GLY A 150 -1.39 2.36 30.71
C GLY A 150 -0.46 3.50 30.33
N ARG A 151 -0.91 4.74 30.54
CA ARG A 151 -0.22 5.91 29.99
C ARG A 151 0.80 6.53 30.97
N GLN A 152 2.05 6.61 30.51
CA GLN A 152 3.07 7.44 31.16
C GLN A 152 2.86 8.91 30.75
N ASP A 153 3.19 9.86 31.62
CA ASP A 153 2.86 11.28 31.38
C ASP A 153 3.37 11.79 30.02
N ILE A 154 2.45 12.38 29.24
CA ILE A 154 2.76 12.94 27.93
C ILE A 154 2.45 14.44 27.87
N LEU A 155 2.78 15.07 26.75
CA LEU A 155 2.51 16.50 26.57
C LEU A 155 1.04 16.77 26.20
N ASP A 156 0.17 16.78 27.20
CA ASP A 156 -1.25 17.12 27.01
C ASP A 156 -1.45 18.63 26.78
N ASP A 157 -0.74 19.21 25.81
CA ASP A 157 -0.74 20.65 25.60
C ASP A 157 -2.06 21.12 24.93
N SER A 158 -3.08 21.31 25.75
CA SER A 158 -4.40 21.81 25.30
C SER A 158 -5.31 22.09 26.49
N GLY A 159 -6.30 22.96 26.31
CA GLY A 159 -7.35 23.12 27.31
C GLY A 159 -8.00 21.78 27.63
N TYR A 160 -7.89 21.33 28.88
CA TYR A 160 -8.31 19.97 29.25
C TYR A 160 -9.79 19.68 28.97
N VAL A 161 -10.06 19.33 27.71
CA VAL A 161 -11.38 18.85 27.28
C VAL A 161 -11.29 17.35 26.92
N SER A 162 -10.19 16.98 26.25
CA SER A 162 -9.93 15.58 25.86
C SER A 162 -8.54 15.48 25.19
N ALA A 163 -8.19 14.28 24.75
CA ALA A 163 -6.90 14.06 24.08
C ALA A 163 -6.85 14.76 22.71
N TYR A 164 -7.99 14.76 22.01
CA TYR A 164 -8.17 15.46 20.73
C TYR A 164 -7.48 14.75 19.56
N LYS A 165 -6.18 14.52 19.69
CA LYS A 165 -5.36 13.91 18.63
C LYS A 165 -5.90 12.53 18.21
N ASN A 166 -6.34 11.75 19.20
CA ASN A 166 -6.93 10.42 18.95
C ASN A 166 -8.45 10.47 19.16
N ALA A 167 -9.22 10.12 18.13
CA ALA A 167 -10.69 10.11 18.22
C ALA A 167 -11.18 9.18 19.33
N GLY A 168 -11.95 9.73 20.27
CA GLY A 168 -12.40 8.96 21.43
C GLY A 168 -13.77 8.32 21.24
N THR A 169 -14.46 8.05 22.35
CA THR A 169 -15.79 7.42 22.31
C THR A 169 -16.90 8.41 22.71
N TYR A 170 -18.09 7.89 22.98
CA TYR A 170 -19.24 8.72 23.37
C TYR A 170 -19.20 9.13 24.85
N ASP A 171 -18.01 9.04 25.47
CA ASP A 171 -17.81 9.39 26.88
C ASP A 171 -18.51 8.40 27.83
N ALA A 172 -17.72 7.69 28.64
CA ALA A 172 -18.26 6.67 29.53
C ALA A 172 -17.84 6.91 30.99
N LYS A 173 -18.63 7.70 31.71
CA LYS A 173 -18.43 7.91 33.14
C LYS A 173 -19.14 6.82 33.97
N VAL A 174 -19.98 6.04 33.28
CA VAL A 174 -20.65 4.82 33.81
C VAL A 174 -21.28 4.97 35.21
N LYS A 175 -21.47 6.20 35.70
CA LYS A 175 -22.14 6.42 36.99
C LYS A 175 -23.66 6.24 36.85
N LYS A 176 -24.08 5.00 36.55
CA LYS A 176 -25.50 4.66 36.38
C LYS A 176 -25.83 3.39 37.17
N LEU A 177 -25.22 2.27 36.78
CA LEU A 177 -25.33 1.00 37.52
C LEU A 177 -24.03 0.74 38.32
N GLU A 178 -23.26 1.80 38.49
CA GLU A 178 -21.91 1.73 39.06
C GLU A 178 -21.85 0.92 40.37
N MET A 1 -15.91 5.01 -4.17
CA MET A 1 -15.38 3.64 -3.91
C MET A 1 -16.04 2.63 -4.86
N ALA A 2 -15.31 2.25 -5.91
CA ALA A 2 -15.81 1.30 -6.91
C ALA A 2 -16.30 -0.03 -6.29
N ALA A 3 -17.36 -0.59 -6.87
CA ALA A 3 -17.94 -1.86 -6.43
C ALA A 3 -18.48 -1.81 -4.99
N SER A 4 -17.64 -2.14 -4.00
CA SER A 4 -18.07 -2.23 -2.60
C SER A 4 -16.95 -2.69 -1.68
N THR A 5 -16.49 -3.93 -1.89
CA THR A 5 -15.50 -4.56 -1.00
C THR A 5 -14.08 -4.53 -1.57
N ASP A 6 -13.15 -5.17 -0.87
CA ASP A 6 -11.73 -5.16 -1.24
C ASP A 6 -11.40 -6.21 -2.31
N ILE A 7 -10.82 -5.76 -3.42
CA ILE A 7 -10.33 -6.67 -4.47
C ILE A 7 -9.21 -7.58 -3.91
N ALA A 8 -9.45 -8.90 -3.94
CA ALA A 8 -8.51 -9.88 -3.39
C ALA A 8 -7.07 -9.67 -3.88
N GLY A 9 -6.93 -9.29 -5.15
CA GLY A 9 -5.62 -9.06 -5.74
C GLY A 9 -4.79 -8.00 -4.99
N LEU A 10 -5.45 -7.04 -4.37
CA LEU A 10 -4.76 -5.98 -3.64
C LEU A 10 -4.20 -6.51 -2.31
N GLU A 11 -5.03 -7.22 -1.54
CA GLU A 11 -4.56 -7.85 -0.29
C GLU A 11 -3.53 -8.94 -0.59
N GLU A 12 -3.64 -9.58 -1.75
CA GLU A 12 -2.65 -10.56 -2.20
C GLU A 12 -1.27 -9.91 -2.31
N SER A 13 -1.19 -8.83 -3.08
CA SER A 13 0.07 -8.06 -3.23
C SER A 13 0.57 -7.56 -1.88
N PHE A 14 -0.36 -7.07 -1.04
CA PHE A 14 -0.02 -6.62 0.32
C PHE A 14 0.67 -7.75 1.11
N ARG A 15 0.00 -8.89 1.21
CA ARG A 15 0.53 -10.07 1.89
C ARG A 15 1.89 -10.49 1.30
N LYS A 16 1.90 -10.61 -0.02
CA LYS A 16 3.09 -11.00 -0.80
C LYS A 16 4.29 -10.08 -0.49
N PHE A 17 4.03 -8.80 -0.27
CA PHE A 17 5.08 -7.85 0.11
C PHE A 17 5.33 -7.85 1.62
N ALA A 18 4.27 -8.08 2.40
CA ALA A 18 4.34 -8.01 3.87
C ALA A 18 5.47 -8.88 4.45
N ILE A 19 5.66 -10.07 3.87
CA ILE A 19 6.69 -11.01 4.35
C ILE A 19 7.92 -11.04 3.43
N HIS A 20 7.94 -10.14 2.45
CA HIS A 20 8.98 -10.09 1.39
C HIS A 20 10.39 -10.51 1.86
N GLY A 21 10.85 -9.93 2.98
CA GLY A 21 12.19 -10.25 3.46
C GLY A 21 12.27 -10.44 4.97
N ASP A 22 11.13 -10.77 5.60
CA ASP A 22 11.05 -10.91 7.05
C ASP A 22 10.57 -12.31 7.44
N PRO A 23 11.41 -13.09 8.18
CA PRO A 23 11.12 -14.48 8.57
C PRO A 23 9.69 -14.69 9.11
N LYS A 24 9.26 -13.82 10.01
CA LYS A 24 7.94 -13.91 10.63
C LYS A 24 6.97 -12.84 10.06
N ALA A 25 7.52 -11.67 9.73
CA ALA A 25 6.74 -10.49 9.32
C ALA A 25 5.40 -10.33 10.08
N SER A 26 4.35 -10.93 9.53
CA SER A 26 2.96 -10.80 10.05
C SER A 26 1.97 -11.36 9.02
N GLY A 27 2.17 -10.99 7.77
CA GLY A 27 1.27 -11.42 6.69
C GLY A 27 0.09 -10.49 6.51
N GLN A 28 -0.61 -10.21 7.60
CA GLN A 28 -1.76 -9.30 7.57
C GLN A 28 -1.33 -7.85 7.88
N GLU A 29 -0.10 -7.68 8.37
CA GLU A 29 0.48 -6.35 8.60
C GLU A 29 1.86 -6.23 7.93
N MET A 30 2.18 -5.04 7.41
CA MET A 30 3.42 -4.83 6.65
C MET A 30 4.37 -3.83 7.36
N ASN A 31 5.67 -4.11 7.27
CA ASN A 31 6.70 -3.21 7.80
C ASN A 31 7.23 -2.23 6.73
N GLY A 32 7.74 -1.08 7.17
CA GLY A 32 8.20 -0.03 6.26
C GLY A 32 9.25 -0.50 5.25
N LYS A 33 10.01 -1.54 5.60
CA LYS A 33 10.97 -2.16 4.69
C LYS A 33 10.31 -2.50 3.35
N ASN A 34 9.31 -3.36 3.43
CA ASN A 34 8.62 -3.90 2.26
C ASN A 34 7.71 -2.84 1.61
N TRP A 35 7.12 -1.97 2.42
CA TRP A 35 6.33 -0.84 1.93
C TRP A 35 7.15 0.08 1.01
N ALA A 36 8.37 0.39 1.43
CA ALA A 36 9.28 1.20 0.60
C ALA A 36 9.58 0.51 -0.73
N LYS A 37 9.93 -0.78 -0.66
CA LYS A 37 10.15 -1.57 -1.88
C LYS A 37 8.90 -1.63 -2.75
N LEU A 38 7.74 -1.72 -2.10
CA LEU A 38 6.45 -1.75 -2.79
C LEU A 38 6.26 -0.48 -3.64
N CYS A 39 6.58 0.67 -3.05
CA CYS A 39 6.55 1.95 -3.78
C CYS A 39 7.41 1.88 -5.06
N LYS A 40 8.61 1.30 -4.93
CA LYS A 40 9.51 1.11 -6.06
C LYS A 40 8.86 0.25 -7.16
N ASP A 41 8.39 -0.94 -6.80
CA ASP A 41 7.83 -1.88 -7.76
C ASP A 41 6.52 -1.35 -8.41
N CYS A 42 5.72 -0.64 -7.62
CA CYS A 42 4.52 0.04 -8.14
C CYS A 42 4.89 1.34 -8.88
N LYS A 43 6.15 1.76 -8.76
CA LYS A 43 6.70 2.92 -9.49
C LYS A 43 6.10 4.25 -8.99
N VAL A 44 5.68 4.27 -7.72
CA VAL A 44 5.12 5.48 -7.10
C VAL A 44 6.21 6.56 -6.91
N ALA A 45 7.43 6.11 -6.61
CA ALA A 45 8.56 7.03 -6.44
C ALA A 45 9.16 7.47 -7.80
N ASP A 46 8.79 8.67 -8.25
CA ASP A 46 9.27 9.20 -9.52
C ASP A 46 10.43 10.20 -9.33
N GLY A 47 10.49 10.82 -8.15
CA GLY A 47 11.58 11.76 -7.85
C GLY A 47 11.09 13.06 -7.21
N LYS A 48 10.57 13.98 -8.01
CA LYS A 48 10.19 15.32 -7.51
C LYS A 48 8.72 15.39 -7.06
N SER A 49 7.94 14.34 -7.30
CA SER A 49 6.57 14.25 -6.79
C SER A 49 6.52 13.33 -5.57
N VAL A 50 7.11 12.15 -5.71
CA VAL A 50 7.21 11.18 -4.61
C VAL A 50 8.59 10.49 -4.61
N THR A 51 9.23 10.45 -3.44
CA THR A 51 10.49 9.69 -3.27
C THR A 51 10.50 8.98 -1.92
N GLY A 52 11.60 8.28 -1.61
CA GLY A 52 11.71 7.52 -0.37
C GLY A 52 11.24 8.28 0.87
N THR A 53 11.68 9.53 1.01
CA THR A 53 11.25 10.39 2.11
C THR A 53 9.72 10.44 2.23
N ASP A 54 9.05 10.79 1.14
CA ASP A 54 7.58 10.86 1.11
C ASP A 54 6.95 9.51 1.46
N VAL A 55 7.60 8.43 1.04
CA VAL A 55 7.14 7.07 1.36
C VAL A 55 7.09 6.83 2.87
N ASP A 56 8.04 7.41 3.61
CA ASP A 56 8.06 7.28 5.07
C ASP A 56 6.97 8.14 5.69
N ILE A 57 6.79 9.32 5.12
CA ILE A 57 5.77 10.26 5.56
C ILE A 57 4.37 9.66 5.43
N VAL A 58 4.05 9.14 4.25
CA VAL A 58 2.77 8.48 4.00
C VAL A 58 2.55 7.30 4.97
N PHE A 59 3.61 6.52 5.19
CA PHE A 59 3.57 5.42 6.17
C PHE A 59 3.18 5.95 7.56
N SER A 60 3.74 7.10 7.95
CA SER A 60 3.40 7.75 9.23
C SER A 60 1.97 8.29 9.22
N LYS A 61 1.53 8.82 8.06
CA LYS A 61 0.17 9.36 7.90
C LYS A 61 -0.89 8.30 8.25
N VAL A 62 -0.60 7.04 7.92
CA VAL A 62 -1.54 5.93 8.14
C VAL A 62 -1.12 5.01 9.30
N LYS A 63 0.04 5.28 9.91
CA LYS A 63 0.56 4.44 11.00
C LYS A 63 -0.25 4.60 12.29
N GLY A 64 -1.13 3.63 12.56
CA GLY A 64 -1.93 3.63 13.78
C GLY A 64 -1.96 2.28 14.50
N LYS A 65 -3.09 1.97 15.14
CA LYS A 65 -3.24 0.74 15.93
C LYS A 65 -2.12 0.57 16.98
N SER A 66 -1.14 -0.30 16.70
CA SER A 66 -0.01 -0.52 17.62
C SER A 66 1.28 0.06 17.04
N ALA A 67 1.18 0.62 15.83
CA ALA A 67 2.33 1.20 15.11
C ALA A 67 3.34 0.11 14.73
N ARG A 68 4.53 0.53 14.28
CA ARG A 68 5.58 -0.38 13.79
C ARG A 68 5.20 -0.97 12.42
N VAL A 69 4.00 -1.51 12.33
CA VAL A 69 3.47 -2.13 11.12
C VAL A 69 2.04 -1.63 10.82
N ILE A 70 1.68 -1.56 9.54
CA ILE A 70 0.32 -1.16 9.13
C ILE A 70 -0.44 -2.33 8.50
N ASN A 71 -1.74 -2.46 8.79
CA ASN A 71 -2.53 -3.56 8.22
C ASN A 71 -3.08 -3.19 6.82
N TYR A 72 -3.77 -4.13 6.19
CA TYR A 72 -4.32 -3.94 4.84
C TYR A 72 -5.21 -2.67 4.75
N GLU A 73 -5.99 -2.39 5.80
CA GLU A 73 -6.83 -1.18 5.82
C GLU A 73 -5.98 0.09 5.72
N GLU A 74 -5.00 0.23 6.60
CA GLU A 74 -4.12 1.40 6.60
C GLU A 74 -3.22 1.40 5.37
N PHE A 75 -3.04 0.23 4.75
CA PHE A 75 -2.31 0.10 3.50
C PHE A 75 -3.10 0.72 2.34
N LYS A 76 -4.35 0.28 2.15
CA LYS A 76 -5.22 0.86 1.13
C LYS A 76 -5.48 2.34 1.40
N LYS A 77 -5.48 2.70 2.68
CA LYS A 77 -5.57 4.11 3.10
C LYS A 77 -4.33 4.90 2.64
N ALA A 78 -3.16 4.28 2.73
CA ALA A 78 -1.90 4.88 2.24
C ALA A 78 -1.90 4.99 0.72
N LEU A 79 -2.44 3.97 0.05
CA LEU A 79 -2.57 3.98 -1.41
C LEU A 79 -3.44 5.16 -1.87
N GLU A 80 -4.53 5.42 -1.15
CA GLU A 80 -5.39 6.57 -1.44
C GLU A 80 -4.60 7.89 -1.33
N GLU A 81 -3.77 8.00 -0.30
CA GLU A 81 -2.88 9.17 -0.14
C GLU A 81 -2.02 9.37 -1.40
N LEU A 82 -1.19 8.39 -1.70
CA LEU A 82 -0.32 8.42 -2.89
C LEU A 82 -1.14 8.70 -4.17
N ALA A 83 -2.28 8.03 -4.29
CA ALA A 83 -3.17 8.19 -5.45
C ALA A 83 -3.66 9.63 -5.60
N THR A 84 -4.25 10.18 -4.55
CA THR A 84 -4.83 11.54 -4.57
C THR A 84 -3.76 12.62 -4.79
N LYS A 85 -2.50 12.30 -4.52
CA LYS A 85 -1.40 13.25 -4.70
C LYS A 85 -0.68 13.08 -6.04
N ARG A 86 -0.74 11.89 -6.65
CA ARG A 86 -0.16 11.66 -7.98
C ARG A 86 -1.22 11.79 -9.09
N PHE A 87 -2.32 11.08 -8.94
CA PHE A 87 -3.41 11.10 -9.93
C PHE A 87 -4.39 12.26 -9.66
N LYS A 88 -3.87 13.37 -9.13
CA LYS A 88 -4.68 14.53 -8.79
C LYS A 88 -5.19 15.30 -10.03
N GLY A 89 -6.06 16.29 -9.79
CA GLY A 89 -6.61 17.06 -10.89
C GLY A 89 -7.74 16.34 -11.63
N LYS A 90 -8.39 15.40 -10.95
CA LYS A 90 -9.50 14.64 -11.53
C LYS A 90 -10.25 13.83 -10.44
N SER A 91 -11.12 12.92 -10.87
CA SER A 91 -11.94 12.11 -9.96
C SER A 91 -11.10 11.31 -8.94
N LYS A 92 -11.35 11.57 -7.66
CA LYS A 92 -10.70 10.83 -6.56
C LYS A 92 -10.94 9.32 -6.68
N GLU A 93 -12.11 8.95 -7.21
CA GLU A 93 -12.43 7.55 -7.52
C GLU A 93 -11.36 6.92 -8.43
N GLU A 94 -11.13 7.55 -9.59
CA GLU A 94 -10.17 7.06 -10.57
C GLU A 94 -8.73 7.08 -10.01
N ALA A 95 -8.46 8.01 -9.10
CA ALA A 95 -7.16 8.08 -8.43
C ALA A 95 -6.84 6.77 -7.72
N PHE A 96 -7.72 6.36 -6.79
CA PHE A 96 -7.55 5.10 -6.06
C PHE A 96 -7.66 3.90 -7.02
N ASP A 97 -8.52 4.02 -8.02
CA ASP A 97 -8.69 3.00 -9.05
C ASP A 97 -7.35 2.68 -9.74
N ALA A 98 -6.64 3.75 -10.11
CA ALA A 98 -5.37 3.63 -10.84
C ALA A 98 -4.23 3.12 -9.93
N ILE A 99 -4.16 3.62 -8.69
CA ILE A 99 -3.13 3.17 -7.73
C ILE A 99 -3.29 1.66 -7.46
N CYS A 100 -4.55 1.19 -7.45
CA CYS A 100 -4.86 -0.23 -7.33
C CYS A 100 -4.34 -1.02 -8.55
N GLN A 101 -4.53 -0.45 -9.73
CA GLN A 101 -4.03 -1.04 -10.99
C GLN A 101 -2.51 -1.29 -10.93
N LEU A 102 -1.78 -0.40 -10.25
CA LEU A 102 -0.33 -0.52 -10.10
C LEU A 102 0.07 -1.63 -9.12
N VAL A 103 -0.56 -1.65 -7.96
CA VAL A 103 -0.17 -2.58 -6.88
C VAL A 103 -0.84 -3.97 -7.00
N ALA A 104 -2.18 -3.98 -7.08
CA ALA A 104 -2.96 -5.22 -7.01
C ALA A 104 -2.50 -6.29 -8.02
N GLY A 105 -2.23 -7.49 -7.50
CA GLY A 105 -1.86 -8.62 -8.35
C GLY A 105 -0.35 -8.77 -8.58
N LYS A 106 0.33 -7.64 -8.75
CA LYS A 106 1.76 -7.63 -9.09
C LYS A 106 2.64 -8.27 -8.00
N GLU A 107 3.87 -8.62 -8.38
CA GLU A 107 4.87 -9.15 -7.44
C GLU A 107 6.17 -8.31 -7.51
N PRO A 108 7.04 -8.40 -6.48
CA PRO A 108 8.34 -7.69 -6.49
C PRO A 108 9.22 -8.08 -7.68
N ALA A 109 10.15 -7.19 -8.05
CA ALA A 109 11.05 -7.40 -9.19
C ALA A 109 11.84 -8.72 -9.08
N ASN A 110 11.35 -9.75 -9.77
CA ASN A 110 12.02 -11.06 -9.86
C ASN A 110 11.99 -11.84 -8.53
N VAL A 111 11.11 -12.84 -8.47
CA VAL A 111 11.02 -13.73 -7.31
C VAL A 111 12.26 -14.64 -7.22
N GLY A 112 12.90 -14.89 -8.36
CA GLY A 112 14.11 -15.70 -8.39
C GLY A 112 13.88 -17.14 -7.98
N VAL A 113 14.75 -17.68 -7.13
CA VAL A 113 14.59 -19.04 -6.62
C VAL A 113 13.34 -19.17 -5.73
N THR A 114 12.33 -19.88 -6.23
CA THR A 114 11.04 -20.02 -5.55
C THR A 114 11.16 -20.83 -4.25
N LYS A 115 10.88 -20.18 -3.13
CA LYS A 115 10.92 -20.81 -1.80
C LYS A 115 9.51 -21.26 -1.38
N ALA A 116 9.26 -22.56 -1.40
CA ALA A 116 7.90 -23.09 -1.17
C ALA A 116 7.60 -23.34 0.32
N LYS A 117 6.74 -22.50 0.89
CA LYS A 117 6.26 -22.65 2.27
C LYS A 117 4.95 -23.46 2.31
N THR A 118 4.27 -23.53 1.16
CA THR A 118 2.96 -24.20 1.05
C THR A 118 2.95 -25.60 1.68
N GLY A 119 3.83 -26.47 1.20
CA GLY A 119 3.91 -27.84 1.72
C GLY A 119 4.63 -27.94 3.06
N GLY A 120 4.27 -27.07 4.00
CA GLY A 120 4.87 -27.11 5.33
C GLY A 120 3.88 -27.54 6.42
N ALA A 121 2.87 -28.32 6.03
CA ALA A 121 1.87 -28.88 6.96
C ALA A 121 0.95 -27.82 7.58
N VAL A 122 1.24 -26.53 7.33
CA VAL A 122 0.48 -25.37 7.88
C VAL A 122 0.35 -25.40 9.42
N ASP A 123 0.15 -24.22 10.02
CA ASP A 123 0.07 -24.09 11.48
C ASP A 123 -1.05 -23.13 11.92
N ARG A 124 -1.87 -23.56 12.88
CA ARG A 124 -2.93 -22.71 13.43
C ARG A 124 -2.37 -21.75 14.52
N LEU A 125 -1.38 -20.94 14.12
CA LEU A 125 -0.69 -20.02 15.04
C LEU A 125 -1.52 -18.75 15.35
N THR A 126 -2.83 -18.83 15.17
CA THR A 126 -3.73 -17.72 15.51
C THR A 126 -3.91 -17.61 17.03
N ASP A 127 -3.22 -16.65 17.64
CA ASP A 127 -3.31 -16.41 19.08
C ASP A 127 -4.78 -16.21 19.54
N THR A 128 -5.17 -16.89 20.62
CA THR A 128 -6.53 -16.76 21.17
C THR A 128 -6.70 -15.42 21.91
N SER A 129 -6.85 -14.34 21.13
CA SER A 129 -7.01 -12.99 21.68
C SER A 129 -8.31 -12.86 22.50
N ARG A 130 -9.45 -13.24 21.90
CA ARG A 130 -10.76 -13.28 22.59
C ARG A 130 -11.33 -11.89 22.96
N TYR A 131 -10.50 -10.83 22.91
CA TYR A 131 -10.93 -9.47 23.28
C TYR A 131 -12.30 -9.11 22.68
N THR A 132 -13.26 -8.78 23.56
CA THR A 132 -14.64 -8.36 23.19
C THR A 132 -15.49 -9.52 22.62
N GLY A 133 -14.86 -10.46 21.90
CA GLY A 133 -15.58 -11.61 21.39
C GLY A 133 -16.08 -12.54 22.50
N SER A 134 -15.38 -12.52 23.63
CA SER A 134 -15.77 -13.29 24.82
C SER A 134 -15.71 -12.40 26.08
N HIS A 135 -16.38 -11.25 26.02
CA HIS A 135 -16.36 -10.25 27.10
C HIS A 135 -15.00 -9.53 27.18
N LYS A 136 -14.79 -8.79 28.27
CA LYS A 136 -13.53 -8.09 28.49
C LYS A 136 -12.46 -9.02 29.10
N GLU A 137 -11.47 -9.38 28.28
CA GLU A 137 -10.33 -10.18 28.76
C GLU A 137 -9.43 -9.32 29.67
N ARG A 138 -9.99 -8.94 30.83
CA ARG A 138 -9.36 -7.97 31.73
C ARG A 138 -8.50 -8.66 32.81
N PHE A 139 -9.15 -9.14 33.88
CA PHE A 139 -8.49 -9.87 34.97
C PHE A 139 -7.37 -9.04 35.63
N ASP A 140 -7.70 -8.38 36.75
CA ASP A 140 -6.73 -7.49 37.44
C ASP A 140 -6.11 -8.18 38.67
N GLU A 141 -6.96 -8.47 39.66
CA GLU A 141 -6.54 -9.01 40.95
C GLU A 141 -5.62 -8.03 41.71
N SER A 142 -4.32 -8.04 41.37
CA SER A 142 -3.32 -7.23 42.09
C SER A 142 -1.91 -7.45 41.52
N GLY A 143 -1.61 -8.70 41.13
CA GLY A 143 -0.28 -9.04 40.62
C GLY A 143 0.16 -8.22 39.40
N LYS A 144 1.40 -7.75 39.43
CA LYS A 144 2.00 -6.96 38.33
C LYS A 144 1.29 -5.62 38.10
N GLY A 145 0.78 -5.01 39.18
CA GLY A 145 0.20 -3.67 39.07
C GLY A 145 1.26 -2.59 38.86
N LYS A 146 1.83 -2.54 37.65
CA LYS A 146 2.93 -1.62 37.30
C LYS A 146 4.20 -1.88 38.13
N GLY A 147 4.16 -1.49 39.39
CA GLY A 147 5.32 -1.68 40.27
C GLY A 147 6.48 -0.74 39.97
N ILE A 148 7.64 -1.03 40.53
CA ILE A 148 8.86 -0.22 40.35
C ILE A 148 8.67 1.23 40.85
N ALA A 149 9.50 1.66 41.80
CA ALA A 149 9.43 3.02 42.34
C ALA A 149 10.11 4.03 41.41
N GLY A 150 9.33 4.67 40.54
CA GLY A 150 9.89 5.63 39.59
C GLY A 150 10.89 5.00 38.63
N ARG A 151 11.98 5.72 38.33
CA ARG A 151 13.08 5.19 37.52
C ARG A 151 12.62 4.75 36.11
N GLN A 152 11.59 5.43 35.59
CA GLN A 152 11.02 5.06 34.30
C GLN A 152 11.73 5.75 33.13
N ASP A 153 11.36 5.39 31.91
CA ASP A 153 12.01 5.91 30.70
C ASP A 153 11.78 7.42 30.52
N ILE A 154 12.86 8.20 30.60
CA ILE A 154 12.82 9.63 30.26
C ILE A 154 12.80 9.80 28.73
N LEU A 155 11.88 10.62 28.23
CA LEU A 155 11.67 10.76 26.78
C LEU A 155 12.66 11.74 26.14
N ASP A 156 13.93 11.69 26.57
CA ASP A 156 14.99 12.58 26.05
C ASP A 156 14.72 14.06 26.35
N ASP A 157 13.74 14.65 25.65
CA ASP A 157 13.41 16.07 25.81
C ASP A 157 12.96 16.39 27.25
N SER A 158 13.92 16.65 28.12
CA SER A 158 13.64 17.00 29.52
C SER A 158 13.57 18.51 29.73
N GLY A 159 14.00 19.28 28.71
CA GLY A 159 13.96 20.74 28.80
C GLY A 159 15.32 21.36 29.08
N TYR A 160 15.51 21.86 30.31
CA TYR A 160 16.78 22.47 30.73
C TYR A 160 17.08 23.79 29.99
N VAL A 161 17.88 24.65 30.60
CA VAL A 161 18.29 25.92 29.98
C VAL A 161 18.95 25.69 28.61
N SER A 162 18.15 25.82 27.55
CA SER A 162 18.61 25.54 26.19
C SER A 162 18.66 26.81 25.33
N ALA A 163 18.81 27.96 25.98
CA ALA A 163 19.00 29.24 25.27
C ALA A 163 20.19 29.17 24.29
N TYR A 164 21.23 28.44 24.70
CA TYR A 164 22.41 28.22 23.86
C TYR A 164 22.35 26.86 23.15
N LYS A 165 21.19 26.20 23.22
CA LYS A 165 20.97 24.86 22.65
C LYS A 165 21.79 23.77 23.38
N ASN A 166 21.09 22.75 23.90
CA ASN A 166 21.76 21.65 24.60
C ASN A 166 22.29 20.60 23.61
N ALA A 167 23.53 20.17 23.81
CA ALA A 167 24.16 19.11 22.99
C ALA A 167 24.45 19.54 21.53
N GLY A 168 24.02 20.74 21.16
CA GLY A 168 24.28 21.28 19.82
C GLY A 168 23.82 20.37 18.69
N THR A 169 22.68 19.72 18.86
CA THR A 169 22.14 18.81 17.83
C THR A 169 21.50 19.59 16.67
N TYR A 170 22.33 19.97 15.70
CA TYR A 170 21.86 20.58 14.44
C TYR A 170 22.03 19.60 13.28
N ASP A 171 22.72 18.50 13.55
CA ASP A 171 23.02 17.47 12.54
C ASP A 171 23.77 18.05 11.32
N ALA A 172 25.03 18.40 11.54
CA ALA A 172 25.93 18.81 10.44
C ALA A 172 27.25 18.03 10.52
N LYS A 173 27.22 16.94 11.30
CA LYS A 173 28.41 16.16 11.64
C LYS A 173 28.66 15.03 10.63
N VAL A 174 28.16 15.19 9.41
CA VAL A 174 28.27 14.16 8.36
C VAL A 174 29.73 13.84 7.99
N LYS A 175 30.63 14.80 8.22
CA LYS A 175 32.06 14.61 7.90
C LYS A 175 32.70 13.53 8.79
N LYS A 176 32.54 12.27 8.38
CA LYS A 176 33.08 11.11 9.10
C LYS A 176 34.43 10.65 8.52
N LEU A 177 34.64 10.90 7.23
CA LEU A 177 35.80 10.36 6.52
C LEU A 177 37.14 10.91 7.05
N GLU A 178 37.25 12.23 7.11
CA GLU A 178 38.49 12.87 7.54
C GLU A 178 38.24 14.05 8.50
N MET A 1 -22.18 -9.37 -5.68
CA MET A 1 -22.46 -8.34 -4.64
C MET A 1 -21.22 -7.50 -4.35
N ALA A 2 -21.41 -6.37 -3.65
CA ALA A 2 -20.30 -5.44 -3.40
C ALA A 2 -19.69 -5.65 -2.01
N ALA A 3 -20.48 -5.44 -0.96
CA ALA A 3 -20.00 -5.56 0.43
C ALA A 3 -18.77 -4.66 0.66
N SER A 4 -17.91 -5.03 1.61
CA SER A 4 -16.62 -4.33 1.78
C SER A 4 -15.76 -4.50 0.52
N THR A 5 -15.93 -3.57 -0.43
CA THR A 5 -15.30 -3.68 -1.75
C THR A 5 -13.78 -3.77 -1.70
N ASP A 6 -13.25 -4.90 -2.16
CA ASP A 6 -11.82 -5.09 -2.33
C ASP A 6 -11.49 -5.61 -3.73
N ILE A 7 -10.23 -5.52 -4.14
CA ILE A 7 -9.80 -5.96 -5.48
C ILE A 7 -9.44 -7.45 -5.49
N ALA A 8 -9.36 -8.07 -4.30
CA ALA A 8 -8.92 -9.46 -4.12
C ALA A 8 -7.42 -9.60 -4.37
N GLY A 9 -6.97 -9.22 -5.57
CA GLY A 9 -5.55 -9.15 -5.85
C GLY A 9 -4.83 -8.10 -5.00
N LEU A 10 -5.60 -7.19 -4.40
CA LEU A 10 -5.05 -6.14 -3.54
C LEU A 10 -4.54 -6.73 -2.21
N GLU A 11 -5.40 -7.46 -1.50
CA GLU A 11 -5.00 -8.10 -0.23
C GLU A 11 -3.88 -9.14 -0.48
N GLU A 12 -4.01 -9.91 -1.56
CA GLU A 12 -3.02 -10.93 -1.94
C GLU A 12 -1.67 -10.28 -2.29
N SER A 13 -1.72 -9.08 -2.89
CA SER A 13 -0.49 -8.33 -3.21
C SER A 13 0.13 -7.75 -1.94
N PHE A 14 -0.70 -7.17 -1.05
CA PHE A 14 -0.22 -6.66 0.24
C PHE A 14 0.47 -7.80 1.01
N ARG A 15 -0.20 -8.94 1.10
CA ARG A 15 0.37 -10.16 1.67
C ARG A 15 1.68 -10.53 0.99
N LYS A 16 1.73 -10.42 -0.34
CA LYS A 16 2.93 -10.76 -1.13
C LYS A 16 4.17 -10.00 -0.62
N PHE A 17 4.01 -8.70 -0.39
CA PHE A 17 5.10 -7.87 0.16
C PHE A 17 5.25 -8.03 1.68
N ALA A 18 4.14 -8.25 2.38
CA ALA A 18 4.15 -8.40 3.83
C ALA A 18 4.96 -9.63 4.28
N ILE A 19 4.84 -10.72 3.51
CA ILE A 19 5.57 -11.96 3.79
C ILE A 19 7.01 -11.91 3.21
N HIS A 20 7.29 -10.87 2.42
CA HIS A 20 8.62 -10.70 1.81
C HIS A 20 9.70 -10.50 2.88
N GLY A 21 10.22 -11.61 3.39
CA GLY A 21 11.24 -11.57 4.44
C GLY A 21 11.04 -12.69 5.45
N ASP A 22 9.79 -12.96 5.81
CA ASP A 22 9.46 -14.02 6.77
C ASP A 22 8.39 -14.96 6.20
N PRO A 23 8.75 -16.22 5.90
CA PRO A 23 7.82 -17.20 5.29
C PRO A 23 6.78 -17.78 6.26
N LYS A 24 6.80 -17.37 7.53
CA LYS A 24 5.81 -17.85 8.50
C LYS A 24 4.70 -16.81 8.72
N ALA A 25 5.04 -15.54 8.54
CA ALA A 25 4.09 -14.44 8.70
C ALA A 25 2.85 -14.60 7.79
N SER A 26 1.67 -14.37 8.36
CA SER A 26 0.41 -14.45 7.60
C SER A 26 0.32 -13.36 6.52
N GLY A 27 0.87 -12.18 6.83
CA GLY A 27 0.85 -11.06 5.89
C GLY A 27 -0.28 -10.06 6.15
N GLN A 28 -0.49 -9.68 7.41
CA GLN A 28 -1.53 -8.70 7.78
C GLN A 28 -0.94 -7.31 8.05
N GLU A 29 0.37 -7.27 8.27
CA GLU A 29 1.07 -6.04 8.66
C GLU A 29 2.39 -5.88 7.87
N MET A 30 2.84 -4.64 7.71
CA MET A 30 4.02 -4.34 6.89
C MET A 30 4.88 -3.21 7.49
N ASN A 31 6.20 -3.32 7.36
CA ASN A 31 7.13 -2.27 7.82
C ASN A 31 7.42 -1.24 6.73
N GLY A 32 7.99 -0.10 7.13
CA GLY A 32 8.32 0.96 6.18
C GLY A 32 9.33 0.52 5.12
N LYS A 33 10.07 -0.54 5.42
CA LYS A 33 11.05 -1.10 4.49
C LYS A 33 10.37 -1.76 3.27
N ASN A 34 9.47 -2.70 3.55
CA ASN A 34 8.69 -3.36 2.49
C ASN A 34 7.75 -2.38 1.79
N TRP A 35 7.22 -1.42 2.56
CA TRP A 35 6.37 -0.34 2.02
C TRP A 35 7.14 0.54 1.01
N ALA A 36 8.33 0.98 1.39
CA ALA A 36 9.19 1.78 0.50
C ALA A 36 9.54 1.00 -0.77
N LYS A 37 9.94 -0.27 -0.61
CA LYS A 37 10.26 -1.14 -1.74
C LYS A 37 9.02 -1.40 -2.60
N LEU A 38 7.86 -1.49 -1.95
CA LEU A 38 6.57 -1.65 -2.65
C LEU A 38 6.33 -0.47 -3.60
N CYS A 39 6.59 0.74 -3.11
CA CYS A 39 6.45 1.95 -3.92
C CYS A 39 7.38 1.90 -5.15
N LYS A 40 8.63 1.53 -4.94
CA LYS A 40 9.58 1.39 -6.05
C LYS A 40 9.11 0.34 -7.08
N ASP A 41 8.80 -0.86 -6.60
CA ASP A 41 8.29 -1.94 -7.47
C ASP A 41 7.07 -1.47 -8.28
N CYS A 42 6.18 -0.72 -7.63
CA CYS A 42 4.98 -0.20 -8.27
C CYS A 42 5.20 1.18 -8.91
N LYS A 43 6.44 1.67 -8.82
CA LYS A 43 6.83 2.94 -9.43
C LYS A 43 5.94 4.11 -8.97
N VAL A 44 5.47 4.04 -7.73
CA VAL A 44 4.63 5.10 -7.14
C VAL A 44 5.45 6.37 -6.83
N ALA A 45 6.74 6.19 -6.53
CA ALA A 45 7.61 7.33 -6.19
C ALA A 45 8.44 7.80 -7.41
N ASP A 46 8.01 8.90 -8.02
CA ASP A 46 8.70 9.48 -9.19
C ASP A 46 10.17 9.80 -8.90
N GLY A 47 10.39 10.51 -7.80
CA GLY A 47 11.70 11.14 -7.56
C GLY A 47 11.69 12.61 -8.00
N LYS A 48 10.70 12.95 -8.82
CA LYS A 48 10.49 14.33 -9.31
C LYS A 48 9.45 15.05 -8.43
N SER A 49 8.21 14.55 -8.47
CA SER A 49 7.12 15.10 -7.66
C SER A 49 6.96 14.30 -6.35
N VAL A 50 6.55 13.04 -6.46
CA VAL A 50 6.56 12.13 -5.32
C VAL A 50 7.97 11.54 -5.16
N THR A 51 8.75 12.12 -4.25
CA THR A 51 10.19 11.80 -4.17
C THR A 51 10.48 10.61 -3.23
N GLY A 52 10.59 10.88 -1.94
CA GLY A 52 10.85 9.86 -0.95
C GLY A 52 10.30 10.25 0.41
N THR A 53 10.43 11.55 0.74
CA THR A 53 9.79 12.09 1.95
C THR A 53 8.33 11.69 2.00
N ASP A 54 7.63 11.97 0.91
CA ASP A 54 6.20 11.72 0.84
C ASP A 54 5.85 10.30 1.29
N VAL A 55 6.59 9.32 0.76
CA VAL A 55 6.37 7.91 1.07
C VAL A 55 6.57 7.61 2.58
N ASP A 56 7.59 8.23 3.19
CA ASP A 56 7.92 7.97 4.60
C ASP A 56 6.91 8.65 5.52
N ILE A 57 6.57 9.90 5.19
CA ILE A 57 5.62 10.69 5.96
C ILE A 57 4.23 10.05 5.96
N VAL A 58 3.78 9.62 4.78
CA VAL A 58 2.49 8.92 4.65
C VAL A 58 2.48 7.63 5.51
N PHE A 59 3.59 6.88 5.48
CA PHE A 59 3.70 5.66 6.27
C PHE A 59 3.42 5.91 7.76
N SER A 60 3.92 7.02 8.29
CA SER A 60 3.66 7.39 9.69
C SER A 60 2.29 8.05 9.83
N LYS A 61 1.89 8.80 8.81
CA LYS A 61 0.65 9.58 8.84
C LYS A 61 -0.61 8.71 8.90
N VAL A 62 -0.54 7.51 8.31
CA VAL A 62 -1.68 6.59 8.30
C VAL A 62 -1.71 5.66 9.54
N LYS A 63 -0.69 5.75 10.39
CA LYS A 63 -0.60 4.89 11.59
C LYS A 63 -1.63 5.26 12.68
N GLY A 64 -1.85 4.35 13.62
CA GLY A 64 -2.75 4.60 14.74
C GLY A 64 -2.00 4.85 16.05
N LYS A 65 -1.89 3.83 16.89
CA LYS A 65 -1.20 3.95 18.19
C LYS A 65 0.33 3.85 18.00
N SER A 66 0.95 4.93 17.50
CA SER A 66 2.39 4.93 17.19
C SER A 66 2.72 3.85 16.14
N ALA A 67 2.83 2.60 16.60
CA ALA A 67 3.00 1.43 15.71
C ALA A 67 4.32 1.44 14.91
N ARG A 68 5.05 0.32 14.97
CA ARG A 68 6.25 0.12 14.14
C ARG A 68 5.87 -0.34 12.72
N VAL A 69 4.69 -0.91 12.58
CA VAL A 69 4.20 -1.43 11.29
C VAL A 69 2.72 -1.04 11.06
N ILE A 70 2.34 -0.91 9.79
CA ILE A 70 0.94 -0.61 9.45
C ILE A 70 0.19 -1.88 9.04
N ASN A 71 -1.14 -1.83 9.06
CA ASN A 71 -1.95 -2.99 8.66
C ASN A 71 -2.69 -2.72 7.34
N TYR A 72 -3.24 -3.78 6.76
CA TYR A 72 -3.95 -3.74 5.47
C TYR A 72 -4.97 -2.57 5.36
N GLU A 73 -5.66 -2.25 6.45
CA GLU A 73 -6.67 -1.17 6.42
C GLU A 73 -6.02 0.23 6.35
N GLU A 74 -4.90 0.39 7.04
CA GLU A 74 -4.12 1.64 6.95
C GLU A 74 -3.42 1.72 5.58
N PHE A 75 -3.10 0.55 5.04
CA PHE A 75 -2.48 0.44 3.71
C PHE A 75 -3.37 1.06 2.62
N LYS A 76 -4.68 0.79 2.67
CA LYS A 76 -5.65 1.41 1.76
C LYS A 76 -5.44 2.94 1.68
N LYS A 77 -5.59 3.61 2.82
CA LYS A 77 -5.51 5.07 2.89
C LYS A 77 -4.10 5.59 2.54
N ALA A 78 -3.08 4.79 2.82
CA ALA A 78 -1.71 5.12 2.40
C ALA A 78 -1.60 5.23 0.87
N LEU A 79 -2.11 4.21 0.17
CA LEU A 79 -2.15 4.23 -1.30
C LEU A 79 -3.07 5.34 -1.82
N GLU A 80 -4.22 5.52 -1.17
CA GLU A 80 -5.18 6.53 -1.60
C GLU A 80 -4.58 7.95 -1.54
N GLU A 81 -3.79 8.24 -0.50
CA GLU A 81 -3.12 9.53 -0.38
C GLU A 81 -2.13 9.73 -1.53
N LEU A 82 -1.16 8.83 -1.66
CA LEU A 82 -0.17 8.90 -2.75
C LEU A 82 -0.87 8.89 -4.13
N ALA A 83 -2.03 8.25 -4.19
CA ALA A 83 -2.85 8.27 -5.41
C ALA A 83 -3.30 9.68 -5.78
N THR A 84 -3.64 10.50 -4.78
CA THR A 84 -4.05 11.89 -5.03
C THR A 84 -2.86 12.73 -5.51
N LYS A 85 -1.67 12.42 -4.99
CA LYS A 85 -0.43 13.08 -5.43
C LYS A 85 -0.05 12.67 -6.86
N ARG A 86 -0.30 11.42 -7.21
CA ARG A 86 0.07 10.89 -8.54
C ARG A 86 -1.02 11.18 -9.58
N PHE A 87 -2.22 10.63 -9.34
CA PHE A 87 -3.34 10.75 -10.28
C PHE A 87 -4.28 11.90 -9.86
N LYS A 88 -4.05 13.07 -10.42
CA LYS A 88 -4.86 14.26 -10.12
C LYS A 88 -6.03 14.39 -11.12
N GLY A 89 -6.47 13.26 -11.66
CA GLY A 89 -7.50 13.24 -12.70
C GLY A 89 -8.83 13.87 -12.27
N LYS A 90 -9.62 13.11 -11.52
CA LYS A 90 -10.95 13.60 -11.08
C LYS A 90 -11.51 12.78 -9.90
N SER A 91 -11.72 11.48 -10.10
CA SER A 91 -12.38 10.63 -9.11
C SER A 91 -11.37 9.97 -8.16
N LYS A 92 -11.66 10.03 -6.86
CA LYS A 92 -10.81 9.40 -5.84
C LYS A 92 -10.83 7.86 -6.01
N GLU A 93 -11.98 7.33 -6.42
CA GLU A 93 -12.09 5.91 -6.79
C GLU A 93 -11.09 5.57 -7.91
N GLU A 94 -11.16 6.35 -8.98
CA GLU A 94 -10.25 6.21 -10.14
C GLU A 94 -8.78 6.29 -9.73
N ALA A 95 -8.43 7.27 -8.91
CA ALA A 95 -7.05 7.43 -8.41
C ALA A 95 -6.58 6.17 -7.65
N PHE A 96 -7.42 5.69 -6.73
CA PHE A 96 -7.12 4.48 -5.96
C PHE A 96 -7.07 3.24 -6.87
N ASP A 97 -7.96 3.21 -7.87
CA ASP A 97 -8.01 2.13 -8.86
C ASP A 97 -6.66 1.99 -9.57
N ALA A 98 -6.27 3.05 -10.27
CA ALA A 98 -5.04 3.09 -11.06
C ALA A 98 -3.80 2.70 -10.23
N ILE A 99 -3.66 3.26 -9.02
CA ILE A 99 -2.50 2.95 -8.17
C ILE A 99 -2.53 1.49 -7.71
N CYS A 100 -3.72 0.96 -7.39
CA CYS A 100 -3.86 -0.45 -7.02
C CYS A 100 -3.50 -1.37 -8.19
N GLN A 101 -3.84 -0.95 -9.40
CA GLN A 101 -3.48 -1.70 -10.61
C GLN A 101 -1.95 -1.76 -10.78
N LEU A 102 -1.27 -0.71 -10.33
CA LEU A 102 0.21 -0.66 -10.38
C LEU A 102 0.85 -1.51 -9.26
N VAL A 103 0.03 -1.97 -8.31
CA VAL A 103 0.54 -2.74 -7.17
C VAL A 103 0.18 -4.23 -7.24
N ALA A 104 -1.07 -4.52 -7.59
CA ALA A 104 -1.64 -5.88 -7.50
C ALA A 104 -0.77 -6.97 -8.15
N GLY A 105 0.16 -7.53 -7.36
CA GLY A 105 0.93 -8.71 -7.76
C GLY A 105 1.54 -8.64 -9.15
N LYS A 106 2.48 -7.72 -9.37
CA LYS A 106 3.14 -7.59 -10.69
C LYS A 106 4.24 -8.65 -10.87
N GLU A 107 5.42 -8.38 -10.32
CA GLU A 107 6.57 -9.30 -10.43
C GLU A 107 7.53 -9.21 -9.21
N PRO A 108 7.03 -8.95 -7.99
CA PRO A 108 7.88 -8.71 -6.82
C PRO A 108 8.48 -10.01 -6.23
N ALA A 109 9.68 -9.88 -5.65
CA ALA A 109 10.39 -11.00 -5.01
C ALA A 109 10.97 -12.01 -6.03
N ASN A 110 10.11 -12.53 -6.92
CA ASN A 110 10.51 -13.55 -7.91
C ASN A 110 10.85 -14.89 -7.22
N VAL A 111 10.94 -15.97 -8.00
CA VAL A 111 11.08 -17.33 -7.46
C VAL A 111 9.87 -17.67 -6.57
N GLY A 112 8.83 -18.22 -7.20
CA GLY A 112 7.57 -18.44 -6.51
C GLY A 112 7.62 -19.54 -5.46
N VAL A 113 8.17 -19.22 -4.29
CA VAL A 113 8.14 -20.13 -3.14
C VAL A 113 6.70 -20.25 -2.59
N THR A 114 6.23 -21.49 -2.40
CA THR A 114 4.84 -21.74 -1.96
C THR A 114 4.55 -21.15 -0.58
N LYS A 115 3.26 -21.00 -0.26
CA LYS A 115 2.85 -20.40 1.02
C LYS A 115 1.53 -21.01 1.54
N ALA A 116 1.35 -20.99 2.86
CA ALA A 116 0.12 -21.50 3.48
C ALA A 116 -1.13 -20.66 3.10
N LYS A 117 -2.29 -21.31 3.13
CA LYS A 117 -3.56 -20.66 2.79
C LYS A 117 -3.89 -19.49 3.72
N THR A 118 -4.48 -18.43 3.17
CA THR A 118 -4.92 -17.28 3.96
C THR A 118 -6.22 -17.61 4.73
N GLY A 119 -6.26 -17.25 6.01
CA GLY A 119 -7.45 -17.52 6.82
C GLY A 119 -7.10 -17.81 8.28
N GLY A 120 -8.10 -18.26 9.04
CA GLY A 120 -7.90 -18.56 10.45
C GLY A 120 -8.73 -17.66 11.37
N ALA A 121 -8.62 -16.34 11.17
CA ALA A 121 -9.33 -15.34 11.98
C ALA A 121 -8.86 -15.33 13.45
N VAL A 122 -9.43 -14.42 14.25
CA VAL A 122 -9.09 -14.33 15.68
C VAL A 122 -9.99 -15.27 16.51
N ASP A 123 -9.38 -15.99 17.47
CA ASP A 123 -10.13 -16.95 18.29
C ASP A 123 -10.46 -16.42 19.68
N ARG A 124 -9.54 -15.68 20.30
CA ARG A 124 -9.74 -15.25 21.68
C ARG A 124 -10.80 -14.15 21.82
N LEU A 125 -12.05 -14.57 21.87
CA LEU A 125 -13.17 -13.71 22.25
C LEU A 125 -14.03 -14.44 23.30
N THR A 126 -13.41 -15.45 23.93
CA THR A 126 -14.10 -16.30 24.91
C THR A 126 -13.93 -15.79 26.34
N ASP A 127 -13.46 -14.54 26.47
CA ASP A 127 -13.37 -13.89 27.79
C ASP A 127 -14.77 -13.46 28.29
N THR A 128 -15.73 -14.38 28.22
CA THR A 128 -17.14 -14.10 28.58
C THR A 128 -17.42 -14.37 30.06
N SER A 129 -16.48 -14.99 30.75
CA SER A 129 -16.61 -15.27 32.19
C SER A 129 -16.60 -13.97 33.00
N ARG A 130 -17.76 -13.35 33.14
CA ARG A 130 -17.90 -12.06 33.82
C ARG A 130 -17.42 -12.11 35.28
N TYR A 131 -17.51 -13.28 35.89
CA TYR A 131 -17.11 -13.46 37.30
C TYR A 131 -15.79 -14.23 37.42
N THR A 132 -15.18 -14.55 36.26
CA THR A 132 -14.01 -15.43 36.18
C THR A 132 -14.35 -16.85 36.67
N GLY A 133 -14.59 -16.99 37.97
CA GLY A 133 -15.00 -18.29 38.53
C GLY A 133 -16.38 -18.24 39.18
N SER A 134 -17.10 -19.35 39.14
CA SER A 134 -18.45 -19.43 39.73
C SER A 134 -18.49 -20.48 40.85
N HIS A 135 -18.20 -21.73 40.50
CA HIS A 135 -18.08 -22.80 41.49
C HIS A 135 -16.71 -22.72 42.19
N LYS A 136 -15.70 -22.27 41.45
CA LYS A 136 -14.38 -21.99 42.02
C LYS A 136 -14.19 -20.46 42.15
N GLU A 137 -13.68 -20.03 43.30
CA GLU A 137 -13.45 -18.60 43.54
C GLU A 137 -12.27 -18.08 42.69
N ARG A 138 -11.17 -18.80 42.79
CA ARG A 138 -9.94 -18.47 42.10
C ARG A 138 -9.65 -19.50 40.99
N PHE A 139 -8.52 -19.33 40.29
CA PHE A 139 -8.02 -20.39 39.43
C PHE A 139 -7.65 -21.61 40.27
N ASP A 140 -7.98 -22.81 39.79
CA ASP A 140 -7.82 -24.04 40.57
C ASP A 140 -6.36 -24.28 41.00
N GLU A 141 -6.02 -23.77 42.19
CA GLU A 141 -4.69 -23.92 42.80
C GLU A 141 -3.56 -23.31 41.93
N SER A 142 -2.34 -23.42 42.41
CA SER A 142 -1.17 -22.87 41.70
C SER A 142 -0.08 -23.93 41.49
N GLY A 143 -0.18 -25.05 42.21
CA GLY A 143 0.82 -26.12 42.08
C GLY A 143 2.02 -25.92 43.00
N LYS A 144 2.30 -26.92 43.85
CA LYS A 144 3.46 -26.85 44.75
C LYS A 144 4.74 -27.29 44.02
N GLY A 145 5.34 -26.36 43.29
CA GLY A 145 6.57 -26.63 42.55
C GLY A 145 6.94 -25.51 41.59
N LYS A 146 8.19 -25.05 41.65
CA LYS A 146 8.66 -23.96 40.78
C LYS A 146 10.19 -23.96 40.62
N GLY A 147 10.92 -24.48 41.61
CA GLY A 147 12.38 -24.49 41.58
C GLY A 147 12.95 -25.02 40.26
N ILE A 148 13.38 -24.11 39.39
CA ILE A 148 14.00 -24.46 38.09
C ILE A 148 12.98 -25.04 37.08
N ALA A 149 11.82 -25.48 37.56
CA ALA A 149 10.78 -26.08 36.70
C ALA A 149 10.23 -25.09 35.66
N GLY A 150 10.02 -25.58 34.43
CA GLY A 150 9.52 -24.73 33.36
C GLY A 150 8.77 -25.50 32.26
N ARG A 151 7.65 -26.13 32.63
CA ARG A 151 6.79 -26.87 31.68
C ARG A 151 7.54 -28.10 31.10
N GLN A 152 8.35 -27.86 30.07
CA GLN A 152 9.27 -28.88 29.54
C GLN A 152 10.67 -28.62 30.08
N ASP A 153 11.04 -29.37 31.13
CA ASP A 153 12.30 -29.14 31.83
C ASP A 153 13.51 -29.52 30.94
N ILE A 154 13.87 -28.63 30.01
CA ILE A 154 14.99 -28.86 29.11
C ILE A 154 16.21 -27.98 29.46
N LEU A 155 17.27 -28.11 28.68
CA LEU A 155 18.53 -27.38 28.94
C LEU A 155 18.55 -26.01 28.23
N ASP A 156 17.82 -25.90 27.12
CA ASP A 156 17.79 -24.65 26.34
C ASP A 156 16.99 -23.54 27.04
N ASP A 157 17.67 -22.81 27.93
CA ASP A 157 17.11 -21.60 28.57
C ASP A 157 15.76 -21.87 29.28
N SER A 158 14.66 -21.49 28.63
CA SER A 158 13.32 -21.57 29.21
C SER A 158 12.26 -21.37 28.12
N GLY A 159 12.56 -20.49 27.17
CA GLY A 159 11.66 -20.29 26.03
C GLY A 159 11.48 -18.82 25.67
N TYR A 160 10.25 -18.31 25.90
CA TYR A 160 9.84 -16.95 25.48
C TYR A 160 9.75 -16.83 23.95
N VAL A 161 10.88 -17.02 23.28
CA VAL A 161 10.92 -17.06 21.81
C VAL A 161 10.06 -18.21 21.27
N SER A 162 9.85 -19.23 22.11
CA SER A 162 8.93 -20.33 21.81
C SER A 162 7.74 -20.32 22.79
N ALA A 163 6.75 -21.18 22.56
CA ALA A 163 5.52 -21.24 23.38
C ALA A 163 4.58 -20.04 23.08
N TYR A 164 5.12 -18.83 23.10
CA TYR A 164 4.36 -17.62 22.73
C TYR A 164 4.18 -17.52 21.20
N LYS A 165 3.75 -18.61 20.57
CA LYS A 165 3.57 -18.66 19.12
C LYS A 165 2.09 -18.60 18.74
N ASN A 166 1.80 -18.64 17.44
CA ASN A 166 0.42 -18.71 16.95
C ASN A 166 -0.14 -20.13 17.12
N ALA A 167 -1.33 -20.23 17.74
CA ALA A 167 -1.98 -21.52 18.00
C ALA A 167 -1.14 -22.43 18.92
N GLY A 168 -0.17 -21.83 19.63
CA GLY A 168 0.70 -22.60 20.51
C GLY A 168 0.08 -22.85 21.87
N THR A 169 -1.04 -23.58 21.89
CA THR A 169 -1.78 -23.86 23.14
C THR A 169 -1.36 -25.20 23.77
N TYR A 170 -0.13 -25.63 23.49
CA TYR A 170 0.42 -26.84 24.14
C TYR A 170 0.47 -26.66 25.66
N ASP A 171 0.63 -25.43 26.11
CA ASP A 171 0.53 -25.08 27.52
C ASP A 171 -0.25 -23.75 27.67
N ALA A 172 -1.12 -23.68 28.67
CA ALA A 172 -1.99 -22.50 28.86
C ALA A 172 -1.18 -21.22 29.13
N LYS A 173 -1.81 -20.07 28.90
CA LYS A 173 -1.18 -18.78 29.19
C LYS A 173 -0.75 -18.70 30.66
N VAL A 174 0.57 -18.68 30.89
CA VAL A 174 1.15 -18.75 32.24
C VAL A 174 0.38 -17.88 33.26
N LYS A 175 -0.13 -18.53 34.29
CA LYS A 175 -0.91 -17.90 35.35
C LYS A 175 -0.19 -16.68 35.98
N LYS A 176 -0.99 -15.69 36.37
CA LYS A 176 -0.51 -14.48 37.04
C LYS A 176 0.19 -13.48 36.08
N LEU A 177 0.50 -13.90 34.86
CA LEU A 177 1.09 -12.98 33.86
C LEU A 177 0.05 -12.00 33.33
N GLU A 178 -1.08 -12.52 32.86
CA GLU A 178 -2.17 -11.70 32.31
C GLU A 178 -2.66 -10.67 33.35
N MET A 1 -18.73 -2.79 -12.57
CA MET A 1 -19.59 -3.78 -11.84
C MET A 1 -19.52 -3.59 -10.31
N ALA A 2 -18.46 -2.98 -9.82
CA ALA A 2 -18.27 -2.78 -8.37
C ALA A 2 -17.32 -1.60 -8.08
N ALA A 3 -17.17 -1.25 -6.80
CA ALA A 3 -16.28 -0.17 -6.40
C ALA A 3 -15.67 -0.42 -5.00
N SER A 4 -16.43 -0.11 -3.95
CA SER A 4 -15.96 -0.37 -2.57
C SER A 4 -16.00 -1.88 -2.24
N THR A 5 -14.92 -2.58 -2.62
CA THR A 5 -14.80 -4.03 -2.36
C THR A 5 -13.38 -4.55 -2.67
N ASP A 6 -12.53 -3.67 -3.21
CA ASP A 6 -11.15 -3.99 -3.59
C ASP A 6 -11.10 -4.89 -4.84
N ILE A 7 -9.92 -4.96 -5.48
CA ILE A 7 -9.73 -5.79 -6.68
C ILE A 7 -9.37 -7.24 -6.32
N ALA A 8 -9.19 -7.50 -5.03
CA ALA A 8 -8.76 -8.82 -4.53
C ALA A 8 -7.26 -9.05 -4.79
N GLY A 9 -6.83 -8.80 -6.02
CA GLY A 9 -5.42 -8.89 -6.37
C GLY A 9 -4.53 -7.98 -5.51
N LEU A 10 -5.12 -6.93 -4.93
CA LEU A 10 -4.39 -6.04 -4.03
C LEU A 10 -4.17 -6.71 -2.67
N GLU A 11 -5.21 -7.38 -2.16
CA GLU A 11 -5.11 -8.14 -0.91
C GLU A 11 -4.02 -9.24 -1.04
N GLU A 12 -4.01 -9.90 -2.20
CA GLU A 12 -2.99 -10.89 -2.53
C GLU A 12 -1.58 -10.25 -2.58
N SER A 13 -1.45 -9.20 -3.40
CA SER A 13 -0.17 -8.48 -3.54
C SER A 13 0.32 -7.93 -2.20
N PHE A 14 -0.63 -7.50 -1.35
CA PHE A 14 -0.31 -6.99 -0.02
C PHE A 14 0.42 -8.05 0.81
N ARG A 15 -0.10 -9.29 0.80
CA ARG A 15 0.53 -10.40 1.50
C ARG A 15 1.94 -10.67 0.96
N LYS A 16 2.09 -10.69 -0.37
CA LYS A 16 3.38 -10.93 -1.01
C LYS A 16 4.46 -9.95 -0.52
N PHE A 17 4.07 -8.69 -0.29
CA PHE A 17 4.96 -7.69 0.30
C PHE A 17 5.00 -7.80 1.83
N ALA A 18 3.86 -8.10 2.44
CA ALA A 18 3.74 -8.14 3.91
C ALA A 18 4.65 -9.20 4.54
N ILE A 19 4.57 -10.42 4.03
CA ILE A 19 5.35 -11.54 4.56
C ILE A 19 6.78 -11.56 3.99
N HIS A 20 7.11 -10.55 3.19
CA HIS A 20 8.45 -10.39 2.61
C HIS A 20 9.51 -10.16 3.71
N GLY A 21 10.32 -11.17 3.97
CA GLY A 21 11.32 -11.09 5.03
C GLY A 21 11.07 -12.07 6.18
N ASP A 22 9.86 -12.65 6.21
CA ASP A 22 9.54 -13.67 7.21
C ASP A 22 8.40 -14.59 6.70
N PRO A 23 8.68 -15.90 6.54
CA PRO A 23 7.71 -16.85 5.94
C PRO A 23 6.44 -17.05 6.78
N LYS A 24 6.47 -16.63 8.04
CA LYS A 24 5.32 -16.76 8.93
C LYS A 24 4.56 -15.43 9.03
N ALA A 25 5.29 -14.37 9.37
CA ALA A 25 4.74 -13.03 9.60
C ALA A 25 3.32 -13.06 10.23
N SER A 26 2.31 -12.58 9.49
CA SER A 26 0.91 -12.63 9.94
C SER A 26 -0.05 -12.53 8.74
N GLY A 27 0.09 -11.47 7.94
CA GLY A 27 -0.67 -11.37 6.68
C GLY A 27 -1.57 -10.13 6.58
N GLN A 28 -1.47 -9.21 7.54
CA GLN A 28 -2.27 -7.97 7.51
C GLN A 28 -1.41 -6.75 7.89
N GLU A 29 -0.10 -6.96 8.02
CA GLU A 29 0.83 -5.91 8.47
C GLU A 29 1.94 -5.66 7.44
N MET A 30 2.42 -4.42 7.37
CA MET A 30 3.51 -4.05 6.45
C MET A 30 4.52 -3.12 7.13
N ASN A 31 5.81 -3.44 7.01
CA ASN A 31 6.87 -2.60 7.60
C ASN A 31 7.38 -1.55 6.58
N GLY A 32 8.08 -0.53 7.08
CA GLY A 32 8.64 0.50 6.22
C GLY A 32 9.55 -0.06 5.13
N LYS A 33 10.19 -1.19 5.43
CA LYS A 33 11.05 -1.89 4.46
C LYS A 33 10.28 -2.26 3.18
N ASN A 34 9.24 -3.08 3.32
CA ASN A 34 8.44 -3.53 2.18
C ASN A 34 7.63 -2.38 1.58
N TRP A 35 7.17 -1.46 2.43
CA TRP A 35 6.42 -0.28 2.00
C TRP A 35 7.23 0.60 1.04
N ALA A 36 8.47 0.91 1.42
CA ALA A 36 9.37 1.69 0.55
C ALA A 36 9.61 0.96 -0.79
N LYS A 37 9.85 -0.34 -0.72
CA LYS A 37 10.04 -1.15 -1.92
C LYS A 37 8.75 -1.23 -2.75
N LEU A 38 7.62 -1.33 -2.07
CA LEU A 38 6.30 -1.45 -2.72
C LEU A 38 6.07 -0.26 -3.67
N CYS A 39 6.18 0.94 -3.14
CA CYS A 39 5.98 2.16 -3.94
C CYS A 39 7.07 2.33 -5.00
N LYS A 40 8.33 2.04 -4.64
CA LYS A 40 9.45 2.24 -5.57
C LYS A 40 9.51 1.12 -6.64
N ASP A 41 8.88 -0.02 -6.34
CA ASP A 41 8.80 -1.14 -7.29
C ASP A 41 7.71 -0.90 -8.33
N CYS A 42 6.58 -0.38 -7.88
CA CYS A 42 5.43 -0.12 -8.76
C CYS A 42 5.48 1.30 -9.35
N LYS A 43 6.45 2.09 -8.88
CA LYS A 43 6.63 3.48 -9.31
C LYS A 43 5.39 4.34 -8.96
N VAL A 44 5.03 4.32 -7.68
CA VAL A 44 3.96 5.18 -7.16
C VAL A 44 4.55 6.50 -6.64
N ALA A 45 5.73 6.42 -6.03
CA ALA A 45 6.43 7.62 -5.52
C ALA A 45 7.64 7.96 -6.40
N ASP A 46 7.36 8.60 -7.54
CA ASP A 46 8.39 8.90 -8.53
C ASP A 46 8.04 10.13 -9.38
N GLY A 47 6.93 10.81 -9.06
CA GLY A 47 6.51 11.97 -9.83
C GLY A 47 7.26 13.25 -9.48
N LYS A 48 8.59 13.15 -9.39
CA LYS A 48 9.47 14.30 -9.11
C LYS A 48 9.04 15.12 -7.88
N SER A 49 8.27 14.52 -6.97
CA SER A 49 7.75 15.26 -5.81
C SER A 49 7.63 14.35 -4.60
N VAL A 50 6.78 13.35 -4.73
CA VAL A 50 6.62 12.30 -3.73
C VAL A 50 7.98 11.71 -3.28
N THR A 51 8.50 10.75 -4.05
CA THR A 51 9.82 10.12 -3.80
C THR A 51 9.90 9.46 -2.42
N GLY A 52 11.09 8.96 -2.07
CA GLY A 52 11.29 8.32 -0.76
C GLY A 52 10.94 9.21 0.41
N THR A 53 11.09 10.53 0.24
CA THR A 53 10.74 11.50 1.28
C THR A 53 9.28 11.38 1.68
N ASP A 54 8.36 11.55 0.72
CA ASP A 54 6.94 11.46 0.99
C ASP A 54 6.55 10.04 1.45
N VAL A 55 7.17 9.03 0.85
CA VAL A 55 6.97 7.63 1.27
C VAL A 55 7.11 7.45 2.79
N ASP A 56 8.10 8.13 3.39
CA ASP A 56 8.33 8.04 4.83
C ASP A 56 7.25 8.83 5.59
N ILE A 57 6.87 9.98 5.05
CA ILE A 57 5.82 10.82 5.64
C ILE A 57 4.48 10.08 5.71
N VAL A 58 4.12 9.42 4.61
CA VAL A 58 2.87 8.65 4.53
C VAL A 58 2.86 7.47 5.52
N PHE A 59 3.93 6.68 5.51
CA PHE A 59 4.03 5.52 6.40
C PHE A 59 3.90 5.95 7.87
N SER A 60 4.66 6.97 8.25
CA SER A 60 4.65 7.49 9.62
C SER A 60 3.30 8.16 9.94
N LYS A 61 2.66 8.72 8.92
CA LYS A 61 1.34 9.36 9.06
C LYS A 61 0.26 8.34 9.45
N VAL A 62 0.24 7.20 8.76
CA VAL A 62 -0.76 6.15 9.02
C VAL A 62 -0.31 5.16 10.11
N LYS A 63 0.99 5.18 10.45
CA LYS A 63 1.52 4.29 11.50
C LYS A 63 1.12 4.75 12.90
N GLY A 64 0.76 3.80 13.76
CA GLY A 64 0.43 4.12 15.15
C GLY A 64 1.64 4.62 15.95
N LYS A 65 1.39 5.17 17.13
CA LYS A 65 2.45 5.73 17.97
C LYS A 65 3.42 4.64 18.46
N SER A 66 2.89 3.54 18.97
CA SER A 66 3.70 2.42 19.46
C SER A 66 3.80 1.29 18.43
N ALA A 67 3.22 1.51 17.25
CA ALA A 67 3.22 0.50 16.19
C ALA A 67 4.55 0.48 15.42
N ARG A 68 5.07 -0.72 15.16
CA ARG A 68 6.28 -0.89 14.36
C ARG A 68 5.94 -0.98 12.87
N VAL A 69 4.68 -1.31 12.57
CA VAL A 69 4.22 -1.51 11.19
C VAL A 69 2.84 -0.87 10.95
N ILE A 70 2.38 -0.89 9.70
CA ILE A 70 1.03 -0.45 9.37
C ILE A 70 0.14 -1.63 8.93
N ASN A 71 -1.14 -1.60 9.30
CA ASN A 71 -2.06 -2.69 8.94
C ASN A 71 -2.82 -2.38 7.63
N TYR A 72 -3.28 -3.45 6.97
CA TYR A 72 -3.91 -3.35 5.64
C TYR A 72 -4.99 -2.25 5.53
N GLU A 73 -5.80 -2.10 6.57
CA GLU A 73 -6.84 -1.06 6.60
C GLU A 73 -6.23 0.35 6.49
N GLU A 74 -5.13 0.59 7.20
CA GLU A 74 -4.42 1.87 7.12
C GLU A 74 -3.65 1.97 5.79
N PHE A 75 -3.28 0.81 5.24
CA PHE A 75 -2.64 0.74 3.93
C PHE A 75 -3.55 1.34 2.83
N LYS A 76 -4.87 1.13 2.97
CA LYS A 76 -5.84 1.73 2.04
C LYS A 76 -5.78 3.26 2.11
N LYS A 77 -5.70 3.83 3.32
CA LYS A 77 -5.53 5.28 3.47
C LYS A 77 -4.21 5.76 2.88
N ALA A 78 -3.16 4.95 3.06
CA ALA A 78 -1.85 5.24 2.47
C ALA A 78 -1.92 5.27 0.93
N LEU A 79 -2.67 4.33 0.35
CA LEU A 79 -2.91 4.31 -1.11
C LEU A 79 -3.67 5.55 -1.56
N GLU A 80 -4.73 5.91 -0.81
CA GLU A 80 -5.50 7.13 -1.09
C GLU A 80 -4.58 8.36 -1.10
N GLU A 81 -3.72 8.45 -0.09
CA GLU A 81 -2.73 9.52 0.02
C GLU A 81 -1.83 9.59 -1.24
N LEU A 82 -1.15 8.50 -1.55
CA LEU A 82 -0.24 8.45 -2.70
C LEU A 82 -0.97 8.67 -4.03
N ALA A 83 -2.13 8.00 -4.20
CA ALA A 83 -2.92 8.11 -5.43
C ALA A 83 -3.35 9.56 -5.70
N THR A 84 -3.82 10.25 -4.67
CA THR A 84 -4.26 11.65 -4.79
C THR A 84 -3.11 12.59 -5.19
N LYS A 85 -1.91 12.32 -4.67
CA LYS A 85 -0.73 13.14 -4.99
C LYS A 85 0.04 12.65 -6.23
N ARG A 86 -0.17 11.38 -6.61
CA ARG A 86 0.50 10.82 -7.79
C ARG A 86 -0.26 11.18 -9.07
N PHE A 87 -1.55 10.87 -9.06
CA PHE A 87 -2.45 11.23 -10.15
C PHE A 87 -3.17 12.55 -9.83
N LYS A 88 -2.94 13.58 -10.65
CA LYS A 88 -3.53 14.89 -10.42
C LYS A 88 -4.98 14.97 -10.91
N GLY A 89 -5.17 14.80 -12.22
CA GLY A 89 -6.53 14.79 -12.79
C GLY A 89 -7.20 13.42 -12.65
N LYS A 90 -7.98 13.24 -11.58
CA LYS A 90 -8.59 11.92 -11.29
C LYS A 90 -9.85 12.02 -10.39
N SER A 91 -10.52 10.87 -10.24
CA SER A 91 -11.61 10.73 -9.25
C SER A 91 -11.17 9.78 -8.11
N LYS A 92 -12.04 9.55 -7.13
CA LYS A 92 -11.70 8.69 -5.99
C LYS A 92 -11.36 7.25 -6.45
N GLU A 93 -12.39 6.47 -6.78
CA GLU A 93 -12.19 5.06 -7.17
C GLU A 93 -11.31 4.92 -8.41
N GLU A 94 -11.43 5.85 -9.36
CA GLU A 94 -10.58 5.83 -10.56
C GLU A 94 -9.09 5.85 -10.21
N ALA A 95 -8.70 6.76 -9.31
CA ALA A 95 -7.31 6.85 -8.86
C ALA A 95 -6.90 5.65 -8.00
N PHE A 96 -7.82 5.23 -7.12
CA PHE A 96 -7.56 4.11 -6.22
C PHE A 96 -7.33 2.80 -7.01
N ASP A 97 -8.21 2.52 -7.99
CA ASP A 97 -8.01 1.39 -8.92
C ASP A 97 -6.66 1.51 -9.64
N ALA A 98 -6.39 2.68 -10.20
CA ALA A 98 -5.14 2.92 -10.94
C ALA A 98 -3.90 2.57 -10.10
N ILE A 99 -3.79 3.15 -8.90
CA ILE A 99 -2.63 2.88 -8.02
C ILE A 99 -2.55 1.40 -7.62
N CYS A 100 -3.71 0.76 -7.47
CA CYS A 100 -3.77 -0.69 -7.16
C CYS A 100 -3.28 -1.52 -8.36
N GLN A 101 -3.63 -1.08 -9.57
CA GLN A 101 -3.22 -1.76 -10.80
C GLN A 101 -1.71 -1.65 -11.04
N LEU A 102 -1.10 -0.55 -10.58
CA LEU A 102 0.35 -0.37 -10.68
C LEU A 102 1.08 -1.47 -9.89
N VAL A 103 0.49 -1.89 -8.77
CA VAL A 103 1.07 -2.95 -7.95
C VAL A 103 0.59 -4.33 -8.43
N ALA A 104 -0.65 -4.69 -8.07
CA ALA A 104 -1.30 -5.96 -8.48
C ALA A 104 -0.36 -7.19 -8.44
N GLY A 105 0.66 -7.15 -7.58
CA GLY A 105 1.60 -8.27 -7.45
C GLY A 105 2.36 -8.58 -8.75
N LYS A 106 2.87 -7.54 -9.42
CA LYS A 106 3.56 -7.73 -10.70
C LYS A 106 4.93 -8.41 -10.54
N GLU A 107 5.67 -8.04 -9.50
CA GLU A 107 7.03 -8.60 -9.28
C GLU A 107 7.57 -8.25 -7.87
N PRO A 108 6.78 -8.51 -6.81
CA PRO A 108 7.12 -8.11 -5.43
C PRO A 108 8.59 -8.38 -5.07
N ALA A 109 9.31 -7.31 -4.69
CA ALA A 109 10.76 -7.35 -4.47
C ALA A 109 11.51 -7.56 -5.79
N ASN A 110 11.38 -8.75 -6.38
CA ASN A 110 11.93 -9.06 -7.69
C ASN A 110 11.67 -10.52 -8.09
N VAL A 111 10.91 -10.72 -9.17
CA VAL A 111 10.72 -12.06 -9.76
C VAL A 111 11.35 -12.13 -11.15
N GLY A 112 11.97 -11.01 -11.58
CA GLY A 112 12.58 -10.94 -12.89
C GLY A 112 12.67 -9.51 -13.42
N VAL A 113 12.12 -9.29 -14.61
CA VAL A 113 12.12 -7.95 -15.24
C VAL A 113 11.11 -7.89 -16.40
N THR A 114 10.47 -6.74 -16.59
CA THR A 114 9.50 -6.56 -17.68
C THR A 114 10.19 -6.41 -19.03
N LYS A 115 9.79 -7.22 -20.01
CA LYS A 115 10.38 -7.19 -21.35
C LYS A 115 9.61 -6.25 -22.30
N ALA A 116 8.45 -5.77 -21.85
CA ALA A 116 7.60 -4.89 -22.69
C ALA A 116 6.33 -4.42 -21.95
N LYS A 117 5.88 -5.19 -20.96
CA LYS A 117 4.64 -4.88 -20.24
C LYS A 117 4.74 -3.55 -19.47
N THR A 118 4.04 -2.54 -19.97
CA THR A 118 4.02 -1.21 -19.33
C THR A 118 2.65 -0.90 -18.70
N GLY A 119 2.49 0.30 -18.14
CA GLY A 119 1.24 0.64 -17.45
C GLY A 119 0.65 2.00 -17.88
N GLY A 120 1.23 3.09 -17.37
CA GLY A 120 0.74 4.42 -17.69
C GLY A 120 0.95 4.81 -19.16
N ALA A 121 0.02 4.39 -20.02
CA ALA A 121 0.08 4.69 -21.46
C ALA A 121 -0.26 6.17 -21.76
N VAL A 122 -0.72 6.90 -20.72
CA VAL A 122 -1.12 8.32 -20.85
C VAL A 122 -2.41 8.50 -21.65
N ASP A 123 -3.31 9.35 -21.16
CA ASP A 123 -4.59 9.62 -21.83
C ASP A 123 -4.41 10.68 -22.95
N ARG A 124 -5.48 10.96 -23.69
CA ARG A 124 -5.41 11.89 -24.83
C ARG A 124 -6.24 13.17 -24.61
N LEU A 125 -7.29 13.07 -23.79
CA LEU A 125 -8.12 14.23 -23.42
C LEU A 125 -8.91 14.81 -24.63
N THR A 126 -10.20 15.08 -24.42
CA THR A 126 -11.07 15.64 -25.48
C THR A 126 -11.66 16.99 -25.08
N ASP A 127 -12.13 17.10 -23.83
CA ASP A 127 -12.77 18.32 -23.33
C ASP A 127 -11.75 19.42 -22.96
N THR A 128 -10.68 19.54 -23.76
CA THR A 128 -9.62 20.52 -23.52
C THR A 128 -10.09 21.96 -23.73
N SER A 129 -10.62 22.58 -22.68
CA SER A 129 -11.11 23.97 -22.75
C SER A 129 -10.18 24.93 -21.98
N ARG A 130 -10.56 26.21 -21.94
CA ARG A 130 -9.77 27.23 -21.23
C ARG A 130 -10.04 27.20 -19.72
N TYR A 131 -11.14 26.59 -19.31
CA TYR A 131 -11.53 26.52 -17.89
C TYR A 131 -12.35 25.25 -17.62
N THR A 132 -11.67 24.15 -17.30
CA THR A 132 -12.33 22.87 -17.02
C THR A 132 -12.83 22.80 -15.57
N GLY A 133 -13.86 23.59 -15.26
CA GLY A 133 -14.42 23.62 -13.91
C GLY A 133 -15.90 24.00 -13.90
N SER A 134 -16.70 23.27 -14.66
CA SER A 134 -18.14 23.53 -14.78
C SER A 134 -18.92 23.07 -13.54
N HIS A 135 -20.15 23.56 -13.40
CA HIS A 135 -21.02 23.25 -12.25
C HIS A 135 -20.45 23.85 -10.95
N LYS A 136 -20.73 25.13 -10.74
CA LYS A 136 -20.20 25.87 -9.59
C LYS A 136 -21.23 26.04 -8.47
N GLU A 137 -22.36 26.66 -8.81
CA GLU A 137 -23.39 27.04 -7.82
C GLU A 137 -22.81 28.02 -6.78
N ARG A 138 -22.19 27.49 -5.73
CA ARG A 138 -21.56 28.29 -4.69
C ARG A 138 -20.02 28.13 -4.72
N PHE A 139 -19.51 27.17 -3.93
CA PHE A 139 -18.09 26.77 -3.95
C PHE A 139 -17.08 27.93 -3.92
N ASP A 140 -17.50 29.06 -3.36
CA ASP A 140 -16.62 30.23 -3.17
C ASP A 140 -15.81 30.57 -4.44
N GLU A 141 -16.36 30.29 -5.62
CA GLU A 141 -15.65 30.49 -6.90
C GLU A 141 -15.27 31.97 -7.10
N SER A 142 -13.98 32.22 -7.30
CA SER A 142 -13.46 33.58 -7.45
C SER A 142 -12.03 33.58 -8.03
N GLY A 143 -11.28 32.51 -7.75
CA GLY A 143 -9.92 32.38 -8.26
C GLY A 143 -8.85 32.79 -7.24
N LYS A 144 -9.23 32.81 -5.96
CA LYS A 144 -8.33 33.20 -4.85
C LYS A 144 -7.84 34.66 -4.98
N GLY A 145 -6.86 34.90 -5.84
CA GLY A 145 -6.30 36.23 -6.00
C GLY A 145 -5.97 36.58 -7.45
N LYS A 146 -6.39 37.76 -7.90
CA LYS A 146 -6.15 38.19 -9.27
C LYS A 146 -4.67 38.55 -9.51
N GLY A 147 -3.84 37.52 -9.65
CA GLY A 147 -2.41 37.71 -9.84
C GLY A 147 -1.59 36.61 -9.17
N ILE A 148 -1.87 36.37 -7.89
CA ILE A 148 -1.28 35.29 -7.06
C ILE A 148 0.25 35.10 -7.21
N ALA A 149 0.73 34.59 -8.34
CA ALA A 149 2.13 34.20 -8.49
C ALA A 149 2.90 35.07 -9.50
N GLY A 150 3.82 35.89 -9.01
CA GLY A 150 4.70 36.66 -9.89
C GLY A 150 6.07 36.01 -10.09
N ARG A 151 6.24 34.79 -9.56
CA ARG A 151 7.51 34.05 -9.68
C ARG A 151 7.53 33.16 -10.93
N GLN A 152 8.73 32.82 -11.38
CA GLN A 152 8.91 31.82 -12.46
C GLN A 152 8.48 30.44 -11.97
N ASP A 153 8.88 30.11 -10.74
CA ASP A 153 8.48 28.88 -10.06
C ASP A 153 8.15 29.18 -8.59
N ILE A 154 7.03 28.66 -8.10
CA ILE A 154 6.58 28.94 -6.73
C ILE A 154 5.86 27.72 -6.12
N LEU A 155 6.25 27.36 -4.90
CA LEU A 155 5.64 26.23 -4.19
C LEU A 155 4.42 26.70 -3.37
N ASP A 156 3.39 27.17 -4.07
CA ASP A 156 2.15 27.58 -3.41
C ASP A 156 1.16 26.40 -3.33
N ASP A 157 1.60 25.23 -3.83
CA ASP A 157 0.80 23.99 -3.80
C ASP A 157 -0.31 23.99 -4.88
N SER A 158 -0.90 25.16 -5.11
CA SER A 158 -1.97 25.32 -6.12
C SER A 158 -3.16 24.37 -5.86
N GLY A 159 -3.51 24.20 -4.60
CA GLY A 159 -4.67 23.38 -4.25
C GLY A 159 -5.99 24.03 -4.66
N TYR A 160 -6.40 23.78 -5.90
CA TYR A 160 -7.65 24.34 -6.43
C TYR A 160 -8.88 23.76 -5.70
N VAL A 161 -10.02 24.46 -5.85
CA VAL A 161 -11.29 24.07 -5.18
C VAL A 161 -11.24 24.34 -3.67
N SER A 162 -10.26 23.75 -2.97
CA SER A 162 -10.05 23.96 -1.52
C SER A 162 -11.33 23.73 -0.69
N ALA A 163 -12.17 22.79 -1.12
CA ALA A 163 -13.40 22.46 -0.40
C ALA A 163 -13.21 21.27 0.55
N TYR A 164 -12.09 21.24 1.27
CA TYR A 164 -11.77 20.12 2.17
C TYR A 164 -12.46 20.26 3.55
N LYS A 165 -13.22 21.34 3.72
CA LYS A 165 -13.86 21.65 5.02
C LYS A 165 -15.25 21.01 5.16
N ASN A 166 -15.75 20.38 4.09
CA ASN A 166 -17.13 19.87 4.08
C ASN A 166 -17.26 18.49 4.74
N ALA A 167 -16.28 17.61 4.51
CA ALA A 167 -16.27 16.26 5.08
C ALA A 167 -17.48 15.42 4.60
N GLY A 168 -17.24 14.54 3.63
CA GLY A 168 -18.31 13.70 3.07
C GLY A 168 -18.90 12.69 4.08
N THR A 169 -19.99 12.04 3.69
CA THR A 169 -20.69 11.07 4.55
C THR A 169 -19.90 9.75 4.72
N TYR A 170 -18.71 9.67 4.12
CA TYR A 170 -17.85 8.48 4.23
C TYR A 170 -18.50 7.25 3.56
N ASP A 171 -19.60 7.47 2.83
CA ASP A 171 -20.33 6.40 2.12
C ASP A 171 -20.81 5.31 3.09
N ALA A 172 -20.93 5.65 4.37
CA ALA A 172 -21.31 4.69 5.41
C ALA A 172 -22.63 3.95 5.09
N LYS A 173 -22.54 2.62 4.97
CA LYS A 173 -23.72 1.80 4.72
C LYS A 173 -24.46 1.44 6.02
N VAL A 174 -25.47 2.23 6.36
CA VAL A 174 -26.35 1.93 7.49
C VAL A 174 -27.47 0.96 7.05
N LYS A 175 -27.51 -0.21 7.66
CA LYS A 175 -28.35 -1.34 7.22
C LYS A 175 -27.80 -1.95 5.92
N LYS A 176 -26.93 -2.94 6.06
CA LYS A 176 -26.29 -3.59 4.91
C LYS A 176 -27.10 -4.82 4.44
N LEU A 177 -28.22 -5.08 5.11
CA LEU A 177 -29.07 -6.24 4.81
C LEU A 177 -28.38 -7.56 5.19
N GLU A 178 -28.90 -8.22 6.24
CA GLU A 178 -28.34 -9.49 6.71
C GLU A 178 -28.89 -10.66 5.87
N MET A 1 -11.93 -14.04 -8.39
CA MET A 1 -10.73 -13.16 -8.30
C MET A 1 -10.20 -12.79 -9.69
N ALA A 2 -9.52 -11.64 -9.79
CA ALA A 2 -8.90 -11.18 -11.05
C ALA A 2 -9.91 -11.05 -12.20
N ALA A 3 -10.41 -9.83 -12.42
CA ALA A 3 -11.36 -9.55 -13.51
C ALA A 3 -11.68 -8.04 -13.60
N SER A 4 -12.66 -7.60 -12.83
CA SER A 4 -13.01 -6.17 -12.75
C SER A 4 -12.82 -5.64 -11.32
N THR A 5 -12.45 -6.55 -10.42
CA THR A 5 -12.22 -6.20 -9.01
C THR A 5 -10.77 -6.49 -8.61
N ASP A 6 -9.94 -5.45 -8.61
CA ASP A 6 -8.51 -5.61 -8.31
C ASP A 6 -8.28 -5.91 -6.82
N ILE A 7 -9.24 -5.52 -5.98
CA ILE A 7 -9.22 -5.88 -4.56
C ILE A 7 -9.17 -7.41 -4.38
N ALA A 8 -8.70 -7.85 -3.21
CA ALA A 8 -8.32 -9.26 -3.00
C ALA A 8 -7.02 -9.58 -3.76
N GLY A 9 -6.91 -9.11 -5.01
CA GLY A 9 -5.66 -9.21 -5.74
C GLY A 9 -4.64 -8.21 -5.21
N LEU A 10 -5.15 -7.05 -4.80
CA LEU A 10 -4.34 -6.06 -4.07
C LEU A 10 -3.87 -6.64 -2.74
N GLU A 11 -4.73 -7.43 -2.10
CA GLU A 11 -4.40 -8.12 -0.84
C GLU A 11 -3.33 -9.20 -1.07
N GLU A 12 -3.46 -9.93 -2.19
CA GLU A 12 -2.45 -10.91 -2.61
C GLU A 12 -1.06 -10.25 -2.70
N SER A 13 -0.96 -9.21 -3.52
CA SER A 13 0.29 -8.46 -3.69
C SER A 13 0.77 -7.85 -2.36
N PHE A 14 -0.18 -7.29 -1.60
CA PHE A 14 0.12 -6.73 -0.28
C PHE A 14 0.82 -7.75 0.61
N ARG A 15 0.29 -8.97 0.64
CA ARG A 15 0.88 -10.06 1.42
C ARG A 15 2.26 -10.46 0.87
N LYS A 16 2.34 -10.62 -0.45
CA LYS A 16 3.60 -11.00 -1.13
C LYS A 16 4.73 -9.99 -0.84
N PHE A 17 4.36 -8.74 -0.56
CA PHE A 17 5.34 -7.74 -0.12
C PHE A 17 5.54 -7.79 1.41
N ALA A 18 4.43 -7.89 2.16
CA ALA A 18 4.50 -7.89 3.63
C ALA A 18 5.43 -8.99 4.18
N ILE A 19 5.34 -10.19 3.61
CA ILE A 19 6.15 -11.33 4.06
C ILE A 19 7.36 -11.58 3.14
N HIS A 20 7.67 -10.60 2.31
CA HIS A 20 8.73 -10.73 1.29
C HIS A 20 10.13 -10.87 1.93
N GLY A 21 10.34 -10.21 3.06
CA GLY A 21 11.62 -10.28 3.75
C GLY A 21 11.49 -10.47 5.24
N ASP A 22 10.35 -11.01 5.67
CA ASP A 22 10.06 -11.21 7.09
C ASP A 22 9.39 -12.58 7.34
N PRO A 23 10.16 -13.58 7.82
CA PRO A 23 9.67 -14.97 7.97
C PRO A 23 8.59 -15.13 9.06
N LYS A 24 8.52 -14.18 9.98
CA LYS A 24 7.55 -14.26 11.09
C LYS A 24 6.31 -13.37 10.84
N ALA A 25 6.22 -12.79 9.65
CA ALA A 25 5.10 -11.91 9.30
C ALA A 25 3.86 -12.71 8.87
N SER A 26 2.68 -12.28 9.32
CA SER A 26 1.41 -12.92 8.95
C SER A 26 1.07 -12.66 7.48
N GLY A 27 0.93 -11.39 7.15
CA GLY A 27 0.56 -10.99 5.79
C GLY A 27 -0.31 -9.74 5.76
N GLN A 28 -1.06 -9.53 6.84
CA GLN A 28 -1.94 -8.37 6.98
C GLN A 28 -1.20 -7.14 7.53
N GLU A 29 -0.01 -7.37 8.10
CA GLU A 29 0.81 -6.30 8.66
C GLU A 29 2.08 -6.07 7.83
N MET A 30 2.20 -4.88 7.23
CA MET A 30 3.39 -4.54 6.43
C MET A 30 4.29 -3.52 7.16
N ASN A 31 5.60 -3.73 7.05
CA ASN A 31 6.60 -2.83 7.64
C ASN A 31 7.10 -1.80 6.61
N GLY A 32 7.78 -0.76 7.10
CA GLY A 32 8.26 0.32 6.24
C GLY A 32 9.26 -0.14 5.17
N LYS A 33 10.02 -1.18 5.49
CA LYS A 33 11.00 -1.76 4.56
C LYS A 33 10.31 -2.24 3.27
N ASN A 34 9.39 -3.19 3.40
CA ASN A 34 8.70 -3.74 2.22
C ASN A 34 7.76 -2.70 1.59
N TRP A 35 7.20 -1.81 2.40
CA TRP A 35 6.37 -0.69 1.92
C TRP A 35 7.19 0.25 1.01
N ALA A 36 8.45 0.49 1.37
CA ALA A 36 9.35 1.28 0.55
C ALA A 36 9.57 0.64 -0.82
N LYS A 37 9.88 -0.66 -0.82
CA LYS A 37 10.05 -1.41 -2.06
C LYS A 37 8.72 -1.55 -2.82
N LEU A 38 7.60 -1.60 -2.11
CA LEU A 38 6.29 -1.70 -2.76
C LEU A 38 6.09 -0.52 -3.73
N CYS A 39 6.40 0.68 -3.26
CA CYS A 39 6.33 1.88 -4.10
C CYS A 39 7.33 1.82 -5.27
N LYS A 40 8.57 1.41 -4.97
CA LYS A 40 9.64 1.36 -5.97
C LYS A 40 9.39 0.28 -7.04
N ASP A 41 9.26 -0.97 -6.60
CA ASP A 41 9.00 -2.10 -7.49
C ASP A 41 7.67 -1.95 -8.27
N CYS A 42 6.73 -1.16 -7.73
CA CYS A 42 5.49 -0.83 -8.46
C CYS A 42 5.61 0.51 -9.20
N LYS A 43 6.74 1.21 -9.00
CA LYS A 43 7.06 2.44 -9.74
C LYS A 43 6.06 3.58 -9.49
N VAL A 44 5.44 3.58 -8.31
CA VAL A 44 4.49 4.63 -7.93
C VAL A 44 5.22 5.91 -7.48
N ALA A 45 6.39 5.74 -6.85
CA ALA A 45 7.17 6.87 -6.33
C ALA A 45 8.19 7.40 -7.37
N ASP A 46 7.86 8.52 -8.01
CA ASP A 46 8.73 9.12 -9.02
C ASP A 46 9.91 9.88 -8.39
N GLY A 47 9.58 10.65 -7.36
CA GLY A 47 10.49 11.69 -6.87
C GLY A 47 9.96 13.08 -7.23
N LYS A 48 9.38 13.16 -8.44
CA LYS A 48 8.68 14.36 -8.92
C LYS A 48 7.78 14.99 -7.84
N SER A 49 6.86 14.19 -7.30
CA SER A 49 5.94 14.66 -6.23
C SER A 49 5.99 13.75 -5.00
N VAL A 50 6.81 12.70 -5.07
CA VAL A 50 6.87 11.69 -4.00
C VAL A 50 8.21 10.93 -4.01
N THR A 51 9.02 11.16 -2.98
CA THR A 51 10.32 10.48 -2.81
C THR A 51 10.26 9.41 -1.73
N GLY A 52 11.39 8.76 -1.47
CA GLY A 52 11.47 7.79 -0.38
C GLY A 52 11.05 8.38 0.96
N THR A 53 11.43 9.64 1.19
CA THR A 53 11.04 10.35 2.41
C THR A 53 9.50 10.41 2.53
N ASP A 54 8.84 10.83 1.45
CA ASP A 54 7.37 10.85 1.40
C ASP A 54 6.79 9.48 1.75
N VAL A 55 7.44 8.42 1.27
CA VAL A 55 7.02 7.04 1.56
C VAL A 55 7.01 6.76 3.06
N ASP A 56 8.00 7.27 3.80
CA ASP A 56 8.07 7.05 5.26
C ASP A 56 7.06 7.95 5.99
N ILE A 57 6.85 9.14 5.42
CA ILE A 57 5.86 10.09 5.94
C ILE A 57 4.46 9.48 5.92
N VAL A 58 4.05 8.97 4.76
CA VAL A 58 2.75 8.32 4.61
C VAL A 58 2.63 7.09 5.53
N PHE A 59 3.70 6.29 5.58
CA PHE A 59 3.76 5.14 6.49
C PHE A 59 3.50 5.55 7.95
N SER A 60 4.05 6.70 8.34
CA SER A 60 3.85 7.25 9.69
C SER A 60 2.48 7.93 9.82
N LYS A 61 1.98 8.46 8.70
CA LYS A 61 0.70 9.18 8.66
C LYS A 61 -0.49 8.24 8.88
N VAL A 62 -0.60 7.22 8.04
CA VAL A 62 -1.77 6.32 8.05
C VAL A 62 -1.90 5.50 9.34
N LYS A 63 -0.77 5.13 9.95
CA LYS A 63 -0.78 4.34 11.19
C LYS A 63 -1.37 5.14 12.37
N GLY A 64 -1.35 6.47 12.25
CA GLY A 64 -1.85 7.33 13.31
C GLY A 64 -1.04 7.22 14.60
N LYS A 65 0.24 6.83 14.47
CA LYS A 65 1.13 6.60 15.62
C LYS A 65 0.71 5.38 16.45
N SER A 66 1.59 4.94 17.36
CA SER A 66 1.37 3.76 18.21
C SER A 66 1.47 2.43 17.42
N ALA A 67 0.80 2.37 16.27
CA ALA A 67 0.90 1.20 15.37
C ALA A 67 2.24 1.20 14.62
N ARG A 68 3.15 0.28 14.98
CA ARG A 68 4.48 0.24 14.35
C ARG A 68 4.38 -0.06 12.85
N VAL A 69 3.61 -1.09 12.52
CA VAL A 69 3.38 -1.47 11.12
C VAL A 69 2.11 -0.82 10.55
N ILE A 70 1.64 -1.30 9.41
CA ILE A 70 0.35 -0.85 8.83
C ILE A 70 -0.49 -2.05 8.35
N ASN A 71 -1.81 -1.95 8.48
CA ASN A 71 -2.73 -3.01 8.04
C ASN A 71 -3.32 -2.70 6.65
N TYR A 72 -4.17 -3.60 6.14
CA TYR A 72 -4.73 -3.49 4.78
C TYR A 72 -5.48 -2.15 4.56
N GLU A 73 -6.31 -1.72 5.51
CA GLU A 73 -7.11 -0.50 5.32
C GLU A 73 -6.29 0.78 5.56
N GLU A 74 -5.28 0.69 6.42
CA GLU A 74 -4.30 1.78 6.58
C GLU A 74 -3.44 1.88 5.31
N PHE A 75 -3.25 0.74 4.65
CA PHE A 75 -2.53 0.66 3.38
C PHE A 75 -3.31 1.31 2.25
N LYS A 76 -4.60 0.96 2.11
CA LYS A 76 -5.45 1.56 1.09
C LYS A 76 -5.65 3.06 1.34
N LYS A 77 -5.58 3.47 2.61
CA LYS A 77 -5.55 4.89 2.97
C LYS A 77 -4.23 5.55 2.50
N ALA A 78 -3.13 4.81 2.65
CA ALA A 78 -1.84 5.26 2.11
C ALA A 78 -1.93 5.48 0.59
N LEU A 79 -2.58 4.54 -0.09
CA LEU A 79 -2.82 4.65 -1.53
C LEU A 79 -3.63 5.92 -1.87
N GLU A 80 -4.58 6.27 -0.99
CA GLU A 80 -5.35 7.51 -1.15
C GLU A 80 -4.44 8.75 -1.06
N GLU A 81 -3.58 8.78 -0.04
CA GLU A 81 -2.60 9.87 0.12
C GLU A 81 -1.71 10.00 -1.13
N LEU A 82 -1.05 8.91 -1.50
CA LEU A 82 -0.22 8.87 -2.72
C LEU A 82 -1.04 9.30 -3.95
N ALA A 83 -2.21 8.70 -4.12
CA ALA A 83 -3.09 9.00 -5.27
C ALA A 83 -3.34 10.50 -5.43
N THR A 84 -3.70 11.17 -4.33
CA THR A 84 -4.00 12.62 -4.35
C THR A 84 -2.78 13.45 -4.75
N LYS A 85 -1.59 13.00 -4.36
CA LYS A 85 -0.34 13.69 -4.75
C LYS A 85 0.29 13.06 -6.01
N ARG A 86 -0.32 12.00 -6.54
CA ARG A 86 0.18 11.31 -7.74
C ARG A 86 -0.66 11.66 -8.98
N PHE A 87 -1.93 11.26 -8.95
CA PHE A 87 -2.84 11.46 -10.08
C PHE A 87 -3.81 12.62 -9.83
N LYS A 88 -3.75 13.65 -10.67
CA LYS A 88 -4.68 14.78 -10.58
C LYS A 88 -6.04 14.43 -11.21
N GLY A 89 -6.68 13.38 -10.68
CA GLY A 89 -7.93 12.89 -11.24
C GLY A 89 -9.17 13.53 -10.63
N LYS A 90 -9.00 14.26 -9.53
CA LYS A 90 -10.11 14.98 -8.87
C LYS A 90 -11.23 14.03 -8.41
N SER A 91 -10.90 12.77 -8.19
CA SER A 91 -11.87 11.77 -7.67
C SER A 91 -11.17 10.71 -6.83
N LYS A 92 -11.91 10.08 -5.91
CA LYS A 92 -11.36 9.04 -5.05
C LYS A 92 -11.34 7.68 -5.76
N GLU A 93 -12.51 7.22 -6.18
CA GLU A 93 -12.66 5.89 -6.79
C GLU A 93 -11.68 5.67 -7.96
N GLU A 94 -11.75 6.53 -8.98
CA GLU A 94 -10.90 6.36 -10.18
C GLU A 94 -9.41 6.34 -9.82
N ALA A 95 -8.93 7.37 -9.13
CA ALA A 95 -7.53 7.45 -8.70
C ALA A 95 -7.13 6.26 -7.82
N PHE A 96 -8.06 5.80 -6.98
CA PHE A 96 -7.82 4.67 -6.08
C PHE A 96 -7.65 3.36 -6.88
N ASP A 97 -8.61 3.05 -7.75
CA ASP A 97 -8.52 1.86 -8.61
C ASP A 97 -7.26 1.89 -9.48
N ALA A 98 -6.91 3.07 -10.00
CA ALA A 98 -5.68 3.24 -10.79
C ALA A 98 -4.42 2.85 -9.98
N ILE A 99 -4.19 3.54 -8.86
CA ILE A 99 -3.02 3.29 -8.02
C ILE A 99 -3.07 1.85 -7.44
N CYS A 100 -4.29 1.33 -7.25
CA CYS A 100 -4.48 -0.07 -6.82
C CYS A 100 -4.03 -1.05 -7.92
N GLN A 101 -4.41 -0.76 -9.17
CA GLN A 101 -4.04 -1.59 -10.32
C GLN A 101 -2.51 -1.66 -10.51
N LEU A 102 -1.81 -0.61 -10.10
CA LEU A 102 -0.34 -0.59 -10.16
C LEU A 102 0.29 -1.66 -9.24
N VAL A 103 -0.46 -2.09 -8.22
CA VAL A 103 0.04 -3.07 -7.24
C VAL A 103 -0.72 -4.41 -7.32
N ALA A 104 -2.01 -4.36 -7.64
CA ALA A 104 -2.87 -5.55 -7.64
C ALA A 104 -2.42 -6.61 -8.68
N GLY A 105 -1.99 -7.77 -8.19
CA GLY A 105 -1.51 -8.84 -9.07
C GLY A 105 -0.05 -8.68 -9.44
N LYS A 106 0.65 -7.81 -8.70
CA LYS A 106 2.06 -7.54 -8.95
C LYS A 106 2.97 -8.25 -7.93
N GLU A 107 4.22 -8.48 -8.32
CA GLU A 107 5.22 -9.05 -7.41
C GLU A 107 6.52 -8.23 -7.48
N PRO A 108 7.38 -8.31 -6.45
CA PRO A 108 8.67 -7.60 -6.43
C PRO A 108 9.61 -8.07 -7.56
N ALA A 109 10.81 -7.49 -7.62
CA ALA A 109 11.83 -7.93 -8.57
C ALA A 109 12.09 -9.44 -8.45
N ASN A 110 12.53 -9.87 -7.26
CA ASN A 110 12.67 -11.30 -6.95
C ASN A 110 11.44 -11.81 -6.17
N VAL A 111 10.93 -12.97 -6.55
CA VAL A 111 9.73 -13.55 -5.91
C VAL A 111 9.92 -15.05 -5.61
N GLY A 112 9.18 -15.55 -4.62
CA GLY A 112 9.26 -16.97 -4.26
C GLY A 112 8.31 -17.84 -5.09
N VAL A 113 8.09 -19.07 -4.64
CA VAL A 113 7.20 -20.01 -5.33
C VAL A 113 5.82 -20.11 -4.65
N THR A 114 4.76 -19.79 -5.39
CA THR A 114 3.40 -19.83 -4.85
C THR A 114 2.63 -21.10 -5.26
N LYS A 115 1.44 -21.27 -4.71
CA LYS A 115 0.59 -22.43 -5.02
C LYS A 115 -0.49 -22.06 -6.06
N ALA A 116 -1.53 -22.88 -6.16
CA ALA A 116 -2.69 -22.56 -7.00
C ALA A 116 -3.58 -21.50 -6.35
N LYS A 117 -4.47 -20.89 -7.14
CA LYS A 117 -5.36 -19.83 -6.62
C LYS A 117 -6.44 -20.42 -5.69
N THR A 118 -6.07 -20.68 -4.44
CA THR A 118 -7.00 -21.19 -3.43
C THR A 118 -7.45 -20.10 -2.44
N GLY A 119 -6.57 -19.13 -2.20
CA GLY A 119 -6.86 -18.05 -1.25
C GLY A 119 -7.80 -16.97 -1.79
N GLY A 120 -8.96 -17.39 -2.30
CA GLY A 120 -9.95 -16.45 -2.79
C GLY A 120 -10.93 -16.02 -1.69
N ALA A 121 -10.68 -14.86 -1.09
CA ALA A 121 -11.52 -14.36 0.02
C ALA A 121 -13.00 -14.26 -0.36
N VAL A 122 -13.87 -14.61 0.58
CA VAL A 122 -15.33 -14.57 0.37
C VAL A 122 -16.07 -14.15 1.65
N ASP A 123 -15.31 -13.76 2.66
CA ASP A 123 -15.85 -13.40 3.97
C ASP A 123 -16.51 -12.00 3.95
N ARG A 124 -16.94 -11.52 5.12
CA ARG A 124 -17.57 -10.20 5.24
C ARG A 124 -16.98 -9.39 6.41
N LEU A 125 -17.36 -8.12 6.51
CA LEU A 125 -16.89 -7.27 7.62
C LEU A 125 -17.59 -7.63 8.94
N THR A 126 -16.85 -7.52 10.05
CA THR A 126 -17.39 -7.86 11.38
C THR A 126 -16.56 -7.18 12.49
N ASP A 127 -15.88 -6.10 12.14
CA ASP A 127 -15.00 -5.39 13.05
C ASP A 127 -15.78 -4.49 14.04
N THR A 128 -15.06 -3.81 14.92
CA THR A 128 -15.68 -2.90 15.90
C THR A 128 -14.77 -1.70 16.21
N SER A 129 -15.33 -0.49 16.04
CA SER A 129 -14.61 0.77 16.31
C SER A 129 -13.24 0.86 15.63
N ARG A 130 -13.21 1.45 14.44
CA ARG A 130 -11.95 1.71 13.72
C ARG A 130 -11.62 3.21 13.75
N TYR A 131 -12.48 4.00 14.40
CA TYR A 131 -12.31 5.45 14.51
C TYR A 131 -12.37 6.14 13.12
N THR A 132 -11.24 6.11 12.39
CA THR A 132 -11.14 6.60 11.00
C THR A 132 -11.73 8.01 10.77
N GLY A 133 -13.06 8.09 10.73
CA GLY A 133 -13.76 9.32 10.36
C GLY A 133 -13.42 10.54 11.24
N SER A 134 -13.65 11.72 10.69
CA SER A 134 -13.40 12.98 11.38
C SER A 134 -14.72 13.71 11.69
N HIS A 135 -14.65 15.00 12.00
CA HIS A 135 -15.85 15.80 12.28
C HIS A 135 -16.42 16.42 10.99
N LYS A 136 -16.88 15.54 10.09
CA LYS A 136 -17.45 15.93 8.79
C LYS A 136 -16.43 16.65 7.88
N GLU A 137 -16.25 17.96 8.11
CA GLU A 137 -15.51 18.86 7.18
C GLU A 137 -16.35 19.13 5.91
N ARG A 138 -16.90 18.06 5.35
CA ARG A 138 -17.84 18.13 4.23
C ARG A 138 -19.03 19.08 4.52
N PHE A 139 -19.44 19.83 3.49
CA PHE A 139 -20.50 20.83 3.64
C PHE A 139 -21.91 20.21 3.54
N ASP A 140 -22.92 21.09 3.51
CA ASP A 140 -24.32 20.67 3.52
C ASP A 140 -24.80 20.11 2.16
N GLU A 141 -26.08 19.77 2.10
CA GLU A 141 -26.71 19.26 0.88
C GLU A 141 -26.71 20.30 -0.25
N SER A 142 -26.54 19.83 -1.48
CA SER A 142 -26.54 20.71 -2.67
C SER A 142 -27.96 20.93 -3.22
N GLY A 143 -28.95 20.93 -2.32
CA GLY A 143 -30.34 21.05 -2.73
C GLY A 143 -30.76 22.46 -3.16
N LYS A 144 -30.12 23.48 -2.57
CA LYS A 144 -30.41 24.89 -2.87
C LYS A 144 -31.79 25.32 -2.34
N GLY A 145 -32.33 24.56 -1.40
CA GLY A 145 -33.63 24.88 -0.82
C GLY A 145 -34.78 24.07 -1.42
N LYS A 146 -35.00 24.24 -2.72
CA LYS A 146 -36.06 23.49 -3.43
C LYS A 146 -35.75 23.40 -4.93
N GLY A 147 -36.62 22.73 -5.68
CA GLY A 147 -36.46 22.60 -7.12
C GLY A 147 -36.60 23.92 -7.86
N ILE A 148 -35.55 24.75 -7.79
CA ILE A 148 -35.53 26.05 -8.49
C ILE A 148 -35.52 25.84 -10.01
N ALA A 149 -34.86 24.77 -10.45
CA ALA A 149 -34.91 24.34 -11.85
C ALA A 149 -36.07 23.37 -12.08
N GLY A 150 -36.45 23.16 -13.34
CA GLY A 150 -37.52 22.21 -13.66
C GLY A 150 -37.09 20.76 -13.50
N ARG A 151 -36.78 20.36 -12.28
CA ARG A 151 -36.26 19.01 -11.99
C ARG A 151 -36.98 18.36 -10.81
N GLN A 152 -36.74 17.05 -10.63
CA GLN A 152 -37.31 16.29 -9.52
C GLN A 152 -36.61 16.64 -8.18
N ASP A 153 -37.04 15.97 -7.11
CA ASP A 153 -36.41 16.12 -5.80
C ASP A 153 -35.39 15.00 -5.54
N ILE A 154 -34.57 15.17 -4.52
CA ILE A 154 -33.56 14.16 -4.16
C ILE A 154 -34.18 13.05 -3.30
N LEU A 155 -34.74 12.04 -3.96
CA LEU A 155 -35.44 10.96 -3.26
C LEU A 155 -34.48 9.82 -2.85
N ASP A 156 -33.77 10.02 -1.75
CA ASP A 156 -32.85 9.02 -1.22
C ASP A 156 -33.36 8.41 0.10
N ASP A 157 -33.66 7.11 0.07
CA ASP A 157 -34.02 6.38 1.28
C ASP A 157 -32.76 5.80 1.94
N SER A 158 -32.27 6.48 2.97
CA SER A 158 -31.02 6.10 3.65
C SER A 158 -31.19 4.83 4.51
N GLY A 159 -30.20 4.55 5.36
CA GLY A 159 -30.18 3.31 6.14
C GLY A 159 -31.21 3.28 7.28
N TYR A 160 -32.49 3.27 6.93
CA TYR A 160 -33.57 3.12 7.93
C TYR A 160 -33.93 1.64 8.08
N VAL A 161 -33.48 1.02 9.18
CA VAL A 161 -33.57 -0.44 9.36
C VAL A 161 -32.85 -1.16 8.20
N SER A 162 -31.53 -1.18 8.27
CA SER A 162 -30.68 -1.70 7.18
C SER A 162 -30.85 -0.91 5.88
N ALA A 163 -31.84 -1.29 5.06
CA ALA A 163 -32.10 -0.65 3.76
C ALA A 163 -30.86 -0.71 2.84
N TYR A 164 -29.93 -1.61 3.15
CA TYR A 164 -28.68 -1.73 2.38
C TYR A 164 -28.80 -2.79 1.29
N LYS A 165 -29.66 -2.53 0.32
CA LYS A 165 -29.82 -3.41 -0.85
C LYS A 165 -28.51 -3.53 -1.67
N ASN A 166 -28.23 -4.73 -2.16
CA ASN A 166 -26.99 -5.00 -2.90
C ASN A 166 -26.98 -4.28 -4.27
N ALA A 167 -25.95 -3.45 -4.49
CA ALA A 167 -25.81 -2.70 -5.74
C ALA A 167 -24.69 -3.28 -6.61
N GLY A 168 -25.06 -4.12 -7.58
CA GLY A 168 -24.08 -4.73 -8.47
C GLY A 168 -23.83 -6.21 -8.18
N THR A 169 -23.40 -6.95 -9.21
CA THR A 169 -23.14 -8.40 -9.12
C THR A 169 -24.37 -9.19 -8.63
N TYR A 170 -24.20 -10.51 -8.46
CA TYR A 170 -25.27 -11.39 -7.97
C TYR A 170 -26.45 -11.42 -8.99
N ASP A 171 -26.13 -11.13 -10.24
CA ASP A 171 -27.13 -11.03 -11.32
C ASP A 171 -27.88 -12.35 -11.57
N ALA A 172 -27.13 -13.41 -11.86
CA ALA A 172 -27.71 -14.70 -12.22
C ALA A 172 -28.21 -15.50 -10.99
N LYS A 173 -28.67 -14.79 -9.95
CA LYS A 173 -29.17 -15.44 -8.72
C LYS A 173 -30.38 -16.34 -9.02
N VAL A 174 -31.39 -15.79 -9.69
CA VAL A 174 -32.66 -16.51 -9.94
C VAL A 174 -32.49 -17.65 -10.96
N LYS A 175 -31.59 -17.45 -11.92
CA LYS A 175 -31.27 -18.47 -12.95
C LYS A 175 -32.43 -18.70 -13.94
N LYS A 176 -33.54 -19.24 -13.44
CA LYS A 176 -34.73 -19.57 -14.25
C LYS A 176 -34.44 -20.72 -15.23
N LEU A 177 -33.65 -20.44 -16.26
CA LEU A 177 -33.28 -21.46 -17.24
C LEU A 177 -31.84 -21.27 -17.72
N GLU A 178 -30.89 -21.54 -16.83
CA GLU A 178 -29.45 -21.50 -17.14
C GLU A 178 -28.95 -20.07 -17.49
N MET A 1 -24.15 -4.80 -2.51
CA MET A 1 -23.44 -3.62 -3.08
C MET A 1 -21.94 -3.89 -3.18
N ALA A 2 -21.21 -2.98 -3.82
CA ALA A 2 -19.75 -3.06 -3.87
C ALA A 2 -19.12 -2.67 -2.53
N ALA A 3 -19.09 -3.63 -1.60
CA ALA A 3 -18.58 -3.37 -0.25
C ALA A 3 -17.06 -3.23 -0.23
N SER A 4 -16.36 -4.16 -0.88
CA SER A 4 -14.89 -4.15 -0.90
C SER A 4 -14.34 -3.83 -2.30
N THR A 5 -13.89 -2.58 -2.47
CA THR A 5 -13.20 -2.17 -3.71
C THR A 5 -11.82 -2.84 -3.80
N ASP A 6 -11.29 -3.23 -2.65
CA ASP A 6 -9.98 -3.88 -2.54
C ASP A 6 -10.02 -5.28 -3.19
N ILE A 7 -9.66 -5.36 -4.47
CA ILE A 7 -9.67 -6.62 -5.21
C ILE A 7 -8.68 -7.64 -4.61
N ALA A 8 -8.98 -8.93 -4.74
CA ALA A 8 -8.11 -10.00 -4.25
C ALA A 8 -6.64 -9.81 -4.69
N GLY A 9 -6.46 -9.30 -5.90
CA GLY A 9 -5.10 -9.00 -6.40
C GLY A 9 -4.34 -8.03 -5.51
N LEU A 10 -5.06 -7.08 -4.90
CA LEU A 10 -4.46 -6.11 -3.98
C LEU A 10 -4.05 -6.80 -2.67
N GLU A 11 -4.90 -7.71 -2.19
CA GLU A 11 -4.59 -8.51 -1.00
C GLU A 11 -3.37 -9.41 -1.24
N GLU A 12 -3.25 -9.92 -2.47
CA GLU A 12 -2.08 -10.72 -2.87
C GLU A 12 -0.80 -9.89 -2.75
N SER A 13 -0.77 -8.75 -3.43
CA SER A 13 0.38 -7.83 -3.39
C SER A 13 0.76 -7.48 -1.95
N PHE A 14 -0.23 -7.04 -1.17
CA PHE A 14 -0.01 -6.67 0.24
C PHE A 14 0.61 -7.84 1.03
N ARG A 15 0.02 -9.02 0.92
CA ARG A 15 0.46 -10.19 1.68
C ARG A 15 1.90 -10.59 1.31
N LYS A 16 2.22 -10.57 0.02
CA LYS A 16 3.55 -10.93 -0.46
C LYS A 16 4.62 -9.92 0.03
N PHE A 17 4.25 -8.66 0.14
CA PHE A 17 5.14 -7.65 0.73
C PHE A 17 5.12 -7.71 2.27
N ALA A 18 4.02 -8.24 2.83
CA ALA A 18 3.92 -8.45 4.29
C ALA A 18 4.77 -9.64 4.74
N ILE A 19 5.26 -10.43 3.77
CA ILE A 19 6.24 -11.49 4.04
C ILE A 19 7.56 -11.21 3.28
N HIS A 20 7.72 -9.97 2.83
CA HIS A 20 8.91 -9.56 2.08
C HIS A 20 10.19 -9.66 2.95
N GLY A 21 10.95 -10.74 2.74
CA GLY A 21 12.14 -11.00 3.54
C GLY A 21 12.12 -12.39 4.17
N ASP A 22 10.98 -12.75 4.76
CA ASP A 22 10.80 -14.07 5.39
C ASP A 22 9.39 -14.63 5.08
N PRO A 23 9.32 -15.88 4.56
CA PRO A 23 8.03 -16.52 4.19
C PRO A 23 6.93 -16.39 5.26
N LYS A 24 7.32 -16.38 6.54
CA LYS A 24 6.35 -16.28 7.64
C LYS A 24 6.63 -15.04 8.51
N ALA A 25 7.17 -13.98 7.90
CA ALA A 25 7.50 -12.73 8.60
C ALA A 25 6.30 -12.18 9.40
N SER A 26 5.22 -11.88 8.70
CA SER A 26 4.00 -11.35 9.34
C SER A 26 2.75 -11.69 8.52
N GLY A 27 2.83 -11.54 7.20
CA GLY A 27 1.76 -11.98 6.32
C GLY A 27 0.56 -11.04 6.25
N GLN A 28 0.24 -10.39 7.37
CA GLN A 28 -0.91 -9.47 7.43
C GLN A 28 -0.48 -8.07 7.95
N GLU A 29 0.64 -8.01 8.66
CA GLU A 29 1.21 -6.72 9.09
C GLU A 29 2.35 -6.30 8.14
N MET A 30 2.40 -5.00 7.80
CA MET A 30 3.44 -4.49 6.90
C MET A 30 4.21 -3.31 7.53
N ASN A 31 5.54 -3.38 7.47
CA ASN A 31 6.40 -2.30 8.00
C ASN A 31 6.73 -1.26 6.93
N GLY A 32 7.10 -0.05 7.37
CA GLY A 32 7.46 1.03 6.45
C GLY A 32 8.58 0.66 5.49
N LYS A 33 9.46 -0.23 5.93
CA LYS A 33 10.53 -0.76 5.08
C LYS A 33 9.98 -1.43 3.82
N ASN A 34 9.10 -2.41 4.00
CA ASN A 34 8.50 -3.12 2.87
C ASN A 34 7.49 -2.22 2.11
N TRP A 35 6.87 -1.29 2.84
CA TRP A 35 5.97 -0.31 2.22
C TRP A 35 6.73 0.62 1.25
N ALA A 36 7.89 1.10 1.68
CA ALA A 36 8.74 1.95 0.82
C ALA A 36 9.13 1.22 -0.46
N LYS A 37 9.56 -0.04 -0.32
CA LYS A 37 9.88 -0.87 -1.46
C LYS A 37 8.65 -1.21 -2.30
N LEU A 38 7.51 -1.46 -1.65
CA LEU A 38 6.25 -1.74 -2.36
C LEU A 38 5.98 -0.68 -3.43
N CYS A 39 6.17 0.59 -3.05
CA CYS A 39 5.98 1.70 -3.98
C CYS A 39 7.10 1.75 -5.05
N LYS A 40 8.32 1.44 -4.64
CA LYS A 40 9.49 1.51 -5.54
C LYS A 40 9.46 0.39 -6.60
N ASP A 41 9.22 -0.84 -6.16
CA ASP A 41 9.00 -1.97 -7.08
C ASP A 41 7.88 -1.65 -8.09
N CYS A 42 6.75 -1.16 -7.58
CA CYS A 42 5.61 -0.78 -8.44
C CYS A 42 5.86 0.57 -9.13
N LYS A 43 6.96 1.23 -8.77
CA LYS A 43 7.40 2.49 -9.39
C LYS A 43 6.36 3.62 -9.26
N VAL A 44 5.54 3.54 -8.23
CA VAL A 44 4.59 4.61 -7.92
C VAL A 44 5.32 5.81 -7.30
N ALA A 45 6.39 5.51 -6.56
CA ALA A 45 7.16 6.54 -5.84
C ALA A 45 8.27 7.16 -6.71
N ASP A 46 7.94 8.26 -7.39
CA ASP A 46 8.93 9.02 -8.18
C ASP A 46 8.32 10.32 -8.76
N GLY A 47 7.19 10.76 -8.20
CA GLY A 47 6.49 11.92 -8.75
C GLY A 47 7.00 13.25 -8.20
N LYS A 48 8.21 13.25 -7.62
CA LYS A 48 8.80 14.47 -7.05
C LYS A 48 7.90 15.08 -5.97
N SER A 49 7.01 14.25 -5.44
CA SER A 49 6.12 14.63 -4.32
C SER A 49 5.85 13.40 -3.45
N VAL A 50 5.85 12.22 -4.10
CA VAL A 50 5.89 10.94 -3.41
C VAL A 50 7.06 10.10 -3.93
N THR A 51 8.21 10.14 -3.24
CA THR A 51 9.37 9.32 -3.59
C THR A 51 10.29 9.08 -2.39
N GLY A 52 10.57 7.80 -2.09
CA GLY A 52 11.47 7.44 -0.99
C GLY A 52 11.11 8.13 0.34
N THR A 53 11.70 9.30 0.58
CA THR A 53 11.45 10.09 1.79
C THR A 53 9.95 10.29 2.01
N ASP A 54 9.27 10.84 1.00
CA ASP A 54 7.84 11.14 1.07
C ASP A 54 7.02 9.89 1.39
N VAL A 55 7.47 8.74 0.88
CA VAL A 55 6.80 7.46 1.12
C VAL A 55 6.83 7.09 2.62
N ASP A 56 7.96 7.39 3.27
CA ASP A 56 8.11 7.15 4.70
C ASP A 56 7.28 8.17 5.50
N ILE A 57 7.13 9.37 4.93
CA ILE A 57 6.30 10.41 5.54
C ILE A 57 4.81 10.01 5.50
N VAL A 58 4.34 9.58 4.33
CA VAL A 58 2.97 9.07 4.18
C VAL A 58 2.69 7.95 5.20
N PHE A 59 3.59 6.96 5.23
CA PHE A 59 3.51 5.88 6.22
C PHE A 59 3.40 6.44 7.64
N SER A 60 4.33 7.34 7.98
CA SER A 60 4.37 7.94 9.31
C SER A 60 3.17 8.87 9.57
N LYS A 61 2.54 9.34 8.51
CA LYS A 61 1.40 10.26 8.62
C LYS A 61 0.08 9.50 8.87
N VAL A 62 -0.09 8.36 8.19
CA VAL A 62 -1.28 7.51 8.38
C VAL A 62 -1.13 6.60 9.63
N LYS A 63 0.12 6.32 9.99
CA LYS A 63 0.43 5.49 11.17
C LYS A 63 -0.24 6.03 12.44
N GLY A 64 -0.97 5.13 13.13
CA GLY A 64 -1.66 5.50 14.37
C GLY A 64 -0.77 6.30 15.33
N LYS A 65 0.32 5.69 15.79
CA LYS A 65 1.30 6.42 16.62
C LYS A 65 2.72 5.84 16.47
N SER A 66 3.03 4.81 17.26
CA SER A 66 4.41 4.28 17.31
C SER A 66 4.52 2.89 16.68
N ALA A 67 3.39 2.29 16.31
CA ALA A 67 3.40 0.97 15.67
C ALA A 67 4.12 1.01 14.31
N ARG A 68 5.31 0.44 14.24
CA ARG A 68 6.13 0.48 13.02
C ARG A 68 5.58 -0.43 11.91
N VAL A 69 4.46 -1.07 12.19
CA VAL A 69 3.74 -1.87 11.18
C VAL A 69 2.28 -1.42 11.06
N ILE A 70 1.80 -1.24 9.83
CA ILE A 70 0.42 -0.83 9.58
C ILE A 70 -0.46 -2.02 9.18
N ASN A 71 -1.74 -1.95 9.55
CA ASN A 71 -2.72 -2.96 9.14
C ASN A 71 -3.38 -2.57 7.80
N TYR A 72 -4.10 -3.52 7.20
CA TYR A 72 -4.67 -3.33 5.85
C TYR A 72 -5.50 -2.04 5.75
N GLU A 73 -6.21 -1.70 6.82
CA GLU A 73 -7.02 -0.48 6.88
C GLU A 73 -6.14 0.78 6.70
N GLU A 74 -5.03 0.84 7.44
CA GLU A 74 -4.09 1.95 7.31
C GLU A 74 -3.43 1.94 5.92
N PHE A 75 -3.16 0.73 5.41
CA PHE A 75 -2.63 0.55 4.05
C PHE A 75 -3.58 1.13 3.00
N LYS A 76 -4.88 0.92 3.18
CA LYS A 76 -5.90 1.48 2.29
C LYS A 76 -5.75 3.00 2.19
N LYS A 77 -5.63 3.68 3.35
CA LYS A 77 -5.45 5.13 3.35
C LYS A 77 -4.07 5.52 2.80
N ALA A 78 -3.06 4.68 3.03
CA ALA A 78 -1.74 4.89 2.42
C ALA A 78 -1.87 4.96 0.89
N LEU A 79 -2.70 4.08 0.32
CA LEU A 79 -3.01 4.13 -1.11
C LEU A 79 -3.82 5.40 -1.45
N GLU A 80 -4.81 5.72 -0.60
CA GLU A 80 -5.60 6.96 -0.75
C GLU A 80 -4.68 8.18 -0.93
N GLU A 81 -3.67 8.29 -0.07
CA GLU A 81 -2.69 9.37 -0.16
C GLU A 81 -1.99 9.37 -1.52
N LEU A 82 -1.16 8.35 -1.77
CA LEU A 82 -0.40 8.24 -3.02
C LEU A 82 -1.29 8.47 -4.25
N ALA A 83 -2.46 7.89 -4.25
CA ALA A 83 -3.43 8.07 -5.34
C ALA A 83 -3.81 9.55 -5.53
N THR A 84 -4.15 10.23 -4.42
CA THR A 84 -4.56 11.64 -4.46
C THR A 84 -3.37 12.59 -4.69
N LYS A 85 -2.15 12.06 -4.66
CA LYS A 85 -0.96 12.85 -5.02
C LYS A 85 -0.57 12.59 -6.49
N ARG A 86 -0.76 11.34 -6.93
CA ARG A 86 -0.50 10.95 -8.33
C ARG A 86 -1.64 11.38 -9.26
N PHE A 87 -2.79 10.73 -9.12
CA PHE A 87 -3.91 10.92 -10.04
C PHE A 87 -4.95 11.89 -9.46
N LYS A 88 -4.73 13.19 -9.69
CA LYS A 88 -5.61 14.22 -9.14
C LYS A 88 -6.69 14.62 -10.16
N GLY A 89 -7.18 13.63 -10.91
CA GLY A 89 -8.18 13.88 -11.94
C GLY A 89 -9.59 14.05 -11.40
N LYS A 90 -9.72 14.67 -10.22
CA LYS A 90 -11.02 14.94 -9.58
C LYS A 90 -11.68 13.66 -9.03
N SER A 91 -11.98 12.71 -9.92
CA SER A 91 -12.56 11.42 -9.54
C SER A 91 -11.58 10.61 -8.66
N LYS A 92 -11.87 10.54 -7.36
CA LYS A 92 -10.95 9.90 -6.40
C LYS A 92 -10.94 8.38 -6.52
N GLU A 93 -12.13 7.75 -6.54
CA GLU A 93 -12.23 6.29 -6.62
C GLU A 93 -11.44 5.72 -7.81
N GLU A 94 -11.63 6.31 -9.00
CA GLU A 94 -10.91 5.86 -10.20
C GLU A 94 -9.39 6.04 -10.02
N ALA A 95 -8.99 7.08 -9.29
CA ALA A 95 -7.57 7.27 -8.95
C ALA A 95 -7.06 6.11 -8.07
N PHE A 96 -7.91 5.66 -7.15
CA PHE A 96 -7.61 4.50 -6.30
C PHE A 96 -7.46 3.23 -7.17
N ASP A 97 -8.32 3.10 -8.19
CA ASP A 97 -8.18 2.03 -9.18
C ASP A 97 -6.83 2.12 -9.91
N ALA A 98 -6.50 3.30 -10.41
CA ALA A 98 -5.25 3.51 -11.18
C ALA A 98 -4.02 3.03 -10.40
N ILE A 99 -3.88 3.46 -9.15
CA ILE A 99 -2.77 3.02 -8.30
C ILE A 99 -2.87 1.51 -8.01
N CYS A 100 -4.11 1.00 -7.96
CA CYS A 100 -4.36 -0.44 -7.83
C CYS A 100 -3.82 -1.21 -9.05
N GLN A 101 -4.04 -0.65 -10.25
CA GLN A 101 -3.49 -1.24 -11.48
C GLN A 101 -1.96 -1.36 -11.41
N LEU A 102 -1.31 -0.35 -10.84
CA LEU A 102 0.15 -0.37 -10.68
C LEU A 102 0.64 -1.46 -9.71
N VAL A 103 -0.04 -1.60 -8.56
CA VAL A 103 0.41 -2.49 -7.48
C VAL A 103 -0.28 -3.87 -7.49
N ALA A 104 -1.62 -3.87 -7.48
CA ALA A 104 -2.41 -5.09 -7.31
C ALA A 104 -2.10 -6.16 -8.36
N GLY A 105 -1.80 -7.38 -7.90
CA GLY A 105 -1.55 -8.50 -8.79
C GLY A 105 -0.06 -8.80 -8.99
N LYS A 106 0.80 -7.92 -8.48
CA LYS A 106 2.25 -8.08 -8.62
C LYS A 106 2.91 -8.53 -7.31
N GLU A 107 4.20 -8.82 -7.40
CA GLU A 107 4.99 -9.25 -6.23
C GLU A 107 6.42 -8.68 -6.31
N PRO A 108 7.15 -8.64 -5.15
CA PRO A 108 8.51 -8.06 -5.07
C PRO A 108 9.35 -8.22 -6.35
N ALA A 109 9.54 -7.10 -7.07
CA ALA A 109 10.27 -7.10 -8.34
C ALA A 109 11.75 -6.75 -8.14
N ASN A 110 12.05 -6.05 -7.06
CA ASN A 110 13.43 -5.67 -6.74
C ASN A 110 14.04 -6.63 -5.71
N VAL A 111 14.86 -7.57 -6.18
CA VAL A 111 15.47 -8.58 -5.31
C VAL A 111 16.75 -8.05 -4.62
N GLY A 112 17.62 -7.43 -5.41
CA GLY A 112 18.87 -6.89 -4.87
C GLY A 112 19.67 -6.11 -5.92
N VAL A 113 19.68 -4.79 -5.81
CA VAL A 113 20.37 -3.93 -6.78
C VAL A 113 21.90 -3.97 -6.58
N THR A 114 22.36 -3.48 -5.42
CA THR A 114 23.80 -3.41 -5.09
C THR A 114 24.54 -2.35 -5.94
N LYS A 115 24.55 -2.54 -7.27
CA LYS A 115 25.25 -1.63 -8.18
C LYS A 115 24.56 -0.24 -8.25
N ALA A 116 25.17 0.67 -9.02
CA ALA A 116 24.65 2.03 -9.24
C ALA A 116 24.72 2.89 -7.97
N LYS A 117 23.94 2.55 -6.94
CA LYS A 117 23.90 3.34 -5.70
C LYS A 117 25.22 3.26 -4.93
N THR A 118 25.93 2.13 -5.06
CA THR A 118 27.21 1.91 -4.35
C THR A 118 28.19 3.08 -4.58
N GLY A 119 28.76 3.57 -3.48
CA GLY A 119 29.67 4.71 -3.53
C GLY A 119 29.41 5.72 -2.41
N GLY A 120 29.18 6.97 -2.78
CA GLY A 120 28.90 8.02 -1.79
C GLY A 120 27.48 7.94 -1.23
N ALA A 121 27.21 6.91 -0.42
CA ALA A 121 25.89 6.70 0.20
C ALA A 121 26.03 6.32 1.68
N VAL A 122 25.00 6.62 2.47
CA VAL A 122 25.04 6.34 3.91
C VAL A 122 24.35 5.01 4.28
N ASP A 123 25.14 4.04 4.71
CA ASP A 123 24.61 2.78 5.24
C ASP A 123 24.38 2.92 6.75
N ARG A 124 25.35 3.53 7.41
CA ARG A 124 25.25 3.89 8.83
C ARG A 124 24.84 5.36 8.97
N LEU A 125 23.68 5.61 9.57
CA LEU A 125 23.11 6.96 9.66
C LEU A 125 22.89 7.40 11.12
N THR A 126 23.24 8.65 11.42
CA THR A 126 23.16 9.19 12.79
C THR A 126 21.78 9.81 13.09
N ASP A 127 20.86 9.73 12.13
CA ASP A 127 19.51 10.30 12.30
C ASP A 127 18.52 9.66 11.32
N THR A 128 17.22 9.69 11.65
CA THR A 128 16.18 9.15 10.77
C THR A 128 15.24 10.27 10.27
N SER A 129 15.52 11.50 10.68
CA SER A 129 14.70 12.66 10.32
C SER A 129 15.56 13.90 10.07
N ARG A 130 16.37 14.26 11.07
CA ARG A 130 17.27 15.43 10.97
C ARG A 130 16.46 16.75 10.86
N TYR A 131 15.15 16.64 11.01
CA TYR A 131 14.23 17.78 10.86
C TYR A 131 13.05 17.64 11.84
N THR A 132 12.35 18.75 12.10
CA THR A 132 11.17 18.74 12.99
C THR A 132 9.92 19.33 12.30
N GLY A 133 8.85 18.54 12.26
CA GLY A 133 7.62 18.97 11.61
C GLY A 133 6.84 20.00 12.45
N SER A 134 6.73 21.22 11.92
CA SER A 134 5.96 22.29 12.58
C SER A 134 5.60 23.39 11.57
N HIS A 135 4.32 23.49 11.24
CA HIS A 135 3.84 24.45 10.21
C HIS A 135 4.47 24.16 8.83
N LYS A 136 4.02 24.90 7.82
CA LYS A 136 4.62 24.86 6.47
C LYS A 136 4.32 23.56 5.70
N GLU A 137 4.08 22.45 6.41
CA GLU A 137 3.82 21.15 5.76
C GLU A 137 2.78 21.25 4.64
N ARG A 138 1.65 21.88 4.95
CA ARG A 138 0.51 21.99 4.02
C ARG A 138 -0.02 20.59 3.67
N PHE A 139 -1.12 20.19 4.31
CA PHE A 139 -1.69 18.85 4.11
C PHE A 139 -3.18 18.91 3.76
N ASP A 140 -3.59 18.13 2.77
CA ASP A 140 -4.99 18.05 2.37
C ASP A 140 -5.77 17.05 3.24
N GLU A 141 -6.87 17.50 3.82
CA GLU A 141 -7.69 16.67 4.72
C GLU A 141 -8.30 15.48 3.97
N SER A 142 -7.59 14.35 3.98
CA SER A 142 -7.99 13.14 3.25
C SER A 142 -8.54 12.06 4.19
N GLY A 143 -9.09 12.46 5.33
CA GLY A 143 -9.62 11.47 6.27
C GLY A 143 -10.24 12.07 7.52
N LYS A 144 -10.33 11.25 8.57
CA LYS A 144 -10.96 11.64 9.84
C LYS A 144 -12.47 11.92 9.66
N GLY A 145 -12.80 13.17 9.32
CA GLY A 145 -14.19 13.55 9.06
C GLY A 145 -15.20 13.00 10.07
N LYS A 146 -16.16 12.21 9.58
CA LYS A 146 -17.19 11.61 10.42
C LYS A 146 -17.18 10.07 10.29
N GLY A 147 -15.99 9.50 10.12
CA GLY A 147 -15.86 8.05 9.90
C GLY A 147 -16.14 7.19 11.15
N ILE A 148 -17.15 7.55 11.94
CA ILE A 148 -17.53 6.78 13.12
C ILE A 148 -18.74 5.86 12.82
N ALA A 149 -19.41 6.11 11.69
CA ALA A 149 -20.60 5.34 11.30
C ALA A 149 -20.24 3.92 10.84
N GLY A 150 -20.70 2.92 11.59
CA GLY A 150 -20.40 1.52 11.27
C GLY A 150 -19.35 0.92 12.22
N ARG A 151 -19.80 0.14 13.20
CA ARG A 151 -18.90 -0.43 14.21
C ARG A 151 -19.01 -1.98 14.26
N GLN A 152 -18.21 -2.65 13.43
CA GLN A 152 -18.13 -4.12 13.45
C GLN A 152 -17.05 -4.64 12.50
N ASP A 153 -16.79 -3.88 11.43
CA ASP A 153 -15.75 -4.22 10.43
C ASP A 153 -16.09 -5.51 9.66
N ILE A 154 -15.87 -6.65 10.29
CA ILE A 154 -16.10 -7.96 9.65
C ILE A 154 -16.88 -8.91 10.58
N LEU A 155 -17.63 -9.83 9.98
CA LEU A 155 -18.44 -10.79 10.73
C LEU A 155 -17.73 -12.15 10.87
N ASP A 156 -16.41 -12.10 11.03
CA ASP A 156 -15.58 -13.31 11.10
C ASP A 156 -15.69 -14.16 9.81
N ASP A 157 -16.04 -13.50 8.70
CA ASP A 157 -16.16 -14.19 7.41
C ASP A 157 -14.82 -14.83 6.99
N SER A 158 -14.86 -16.15 6.80
CA SER A 158 -13.63 -16.93 6.55
C SER A 158 -13.03 -16.66 5.17
N GLY A 159 -11.74 -16.34 5.14
CA GLY A 159 -11.05 -16.10 3.88
C GLY A 159 -10.78 -17.38 3.09
N TYR A 160 -11.19 -17.38 1.82
CA TYR A 160 -11.06 -18.56 0.96
C TYR A 160 -9.59 -18.83 0.61
N VAL A 161 -9.15 -20.07 0.83
CA VAL A 161 -7.78 -20.48 0.52
C VAL A 161 -7.56 -20.69 -0.98
N SER A 162 -6.39 -20.30 -1.48
CA SER A 162 -6.03 -20.49 -2.89
C SER A 162 -5.66 -21.95 -3.18
N ALA A 163 -6.54 -22.66 -3.89
CA ALA A 163 -6.34 -24.08 -4.22
C ALA A 163 -6.39 -24.97 -2.96
N TYR A 164 -5.93 -26.22 -3.09
CA TYR A 164 -5.99 -27.18 -1.98
C TYR A 164 -4.81 -27.01 -0.99
N LYS A 165 -4.11 -25.88 -1.08
CA LYS A 165 -2.89 -25.61 -0.29
C LYS A 165 -1.72 -26.52 -0.72
N ASN A 166 -1.91 -27.83 -0.63
CA ASN A 166 -0.91 -28.79 -1.11
C ASN A 166 -1.35 -29.41 -2.45
N ALA A 167 -0.50 -30.28 -3.01
CA ALA A 167 -0.83 -30.97 -4.25
C ALA A 167 -1.97 -31.99 -4.05
N GLY A 168 -3.21 -31.55 -4.30
CA GLY A 168 -4.37 -32.42 -4.15
C GLY A 168 -4.59 -33.33 -5.36
N THR A 169 -3.50 -33.89 -5.89
CA THR A 169 -3.55 -34.78 -7.06
C THR A 169 -2.61 -35.97 -6.88
N TYR A 170 -2.62 -36.88 -7.84
CA TYR A 170 -1.73 -38.04 -7.81
C TYR A 170 -0.35 -37.70 -8.41
N ASP A 171 0.22 -36.58 -7.98
CA ASP A 171 1.55 -36.11 -8.40
C ASP A 171 1.58 -35.72 -9.89
N ALA A 172 1.55 -36.73 -10.76
CA ALA A 172 1.62 -36.53 -12.21
C ALA A 172 0.48 -35.66 -12.76
N LYS A 173 0.68 -35.13 -13.96
CA LYS A 173 -0.36 -34.40 -14.67
C LYS A 173 -1.52 -35.35 -15.00
N VAL A 174 -2.74 -34.94 -14.63
CA VAL A 174 -3.93 -35.80 -14.83
C VAL A 174 -4.03 -36.35 -16.27
N LYS A 175 -3.46 -37.54 -16.47
CA LYS A 175 -3.48 -38.23 -17.78
C LYS A 175 -2.92 -37.33 -18.91
N LYS A 176 -1.98 -36.44 -18.55
CA LYS A 176 -1.33 -35.54 -19.52
C LYS A 176 -2.33 -34.57 -20.17
N LEU A 177 -3.50 -34.41 -19.55
CA LEU A 177 -4.58 -33.55 -20.05
C LEU A 177 -5.20 -34.09 -21.36
N GLU A 178 -6.34 -34.77 -21.23
CA GLU A 178 -7.04 -35.40 -22.37
C GLU A 178 -7.08 -34.51 -23.62
N MET A 1 -22.82 -9.41 -2.00
CA MET A 1 -23.34 -9.06 -3.34
C MET A 1 -22.21 -9.00 -4.38
N ALA A 2 -22.57 -9.00 -5.67
CA ALA A 2 -21.59 -8.89 -6.75
C ALA A 2 -20.78 -7.57 -6.68
N ALA A 3 -19.67 -7.52 -7.42
CA ALA A 3 -18.75 -6.37 -7.40
C ALA A 3 -17.99 -6.29 -6.06
N SER A 4 -16.73 -6.75 -6.06
CA SER A 4 -15.94 -6.85 -4.83
C SER A 4 -15.32 -5.52 -4.44
N THR A 5 -15.56 -5.10 -3.20
CA THR A 5 -14.90 -3.91 -2.64
C THR A 5 -13.41 -4.19 -2.39
N ASP A 6 -12.55 -3.50 -3.13
CA ASP A 6 -11.09 -3.74 -3.07
C ASP A 6 -10.73 -5.10 -3.69
N ILE A 7 -10.24 -5.07 -4.94
CA ILE A 7 -9.85 -6.29 -5.65
C ILE A 7 -8.93 -7.20 -4.81
N ALA A 8 -9.29 -8.48 -4.72
CA ALA A 8 -8.52 -9.47 -3.94
C ALA A 8 -7.04 -9.52 -4.35
N GLY A 9 -6.75 -9.18 -5.60
CA GLY A 9 -5.38 -9.13 -6.09
C GLY A 9 -4.52 -8.13 -5.33
N LEU A 10 -5.15 -7.07 -4.81
CA LEU A 10 -4.46 -6.06 -4.01
C LEU A 10 -4.11 -6.63 -2.62
N GLU A 11 -4.99 -7.47 -2.09
CA GLU A 11 -4.74 -8.15 -0.82
C GLU A 11 -3.51 -9.07 -0.92
N GLU A 12 -3.44 -9.84 -2.01
CA GLU A 12 -2.32 -10.77 -2.22
C GLU A 12 -1.00 -10.02 -2.42
N SER A 13 -1.01 -8.98 -3.25
CA SER A 13 0.19 -8.17 -3.49
C SER A 13 0.71 -7.56 -2.17
N PHE A 14 -0.21 -7.00 -1.38
CA PHE A 14 0.12 -6.55 -0.03
C PHE A 14 0.76 -7.69 0.79
N ARG A 15 0.12 -8.85 0.75
CA ARG A 15 0.58 -10.03 1.49
C ARG A 15 2.01 -10.43 1.07
N LYS A 16 2.31 -10.29 -0.22
CA LYS A 16 3.64 -10.58 -0.76
C LYS A 16 4.73 -9.72 -0.10
N PHE A 17 4.51 -8.40 -0.07
CA PHE A 17 5.45 -7.48 0.58
C PHE A 17 5.40 -7.59 2.11
N ALA A 18 4.29 -8.12 2.63
CA ALA A 18 4.11 -8.30 4.07
C ALA A 18 5.01 -9.43 4.63
N ILE A 19 4.91 -10.61 4.04
CA ILE A 19 5.72 -11.77 4.45
C ILE A 19 7.19 -11.64 4.01
N HIS A 20 7.45 -10.66 3.15
CA HIS A 20 8.81 -10.41 2.65
C HIS A 20 9.80 -10.11 3.80
N GLY A 21 10.39 -11.17 4.34
CA GLY A 21 11.34 -11.02 5.45
C GLY A 21 11.07 -11.99 6.60
N ASP A 22 9.80 -12.30 6.85
CA ASP A 22 9.42 -13.17 7.96
C ASP A 22 8.40 -14.26 7.51
N PRO A 23 8.79 -15.55 7.54
CA PRO A 23 7.92 -16.65 7.12
C PRO A 23 6.91 -17.08 8.20
N LYS A 24 6.94 -16.42 9.35
CA LYS A 24 6.04 -16.74 10.47
C LYS A 24 4.78 -15.86 10.44
N ALA A 25 4.85 -14.76 9.70
CA ALA A 25 3.71 -13.85 9.54
C ALA A 25 2.74 -14.35 8.46
N SER A 26 1.44 -14.25 8.74
CA SER A 26 0.40 -14.67 7.78
C SER A 26 0.36 -13.74 6.57
N GLY A 27 0.85 -12.51 6.74
CA GLY A 27 0.91 -11.56 5.62
C GLY A 27 -0.09 -10.41 5.72
N GLN A 28 -0.55 -10.10 6.94
CA GLN A 28 -1.50 -8.99 7.15
C GLN A 28 -0.81 -7.76 7.76
N GLU A 29 0.51 -7.82 7.87
CA GLU A 29 1.29 -6.71 8.47
C GLU A 29 2.49 -6.34 7.58
N MET A 30 2.65 -5.05 7.30
CA MET A 30 3.74 -4.57 6.43
C MET A 30 4.59 -3.50 7.12
N ASN A 31 5.91 -3.63 7.03
CA ASN A 31 6.85 -2.65 7.61
C ASN A 31 7.22 -1.55 6.61
N GLY A 32 7.86 -0.49 7.11
CA GLY A 32 8.25 0.63 6.26
C GLY A 32 9.31 0.29 5.21
N LYS A 33 10.16 -0.70 5.51
CA LYS A 33 11.22 -1.13 4.59
C LYS A 33 10.62 -1.80 3.33
N ASN A 34 9.70 -2.75 3.53
CA ASN A 34 8.99 -3.38 2.41
C ASN A 34 8.06 -2.38 1.71
N TRP A 35 7.46 -1.49 2.49
CA TRP A 35 6.61 -0.40 1.96
C TRP A 35 7.41 0.48 0.99
N ALA A 36 8.63 0.86 1.38
CA ALA A 36 9.53 1.64 0.53
C ALA A 36 9.86 0.90 -0.78
N LYS A 37 10.03 -0.42 -0.68
CA LYS A 37 10.26 -1.26 -1.85
C LYS A 37 9.00 -1.39 -2.70
N LEU A 38 7.84 -1.42 -2.04
CA LEU A 38 6.55 -1.52 -2.73
C LEU A 38 6.35 -0.33 -3.68
N CYS A 39 6.46 0.88 -3.13
CA CYS A 39 6.31 2.10 -3.93
C CYS A 39 7.34 2.18 -5.07
N LYS A 40 8.60 1.86 -4.76
CA LYS A 40 9.68 1.93 -5.75
C LYS A 40 9.50 0.87 -6.84
N ASP A 41 9.05 -0.32 -6.45
CA ASP A 41 8.82 -1.43 -7.38
C ASP A 41 7.65 -1.13 -8.32
N CYS A 42 6.52 -0.70 -7.75
CA CYS A 42 5.34 -0.34 -8.54
C CYS A 42 5.47 1.09 -9.12
N LYS A 43 6.61 1.74 -8.84
CA LYS A 43 6.95 3.03 -9.45
C LYS A 43 6.06 4.17 -8.93
N VAL A 44 5.42 3.95 -7.78
CA VAL A 44 4.61 4.98 -7.13
C VAL A 44 5.51 6.10 -6.56
N ALA A 45 6.76 5.74 -6.24
CA ALA A 45 7.77 6.74 -5.85
C ALA A 45 8.17 7.59 -7.07
N ASP A 46 7.28 8.52 -7.40
CA ASP A 46 7.34 9.30 -8.64
C ASP A 46 8.68 10.02 -8.87
N GLY A 47 9.37 10.40 -7.79
CA GLY A 47 10.62 11.14 -7.91
C GLY A 47 10.43 12.62 -8.26
N LYS A 48 9.43 12.91 -9.09
CA LYS A 48 9.12 14.28 -9.50
C LYS A 48 8.26 14.98 -8.43
N SER A 49 7.22 14.28 -7.98
CA SER A 49 6.37 14.76 -6.87
C SER A 49 6.61 13.95 -5.58
N VAL A 50 6.56 12.62 -5.68
CA VAL A 50 6.73 11.73 -4.52
C VAL A 50 8.19 11.29 -4.35
N THR A 51 8.87 11.78 -3.31
CA THR A 51 10.25 11.37 -3.02
C THR A 51 10.30 10.25 -1.97
N GLY A 52 11.51 9.73 -1.71
CA GLY A 52 11.67 8.69 -0.69
C GLY A 52 11.21 9.16 0.69
N THR A 53 11.59 10.39 1.04
CA THR A 53 11.09 11.02 2.27
C THR A 53 9.57 10.95 2.32
N ASP A 54 8.95 11.37 1.22
CA ASP A 54 7.51 11.44 1.14
C ASP A 54 6.88 10.06 1.43
N VAL A 55 7.53 9.00 0.96
CA VAL A 55 7.10 7.63 1.23
C VAL A 55 7.08 7.34 2.74
N ASP A 56 8.09 7.83 3.46
CA ASP A 56 8.14 7.71 4.92
C ASP A 56 7.03 8.55 5.58
N ILE A 57 6.78 9.73 5.02
CA ILE A 57 5.75 10.64 5.55
C ILE A 57 4.36 10.00 5.48
N VAL A 58 4.03 9.42 4.32
CA VAL A 58 2.75 8.71 4.15
C VAL A 58 2.61 7.55 5.15
N PHE A 59 3.70 6.80 5.32
CA PHE A 59 3.73 5.69 6.29
C PHE A 59 3.51 6.21 7.74
N SER A 60 3.82 7.49 7.96
CA SER A 60 3.57 8.13 9.25
C SER A 60 2.14 8.69 9.34
N LYS A 61 1.63 9.19 8.21
CA LYS A 61 0.26 9.75 8.15
C LYS A 61 -0.80 8.70 8.51
N VAL A 62 -0.66 7.50 7.97
CA VAL A 62 -1.65 6.42 8.19
C VAL A 62 -1.47 5.73 9.56
N LYS A 63 -0.27 5.83 10.13
CA LYS A 63 0.06 5.15 11.38
C LYS A 63 -0.60 5.83 12.60
N GLY A 64 -0.91 5.05 13.62
CA GLY A 64 -1.41 5.61 14.87
C GLY A 64 -0.34 6.38 15.63
N LYS A 65 0.28 5.74 16.64
CA LYS A 65 1.41 6.33 17.37
C LYS A 65 2.46 5.26 17.71
N SER A 66 2.09 4.30 18.54
CA SER A 66 3.01 3.21 18.91
C SER A 66 2.81 2.00 17.97
N ALA A 67 3.58 1.96 16.88
CA ALA A 67 3.47 0.88 15.90
C ALA A 67 4.72 0.78 15.01
N ARG A 68 5.07 -0.44 14.62
CA ARG A 68 6.21 -0.70 13.73
C ARG A 68 5.72 -1.01 12.30
N VAL A 69 4.62 -1.75 12.22
CA VAL A 69 4.03 -2.18 10.94
C VAL A 69 2.55 -1.74 10.85
N ILE A 70 2.04 -1.66 9.61
CA ILE A 70 0.63 -1.31 9.37
C ILE A 70 -0.10 -2.46 8.66
N ASN A 71 -1.44 -2.47 8.73
CA ASN A 71 -2.24 -3.53 8.08
C ASN A 71 -2.93 -3.05 6.79
N TYR A 72 -3.63 -3.96 6.11
CA TYR A 72 -4.25 -3.68 4.81
C TYR A 72 -5.16 -2.44 4.81
N GLU A 73 -5.94 -2.26 5.88
CA GLU A 73 -6.82 -1.09 6.01
C GLU A 73 -6.02 0.22 5.89
N GLU A 74 -4.96 0.33 6.67
CA GLU A 74 -4.06 1.50 6.63
C GLU A 74 -3.35 1.61 5.27
N PHE A 75 -3.07 0.45 4.66
CA PHE A 75 -2.49 0.40 3.31
C PHE A 75 -3.41 1.09 2.29
N LYS A 76 -4.72 0.83 2.39
CA LYS A 76 -5.72 1.54 1.58
C LYS A 76 -5.59 3.06 1.75
N LYS A 77 -5.54 3.50 3.00
CA LYS A 77 -5.42 4.93 3.33
C LYS A 77 -4.12 5.52 2.77
N ALA A 78 -3.06 4.72 2.77
CA ALA A 78 -1.78 5.12 2.18
C ALA A 78 -1.88 5.28 0.66
N LEU A 79 -2.56 4.33 0.00
CA LEU A 79 -2.78 4.39 -1.45
C LEU A 79 -3.66 5.59 -1.82
N GLU A 80 -4.63 5.90 -0.96
CA GLU A 80 -5.50 7.06 -1.15
C GLU A 80 -4.67 8.36 -1.19
N GLU A 81 -3.80 8.52 -0.20
CA GLU A 81 -2.86 9.65 -0.15
C GLU A 81 -1.98 9.70 -1.41
N LEU A 82 -1.27 8.61 -1.68
CA LEU A 82 -0.36 8.53 -2.84
C LEU A 82 -1.10 8.72 -4.17
N ALA A 83 -2.33 8.23 -4.26
CA ALA A 83 -3.14 8.38 -5.48
C ALA A 83 -3.45 9.86 -5.74
N THR A 84 -3.91 10.55 -4.70
CA THR A 84 -4.26 11.98 -4.80
C THR A 84 -3.02 12.88 -4.87
N LYS A 85 -1.83 12.30 -4.65
CA LYS A 85 -0.57 13.02 -4.82
C LYS A 85 0.13 12.66 -6.15
N ARG A 86 -0.11 11.44 -6.65
CA ARG A 86 0.47 10.99 -7.92
C ARG A 86 -0.37 11.47 -9.10
N PHE A 87 -1.66 11.16 -9.03
CA PHE A 87 -2.63 11.57 -10.05
C PHE A 87 -3.19 12.97 -9.72
N LYS A 88 -3.44 13.75 -10.77
CA LYS A 88 -3.95 15.13 -10.60
C LYS A 88 -5.46 15.15 -10.38
N GLY A 89 -6.07 16.34 -10.53
CA GLY A 89 -7.51 16.52 -10.26
C GLY A 89 -8.42 15.57 -11.04
N LYS A 90 -8.58 14.35 -10.52
CA LYS A 90 -9.48 13.36 -11.10
C LYS A 90 -10.46 12.83 -10.04
N SER A 91 -11.36 11.96 -10.44
CA SER A 91 -12.30 11.32 -9.52
C SER A 91 -11.56 10.45 -8.49
N LYS A 92 -11.83 10.72 -7.20
CA LYS A 92 -11.11 10.08 -6.10
C LYS A 92 -11.16 8.55 -6.18
N GLU A 93 -12.32 8.00 -6.55
CA GLU A 93 -12.48 6.55 -6.69
C GLU A 93 -11.56 6.00 -7.79
N GLU A 94 -11.74 6.49 -9.02
CA GLU A 94 -10.93 6.04 -10.17
C GLU A 94 -9.42 6.17 -9.88
N ALA A 95 -9.04 7.26 -9.21
CA ALA A 95 -7.64 7.47 -8.81
C ALA A 95 -7.14 6.35 -7.89
N PHE A 96 -7.98 5.95 -6.93
CA PHE A 96 -7.64 4.87 -6.00
C PHE A 96 -7.56 3.51 -6.74
N ASP A 97 -8.60 3.19 -7.51
CA ASP A 97 -8.62 1.94 -8.27
C ASP A 97 -7.40 1.83 -9.21
N ALA A 98 -7.06 2.95 -9.87
CA ALA A 98 -5.91 2.97 -10.79
C ALA A 98 -4.59 2.67 -10.07
N ILE A 99 -4.28 3.42 -9.00
CA ILE A 99 -3.05 3.18 -8.24
C ILE A 99 -3.01 1.74 -7.68
N CYS A 100 -4.17 1.23 -7.28
CA CYS A 100 -4.29 -0.16 -6.81
C CYS A 100 -4.07 -1.16 -7.96
N GLN A 101 -4.57 -0.81 -9.14
CA GLN A 101 -4.39 -1.66 -10.34
C GLN A 101 -2.90 -1.87 -10.67
N LEU A 102 -2.08 -0.87 -10.33
CA LEU A 102 -0.62 -0.95 -10.51
C LEU A 102 -0.02 -2.10 -9.68
N VAL A 103 -0.50 -2.26 -8.45
CA VAL A 103 0.07 -3.23 -7.51
C VAL A 103 -0.72 -4.56 -7.49
N ALA A 104 -2.03 -4.47 -7.73
CA ALA A 104 -2.94 -5.62 -7.62
C ALA A 104 -2.61 -6.74 -8.62
N GLY A 105 -2.39 -7.95 -8.09
CA GLY A 105 -2.12 -9.11 -8.94
C GLY A 105 -0.65 -9.27 -9.31
N LYS A 106 0.15 -8.24 -9.04
CA LYS A 106 1.58 -8.26 -9.35
C LYS A 106 2.39 -8.90 -8.21
N GLU A 107 3.54 -9.48 -8.55
CA GLU A 107 4.47 -10.01 -7.53
C GLU A 107 5.41 -8.89 -7.04
N PRO A 108 6.08 -9.08 -5.89
CA PRO A 108 7.05 -8.11 -5.37
C PRO A 108 8.32 -8.03 -6.24
N ALA A 109 9.47 -7.71 -5.63
CA ALA A 109 10.76 -7.84 -6.32
C ALA A 109 10.85 -9.21 -6.99
N ASN A 110 10.98 -9.22 -8.33
CA ASN A 110 10.87 -10.45 -9.13
C ASN A 110 11.81 -11.60 -8.68
N VAL A 111 11.48 -12.20 -7.55
CA VAL A 111 12.26 -13.30 -6.95
C VAL A 111 11.82 -13.57 -5.50
N GLY A 112 11.47 -12.49 -4.78
CA GLY A 112 11.10 -12.60 -3.37
C GLY A 112 12.28 -12.35 -2.43
N VAL A 113 13.25 -13.25 -2.47
CA VAL A 113 14.49 -13.10 -1.71
C VAL A 113 15.66 -12.74 -2.65
N THR A 114 16.65 -12.00 -2.13
CA THR A 114 17.84 -11.62 -2.92
C THR A 114 18.46 -12.85 -3.61
N LYS A 115 19.00 -12.65 -4.82
CA LYS A 115 19.52 -13.77 -5.63
C LYS A 115 20.50 -14.66 -4.85
N ALA A 116 19.96 -15.71 -4.26
CA ALA A 116 20.74 -16.74 -3.59
C ALA A 116 19.98 -18.08 -3.63
N LYS A 117 19.02 -18.25 -2.70
CA LYS A 117 18.05 -19.37 -2.73
C LYS A 117 18.70 -20.76 -2.51
N THR A 118 20.00 -20.89 -2.75
CA THR A 118 20.71 -22.18 -2.66
C THR A 118 21.05 -22.56 -1.21
N GLY A 119 20.23 -22.14 -0.25
CA GLY A 119 20.46 -22.48 1.15
C GLY A 119 20.34 -23.98 1.44
N GLY A 120 19.10 -24.46 1.50
CA GLY A 120 18.84 -25.89 1.68
C GLY A 120 19.55 -26.52 2.88
N ALA A 121 19.75 -25.73 3.95
CA ALA A 121 20.45 -26.22 5.15
C ALA A 121 19.96 -25.51 6.42
N VAL A 122 20.23 -26.11 7.58
CA VAL A 122 19.80 -25.57 8.88
C VAL A 122 18.27 -25.67 9.06
N ASP A 123 17.51 -24.98 8.19
CA ASP A 123 16.04 -25.03 8.19
C ASP A 123 15.45 -24.38 9.45
N ARG A 124 15.57 -25.07 10.57
CA ARG A 124 15.04 -24.61 11.86
C ARG A 124 13.50 -24.59 11.89
N LEU A 125 12.91 -25.79 11.97
CA LEU A 125 11.46 -25.92 12.16
C LEU A 125 11.10 -25.73 13.66
N THR A 126 12.14 -25.60 14.49
CA THR A 126 11.98 -25.44 15.93
C THR A 126 11.16 -24.19 16.31
N ASP A 127 9.85 -24.39 16.53
CA ASP A 127 8.99 -23.30 16.99
C ASP A 127 9.18 -23.05 18.49
N THR A 128 8.49 -22.07 19.06
CA THR A 128 8.61 -21.73 20.49
C THR A 128 8.21 -22.92 21.40
N SER A 129 8.37 -22.73 22.71
CA SER A 129 8.08 -23.80 23.69
C SER A 129 6.70 -24.44 23.47
N ARG A 130 6.68 -25.77 23.39
CA ARG A 130 5.44 -26.51 23.20
C ARG A 130 4.61 -26.52 24.49
N TYR A 131 5.24 -26.17 25.61
CA TYR A 131 4.55 -26.09 26.89
C TYR A 131 3.81 -24.75 27.02
N THR A 132 2.83 -24.56 26.14
CA THR A 132 2.04 -23.31 26.04
C THR A 132 2.91 -22.04 26.09
N GLY A 133 3.51 -21.71 24.94
CA GLY A 133 4.29 -20.48 24.83
C GLY A 133 3.42 -19.27 24.56
N SER A 134 2.61 -18.89 25.56
CA SER A 134 1.63 -17.80 25.45
C SER A 134 2.23 -16.52 24.86
N HIS A 135 1.37 -15.71 24.20
CA HIS A 135 1.77 -14.49 23.50
C HIS A 135 2.58 -14.79 22.22
N LYS A 136 3.75 -15.39 22.39
CA LYS A 136 4.65 -15.71 21.27
C LYS A 136 5.01 -14.47 20.46
N GLU A 137 4.25 -14.18 19.40
CA GLU A 137 4.49 -13.01 18.55
C GLU A 137 3.18 -12.29 18.21
N ARG A 138 3.12 -10.99 18.52
CA ARG A 138 1.95 -10.14 18.20
C ARG A 138 0.71 -10.42 19.08
N PHE A 139 0.41 -11.69 19.33
CA PHE A 139 -0.83 -12.08 20.03
C PHE A 139 -0.78 -11.84 21.54
N ASP A 140 -1.96 -11.69 22.14
CA ASP A 140 -2.12 -11.44 23.57
C ASP A 140 -1.45 -10.12 24.01
N GLU A 141 -2.27 -9.07 24.15
CA GLU A 141 -1.78 -7.76 24.62
C GLU A 141 -1.09 -7.91 25.99
N SER A 142 0.17 -7.49 26.06
CA SER A 142 1.02 -7.73 27.25
C SER A 142 0.58 -6.94 28.49
N GLY A 143 -0.44 -7.45 29.17
CA GLY A 143 -0.88 -6.89 30.46
C GLY A 143 -1.14 -5.38 30.43
N LYS A 144 -0.68 -4.70 31.48
CA LYS A 144 -0.83 -3.25 31.59
C LYS A 144 0.54 -2.55 31.46
N GLY A 145 0.76 -1.87 30.33
CA GLY A 145 2.02 -1.15 30.11
C GLY A 145 2.33 -0.16 31.23
N LYS A 146 1.73 1.02 31.17
CA LYS A 146 1.84 2.00 32.26
C LYS A 146 0.45 2.38 32.80
N GLY A 147 -0.48 2.61 31.89
CA GLY A 147 -1.83 3.01 32.28
C GLY A 147 -1.89 4.38 32.92
N ILE A 148 -1.04 5.29 32.43
CA ILE A 148 -0.94 6.64 32.98
C ILE A 148 -2.00 7.59 32.39
N ALA A 149 -2.83 8.18 33.24
CA ALA A 149 -3.84 9.15 32.80
C ALA A 149 -3.23 10.56 32.69
N GLY A 150 -2.49 10.79 31.61
CA GLY A 150 -1.85 12.08 31.39
C GLY A 150 -1.49 12.33 29.93
N ARG A 151 -0.94 13.51 29.64
CA ARG A 151 -0.52 13.85 28.27
C ARG A 151 0.99 14.07 28.19
N GLN A 152 1.61 13.56 27.13
CA GLN A 152 3.05 13.73 26.91
C GLN A 152 3.38 15.14 26.37
N ASP A 153 3.52 16.11 27.27
CA ASP A 153 3.91 17.48 26.89
C ASP A 153 5.40 17.55 26.53
N ILE A 154 6.14 16.50 26.86
CA ILE A 154 7.54 16.37 26.45
C ILE A 154 7.64 16.32 24.91
N LEU A 155 8.08 17.41 24.30
CA LEU A 155 8.16 17.51 22.85
C LEU A 155 9.52 17.07 22.32
N ASP A 156 9.68 15.76 22.09
CA ASP A 156 10.90 15.21 21.50
C ASP A 156 10.99 15.59 20.02
N ASP A 157 12.14 16.13 19.61
CA ASP A 157 12.37 16.43 18.18
C ASP A 157 12.58 15.13 17.39
N SER A 158 11.49 14.44 17.10
CA SER A 158 11.53 13.17 16.37
C SER A 158 11.63 13.39 14.85
N GLY A 159 12.87 13.39 14.34
CA GLY A 159 13.08 13.60 12.92
C GLY A 159 14.16 12.66 12.36
N TYR A 160 15.42 12.94 12.71
CA TYR A 160 16.54 12.10 12.27
C TYR A 160 17.26 11.46 13.46
N VAL A 161 17.30 10.13 13.49
CA VAL A 161 17.96 9.40 14.57
C VAL A 161 19.50 9.39 14.40
N SER A 162 20.17 10.27 15.14
CA SER A 162 21.64 10.30 15.17
C SER A 162 22.17 9.41 16.29
N ALA A 163 23.09 8.50 15.95
CA ALA A 163 23.61 7.48 16.88
C ALA A 163 22.55 6.41 17.19
N TYR A 164 22.81 5.17 16.75
CA TYR A 164 21.80 4.10 16.82
C TYR A 164 21.99 3.20 18.05
N LYS A 165 22.88 2.21 17.93
CA LYS A 165 23.09 1.20 18.98
C LYS A 165 21.81 0.42 19.31
N ASN A 166 21.03 0.91 20.29
CA ASN A 166 19.84 0.20 20.78
C ASN A 166 20.16 -1.27 21.08
N ALA A 167 20.82 -1.52 22.21
CA ALA A 167 21.29 -2.87 22.56
C ALA A 167 20.15 -3.79 23.03
N GLY A 168 19.13 -3.21 23.67
CA GLY A 168 18.05 -4.00 24.24
C GLY A 168 18.50 -4.83 25.44
N THR A 169 19.22 -4.19 26.35
CA THR A 169 19.83 -4.85 27.51
C THR A 169 18.81 -5.67 28.32
N TYR A 170 18.89 -7.01 28.19
CA TYR A 170 17.99 -7.94 28.90
C TYR A 170 16.51 -7.69 28.60
N ASP A 171 16.22 -6.94 27.52
CA ASP A 171 14.85 -6.59 27.12
C ASP A 171 14.19 -5.63 28.13
N ALA A 172 13.13 -4.95 27.72
CA ALA A 172 12.42 -4.00 28.59
C ALA A 172 11.40 -4.69 29.51
N LYS A 173 11.42 -6.02 29.55
CA LYS A 173 10.49 -6.79 30.38
C LYS A 173 10.91 -6.78 31.86
N VAL A 174 11.14 -5.57 32.40
CA VAL A 174 11.41 -5.39 33.84
C VAL A 174 10.12 -5.49 34.66
N LYS A 175 9.00 -5.66 33.95
CA LYS A 175 7.67 -5.79 34.56
C LYS A 175 7.42 -7.24 35.01
N LYS A 176 8.48 -7.88 35.52
CA LYS A 176 8.47 -9.31 35.86
C LYS A 176 7.29 -9.72 36.76
N LEU A 177 6.72 -10.89 36.46
CA LEU A 177 5.55 -11.40 37.18
C LEU A 177 5.94 -12.05 38.53
N GLU A 178 7.23 -12.00 38.85
CA GLU A 178 7.74 -12.51 40.13
C GLU A 178 7.45 -11.49 41.26
N MET A 1 -21.02 -8.47 0.71
CA MET A 1 -21.28 -8.29 -0.74
C MET A 1 -21.54 -6.82 -1.10
N ALA A 2 -21.03 -6.39 -2.26
CA ALA A 2 -21.22 -5.03 -2.78
C ALA A 2 -20.57 -3.95 -1.88
N ALA A 3 -21.18 -3.68 -0.73
CA ALA A 3 -20.71 -2.62 0.17
C ALA A 3 -19.26 -2.84 0.63
N SER A 4 -18.33 -2.07 0.06
CA SER A 4 -16.89 -2.20 0.34
C SER A 4 -16.34 -3.54 -0.15
N THR A 5 -15.69 -3.53 -1.31
CA THR A 5 -15.10 -4.75 -1.86
C THR A 5 -13.63 -4.53 -2.26
N ASP A 6 -12.72 -4.96 -1.39
CA ASP A 6 -11.28 -4.89 -1.68
C ASP A 6 -10.85 -6.03 -2.62
N ILE A 7 -10.35 -5.66 -3.79
CA ILE A 7 -9.93 -6.66 -4.80
C ILE A 7 -8.88 -7.63 -4.24
N ALA A 8 -9.10 -8.93 -4.45
CA ALA A 8 -8.21 -9.97 -3.93
C ALA A 8 -6.74 -9.76 -4.33
N GLY A 9 -6.52 -9.22 -5.52
CA GLY A 9 -5.16 -8.92 -5.98
C GLY A 9 -4.42 -7.93 -5.09
N LEU A 10 -5.15 -6.97 -4.53
CA LEU A 10 -4.55 -5.97 -3.62
C LEU A 10 -4.22 -6.59 -2.26
N GLU A 11 -5.15 -7.39 -1.75
CA GLU A 11 -4.95 -8.15 -0.51
C GLU A 11 -3.74 -9.10 -0.66
N GLU A 12 -3.58 -9.66 -1.86
CA GLU A 12 -2.41 -10.49 -2.19
C GLU A 12 -1.12 -9.67 -2.20
N SER A 13 -1.12 -8.55 -2.92
CA SER A 13 0.08 -7.71 -3.06
C SER A 13 0.56 -7.17 -1.70
N PHE A 14 -0.39 -6.71 -0.87
CA PHE A 14 -0.06 -6.28 0.50
C PHE A 14 0.61 -7.42 1.29
N ARG A 15 -0.08 -8.55 1.35
CA ARG A 15 0.45 -9.75 2.02
C ARG A 15 1.81 -10.18 1.41
N LYS A 16 1.95 -9.98 0.10
CA LYS A 16 3.17 -10.36 -0.62
C LYS A 16 4.39 -9.56 -0.14
N PHE A 17 4.24 -8.24 -0.04
CA PHE A 17 5.31 -7.39 0.50
C PHE A 17 5.37 -7.45 2.03
N ALA A 18 4.26 -7.82 2.67
CA ALA A 18 4.24 -8.00 4.12
C ALA A 18 5.12 -9.18 4.56
N ILE A 19 4.96 -10.32 3.89
CA ILE A 19 5.76 -11.51 4.19
C ILE A 19 7.10 -11.52 3.42
N HIS A 20 7.35 -10.46 2.65
CA HIS A 20 8.56 -10.34 1.83
C HIS A 20 9.84 -10.59 2.66
N GLY A 21 10.33 -11.82 2.60
CA GLY A 21 11.47 -12.24 3.40
C GLY A 21 11.26 -13.60 4.05
N ASP A 22 10.12 -13.76 4.72
CA ASP A 22 9.75 -15.02 5.37
C ASP A 22 8.36 -15.52 4.92
N PRO A 23 8.30 -16.62 4.14
CA PRO A 23 7.02 -17.21 3.69
C PRO A 23 6.20 -17.81 4.85
N LYS A 24 6.79 -17.81 6.04
CA LYS A 24 6.13 -18.30 7.25
C LYS A 24 5.44 -17.16 8.02
N ALA A 25 5.53 -15.94 7.50
CA ALA A 25 4.94 -14.78 8.17
C ALA A 25 3.43 -14.67 7.89
N SER A 26 2.72 -13.94 8.75
CA SER A 26 1.26 -13.78 8.64
C SER A 26 0.86 -12.96 7.39
N GLY A 27 1.14 -11.66 7.40
CA GLY A 27 0.89 -10.82 6.21
C GLY A 27 -0.26 -9.84 6.36
N GLN A 28 -0.73 -9.61 7.59
CA GLN A 28 -1.80 -8.62 7.84
C GLN A 28 -1.22 -7.28 8.31
N GLU A 29 0.11 -7.19 8.34
CA GLU A 29 0.82 -5.95 8.72
C GLU A 29 2.12 -5.80 7.90
N MET A 30 2.45 -4.57 7.54
CA MET A 30 3.64 -4.28 6.71
C MET A 30 4.53 -3.20 7.33
N ASN A 31 5.86 -3.39 7.23
CA ASN A 31 6.83 -2.42 7.75
C ASN A 31 7.27 -1.40 6.68
N GLY A 32 7.88 -0.30 7.13
CA GLY A 32 8.37 0.73 6.20
C GLY A 32 9.42 0.22 5.22
N LYS A 33 10.15 -0.83 5.63
CA LYS A 33 11.15 -1.46 4.77
C LYS A 33 10.53 -1.99 3.46
N ASN A 34 9.54 -2.86 3.59
CA ASN A 34 8.85 -3.43 2.43
C ASN A 34 7.88 -2.42 1.80
N TRP A 35 7.38 -1.48 2.60
CA TRP A 35 6.55 -0.37 2.10
C TRP A 35 7.34 0.50 1.11
N ALA A 36 8.57 0.83 1.48
CA ALA A 36 9.45 1.61 0.61
C ALA A 36 9.75 0.84 -0.69
N LYS A 37 10.06 -0.45 -0.56
CA LYS A 37 10.30 -1.30 -1.72
C LYS A 37 9.02 -1.54 -2.54
N LEU A 38 7.87 -1.56 -1.86
CA LEU A 38 6.57 -1.72 -2.52
C LEU A 38 6.34 -0.62 -3.57
N CYS A 39 6.41 0.62 -3.11
CA CYS A 39 6.21 1.78 -4.00
C CYS A 39 7.29 1.87 -5.07
N LYS A 40 8.52 1.50 -4.72
CA LYS A 40 9.64 1.51 -5.68
C LYS A 40 9.46 0.44 -6.76
N ASP A 41 9.02 -0.75 -6.35
CA ASP A 41 8.82 -1.87 -7.29
C ASP A 41 7.58 -1.68 -8.18
N CYS A 42 6.56 -1.02 -7.66
CA CYS A 42 5.38 -0.67 -8.45
C CYS A 42 5.56 0.71 -9.11
N LYS A 43 6.67 1.38 -8.75
CA LYS A 43 7.02 2.70 -9.29
C LYS A 43 5.92 3.76 -9.08
N VAL A 44 5.08 3.56 -8.06
CA VAL A 44 4.14 4.60 -7.63
C VAL A 44 4.90 5.79 -7.03
N ALA A 45 5.98 5.49 -6.30
CA ALA A 45 6.90 6.52 -5.82
C ALA A 45 7.65 7.15 -7.00
N ASP A 46 7.40 8.43 -7.22
CA ASP A 46 7.94 9.13 -8.39
C ASP A 46 8.60 10.44 -7.98
N GLY A 47 9.86 10.35 -7.58
CA GLY A 47 10.65 11.52 -7.15
C GLY A 47 10.34 12.85 -7.87
N LYS A 48 9.93 12.79 -9.13
CA LYS A 48 9.50 14.01 -9.85
C LYS A 48 8.28 14.65 -9.18
N SER A 49 7.30 13.82 -8.83
CA SER A 49 6.08 14.26 -8.12
C SER A 49 6.08 13.81 -6.65
N VAL A 50 6.22 12.51 -6.42
CA VAL A 50 6.19 11.91 -5.07
C VAL A 50 7.58 11.42 -4.63
N THR A 51 8.20 12.10 -3.68
CA THR A 51 9.52 11.72 -3.18
C THR A 51 9.44 10.55 -2.18
N GLY A 52 10.50 9.75 -2.10
CA GLY A 52 10.57 8.66 -1.14
C GLY A 52 10.38 9.13 0.30
N THR A 53 10.80 10.37 0.57
CA THR A 53 10.58 10.99 1.87
C THR A 53 9.08 11.14 2.16
N ASP A 54 8.34 11.71 1.21
CA ASP A 54 6.89 11.89 1.36
C ASP A 54 6.18 10.55 1.60
N VAL A 55 6.62 9.51 0.87
CA VAL A 55 6.10 8.15 1.05
C VAL A 55 6.35 7.65 2.49
N ASP A 56 7.48 8.05 3.08
CA ASP A 56 7.83 7.66 4.44
C ASP A 56 6.96 8.43 5.45
N ILE A 57 6.69 9.69 5.15
CA ILE A 57 5.84 10.52 6.01
C ILE A 57 4.42 9.95 6.08
N VAL A 58 3.88 9.58 4.92
CA VAL A 58 2.54 8.97 4.85
C VAL A 58 2.49 7.70 5.70
N PHE A 59 3.54 6.88 5.63
CA PHE A 59 3.64 5.66 6.44
C PHE A 59 3.48 5.98 7.94
N SER A 60 4.13 7.05 8.39
CA SER A 60 4.10 7.44 9.81
C SER A 60 2.81 8.20 10.17
N LYS A 61 2.11 8.72 9.16
CA LYS A 61 0.84 9.44 9.37
C LYS A 61 -0.36 8.49 9.46
N VAL A 62 -0.31 7.38 8.73
CA VAL A 62 -1.33 6.34 8.84
C VAL A 62 -1.03 5.41 10.02
N LYS A 63 0.23 5.40 10.46
CA LYS A 63 0.68 4.61 11.61
C LYS A 63 -0.06 5.00 12.91
N GLY A 64 -0.63 4.01 13.59
CA GLY A 64 -1.19 4.24 14.92
C GLY A 64 -0.10 4.45 15.97
N LYS A 65 -0.41 5.20 17.03
CA LYS A 65 0.58 5.54 18.06
C LYS A 65 1.30 4.31 18.64
N SER A 66 0.55 3.25 18.94
CA SER A 66 1.14 2.02 19.50
C SER A 66 1.48 1.00 18.42
N ALA A 67 1.30 1.38 17.16
CA ALA A 67 1.57 0.49 16.03
C ALA A 67 3.03 0.56 15.56
N ARG A 68 3.75 -0.55 15.67
CA ARG A 68 5.15 -0.61 15.22
C ARG A 68 5.23 -0.55 13.68
N VAL A 69 4.23 -1.14 13.03
CA VAL A 69 4.10 -1.12 11.57
C VAL A 69 2.73 -0.55 11.15
N ILE A 70 2.30 -0.81 9.91
CA ILE A 70 0.95 -0.44 9.46
C ILE A 70 0.14 -1.67 9.04
N ASN A 71 -1.18 -1.61 9.21
CA ASN A 71 -2.07 -2.71 8.82
C ASN A 71 -2.79 -2.42 7.50
N TYR A 72 -3.47 -3.43 6.94
CA TYR A 72 -4.12 -3.32 5.62
C TYR A 72 -5.09 -2.12 5.54
N GLU A 73 -5.84 -1.90 6.62
CA GLU A 73 -6.76 -0.75 6.68
C GLU A 73 -6.01 0.57 6.44
N GLU A 74 -4.84 0.71 7.06
CA GLU A 74 -4.02 1.93 6.88
C GLU A 74 -3.39 1.95 5.48
N PHE A 75 -3.10 0.76 4.95
CA PHE A 75 -2.55 0.61 3.59
C PHE A 75 -3.50 1.23 2.54
N LYS A 76 -4.79 0.98 2.69
CA LYS A 76 -5.82 1.63 1.85
C LYS A 76 -5.69 3.15 1.91
N LYS A 77 -5.62 3.68 3.13
CA LYS A 77 -5.49 5.12 3.38
C LYS A 77 -4.18 5.68 2.80
N ALA A 78 -3.12 4.90 2.87
CA ALA A 78 -1.81 5.29 2.32
C ALA A 78 -1.85 5.36 0.79
N LEU A 79 -2.42 4.33 0.14
CA LEU A 79 -2.56 4.31 -1.32
C LEU A 79 -3.40 5.50 -1.80
N GLU A 80 -4.53 5.73 -1.15
CA GLU A 80 -5.41 6.85 -1.49
C GLU A 80 -4.64 8.19 -1.48
N GLU A 81 -3.77 8.35 -0.48
CA GLU A 81 -2.92 9.55 -0.39
C GLU A 81 -1.99 9.67 -1.61
N LEU A 82 -1.12 8.67 -1.80
CA LEU A 82 -0.18 8.67 -2.93
C LEU A 82 -0.91 8.76 -4.28
N ALA A 83 -2.12 8.21 -4.34
CA ALA A 83 -2.95 8.28 -5.53
C ALA A 83 -3.33 9.74 -5.85
N THR A 84 -3.84 10.45 -4.84
CA THR A 84 -4.23 11.86 -5.01
C THR A 84 -3.02 12.78 -5.28
N LYS A 85 -1.82 12.28 -4.99
CA LYS A 85 -0.59 13.01 -5.31
C LYS A 85 -0.30 13.00 -6.83
N ARG A 86 -0.23 11.80 -7.42
CA ARG A 86 0.07 11.67 -8.86
C ARG A 86 -1.18 11.89 -9.72
N PHE A 87 -2.28 11.25 -9.34
CA PHE A 87 -3.55 11.41 -10.05
C PHE A 87 -4.31 12.64 -9.53
N LYS A 88 -5.02 13.33 -10.41
CA LYS A 88 -5.73 14.55 -10.02
C LYS A 88 -7.08 14.25 -9.35
N GLY A 89 -7.57 15.22 -8.58
CA GLY A 89 -8.77 15.01 -7.76
C GLY A 89 -10.09 15.10 -8.54
N LYS A 90 -10.26 14.22 -9.53
CA LYS A 90 -11.53 14.11 -10.26
C LYS A 90 -12.38 12.98 -9.66
N SER A 91 -11.71 11.92 -9.21
CA SER A 91 -12.38 10.75 -8.62
C SER A 91 -11.37 9.84 -7.91
N LYS A 92 -11.50 9.71 -6.59
CA LYS A 92 -10.66 8.78 -5.83
C LYS A 92 -10.97 7.32 -6.22
N GLU A 93 -12.19 7.09 -6.71
CA GLU A 93 -12.59 5.77 -7.17
C GLU A 93 -11.65 5.24 -8.28
N GLU A 94 -11.56 6.01 -9.37
CA GLU A 94 -10.69 5.63 -10.50
C GLU A 94 -9.19 5.76 -10.12
N ALA A 95 -8.87 6.80 -9.34
CA ALA A 95 -7.49 7.01 -8.89
C ALA A 95 -6.98 5.83 -8.06
N PHE A 96 -7.84 5.31 -7.18
CA PHE A 96 -7.50 4.16 -6.33
C PHE A 96 -7.35 2.89 -7.19
N ASP A 97 -8.24 2.73 -8.18
CA ASP A 97 -8.14 1.64 -9.14
C ASP A 97 -6.77 1.62 -9.83
N ALA A 98 -6.41 2.78 -10.38
CA ALA A 98 -5.17 2.94 -11.13
C ALA A 98 -3.91 2.69 -10.27
N ILE A 99 -3.81 3.35 -9.12
CA ILE A 99 -2.66 3.14 -8.23
C ILE A 99 -2.59 1.67 -7.78
N CYS A 100 -3.76 1.07 -7.54
CA CYS A 100 -3.84 -0.36 -7.19
C CYS A 100 -3.59 -1.23 -8.42
N GLN A 101 -3.84 -0.69 -9.61
CA GLN A 101 -3.55 -1.42 -10.85
C GLN A 101 -2.04 -1.67 -10.97
N LEU A 102 -1.26 -0.73 -10.46
CA LEU A 102 0.20 -0.84 -10.44
C LEU A 102 0.72 -1.72 -9.27
N VAL A 103 -0.07 -1.81 -8.19
CA VAL A 103 0.36 -2.54 -6.98
C VAL A 103 -0.29 -3.94 -6.87
N ALA A 104 -1.61 -4.01 -6.97
CA ALA A 104 -2.36 -5.26 -6.82
C ALA A 104 -1.82 -6.38 -7.72
N GLY A 105 -1.51 -7.53 -7.11
CA GLY A 105 -1.02 -8.68 -7.85
C GLY A 105 0.40 -8.50 -8.41
N LYS A 106 1.02 -7.36 -8.17
CA LYS A 106 2.33 -7.04 -8.73
C LYS A 106 3.46 -7.56 -7.80
N GLU A 107 4.45 -8.19 -8.40
CA GLU A 107 5.54 -8.84 -7.66
C GLU A 107 6.73 -7.89 -7.36
N PRO A 108 7.51 -8.17 -6.30
CA PRO A 108 8.72 -7.40 -5.97
C PRO A 108 9.80 -7.50 -7.07
N ALA A 109 10.16 -6.35 -7.64
CA ALA A 109 11.09 -6.30 -8.77
C ALA A 109 12.52 -5.99 -8.32
N ASN A 110 12.70 -4.90 -7.58
CA ASN A 110 14.02 -4.42 -7.16
C ASN A 110 14.90 -4.05 -8.38
N VAL A 111 14.94 -2.75 -8.69
CA VAL A 111 15.62 -2.23 -9.89
C VAL A 111 14.83 -2.58 -11.17
N GLY A 112 14.62 -3.88 -11.39
CA GLY A 112 13.81 -4.33 -12.52
C GLY A 112 14.62 -4.99 -13.63
N VAL A 113 15.06 -6.23 -13.39
CA VAL A 113 15.78 -7.01 -14.41
C VAL A 113 14.82 -7.51 -15.51
N THR A 114 13.62 -7.94 -15.09
CA THR A 114 12.59 -8.38 -16.04
C THR A 114 12.06 -7.20 -16.86
N LYS A 115 12.52 -7.10 -18.11
CA LYS A 115 12.06 -6.03 -19.02
C LYS A 115 11.81 -6.55 -20.44
N ALA A 116 11.87 -7.87 -20.60
CA ALA A 116 11.57 -8.51 -21.88
C ALA A 116 10.10 -8.29 -22.27
N LYS A 117 9.87 -7.35 -23.19
CA LYS A 117 8.52 -6.93 -23.57
C LYS A 117 7.86 -6.09 -22.46
N THR A 118 8.21 -4.81 -22.40
CA THR A 118 7.70 -3.91 -21.36
C THR A 118 6.24 -3.51 -21.62
N GLY A 119 5.38 -3.72 -20.63
CA GLY A 119 3.97 -3.39 -20.77
C GLY A 119 3.66 -1.91 -20.55
N GLY A 120 2.61 -1.41 -21.20
CA GLY A 120 2.19 -0.02 -21.03
C GLY A 120 2.97 0.97 -21.90
N ALA A 121 4.30 0.95 -21.77
CA ALA A 121 5.20 1.82 -22.55
C ALA A 121 5.10 3.30 -22.13
N VAL A 122 5.98 4.13 -22.68
CA VAL A 122 6.03 5.56 -22.35
C VAL A 122 4.93 6.37 -23.06
N ASP A 123 4.27 7.26 -22.32
CA ASP A 123 3.21 8.12 -22.87
C ASP A 123 3.80 9.39 -23.54
N ARG A 124 4.84 9.19 -24.36
CA ARG A 124 5.54 10.29 -25.01
C ARG A 124 4.76 10.85 -26.22
N LEU A 125 4.35 12.12 -26.12
CA LEU A 125 3.77 12.85 -27.26
C LEU A 125 4.71 14.00 -27.70
N THR A 126 5.07 14.85 -26.72
CA THR A 126 5.95 16.02 -26.93
C THR A 126 5.36 17.07 -27.90
N ASP A 127 5.21 16.69 -29.16
CA ASP A 127 4.65 17.59 -30.18
C ASP A 127 3.13 17.70 -30.06
N THR A 128 2.58 18.84 -30.49
CA THR A 128 1.14 19.09 -30.35
C THR A 128 0.32 18.35 -31.42
N SER A 129 -0.18 17.18 -31.07
CA SER A 129 -1.09 16.42 -31.96
C SER A 129 -2.34 17.26 -32.29
N ARG A 130 -2.76 17.24 -33.55
CA ARG A 130 -3.89 18.07 -33.99
C ARG A 130 -5.22 17.64 -33.33
N TYR A 131 -5.25 16.42 -32.79
CA TYR A 131 -6.41 15.95 -32.05
C TYR A 131 -6.35 16.41 -30.58
N THR A 132 -6.94 17.59 -30.32
CA THR A 132 -6.94 18.20 -28.99
C THR A 132 -8.35 18.21 -28.38
N GLY A 133 -9.31 17.62 -29.08
CA GLY A 133 -10.70 17.63 -28.63
C GLY A 133 -11.68 18.08 -29.71
N SER A 134 -11.86 19.39 -29.81
CA SER A 134 -12.76 20.00 -30.82
C SER A 134 -14.22 19.54 -30.63
N HIS A 135 -14.53 18.32 -31.03
CA HIS A 135 -15.84 17.72 -30.76
C HIS A 135 -15.78 16.18 -30.81
N LYS A 136 -15.44 15.57 -29.69
CA LYS A 136 -15.52 14.12 -29.53
C LYS A 136 -17.00 13.67 -29.44
N GLU A 137 -17.36 12.61 -30.14
CA GLU A 137 -18.77 12.20 -30.21
C GLU A 137 -19.02 10.82 -29.57
N ARG A 138 -19.52 10.82 -28.35
CA ARG A 138 -19.91 9.57 -27.66
C ARG A 138 -21.43 9.57 -27.36
N PHE A 139 -22.18 10.39 -28.09
CA PHE A 139 -23.63 10.47 -27.93
C PHE A 139 -24.37 9.36 -28.71
N ASP A 140 -23.73 8.20 -28.82
CA ASP A 140 -24.32 7.05 -29.51
C ASP A 140 -25.23 6.25 -28.55
N GLU A 141 -26.54 6.37 -28.74
CA GLU A 141 -27.53 5.72 -27.87
C GLU A 141 -27.97 4.36 -28.45
N SER A 142 -27.00 3.55 -28.90
CA SER A 142 -27.29 2.26 -29.54
C SER A 142 -27.34 1.11 -28.52
N GLY A 143 -28.17 0.11 -28.81
CA GLY A 143 -28.30 -1.05 -27.93
C GLY A 143 -27.32 -2.17 -28.25
N LYS A 144 -27.80 -3.42 -28.20
CA LYS A 144 -26.96 -4.58 -28.52
C LYS A 144 -26.99 -4.91 -30.01
N GLY A 145 -26.24 -4.14 -30.80
CA GLY A 145 -26.21 -4.35 -32.25
C GLY A 145 -24.99 -5.17 -32.71
N LYS A 146 -24.65 -5.05 -33.99
CA LYS A 146 -23.51 -5.78 -34.57
C LYS A 146 -22.17 -5.12 -34.21
N GLY A 147 -22.22 -3.86 -33.78
CA GLY A 147 -20.99 -3.10 -33.50
C GLY A 147 -20.34 -3.42 -32.16
N ILE A 148 -20.66 -4.58 -31.58
CA ILE A 148 -20.10 -5.00 -30.29
C ILE A 148 -18.65 -5.52 -30.42
N ALA A 149 -17.88 -4.95 -31.36
CA ALA A 149 -16.51 -5.40 -31.62
C ALA A 149 -15.50 -4.78 -30.64
N GLY A 150 -15.98 -4.26 -29.52
CA GLY A 150 -15.11 -3.65 -28.52
C GLY A 150 -15.76 -3.60 -27.13
N ARG A 151 -14.95 -3.74 -26.08
CA ARG A 151 -15.45 -3.71 -24.71
C ARG A 151 -14.57 -2.83 -23.81
N GLN A 152 -15.09 -2.45 -22.65
CA GLN A 152 -14.36 -1.62 -21.68
C GLN A 152 -13.47 -2.47 -20.75
N ASP A 153 -12.98 -1.84 -19.68
CA ASP A 153 -12.18 -2.51 -18.65
C ASP A 153 -12.90 -3.75 -18.07
N ILE A 154 -14.22 -3.72 -18.08
CA ILE A 154 -15.04 -4.84 -17.56
C ILE A 154 -14.68 -6.19 -18.23
N LEU A 155 -14.32 -7.17 -17.41
CA LEU A 155 -14.03 -8.52 -17.90
C LEU A 155 -15.12 -9.50 -17.43
N ASP A 156 -15.49 -9.39 -16.16
CA ASP A 156 -16.54 -10.20 -15.56
C ASP A 156 -17.93 -9.70 -16.00
N ASP A 157 -18.94 -10.59 -15.92
CA ASP A 157 -20.30 -10.30 -16.41
C ASP A 157 -20.33 -10.25 -17.96
N SER A 158 -21.54 -10.31 -18.54
CA SER A 158 -21.73 -10.26 -20.00
C SER A 158 -21.31 -11.57 -20.71
N GLY A 159 -20.16 -12.13 -20.33
CA GLY A 159 -19.68 -13.37 -20.91
C GLY A 159 -20.65 -14.54 -20.74
N TYR A 160 -21.29 -14.96 -21.84
CA TYR A 160 -22.29 -16.03 -21.83
C TYR A 160 -23.50 -15.69 -20.94
N VAL A 161 -24.61 -15.31 -21.56
CA VAL A 161 -25.81 -14.89 -20.83
C VAL A 161 -26.64 -16.08 -20.30
N SER A 162 -26.83 -16.10 -18.98
CA SER A 162 -27.76 -17.04 -18.33
C SER A 162 -28.53 -16.32 -17.21
N ALA A 163 -29.70 -15.79 -17.56
CA ALA A 163 -30.50 -14.94 -16.65
C ALA A 163 -29.75 -13.63 -16.33
N TYR A 164 -29.77 -12.70 -17.27
CA TYR A 164 -29.06 -11.42 -17.14
C TYR A 164 -29.90 -10.41 -16.33
N LYS A 165 -30.26 -10.81 -15.12
CA LYS A 165 -31.12 -10.00 -14.24
C LYS A 165 -30.51 -9.88 -12.83
N ASN A 166 -30.65 -8.69 -12.24
CA ASN A 166 -30.10 -8.43 -10.90
C ASN A 166 -30.74 -9.31 -9.81
N ALA A 167 -29.89 -9.88 -8.95
CA ALA A 167 -30.36 -10.71 -7.83
C ALA A 167 -29.35 -10.69 -6.67
N GLY A 168 -28.12 -11.15 -6.94
CA GLY A 168 -27.08 -11.17 -5.91
C GLY A 168 -27.30 -12.27 -4.86
N THR A 169 -28.32 -12.09 -4.03
CA THR A 169 -28.65 -13.07 -2.98
C THR A 169 -29.81 -13.98 -3.41
N TYR A 170 -29.92 -15.14 -2.76
CA TYR A 170 -30.94 -16.13 -3.11
C TYR A 170 -31.89 -16.40 -1.93
N ASP A 171 -32.99 -17.11 -2.22
CA ASP A 171 -34.01 -17.40 -1.20
C ASP A 171 -33.50 -18.41 -0.15
N ALA A 172 -33.57 -18.02 1.12
CA ALA A 172 -33.17 -18.89 2.23
C ALA A 172 -34.02 -18.61 3.47
N LYS A 173 -34.66 -19.64 4.01
CA LYS A 173 -35.59 -19.50 5.13
C LYS A 173 -36.81 -18.63 4.75
N VAL A 174 -37.20 -18.72 3.47
CA VAL A 174 -38.35 -18.00 2.87
C VAL A 174 -38.33 -16.47 3.10
N LYS A 175 -38.46 -15.73 2.00
CA LYS A 175 -38.48 -14.26 2.03
C LYS A 175 -39.92 -13.71 1.99
N LYS A 176 -40.28 -12.85 2.94
CA LYS A 176 -41.60 -12.20 2.95
C LYS A 176 -41.68 -11.10 1.88
N LEU A 177 -42.67 -11.20 0.99
CA LEU A 177 -42.84 -10.22 -0.09
C LEU A 177 -43.73 -9.03 0.35
N GLU A 178 -43.73 -7.97 -0.46
CA GLU A 178 -44.52 -6.77 -0.16
C GLU A 178 -46.03 -7.08 -0.09
N MET A 1 -21.57 -0.78 -5.03
CA MET A 1 -20.43 0.02 -5.58
C MET A 1 -19.08 -0.53 -5.08
N ALA A 2 -18.79 -0.32 -3.80
CA ALA A 2 -17.53 -0.74 -3.19
C ALA A 2 -17.75 -1.30 -1.77
N ALA A 3 -17.21 -2.48 -1.51
CA ALA A 3 -17.38 -3.16 -0.22
C ALA A 3 -16.54 -4.45 -0.15
N SER A 4 -16.74 -5.33 -1.13
CA SER A 4 -15.97 -6.58 -1.22
C SER A 4 -15.70 -6.98 -2.67
N THR A 5 -16.49 -6.45 -3.60
CA THR A 5 -16.30 -6.71 -5.04
C THR A 5 -15.11 -5.92 -5.62
N ASP A 6 -14.43 -5.15 -4.76
CA ASP A 6 -13.24 -4.38 -5.17
C ASP A 6 -12.07 -5.30 -5.58
N ILE A 7 -10.89 -4.71 -5.78
CA ILE A 7 -9.72 -5.46 -6.22
C ILE A 7 -9.15 -6.32 -5.06
N ALA A 8 -9.52 -7.59 -5.01
CA ALA A 8 -9.03 -8.52 -3.97
C ALA A 8 -7.53 -8.82 -4.14
N GLY A 9 -7.06 -8.70 -5.39
CA GLY A 9 -5.64 -8.86 -5.66
C GLY A 9 -4.78 -7.91 -4.83
N LEU A 10 -5.34 -6.76 -4.47
CA LEU A 10 -4.66 -5.77 -3.65
C LEU A 10 -4.24 -6.38 -2.30
N GLU A 11 -5.11 -7.22 -1.74
CA GLU A 11 -4.77 -7.98 -0.53
C GLU A 11 -3.68 -9.02 -0.84
N GLU A 12 -3.84 -9.72 -1.96
CA GLU A 12 -2.86 -10.72 -2.40
C GLU A 12 -1.43 -10.13 -2.50
N SER A 13 -1.30 -8.97 -3.13
CA SER A 13 0.00 -8.30 -3.29
C SER A 13 0.56 -7.82 -1.94
N PHE A 14 -0.23 -7.07 -1.19
CA PHE A 14 0.16 -6.62 0.16
C PHE A 14 0.60 -7.81 1.04
N ARG A 15 -0.22 -8.86 1.02
CA ARG A 15 0.06 -10.10 1.76
C ARG A 15 1.39 -10.74 1.29
N LYS A 16 1.66 -10.63 -0.01
CA LYS A 16 2.86 -11.22 -0.62
C LYS A 16 4.13 -10.42 -0.24
N PHE A 17 4.01 -9.09 -0.19
CA PHE A 17 5.12 -8.23 0.23
C PHE A 17 5.34 -8.31 1.76
N ALA A 18 4.25 -8.39 2.52
CA ALA A 18 4.34 -8.46 3.98
C ALA A 18 5.20 -9.63 4.47
N ILE A 19 4.94 -10.83 3.94
CA ILE A 19 5.70 -12.03 4.34
C ILE A 19 7.08 -12.12 3.67
N HIS A 20 7.46 -11.08 2.94
CA HIS A 20 8.73 -11.07 2.21
C HIS A 20 9.88 -10.49 3.05
N GLY A 21 11.09 -11.02 2.86
CA GLY A 21 12.25 -10.56 3.62
C GLY A 21 12.30 -11.14 5.02
N ASP A 22 11.28 -10.85 5.82
CA ASP A 22 11.16 -11.38 7.18
C ASP A 22 10.26 -12.62 7.21
N PRO A 23 10.86 -13.83 7.36
CA PRO A 23 10.09 -15.09 7.38
C PRO A 23 9.21 -15.26 8.63
N LYS A 24 9.35 -14.35 9.59
CA LYS A 24 8.54 -14.39 10.82
C LYS A 24 7.34 -13.42 10.73
N ALA A 25 7.06 -12.91 9.53
CA ALA A 25 5.97 -11.97 9.32
C ALA A 25 4.59 -12.65 9.30
N SER A 26 3.53 -11.88 9.50
CA SER A 26 2.15 -12.40 9.53
C SER A 26 1.53 -12.43 8.14
N GLY A 27 1.69 -11.34 7.39
CA GLY A 27 1.04 -11.22 6.08
C GLY A 27 -0.09 -10.21 6.09
N GLN A 28 -0.60 -9.91 7.28
CA GLN A 28 -1.68 -8.92 7.45
C GLN A 28 -1.10 -7.55 7.85
N GLU A 29 0.12 -7.56 8.39
CA GLU A 29 0.81 -6.33 8.79
C GLU A 29 2.19 -6.24 8.13
N MET A 30 2.50 -5.11 7.49
CA MET A 30 3.78 -4.94 6.77
C MET A 30 4.56 -3.70 7.25
N ASN A 31 5.89 -3.78 7.20
CA ASN A 31 6.77 -2.70 7.66
C ASN A 31 7.17 -1.73 6.54
N GLY A 32 7.83 -0.63 6.90
CA GLY A 32 8.33 0.34 5.91
C GLY A 32 9.33 -0.28 4.94
N LYS A 33 10.02 -1.31 5.40
CA LYS A 33 10.96 -2.10 4.58
C LYS A 33 10.32 -2.57 3.25
N ASN A 34 9.30 -3.42 3.33
CA ASN A 34 8.63 -3.92 2.13
C ASN A 34 7.68 -2.86 1.53
N TRP A 35 7.20 -1.95 2.37
CA TRP A 35 6.43 -0.78 1.91
C TRP A 35 7.29 0.07 0.94
N ALA A 36 8.58 0.19 1.25
CA ALA A 36 9.53 0.86 0.36
C ALA A 36 9.70 0.09 -0.94
N LYS A 37 9.82 -1.24 -0.84
CA LYS A 37 9.85 -2.10 -2.03
C LYS A 37 8.65 -1.86 -2.94
N LEU A 38 7.45 -1.84 -2.37
CA LEU A 38 6.22 -1.55 -3.12
C LEU A 38 6.33 -0.24 -3.92
N CYS A 39 6.76 0.81 -3.25
CA CYS A 39 6.92 2.12 -3.89
C CYS A 39 7.84 2.04 -5.12
N LYS A 40 8.94 1.31 -4.99
CA LYS A 40 9.91 1.17 -6.10
C LYS A 40 9.39 0.24 -7.21
N ASP A 41 8.75 -0.87 -6.81
CA ASP A 41 8.27 -1.85 -7.76
C ASP A 41 7.08 -1.32 -8.58
N CYS A 42 6.16 -0.64 -7.89
CA CYS A 42 5.01 -0.01 -8.55
C CYS A 42 5.39 1.38 -9.12
N LYS A 43 6.56 1.89 -8.71
CA LYS A 43 7.07 3.20 -9.17
C LYS A 43 6.18 4.35 -8.71
N VAL A 44 5.65 4.26 -7.49
CA VAL A 44 4.90 5.35 -6.88
C VAL A 44 5.85 6.45 -6.42
N ALA A 45 7.04 6.06 -5.96
CA ALA A 45 8.07 7.01 -5.54
C ALA A 45 8.73 7.68 -6.75
N ASP A 46 8.07 8.70 -7.29
CA ASP A 46 8.53 9.44 -8.47
C ASP A 46 9.84 10.20 -8.21
N GLY A 47 9.95 10.81 -7.03
CA GLY A 47 11.13 11.61 -6.70
C GLY A 47 10.84 13.11 -6.75
N LYS A 48 10.03 13.54 -7.72
CA LYS A 48 9.65 14.95 -7.87
C LYS A 48 8.29 15.22 -7.21
N SER A 49 7.31 14.36 -7.51
CA SER A 49 5.95 14.49 -6.93
C SER A 49 5.84 13.68 -5.62
N VAL A 50 6.36 12.45 -5.63
CA VAL A 50 6.37 11.59 -4.44
C VAL A 50 7.81 11.19 -4.08
N THR A 51 8.32 11.76 -2.98
CA THR A 51 9.72 11.53 -2.58
C THR A 51 9.86 10.37 -1.58
N GLY A 52 11.08 9.85 -1.41
CA GLY A 52 11.34 8.81 -0.43
C GLY A 52 10.91 9.21 0.98
N THR A 53 11.25 10.44 1.38
CA THR A 53 10.81 10.95 2.67
C THR A 53 9.29 11.02 2.74
N ASP A 54 8.64 11.45 1.65
CA ASP A 54 7.17 11.49 1.58
C ASP A 54 6.58 10.07 1.78
N VAL A 55 7.27 9.07 1.23
CA VAL A 55 6.90 7.66 1.44
C VAL A 55 6.95 7.30 2.93
N ASP A 56 7.90 7.89 3.66
CA ASP A 56 8.03 7.65 5.10
C ASP A 56 6.93 8.42 5.86
N ILE A 57 6.60 9.60 5.33
CA ILE A 57 5.52 10.44 5.85
C ILE A 57 4.18 9.70 5.78
N VAL A 58 3.82 9.22 4.59
CA VAL A 58 2.57 8.47 4.39
C VAL A 58 2.51 7.23 5.30
N PHE A 59 3.64 6.53 5.43
CA PHE A 59 3.71 5.34 6.30
C PHE A 59 3.42 5.73 7.75
N SER A 60 4.00 6.82 8.21
CA SER A 60 3.78 7.33 9.58
C SER A 60 2.46 8.09 9.70
N LYS A 61 1.90 8.46 8.55
CA LYS A 61 0.61 9.18 8.47
C LYS A 61 -0.57 8.23 8.76
N VAL A 62 -0.60 7.09 8.08
CA VAL A 62 -1.69 6.11 8.25
C VAL A 62 -1.46 5.17 9.44
N LYS A 63 -0.19 4.98 9.81
CA LYS A 63 0.19 4.11 10.93
C LYS A 63 -0.48 4.55 12.26
N GLY A 64 -1.07 3.58 12.95
CA GLY A 64 -1.73 3.86 14.23
C GLY A 64 -0.77 4.03 15.40
N LYS A 65 -1.30 3.94 16.62
CA LYS A 65 -0.51 4.12 17.85
C LYS A 65 0.26 2.84 18.24
N SER A 66 1.44 3.03 18.86
CA SER A 66 2.24 1.93 19.42
C SER A 66 2.48 0.77 18.43
N ALA A 67 2.29 1.05 17.14
CA ALA A 67 2.52 0.07 16.09
C ALA A 67 3.74 0.46 15.25
N ARG A 68 4.47 -0.54 14.77
CA ARG A 68 5.65 -0.31 13.91
C ARG A 68 5.42 -0.86 12.50
N VAL A 69 4.15 -1.14 12.18
CA VAL A 69 3.75 -1.68 10.88
C VAL A 69 2.37 -1.13 10.48
N ILE A 70 1.97 -1.37 9.22
CA ILE A 70 0.63 -1.00 8.74
C ILE A 70 -0.13 -2.23 8.22
N ASN A 71 -1.44 -2.28 8.45
CA ASN A 71 -2.26 -3.39 7.97
C ASN A 71 -3.04 -3.02 6.69
N TYR A 72 -3.80 -3.98 6.14
CA TYR A 72 -4.51 -3.80 4.87
C TYR A 72 -5.46 -2.57 4.88
N GLU A 73 -5.96 -2.19 6.06
CA GLU A 73 -6.78 -0.98 6.18
C GLU A 73 -5.92 0.29 6.00
N GLU A 74 -4.93 0.45 6.86
CA GLU A 74 -4.01 1.59 6.82
C GLU A 74 -3.33 1.68 5.43
N PHE A 75 -3.10 0.52 4.83
CA PHE A 75 -2.54 0.41 3.49
C PHE A 75 -3.43 1.09 2.43
N LYS A 76 -4.72 0.75 2.42
CA LYS A 76 -5.66 1.34 1.45
C LYS A 76 -5.77 2.87 1.61
N LYS A 77 -5.83 3.36 2.85
CA LYS A 77 -5.85 4.81 3.11
C LYS A 77 -4.57 5.48 2.55
N ALA A 78 -3.43 4.80 2.73
CA ALA A 78 -2.15 5.27 2.21
C ALA A 78 -2.16 5.35 0.68
N LEU A 79 -2.72 4.33 0.04
CA LEU A 79 -2.83 4.29 -1.43
C LEU A 79 -3.59 5.50 -1.97
N GLU A 80 -4.70 5.87 -1.32
CA GLU A 80 -5.48 7.03 -1.73
C GLU A 80 -4.63 8.32 -1.67
N GLU A 81 -3.91 8.50 -0.56
CA GLU A 81 -3.02 9.67 -0.43
C GLU A 81 -1.96 9.71 -1.54
N LEU A 82 -1.26 8.58 -1.75
CA LEU A 82 -0.26 8.47 -2.83
C LEU A 82 -0.90 8.72 -4.20
N ALA A 83 -2.11 8.19 -4.39
CA ALA A 83 -2.86 8.37 -5.64
C ALA A 83 -3.12 9.84 -5.94
N THR A 84 -3.66 10.58 -4.98
CA THR A 84 -3.97 12.01 -5.16
C THR A 84 -2.71 12.86 -5.36
N LYS A 85 -1.56 12.35 -4.90
CA LYS A 85 -0.27 13.01 -5.14
C LYS A 85 0.24 12.74 -6.57
N ARG A 86 0.11 11.49 -7.01
CA ARG A 86 0.57 11.10 -8.35
C ARG A 86 -0.48 11.47 -9.42
N PHE A 87 -1.65 10.84 -9.33
CA PHE A 87 -2.75 11.11 -10.26
C PHE A 87 -3.48 12.41 -9.86
N LYS A 88 -2.99 13.53 -10.38
CA LYS A 88 -3.50 14.85 -10.00
C LYS A 88 -4.82 15.18 -10.73
N GLY A 89 -5.95 14.78 -10.13
CA GLY A 89 -7.26 15.08 -10.72
C GLY A 89 -8.42 15.07 -9.73
N LYS A 90 -8.12 14.90 -8.43
CA LYS A 90 -9.14 14.89 -7.36
C LYS A 90 -10.00 13.60 -7.35
N SER A 91 -10.44 13.15 -8.52
CA SER A 91 -11.34 11.99 -8.65
C SER A 91 -10.90 10.79 -7.79
N LYS A 92 -11.62 10.57 -6.69
CA LYS A 92 -11.30 9.50 -5.73
C LYS A 92 -11.34 8.10 -6.35
N GLU A 93 -12.52 7.68 -6.83
CA GLU A 93 -12.70 6.31 -7.34
C GLU A 93 -11.68 5.97 -8.43
N GLU A 94 -11.52 6.86 -9.41
CA GLU A 94 -10.60 6.63 -10.53
C GLU A 94 -9.13 6.60 -10.06
N ALA A 95 -8.75 7.55 -9.20
CA ALA A 95 -7.37 7.62 -8.68
C ALA A 95 -7.05 6.39 -7.80
N PHE A 96 -8.01 6.00 -6.97
CA PHE A 96 -7.84 4.84 -6.09
C PHE A 96 -7.80 3.54 -6.90
N ASP A 97 -8.61 3.46 -7.96
CA ASP A 97 -8.56 2.32 -8.88
C ASP A 97 -7.19 2.22 -9.54
N ALA A 98 -6.73 3.36 -10.07
CA ALA A 98 -5.45 3.45 -10.76
C ALA A 98 -4.25 3.05 -9.86
N ILE A 99 -4.18 3.60 -8.66
CA ILE A 99 -3.09 3.26 -7.71
C ILE A 99 -3.13 1.76 -7.36
N CYS A 100 -4.34 1.21 -7.21
CA CYS A 100 -4.51 -0.23 -6.95
C CYS A 100 -4.25 -1.05 -8.22
N GLN A 101 -4.43 -0.43 -9.37
CA GLN A 101 -4.18 -1.06 -10.67
C GLN A 101 -2.66 -1.20 -10.91
N LEU A 102 -1.89 -0.25 -10.39
CA LEU A 102 -0.42 -0.33 -10.43
C LEU A 102 0.09 -1.51 -9.61
N VAL A 103 -0.31 -1.56 -8.33
CA VAL A 103 0.07 -2.66 -7.44
C VAL A 103 -0.63 -3.97 -7.84
N ALA A 104 -1.96 -3.98 -7.73
CA ALA A 104 -2.80 -5.14 -8.08
C ALA A 104 -2.27 -6.45 -7.47
N GLY A 105 -1.58 -7.26 -8.27
CA GLY A 105 -1.05 -8.53 -7.77
C GLY A 105 0.22 -8.95 -8.50
N LYS A 106 1.13 -8.00 -8.68
CA LYS A 106 2.38 -8.23 -9.41
C LYS A 106 3.39 -9.05 -8.57
N GLU A 107 4.30 -9.74 -9.26
CA GLU A 107 5.41 -10.45 -8.60
C GLU A 107 6.39 -9.46 -7.94
N PRO A 108 6.86 -9.75 -6.71
CA PRO A 108 7.68 -8.81 -5.93
C PRO A 108 9.08 -8.53 -6.55
N ALA A 109 9.55 -7.30 -6.35
CA ALA A 109 10.88 -6.87 -6.81
C ALA A 109 10.94 -6.61 -8.34
N ASN A 110 11.96 -5.89 -8.77
CA ASN A 110 12.08 -5.47 -10.17
C ASN A 110 12.89 -6.47 -11.01
N VAL A 111 12.26 -7.08 -12.01
CA VAL A 111 12.98 -7.89 -12.99
C VAL A 111 13.48 -7.01 -14.15
N GLY A 112 14.74 -7.20 -14.54
CA GLY A 112 15.36 -6.32 -15.52
C GLY A 112 15.85 -5.02 -14.88
N VAL A 113 16.82 -5.15 -13.99
CA VAL A 113 17.31 -4.03 -13.16
C VAL A 113 17.86 -2.86 -14.00
N THR A 114 18.65 -3.17 -15.03
CA THR A 114 19.27 -2.13 -15.86
C THR A 114 18.75 -2.16 -17.30
N LYS A 115 17.95 -1.15 -17.65
CA LYS A 115 17.47 -0.98 -19.02
C LYS A 115 18.01 0.32 -19.65
N ALA A 116 18.14 1.36 -18.82
CA ALA A 116 18.67 2.64 -19.28
C ALA A 116 19.02 3.54 -18.08
N LYS A 117 20.32 3.69 -17.79
CA LYS A 117 20.77 4.54 -16.69
C LYS A 117 21.80 5.58 -17.17
N THR A 118 22.95 5.10 -17.64
CA THR A 118 23.98 5.97 -18.20
C THR A 118 23.71 6.24 -19.69
N GLY A 119 23.05 7.36 -19.96
CA GLY A 119 22.66 7.69 -21.33
C GLY A 119 21.22 7.32 -21.63
N GLY A 120 20.54 8.14 -22.44
CA GLY A 120 19.14 7.87 -22.76
C GLY A 120 18.95 6.63 -23.62
N ALA A 121 19.83 6.44 -24.60
CA ALA A 121 19.76 5.28 -25.49
C ALA A 121 20.85 4.25 -25.16
N VAL A 122 20.57 3.37 -24.20
CA VAL A 122 21.48 2.28 -23.84
C VAL A 122 21.28 1.08 -24.79
N ASP A 123 22.26 0.18 -24.84
CA ASP A 123 22.24 -0.95 -25.77
C ASP A 123 20.98 -1.84 -25.63
N ARG A 124 19.94 -1.51 -26.40
CA ARG A 124 18.76 -2.35 -26.51
C ARG A 124 18.53 -2.78 -27.98
N LEU A 125 17.38 -3.42 -28.24
CA LEU A 125 17.13 -4.07 -29.54
C LEU A 125 18.08 -5.26 -29.71
N THR A 126 18.69 -5.69 -28.60
CA THR A 126 19.69 -6.75 -28.60
C THR A 126 19.08 -8.09 -28.16
N ASP A 127 18.18 -8.03 -27.18
CA ASP A 127 17.55 -9.23 -26.57
C ASP A 127 18.58 -10.09 -25.81
N THR A 128 19.54 -10.66 -26.54
CA THR A 128 20.67 -11.40 -25.95
C THR A 128 20.22 -12.70 -25.27
N SER A 129 20.27 -13.80 -26.02
CA SER A 129 20.00 -15.14 -25.46
C SER A 129 21.32 -15.83 -25.09
N ARG A 130 21.37 -16.45 -23.92
CA ARG A 130 22.62 -17.01 -23.40
C ARG A 130 22.82 -18.49 -23.80
N TYR A 131 21.79 -19.06 -24.44
CA TYR A 131 21.82 -20.44 -24.99
C TYR A 131 22.57 -21.45 -24.10
N THR A 132 22.44 -21.29 -22.77
CA THR A 132 23.10 -22.19 -21.82
C THR A 132 22.20 -22.43 -20.59
N GLY A 133 21.79 -21.36 -19.93
CA GLY A 133 20.95 -21.48 -18.74
C GLY A 133 20.44 -20.13 -18.23
N SER A 134 19.41 -20.19 -17.38
CA SER A 134 18.81 -18.98 -16.80
C SER A 134 19.62 -18.44 -15.61
N HIS A 135 19.13 -17.38 -14.99
CA HIS A 135 19.82 -16.76 -13.85
C HIS A 135 19.58 -17.58 -12.56
N LYS A 136 20.34 -18.66 -12.41
CA LYS A 136 20.20 -19.56 -11.25
C LYS A 136 21.00 -19.06 -10.04
N GLU A 137 20.45 -19.28 -8.85
CA GLU A 137 21.12 -18.94 -7.59
C GLU A 137 20.58 -19.79 -6.44
N ARG A 138 21.28 -20.90 -6.15
CA ARG A 138 20.88 -21.80 -5.07
C ARG A 138 21.43 -21.32 -3.72
N PHE A 139 20.56 -20.80 -2.87
CA PHE A 139 20.93 -20.42 -1.50
C PHE A 139 21.51 -21.64 -0.78
N ASP A 140 22.69 -21.48 -0.18
CA ASP A 140 23.42 -22.62 0.39
C ASP A 140 22.59 -23.37 1.45
N GLU A 141 21.61 -22.69 2.05
CA GLU A 141 20.70 -23.33 2.99
C GLU A 141 19.54 -24.02 2.25
N SER A 142 18.67 -23.21 1.62
CA SER A 142 17.49 -23.72 0.87
C SER A 142 16.39 -24.28 1.78
N GLY A 143 16.76 -25.12 2.74
CA GLY A 143 15.79 -25.70 3.66
C GLY A 143 15.03 -24.67 4.49
N LYS A 144 13.70 -24.74 4.44
CA LYS A 144 12.83 -23.82 5.19
C LYS A 144 12.96 -24.08 6.71
N GLY A 145 13.62 -23.16 7.41
CA GLY A 145 13.98 -23.37 8.80
C GLY A 145 12.85 -23.09 9.80
N LYS A 146 11.79 -23.89 9.75
CA LYS A 146 10.72 -23.80 10.75
C LYS A 146 10.98 -24.75 11.93
N GLY A 147 10.96 -24.22 13.15
CA GLY A 147 11.17 -25.05 14.34
C GLY A 147 9.97 -25.93 14.67
N ILE A 148 10.21 -27.14 15.14
CA ILE A 148 9.13 -28.09 15.48
C ILE A 148 8.27 -27.57 16.64
N ALA A 149 8.89 -26.81 17.54
CA ALA A 149 8.18 -26.21 18.67
C ALA A 149 7.48 -24.90 18.26
N GLY A 150 7.85 -24.37 17.09
CA GLY A 150 7.21 -23.16 16.58
C GLY A 150 5.87 -23.46 15.89
N ARG A 151 4.80 -23.49 16.68
CA ARG A 151 3.48 -23.87 16.17
C ARG A 151 2.73 -22.70 15.53
N GLN A 152 2.02 -22.98 14.43
CA GLN A 152 1.14 -21.99 13.79
C GLN A 152 -0.32 -22.45 13.85
N ASP A 153 -0.83 -22.64 15.06
CA ASP A 153 -2.21 -23.07 15.27
C ASP A 153 -3.22 -22.00 14.84
N ILE A 154 -4.20 -22.40 14.03
CA ILE A 154 -5.19 -21.47 13.50
C ILE A 154 -6.39 -21.32 14.45
N LEU A 155 -6.33 -20.30 15.29
CA LEU A 155 -7.44 -19.97 16.21
C LEU A 155 -7.81 -18.49 16.07
N ASP A 156 -7.17 -17.82 15.12
CA ASP A 156 -7.38 -16.38 14.89
C ASP A 156 -8.79 -16.08 14.35
N ASP A 157 -9.25 -14.84 14.54
CA ASP A 157 -10.60 -14.45 14.16
C ASP A 157 -10.70 -13.97 12.69
N SER A 158 -11.08 -14.88 11.80
CA SER A 158 -11.31 -14.53 10.39
C SER A 158 -12.78 -14.19 10.16
N GLY A 159 -13.04 -13.13 9.39
CA GLY A 159 -14.43 -12.71 9.16
C GLY A 159 -14.56 -11.41 8.39
N TYR A 160 -13.56 -10.53 8.50
CA TYR A 160 -13.52 -9.24 7.78
C TYR A 160 -14.57 -8.23 8.32
N VAL A 161 -15.63 -8.73 8.95
CA VAL A 161 -16.73 -7.87 9.44
C VAL A 161 -16.25 -6.83 10.47
N SER A 162 -16.59 -5.56 10.20
CA SER A 162 -16.23 -4.43 11.08
C SER A 162 -16.66 -3.09 10.48
N ALA A 163 -16.83 -3.06 9.15
CA ALA A 163 -17.28 -1.85 8.46
C ALA A 163 -18.74 -1.50 8.78
N TYR A 164 -18.96 -0.99 9.98
CA TYR A 164 -20.31 -0.58 10.44
C TYR A 164 -20.48 0.95 10.38
N LYS A 165 -19.36 1.66 10.29
CA LYS A 165 -19.37 3.13 10.26
C LYS A 165 -19.24 3.66 8.83
N ASN A 166 -20.18 4.52 8.43
CA ASN A 166 -20.20 5.08 7.07
C ASN A 166 -19.32 6.33 6.96
N ALA A 167 -18.32 6.29 6.08
CA ALA A 167 -17.44 7.44 5.84
C ALA A 167 -17.70 8.06 4.46
N GLY A 168 -18.71 8.92 4.37
CA GLY A 168 -19.09 9.52 3.10
C GLY A 168 -18.43 10.88 2.86
N THR A 169 -19.20 11.83 2.32
CA THR A 169 -18.69 13.16 1.98
C THR A 169 -18.95 14.17 3.11
N TYR A 170 -17.87 14.70 3.68
CA TYR A 170 -17.96 15.71 4.75
C TYR A 170 -16.85 16.76 4.60
N ASP A 171 -17.17 18.01 4.94
CA ASP A 171 -16.19 19.09 4.90
C ASP A 171 -15.14 18.96 6.03
N ALA A 172 -14.25 17.99 5.89
CA ALA A 172 -13.27 17.67 6.93
C ALA A 172 -12.18 18.74 7.06
N LYS A 173 -11.91 19.47 5.98
CA LYS A 173 -10.83 20.47 5.98
C LYS A 173 -10.99 21.51 4.85
N VAL A 174 -11.48 21.07 3.69
CA VAL A 174 -11.67 21.94 2.52
C VAL A 174 -10.34 22.40 1.90
N LYS A 175 -9.57 23.17 2.65
CA LYS A 175 -8.29 23.71 2.19
C LYS A 175 -7.20 22.62 2.14
N LYS A 176 -6.13 22.91 1.39
CA LYS A 176 -4.96 22.01 1.31
C LYS A 176 -3.67 22.78 1.60
N LEU A 177 -2.99 22.40 2.69
CA LEU A 177 -1.79 23.11 3.19
C LEU A 177 -0.72 23.32 2.10
N GLU A 178 -0.73 24.52 1.50
CA GLU A 178 0.26 24.94 0.51
C GLU A 178 0.52 23.89 -0.59
N MET A 1 -28.23 -12.30 -4.22
CA MET A 1 -26.79 -12.50 -4.55
C MET A 1 -25.90 -11.55 -3.73
N ALA A 2 -24.75 -12.04 -3.29
CA ALA A 2 -23.81 -11.24 -2.50
C ALA A 2 -23.00 -10.27 -3.39
N ALA A 3 -22.62 -9.13 -2.82
CA ALA A 3 -21.83 -8.12 -3.55
C ALA A 3 -20.36 -8.13 -3.10
N SER A 4 -19.43 -7.92 -4.04
CA SER A 4 -18.00 -7.97 -3.76
C SER A 4 -17.48 -6.65 -3.14
N THR A 5 -16.22 -6.67 -2.71
CA THR A 5 -15.57 -5.47 -2.15
C THR A 5 -14.72 -4.74 -3.21
N ASP A 6 -13.78 -3.91 -2.74
CA ASP A 6 -12.84 -3.23 -3.64
C ASP A 6 -11.84 -4.24 -4.28
N ILE A 7 -10.64 -3.77 -4.63
CA ILE A 7 -9.69 -4.59 -5.38
C ILE A 7 -9.08 -5.71 -4.51
N ALA A 8 -9.64 -6.91 -4.62
CA ALA A 8 -9.16 -8.08 -3.86
C ALA A 8 -7.71 -8.44 -4.24
N GLY A 9 -7.38 -8.25 -5.52
CA GLY A 9 -6.01 -8.49 -5.98
C GLY A 9 -4.99 -7.60 -5.28
N LEU A 10 -5.47 -6.51 -4.68
CA LEU A 10 -4.61 -5.60 -3.92
C LEU A 10 -4.25 -6.23 -2.56
N GLU A 11 -5.21 -6.91 -1.95
CA GLU A 11 -4.96 -7.66 -0.71
C GLU A 11 -3.89 -8.72 -0.96
N GLU A 12 -3.97 -9.39 -2.11
CA GLU A 12 -2.95 -10.36 -2.53
C GLU A 12 -1.54 -9.73 -2.53
N SER A 13 -1.40 -8.62 -3.25
CA SER A 13 -0.11 -7.92 -3.37
C SER A 13 0.48 -7.57 -2.00
N PHE A 14 -0.31 -6.86 -1.18
CA PHE A 14 0.11 -6.51 0.18
C PHE A 14 0.52 -7.77 0.96
N ARG A 15 -0.28 -8.83 0.82
CA ARG A 15 -0.03 -10.10 1.48
C ARG A 15 1.30 -10.72 1.03
N LYS A 16 1.68 -10.48 -0.24
CA LYS A 16 2.94 -10.98 -0.80
C LYS A 16 4.14 -10.17 -0.28
N PHE A 17 3.99 -8.86 -0.16
CA PHE A 17 5.04 -8.01 0.41
C PHE A 17 5.20 -8.26 1.92
N ALA A 18 4.09 -8.47 2.61
CA ALA A 18 4.10 -8.69 4.07
C ALA A 18 4.86 -9.97 4.45
N ILE A 19 4.68 -11.04 3.68
CA ILE A 19 5.34 -12.32 3.96
C ILE A 19 6.73 -12.39 3.32
N HIS A 20 7.25 -11.25 2.87
CA HIS A 20 8.53 -11.21 2.15
C HIS A 20 9.64 -10.56 3.00
N GLY A 21 10.42 -11.38 3.69
CA GLY A 21 11.44 -10.85 4.61
C GLY A 21 11.06 -11.10 6.06
N ASP A 22 9.81 -10.79 6.40
CA ASP A 22 9.27 -11.13 7.71
C ASP A 22 8.98 -12.64 7.79
N PRO A 23 9.78 -13.40 8.56
CA PRO A 23 9.75 -14.88 8.52
C PRO A 23 8.38 -15.49 8.83
N LYS A 24 7.64 -14.91 9.77
CA LYS A 24 6.39 -15.50 10.24
C LYS A 24 5.20 -14.54 10.12
N ALA A 25 5.24 -13.63 9.16
CA ALA A 25 4.14 -12.67 8.96
C ALA A 25 2.93 -13.35 8.30
N SER A 26 1.77 -13.27 8.95
CA SER A 26 0.53 -13.88 8.43
C SER A 26 0.01 -13.17 7.16
N GLY A 27 0.68 -12.10 6.75
CA GLY A 27 0.26 -11.32 5.58
C GLY A 27 -0.61 -10.13 5.95
N GLN A 28 -0.88 -9.97 7.24
CA GLN A 28 -1.72 -8.88 7.75
C GLN A 28 -0.90 -7.61 8.00
N GLU A 29 0.32 -7.79 8.50
CA GLU A 29 1.19 -6.68 8.89
C GLU A 29 2.47 -6.63 8.02
N MET A 30 2.80 -5.46 7.50
CA MET A 30 4.02 -5.30 6.68
C MET A 30 4.90 -4.15 7.19
N ASN A 31 6.22 -4.36 7.16
CA ASN A 31 7.17 -3.35 7.64
C ASN A 31 7.33 -2.17 6.65
N GLY A 32 7.98 -1.10 7.11
CA GLY A 32 8.17 0.09 6.29
C GLY A 32 9.18 -0.10 5.14
N LYS A 33 10.06 -1.10 5.27
CA LYS A 33 11.08 -1.35 4.24
C LYS A 33 10.44 -1.93 2.96
N ASN A 34 9.53 -2.89 3.12
CA ASN A 34 8.78 -3.43 1.99
C ASN A 34 7.75 -2.42 1.47
N TRP A 35 7.29 -1.54 2.36
CA TRP A 35 6.41 -0.43 1.98
C TRP A 35 7.13 0.57 1.04
N ALA A 36 8.31 1.04 1.46
CA ALA A 36 9.13 1.91 0.62
C ALA A 36 9.47 1.20 -0.71
N LYS A 37 9.81 -0.09 -0.60
CA LYS A 37 10.05 -0.93 -1.78
C LYS A 37 8.81 -1.03 -2.66
N LEU A 38 7.64 -1.14 -2.02
CA LEU A 38 6.37 -1.26 -2.72
C LEU A 38 6.17 -0.10 -3.71
N CYS A 39 6.42 1.11 -3.25
CA CYS A 39 6.26 2.30 -4.11
C CYS A 39 7.27 2.30 -5.26
N LYS A 40 8.55 2.09 -4.94
CA LYS A 40 9.62 2.15 -5.95
C LYS A 40 9.51 1.01 -6.97
N ASP A 41 9.06 -0.15 -6.50
CA ASP A 41 8.89 -1.32 -7.37
C ASP A 41 7.60 -1.19 -8.21
N CYS A 42 6.54 -0.64 -7.59
CA CYS A 42 5.25 -0.45 -8.28
C CYS A 42 5.19 0.89 -9.04
N LYS A 43 6.31 1.63 -9.05
CA LYS A 43 6.45 2.84 -9.89
C LYS A 43 5.67 4.03 -9.31
N VAL A 44 5.25 3.93 -8.05
CA VAL A 44 4.52 5.01 -7.38
C VAL A 44 5.45 6.21 -7.11
N ALA A 45 6.73 5.94 -6.87
CA ALA A 45 7.72 7.00 -6.64
C ALA A 45 8.17 7.64 -7.96
N ASP A 46 7.57 8.79 -8.30
CA ASP A 46 7.89 9.49 -9.55
C ASP A 46 9.02 10.51 -9.38
N GLY A 47 9.04 11.21 -8.24
CA GLY A 47 10.07 12.22 -7.98
C GLY A 47 9.53 13.65 -7.94
N LYS A 48 8.42 13.89 -8.62
CA LYS A 48 7.79 15.22 -8.65
C LYS A 48 6.78 15.37 -7.49
N SER A 49 5.85 14.42 -7.40
CA SER A 49 4.84 14.40 -6.33
C SER A 49 5.24 13.46 -5.19
N VAL A 50 5.78 12.31 -5.54
CA VAL A 50 6.29 11.34 -4.57
C VAL A 50 7.82 11.24 -4.66
N THR A 51 8.52 11.88 -3.72
CA THR A 51 9.99 11.94 -3.72
C THR A 51 10.63 10.83 -2.87
N GLY A 52 9.84 9.82 -2.52
CA GLY A 52 10.31 8.79 -1.59
C GLY A 52 10.13 9.21 -0.14
N THR A 53 10.62 10.41 0.19
CA THR A 53 10.36 11.02 1.50
C THR A 53 8.87 10.99 1.80
N ASP A 54 8.07 11.39 0.82
CA ASP A 54 6.60 11.36 0.93
C ASP A 54 6.09 9.96 1.33
N VAL A 55 6.76 8.90 0.85
CA VAL A 55 6.39 7.52 1.19
C VAL A 55 6.63 7.26 2.69
N ASP A 56 7.71 7.84 3.22
CA ASP A 56 8.01 7.74 4.67
C ASP A 56 6.98 8.56 5.47
N ILE A 57 6.59 9.71 4.92
CA ILE A 57 5.59 10.57 5.55
C ILE A 57 4.23 9.87 5.63
N VAL A 58 3.77 9.33 4.51
CA VAL A 58 2.51 8.58 4.46
C VAL A 58 2.53 7.38 5.42
N PHE A 59 3.68 6.72 5.52
CA PHE A 59 3.85 5.61 6.46
C PHE A 59 3.58 6.08 7.89
N SER A 60 4.16 7.23 8.24
CA SER A 60 3.96 7.84 9.56
C SER A 60 2.61 8.58 9.66
N LYS A 61 1.97 8.77 8.51
CA LYS A 61 0.66 9.43 8.43
C LYS A 61 -0.48 8.42 8.66
N VAL A 62 -0.18 7.13 8.43
CA VAL A 62 -1.10 6.03 8.77
C VAL A 62 -0.65 5.30 10.06
N LYS A 63 0.61 5.47 10.43
CA LYS A 63 1.19 4.82 11.62
C LYS A 63 0.65 5.46 12.92
N GLY A 64 -0.42 4.87 13.47
CA GLY A 64 -1.06 5.42 14.66
C GLY A 64 -0.54 4.80 15.96
N LYS A 65 0.19 3.69 15.83
CA LYS A 65 0.79 3.00 16.98
C LYS A 65 2.31 3.13 16.96
N SER A 66 2.97 2.82 18.08
CA SER A 66 4.44 2.70 18.12
C SER A 66 4.86 1.38 17.44
N ALA A 67 4.49 1.23 16.18
CA ALA A 67 4.66 -0.03 15.45
C ALA A 67 5.66 0.07 14.29
N ARG A 68 6.32 -1.05 14.00
CA ARG A 68 7.23 -1.14 12.85
C ARG A 68 6.50 -1.62 11.58
N VAL A 69 5.21 -1.92 11.73
CA VAL A 69 4.43 -2.53 10.64
C VAL A 69 3.03 -1.89 10.47
N ILE A 70 2.58 -1.78 9.23
CA ILE A 70 1.23 -1.32 8.91
C ILE A 70 0.31 -2.51 8.54
N ASN A 71 -1.00 -2.30 8.66
CA ASN A 71 -1.98 -3.35 8.36
C ASN A 71 -2.66 -3.12 7.00
N TYR A 72 -3.57 -4.03 6.64
CA TYR A 72 -4.30 -3.94 5.37
C TYR A 72 -5.27 -2.73 5.35
N GLU A 73 -5.89 -2.43 6.48
CA GLU A 73 -6.83 -1.30 6.58
C GLU A 73 -6.12 0.05 6.35
N GLU A 74 -5.10 0.35 7.14
CA GLU A 74 -4.32 1.59 6.95
C GLU A 74 -3.57 1.58 5.61
N PHE A 75 -3.37 0.38 5.04
CA PHE A 75 -2.79 0.24 3.70
C PHE A 75 -3.71 0.86 2.63
N LYS A 76 -5.02 0.60 2.75
CA LYS A 76 -6.02 1.24 1.87
C LYS A 76 -5.90 2.77 1.93
N LYS A 77 -5.78 3.31 3.15
CA LYS A 77 -5.60 4.75 3.37
C LYS A 77 -4.30 5.26 2.72
N ALA A 78 -3.20 4.57 3.03
CA ALA A 78 -1.87 4.96 2.52
C ALA A 78 -1.86 5.11 1.00
N LEU A 79 -2.48 4.17 0.30
CA LEU A 79 -2.56 4.23 -1.17
C LEU A 79 -3.45 5.40 -1.65
N GLU A 80 -4.56 5.63 -0.95
CA GLU A 80 -5.46 6.76 -1.27
C GLU A 80 -4.67 8.09 -1.23
N GLU A 81 -3.88 8.27 -0.18
CA GLU A 81 -3.09 9.48 0.01
C GLU A 81 -2.00 9.61 -1.08
N LEU A 82 -1.19 8.57 -1.25
CA LEU A 82 -0.19 8.55 -2.32
C LEU A 82 -0.84 8.78 -3.69
N ALA A 83 -2.04 8.24 -3.89
CA ALA A 83 -2.77 8.41 -5.16
C ALA A 83 -3.15 9.87 -5.41
N THR A 84 -3.68 10.54 -4.37
CA THR A 84 -4.09 11.96 -4.49
C THR A 84 -2.90 12.87 -4.84
N LYS A 85 -1.69 12.51 -4.43
CA LYS A 85 -0.49 13.25 -4.84
C LYS A 85 0.05 12.78 -6.22
N ARG A 86 0.17 11.47 -6.37
CA ARG A 86 0.75 10.87 -7.59
C ARG A 86 -0.07 11.23 -8.84
N PHE A 87 -1.35 10.89 -8.80
CA PHE A 87 -2.24 11.14 -9.93
C PHE A 87 -2.85 12.56 -9.90
N LYS A 88 -3.56 12.91 -10.96
CA LYS A 88 -4.10 14.28 -11.13
C LYS A 88 -5.39 14.49 -10.31
N GLY A 89 -5.84 15.74 -10.25
CA GLY A 89 -7.07 16.08 -9.53
C GLY A 89 -8.33 15.58 -10.22
N LYS A 90 -8.50 14.26 -10.28
CA LYS A 90 -9.67 13.64 -10.89
C LYS A 90 -10.42 12.80 -9.84
N SER A 91 -11.58 12.25 -10.19
CA SER A 91 -12.37 11.40 -9.27
C SER A 91 -11.48 10.40 -8.53
N LYS A 92 -11.53 10.45 -7.19
CA LYS A 92 -10.71 9.57 -6.34
C LYS A 92 -10.87 8.10 -6.73
N GLU A 93 -12.08 7.73 -7.13
CA GLU A 93 -12.39 6.37 -7.58
C GLU A 93 -11.37 5.87 -8.62
N GLU A 94 -11.33 6.55 -9.77
CA GLU A 94 -10.40 6.21 -10.85
C GLU A 94 -8.95 6.27 -10.37
N ALA A 95 -8.62 7.31 -9.60
CA ALA A 95 -7.26 7.49 -9.05
C ALA A 95 -6.86 6.31 -8.15
N PHE A 96 -7.82 5.80 -7.39
CA PHE A 96 -7.58 4.67 -6.49
C PHE A 96 -7.43 3.36 -7.28
N ASP A 97 -8.34 3.13 -8.23
CA ASP A 97 -8.23 1.96 -9.12
C ASP A 97 -6.90 1.99 -9.90
N ALA A 98 -6.43 3.21 -10.23
CA ALA A 98 -5.16 3.40 -10.93
C ALA A 98 -3.96 2.92 -10.08
N ILE A 99 -3.83 3.45 -8.87
CA ILE A 99 -2.72 3.05 -7.98
C ILE A 99 -2.84 1.57 -7.60
N CYS A 100 -4.08 1.08 -7.47
CA CYS A 100 -4.33 -0.36 -7.25
C CYS A 100 -3.93 -1.17 -8.49
N GLN A 101 -4.16 -0.62 -9.68
CA GLN A 101 -3.76 -1.25 -10.93
C GLN A 101 -2.24 -1.54 -10.94
N LEU A 102 -1.48 -0.61 -10.38
CA LEU A 102 -0.01 -0.76 -10.26
C LEU A 102 0.38 -1.88 -9.27
N VAL A 103 -0.19 -1.83 -8.07
CA VAL A 103 0.23 -2.73 -6.97
C VAL A 103 -0.46 -4.12 -7.02
N ALA A 104 -1.77 -4.14 -7.24
CA ALA A 104 -2.57 -5.37 -7.18
C ALA A 104 -2.01 -6.51 -8.06
N GLY A 105 -1.99 -7.73 -7.52
CA GLY A 105 -1.49 -8.88 -8.25
C GLY A 105 0.05 -8.99 -8.28
N LYS A 106 0.70 -7.83 -8.33
CA LYS A 106 2.17 -7.75 -8.40
C LYS A 106 2.87 -8.41 -7.20
N GLU A 107 4.14 -8.75 -7.38
CA GLU A 107 4.96 -9.37 -6.34
C GLU A 107 6.24 -8.56 -6.09
N PRO A 108 6.80 -8.59 -4.85
CA PRO A 108 8.04 -7.88 -4.52
C PRO A 108 9.27 -8.41 -5.28
N ALA A 109 9.92 -7.52 -6.05
CA ALA A 109 11.11 -7.88 -6.81
C ALA A 109 12.33 -8.15 -5.91
N ASN A 110 13.21 -9.05 -6.35
CA ASN A 110 14.44 -9.36 -5.60
C ASN A 110 15.60 -9.63 -6.56
N VAL A 111 16.82 -9.59 -6.03
CA VAL A 111 18.03 -9.77 -6.86
C VAL A 111 19.26 -10.15 -6.01
N GLY A 112 19.31 -9.68 -4.77
CA GLY A 112 20.46 -9.91 -3.90
C GLY A 112 21.39 -8.71 -3.82
N VAL A 113 21.27 -7.92 -2.75
CA VAL A 113 22.06 -6.70 -2.57
C VAL A 113 23.42 -7.00 -1.93
N THR A 114 24.47 -6.33 -2.40
CA THR A 114 25.84 -6.51 -1.86
C THR A 114 26.45 -5.18 -1.44
N LYS A 115 26.35 -4.86 -0.13
CA LYS A 115 26.92 -3.63 0.45
C LYS A 115 26.16 -2.36 -0.01
N ALA A 116 26.17 -2.09 -1.32
CA ALA A 116 25.44 -0.95 -1.92
C ALA A 116 26.11 0.41 -1.65
N LYS A 117 26.31 0.76 -0.38
CA LYS A 117 26.85 2.08 -0.02
C LYS A 117 28.37 2.21 -0.27
N THR A 118 28.92 1.35 -1.14
CA THR A 118 30.33 1.47 -1.54
C THR A 118 30.54 2.71 -2.41
N GLY A 119 31.07 3.77 -1.80
CA GLY A 119 31.18 5.06 -2.47
C GLY A 119 32.32 5.15 -3.49
N GLY A 120 32.23 4.38 -4.56
CA GLY A 120 33.23 4.43 -5.62
C GLY A 120 32.97 5.55 -6.64
N ALA A 121 32.84 6.78 -6.13
CA ALA A 121 32.56 7.94 -6.98
C ALA A 121 33.71 8.25 -7.95
N VAL A 122 33.37 8.49 -9.22
CA VAL A 122 34.39 8.72 -10.26
C VAL A 122 34.38 10.16 -10.79
N ASP A 123 33.33 10.92 -10.48
CA ASP A 123 33.20 12.30 -10.95
C ASP A 123 32.60 13.23 -9.89
N ARG A 124 33.15 14.44 -9.81
CA ARG A 124 32.69 15.46 -8.85
C ARG A 124 31.84 16.55 -9.53
N LEU A 125 31.89 16.61 -10.85
CA LEU A 125 31.27 17.70 -11.60
C LEU A 125 29.75 17.53 -11.75
N THR A 126 29.01 18.32 -10.98
CA THR A 126 27.55 18.31 -11.00
C THR A 126 26.98 19.74 -10.94
N ASP A 127 27.57 20.63 -11.74
CA ASP A 127 27.21 22.06 -11.75
C ASP A 127 25.76 22.29 -12.24
N THR A 128 25.15 21.25 -12.81
CA THR A 128 23.75 21.30 -13.29
C THR A 128 23.60 22.07 -14.62
N SER A 129 24.25 23.24 -14.72
CA SER A 129 24.09 24.13 -15.89
C SER A 129 22.66 24.67 -16.00
N ARG A 130 22.44 25.88 -15.49
CA ARG A 130 21.09 26.46 -15.37
C ARG A 130 20.32 26.50 -16.71
N TYR A 131 21.04 26.71 -17.81
CA TYR A 131 20.41 26.78 -19.13
C TYR A 131 20.25 25.39 -19.78
N THR A 132 20.92 24.39 -19.23
CA THR A 132 20.93 23.04 -19.82
C THR A 132 20.54 21.95 -18.80
N GLY A 133 19.86 22.36 -17.72
CA GLY A 133 19.43 21.42 -16.69
C GLY A 133 18.25 20.56 -17.13
N SER A 134 17.16 21.22 -17.54
CA SER A 134 15.97 20.52 -18.05
C SER A 134 16.06 20.35 -19.57
N HIS A 135 16.26 19.11 -20.03
CA HIS A 135 16.46 18.83 -21.46
C HIS A 135 15.11 18.58 -22.18
N LYS A 136 15.18 18.20 -23.45
CA LYS A 136 13.97 17.95 -24.25
C LYS A 136 13.59 16.45 -24.23
N GLU A 137 12.73 16.05 -25.17
CA GLU A 137 12.22 14.67 -25.21
C GLU A 137 13.34 13.63 -25.31
N ARG A 138 13.39 12.73 -24.33
CA ARG A 138 14.36 11.63 -24.32
C ARG A 138 13.62 10.28 -24.23
N PHE A 139 13.86 9.38 -25.19
CA PHE A 139 13.16 8.09 -25.21
C PHE A 139 13.42 7.28 -23.92
N ASP A 140 12.38 6.62 -23.43
CA ASP A 140 12.41 5.97 -22.12
C ASP A 140 13.41 4.78 -22.08
N GLU A 141 14.66 5.08 -21.73
CA GLU A 141 15.66 4.04 -21.49
C GLU A 141 15.81 3.75 -19.98
N SER A 142 15.23 2.64 -19.53
CA SER A 142 15.36 2.22 -18.13
C SER A 142 16.82 1.87 -17.78
N GLY A 143 17.64 1.68 -18.82
CA GLY A 143 19.05 1.36 -18.61
C GLY A 143 19.27 -0.08 -18.18
N LYS A 144 20.39 -0.33 -17.49
CA LYS A 144 20.73 -1.69 -17.00
C LYS A 144 21.02 -1.65 -15.50
N GLY A 145 20.57 -0.59 -14.83
CA GLY A 145 20.97 -0.34 -13.45
C GLY A 145 22.34 0.33 -13.40
N LYS A 146 22.45 1.49 -14.05
CA LYS A 146 23.74 2.16 -14.23
C LYS A 146 23.92 3.35 -13.26
N GLY A 147 25.03 3.33 -12.53
CA GLY A 147 25.38 4.43 -11.63
C GLY A 147 24.37 4.68 -10.52
N ILE A 148 23.49 3.69 -10.26
CA ILE A 148 22.43 3.82 -9.25
C ILE A 148 21.56 5.09 -9.49
N ALA A 149 21.69 5.68 -10.69
CA ALA A 149 20.99 6.92 -11.05
C ALA A 149 21.42 8.11 -10.17
N GLY A 150 22.57 7.98 -9.50
CA GLY A 150 23.04 9.03 -8.60
C GLY A 150 24.40 9.61 -8.99
N ARG A 151 24.50 10.95 -9.01
CA ARG A 151 25.77 11.63 -9.32
C ARG A 151 26.41 12.21 -8.05
N GLN A 152 25.60 12.36 -6.99
CA GLN A 152 26.06 12.91 -5.71
C GLN A 152 25.23 12.37 -4.53
N ASP A 153 24.12 11.70 -4.84
CA ASP A 153 23.14 11.23 -3.83
C ASP A 153 22.43 12.38 -3.11
N ILE A 154 21.35 12.05 -2.40
CA ILE A 154 20.62 13.02 -1.60
C ILE A 154 20.83 12.78 -0.10
N LEU A 155 21.03 13.85 0.66
CA LEU A 155 21.28 13.73 2.08
C LEU A 155 19.97 13.57 2.88
N ASP A 156 19.55 12.32 3.04
CA ASP A 156 18.43 11.98 3.95
C ASP A 156 18.59 12.69 5.31
N ASP A 157 17.50 13.25 5.83
CA ASP A 157 17.53 14.01 7.09
C ASP A 157 18.14 13.18 8.24
N SER A 158 19.40 13.48 8.57
CA SER A 158 20.14 12.75 9.61
C SER A 158 20.37 13.63 10.85
N GLY A 159 21.39 13.30 11.65
CA GLY A 159 21.69 14.04 12.88
C GLY A 159 22.00 15.53 12.67
N TYR A 160 22.26 16.23 13.76
CA TYR A 160 22.49 17.68 13.71
C TYR A 160 23.89 18.03 13.20
N VAL A 161 24.02 18.10 11.88
CA VAL A 161 25.28 18.51 11.24
C VAL A 161 25.15 19.90 10.60
N SER A 162 23.94 20.26 10.21
CA SER A 162 23.67 21.60 9.66
C SER A 162 23.35 22.60 10.79
N ALA A 163 22.96 22.08 11.94
CA ALA A 163 22.70 22.89 13.13
C ALA A 163 23.59 22.44 14.30
N TYR A 164 24.26 23.40 14.95
CA TYR A 164 25.21 23.09 16.02
C TYR A 164 24.59 23.38 17.41
N LYS A 165 23.27 23.51 17.46
CA LYS A 165 22.56 23.86 18.69
C LYS A 165 22.41 22.64 19.62
N ASN A 166 22.42 22.88 20.94
CA ASN A 166 22.47 21.80 21.93
C ASN A 166 21.11 21.57 22.62
N ALA A 167 20.90 20.33 23.10
CA ALA A 167 19.68 19.92 23.81
C ALA A 167 18.44 19.92 22.91
N GLY A 168 18.21 18.78 22.24
CA GLY A 168 17.02 18.62 21.40
C GLY A 168 15.74 18.54 22.22
N THR A 169 15.14 19.71 22.51
CA THR A 169 13.92 19.81 23.34
C THR A 169 14.08 19.09 24.68
N TYR A 170 15.01 19.58 25.50
CA TYR A 170 15.33 18.99 26.82
C TYR A 170 16.10 17.65 26.66
N ASP A 171 17.21 17.53 27.37
CA ASP A 171 18.16 16.43 27.17
C ASP A 171 17.94 15.23 28.12
N ALA A 172 16.82 15.20 28.84
CA ALA A 172 16.54 14.08 29.76
C ALA A 172 15.90 12.88 29.01
N LYS A 173 14.59 12.67 29.17
CA LYS A 173 13.85 11.64 28.41
C LYS A 173 14.39 10.21 28.65
N VAL A 174 15.06 9.99 29.78
CA VAL A 174 15.61 8.66 30.10
C VAL A 174 14.60 7.80 30.89
N LYS A 175 14.42 6.55 30.46
CA LYS A 175 13.50 5.60 31.12
C LYS A 175 12.01 6.01 30.97
N LYS A 176 11.77 7.14 30.29
CA LYS A 176 10.42 7.70 30.20
C LYS A 176 9.52 6.91 29.22
N LEU A 177 9.39 7.37 27.97
CA LEU A 177 8.62 6.66 26.93
C LEU A 177 7.29 6.08 27.48
N GLU A 178 7.13 4.74 27.43
CA GLU A 178 5.99 4.03 28.05
C GLU A 178 4.64 4.31 27.34
N MET A 1 -19.84 -4.53 8.08
CA MET A 1 -20.42 -5.77 7.48
C MET A 1 -19.34 -6.60 6.78
N ALA A 2 -19.61 -7.90 6.62
CA ALA A 2 -18.68 -8.81 5.93
C ALA A 2 -18.66 -8.56 4.42
N ALA A 3 -17.86 -7.58 3.99
CA ALA A 3 -17.76 -7.24 2.57
C ALA A 3 -16.50 -6.41 2.25
N SER A 4 -15.63 -6.98 1.41
CA SER A 4 -14.49 -6.22 0.88
C SER A 4 -14.96 -5.36 -0.30
N THR A 5 -15.09 -4.06 -0.07
CA THR A 5 -15.72 -3.16 -1.05
C THR A 5 -14.70 -2.45 -1.95
N ASP A 6 -13.47 -2.94 -2.00
CA ASP A 6 -12.43 -2.33 -2.83
C ASP A 6 -11.82 -3.34 -3.82
N ILE A 7 -10.62 -3.86 -3.53
CA ILE A 7 -9.88 -4.71 -4.48
C ILE A 7 -9.31 -5.97 -3.80
N ALA A 8 -9.68 -7.16 -4.31
CA ALA A 8 -9.19 -8.43 -3.77
C ALA A 8 -7.71 -8.67 -4.13
N GLY A 9 -7.37 -8.42 -5.40
CA GLY A 9 -5.98 -8.56 -5.85
C GLY A 9 -5.03 -7.65 -5.08
N LEU A 10 -5.58 -6.64 -4.40
CA LEU A 10 -4.78 -5.76 -3.55
C LEU A 10 -4.41 -6.48 -2.25
N GLU A 11 -5.34 -7.29 -1.74
CA GLU A 11 -5.07 -8.15 -0.58
C GLU A 11 -3.91 -9.10 -0.90
N GLU A 12 -3.94 -9.65 -2.11
CA GLU A 12 -2.87 -10.51 -2.61
C GLU A 12 -1.52 -9.78 -2.61
N SER A 13 -1.46 -8.63 -3.29
CA SER A 13 -0.23 -7.83 -3.35
C SER A 13 0.30 -7.50 -1.96
N PHE A 14 -0.59 -7.03 -1.08
CA PHE A 14 -0.22 -6.74 0.31
C PHE A 14 0.35 -8.00 1.00
N ARG A 15 -0.32 -9.12 0.78
CA ARG A 15 0.08 -10.41 1.38
C ARG A 15 1.50 -10.83 0.94
N LYS A 16 1.76 -10.75 -0.37
CA LYS A 16 3.08 -11.08 -0.90
C LYS A 16 4.17 -10.11 -0.41
N PHE A 17 3.84 -8.82 -0.35
CA PHE A 17 4.78 -7.81 0.17
C PHE A 17 4.95 -7.89 1.69
N ALA A 18 3.91 -8.33 2.38
CA ALA A 18 3.96 -8.50 3.85
C ALA A 18 4.96 -9.59 4.23
N ILE A 19 4.89 -10.73 3.55
CA ILE A 19 5.78 -11.86 3.83
C ILE A 19 7.08 -11.77 3.00
N HIS A 20 7.25 -10.67 2.28
CA HIS A 20 8.46 -10.43 1.49
C HIS A 20 9.68 -10.18 2.40
N GLY A 21 10.42 -11.25 2.71
CA GLY A 21 11.46 -11.15 3.73
C GLY A 21 10.87 -11.28 5.13
N ASP A 22 9.98 -12.26 5.28
CA ASP A 22 9.12 -12.39 6.45
C ASP A 22 9.89 -12.65 7.77
N PRO A 23 9.72 -11.76 8.76
CA PRO A 23 10.15 -12.04 10.13
C PRO A 23 9.09 -12.82 10.93
N LYS A 24 7.83 -12.65 10.52
CA LYS A 24 6.68 -13.38 11.10
C LYS A 24 5.53 -13.41 10.09
N ALA A 25 5.73 -14.13 8.98
CA ALA A 25 4.70 -14.27 7.95
C ALA A 25 3.35 -14.81 8.48
N SER A 26 2.45 -13.91 8.89
CA SER A 26 1.07 -14.29 9.21
C SER A 26 0.12 -13.87 8.08
N GLY A 27 0.50 -12.79 7.38
CA GLY A 27 -0.24 -12.38 6.19
C GLY A 27 -1.07 -11.11 6.37
N GLN A 28 -0.71 -10.28 7.34
CA GLN A 28 -1.44 -9.02 7.60
C GLN A 28 -0.50 -7.90 8.08
N GLU A 29 0.79 -8.19 8.19
CA GLU A 29 1.76 -7.23 8.73
C GLU A 29 2.78 -6.78 7.66
N MET A 30 2.84 -5.47 7.40
CA MET A 30 3.83 -4.92 6.47
C MET A 30 4.75 -3.91 7.16
N ASN A 31 6.06 -4.03 6.91
CA ASN A 31 7.06 -3.11 7.48
C ASN A 31 7.40 -1.97 6.52
N GLY A 32 8.06 -0.93 7.04
CA GLY A 32 8.47 0.21 6.21
C GLY A 32 9.43 -0.18 5.09
N LYS A 33 10.25 -1.20 5.34
CA LYS A 33 11.19 -1.71 4.33
C LYS A 33 10.46 -2.19 3.07
N ASN A 34 9.48 -3.08 3.23
CA ASN A 34 8.71 -3.59 2.09
C ASN A 34 7.79 -2.50 1.50
N TRP A 35 7.27 -1.62 2.36
CA TRP A 35 6.47 -0.48 1.93
C TRP A 35 7.24 0.43 0.94
N ALA A 36 8.49 0.75 1.29
CA ALA A 36 9.34 1.58 0.45
C ALA A 36 9.66 0.87 -0.88
N LYS A 37 10.09 -0.38 -0.80
CA LYS A 37 10.39 -1.17 -2.00
C LYS A 37 9.12 -1.49 -2.80
N LEU A 38 7.97 -1.46 -2.15
CA LEU A 38 6.68 -1.58 -2.83
C LEU A 38 6.49 -0.41 -3.80
N CYS A 39 6.67 0.81 -3.28
CA CYS A 39 6.59 2.02 -4.09
C CYS A 39 7.61 2.00 -5.23
N LYS A 40 8.81 1.48 -4.94
CA LYS A 40 9.85 1.35 -5.97
C LYS A 40 9.50 0.30 -7.05
N ASP A 41 8.99 -0.85 -6.61
CA ASP A 41 8.74 -1.99 -7.51
C ASP A 41 7.62 -1.71 -8.52
N CYS A 42 6.60 -0.93 -8.12
CA CYS A 42 5.53 -0.52 -9.05
C CYS A 42 5.65 0.95 -9.42
N LYS A 43 6.70 1.60 -8.89
CA LYS A 43 7.03 3.00 -9.21
C LYS A 43 5.91 3.96 -8.78
N VAL A 44 5.31 3.69 -7.63
CA VAL A 44 4.34 4.60 -7.01
C VAL A 44 5.01 5.94 -6.65
N ALA A 45 6.32 5.88 -6.40
CA ALA A 45 7.13 7.08 -6.24
C ALA A 45 7.04 7.96 -7.50
N ASP A 46 6.49 9.17 -7.36
CA ASP A 46 6.16 9.98 -8.53
C ASP A 46 6.38 11.47 -8.25
N GLY A 47 5.82 11.95 -7.12
CA GLY A 47 5.62 13.39 -6.84
C GLY A 47 6.15 14.37 -7.89
N LYS A 48 5.84 14.14 -9.15
CA LYS A 48 6.33 14.97 -10.27
C LYS A 48 7.88 15.05 -10.28
N SER A 49 8.50 14.31 -9.37
CA SER A 49 9.94 14.39 -9.03
C SER A 49 10.22 13.52 -7.79
N VAL A 50 9.18 13.36 -6.96
CA VAL A 50 9.21 12.57 -5.70
C VAL A 50 10.18 13.18 -4.68
N THR A 51 9.96 12.85 -3.41
CA THR A 51 10.79 13.40 -2.32
C THR A 51 11.40 12.29 -1.45
N GLY A 52 10.90 11.05 -1.62
CA GLY A 52 11.33 9.93 -0.77
C GLY A 52 10.75 10.02 0.64
N THR A 53 11.19 11.02 1.40
CA THR A 53 10.66 11.27 2.74
C THR A 53 9.13 11.28 2.73
N ASP A 54 8.54 11.84 1.67
CA ASP A 54 7.08 11.85 1.50
C ASP A 54 6.49 10.44 1.66
N VAL A 55 7.10 9.47 0.99
CA VAL A 55 6.67 8.08 1.08
C VAL A 55 6.80 7.55 2.52
N ASP A 56 7.83 8.02 3.22
CA ASP A 56 8.06 7.62 4.62
C ASP A 56 7.03 8.31 5.53
N ILE A 57 6.62 9.50 5.12
CA ILE A 57 5.61 10.28 5.82
C ILE A 57 4.22 9.65 5.68
N VAL A 58 3.89 9.16 4.48
CA VAL A 58 2.63 8.46 4.25
C VAL A 58 2.52 7.22 5.15
N PHE A 59 3.61 6.45 5.26
CA PHE A 59 3.68 5.32 6.18
C PHE A 59 3.41 5.79 7.63
N SER A 60 4.00 6.93 8.00
CA SER A 60 3.78 7.54 9.32
C SER A 60 2.38 8.17 9.43
N LYS A 61 1.80 8.53 8.29
CA LYS A 61 0.50 9.21 8.23
C LYS A 61 -0.64 8.24 8.59
N VAL A 62 -0.53 6.99 8.13
CA VAL A 62 -1.49 5.94 8.50
C VAL A 62 -1.04 5.18 9.77
N LYS A 63 0.21 5.45 10.19
CA LYS A 63 0.77 4.81 11.38
C LYS A 63 0.09 5.30 12.67
N GLY A 64 -0.53 4.37 13.40
CA GLY A 64 -1.18 4.71 14.66
C GLY A 64 -0.19 4.93 15.81
N LYS A 65 0.65 5.95 15.67
CA LYS A 65 1.65 6.32 16.70
C LYS A 65 2.66 5.19 16.98
N SER A 66 3.87 5.32 16.42
CA SER A 66 4.98 4.38 16.68
C SER A 66 4.69 2.94 16.19
N ALA A 67 3.63 2.78 15.41
CA ALA A 67 3.30 1.47 14.83
C ALA A 67 4.34 1.06 13.77
N ARG A 68 5.28 0.22 14.17
CA ARG A 68 6.38 -0.22 13.28
C ARG A 68 5.88 -1.06 12.08
N VAL A 69 4.65 -1.56 12.15
CA VAL A 69 4.04 -2.33 11.06
C VAL A 69 2.59 -1.89 10.81
N ILE A 70 2.15 -1.98 9.56
CA ILE A 70 0.76 -1.62 9.19
C ILE A 70 -0.03 -2.83 8.68
N ASN A 71 -1.35 -2.67 8.59
CA ASN A 71 -2.25 -3.74 8.13
C ASN A 71 -2.88 -3.37 6.76
N TYR A 72 -3.58 -4.33 6.14
CA TYR A 72 -4.20 -4.12 4.83
C TYR A 72 -5.24 -2.98 4.85
N GLU A 73 -6.07 -2.94 5.88
CA GLU A 73 -7.15 -1.94 5.99
C GLU A 73 -6.60 -0.50 5.89
N GLU A 74 -5.65 -0.15 6.75
CA GLU A 74 -5.01 1.17 6.70
C GLU A 74 -4.12 1.33 5.45
N PHE A 75 -3.55 0.23 4.99
CA PHE A 75 -2.76 0.22 3.74
C PHE A 75 -3.58 0.76 2.56
N LYS A 76 -4.87 0.41 2.54
CA LYS A 76 -5.80 0.94 1.53
C LYS A 76 -5.81 2.48 1.54
N LYS A 77 -5.92 3.06 2.74
CA LYS A 77 -5.92 4.52 2.89
C LYS A 77 -4.56 5.12 2.55
N ALA A 78 -3.49 4.38 2.85
CA ALA A 78 -2.13 4.82 2.49
C ALA A 78 -1.97 4.94 0.97
N LEU A 79 -2.57 3.99 0.24
CA LEU A 79 -2.58 4.04 -1.23
C LEU A 79 -3.41 5.23 -1.74
N GLU A 80 -4.55 5.47 -1.11
CA GLU A 80 -5.40 6.62 -1.46
C GLU A 80 -4.59 7.94 -1.47
N GLU A 81 -3.77 8.12 -0.44
CA GLU A 81 -2.89 9.29 -0.33
C GLU A 81 -1.91 9.35 -1.52
N LEU A 82 -1.00 8.38 -1.59
CA LEU A 82 0.00 8.31 -2.69
C LEU A 82 -0.66 8.37 -4.07
N ALA A 83 -1.88 7.84 -4.18
CA ALA A 83 -2.64 7.87 -5.43
C ALA A 83 -2.95 9.31 -5.85
N THR A 84 -3.53 10.08 -4.92
CA THR A 84 -3.86 11.49 -5.17
C THR A 84 -2.60 12.32 -5.46
N LYS A 85 -1.48 11.93 -4.85
CA LYS A 85 -0.18 12.58 -5.08
C LYS A 85 0.24 12.46 -6.55
N ARG A 86 -0.18 11.37 -7.21
CA ARG A 86 0.16 11.15 -8.62
C ARG A 86 -0.96 11.63 -9.57
N PHE A 87 -2.13 11.00 -9.45
CA PHE A 87 -3.24 11.20 -10.41
C PHE A 87 -4.10 12.43 -10.05
N LYS A 88 -3.44 13.55 -9.74
CA LYS A 88 -4.12 14.81 -9.39
C LYS A 88 -4.80 14.72 -8.00
N GLY A 89 -4.30 15.53 -7.05
CA GLY A 89 -4.83 15.52 -5.69
C GLY A 89 -6.27 16.01 -5.58
N LYS A 90 -7.21 15.14 -5.93
CA LYS A 90 -8.64 15.45 -5.87
C LYS A 90 -9.52 14.20 -5.81
N SER A 91 -9.70 13.54 -6.96
CA SER A 91 -10.65 12.43 -7.09
C SER A 91 -10.13 11.13 -6.44
N LYS A 92 -10.73 10.77 -5.31
CA LYS A 92 -10.37 9.52 -4.60
C LYS A 92 -10.60 8.28 -5.47
N GLU A 93 -11.75 8.24 -6.14
CA GLU A 93 -12.15 7.06 -6.92
C GLU A 93 -11.15 6.79 -8.05
N GLU A 94 -10.96 7.79 -8.91
CA GLU A 94 -10.03 7.69 -10.03
C GLU A 94 -8.61 7.32 -9.56
N ALA A 95 -8.10 8.09 -8.60
CA ALA A 95 -6.74 7.87 -8.08
C ALA A 95 -6.56 6.46 -7.50
N PHE A 96 -7.53 6.01 -6.71
CA PHE A 96 -7.46 4.69 -6.06
C PHE A 96 -7.50 3.56 -7.09
N ASP A 97 -8.45 3.63 -8.02
CA ASP A 97 -8.55 2.63 -9.10
C ASP A 97 -7.25 2.51 -9.90
N ALA A 98 -6.67 3.65 -10.29
CA ALA A 98 -5.43 3.67 -11.05
C ALA A 98 -4.25 3.08 -10.25
N ILE A 99 -4.03 3.56 -9.03
CA ILE A 99 -2.90 3.08 -8.20
C ILE A 99 -3.04 1.59 -7.88
N CYS A 100 -4.27 1.12 -7.70
CA CYS A 100 -4.54 -0.32 -7.51
C CYS A 100 -4.26 -1.08 -8.81
N GLN A 101 -4.58 -0.47 -9.95
CA GLN A 101 -4.30 -1.06 -11.26
C GLN A 101 -2.80 -1.32 -11.44
N LEU A 102 -1.98 -0.51 -10.76
CA LEU A 102 -0.52 -0.67 -10.74
C LEU A 102 -0.08 -1.77 -9.76
N VAL A 103 -0.45 -1.61 -8.49
CA VAL A 103 0.03 -2.50 -7.42
C VAL A 103 -0.72 -3.84 -7.37
N ALA A 104 -2.06 -3.78 -7.34
CA ALA A 104 -2.89 -4.97 -7.12
C ALA A 104 -2.68 -6.07 -8.20
N GLY A 105 -2.24 -7.24 -7.74
CA GLY A 105 -2.01 -8.37 -8.65
C GLY A 105 -0.56 -8.48 -9.15
N LYS A 106 0.21 -7.40 -9.00
CA LYS A 106 1.60 -7.38 -9.48
C LYS A 106 2.53 -8.23 -8.60
N GLU A 107 2.45 -7.99 -7.28
CA GLU A 107 3.34 -8.61 -6.26
C GLU A 107 4.84 -8.35 -6.57
N PRO A 108 5.74 -8.51 -5.55
CA PRO A 108 7.19 -8.21 -5.73
C PRO A 108 7.82 -8.91 -6.95
N ALA A 109 8.32 -8.12 -7.89
CA ALA A 109 8.95 -8.66 -9.09
C ALA A 109 10.24 -9.43 -8.76
N ASN A 110 10.13 -10.75 -8.63
CA ASN A 110 11.28 -11.62 -8.40
C ASN A 110 11.78 -12.26 -9.71
N VAL A 111 11.55 -11.54 -10.81
CA VAL A 111 11.89 -12.04 -12.16
C VAL A 111 13.41 -12.19 -12.34
N GLY A 112 14.17 -11.15 -12.00
CA GLY A 112 15.63 -11.20 -12.13
C GLY A 112 16.36 -11.02 -10.81
N VAL A 113 17.42 -11.81 -10.59
CA VAL A 113 18.21 -11.74 -9.35
C VAL A 113 19.60 -11.14 -9.60
N THR A 114 20.29 -10.75 -8.52
CA THR A 114 21.64 -10.20 -8.60
C THR A 114 22.69 -11.28 -8.83
N LYS A 115 23.34 -11.25 -9.99
CA LYS A 115 24.35 -12.26 -10.36
C LYS A 115 25.75 -11.91 -9.82
N ALA A 116 25.80 -11.41 -8.59
CA ALA A 116 27.07 -11.00 -7.95
C ALA A 116 27.05 -11.28 -6.44
N LYS A 117 28.13 -10.91 -5.74
CA LYS A 117 28.22 -11.13 -4.30
C LYS A 117 28.90 -9.96 -3.56
N THR A 118 28.39 -9.66 -2.36
CA THR A 118 28.90 -8.58 -1.47
C THR A 118 29.30 -7.28 -2.22
N GLY A 119 28.39 -6.31 -2.21
CA GLY A 119 28.62 -5.05 -2.94
C GLY A 119 29.75 -4.21 -2.34
N GLY A 120 29.69 -3.95 -1.04
CA GLY A 120 30.69 -3.08 -0.40
C GLY A 120 31.63 -3.83 0.56
N ALA A 121 31.60 -5.16 0.51
CA ALA A 121 32.46 -6.00 1.37
C ALA A 121 32.09 -5.84 2.86
N VAL A 122 30.91 -5.31 3.12
CA VAL A 122 30.41 -5.12 4.49
C VAL A 122 28.90 -5.40 4.57
N ASP A 123 28.38 -6.08 3.55
CA ASP A 123 26.94 -6.26 3.38
C ASP A 123 26.36 -7.32 4.33
N ARG A 124 27.10 -8.42 4.53
CA ARG A 124 26.63 -9.61 5.27
C ARG A 124 25.62 -10.41 4.43
N LEU A 125 24.81 -9.70 3.64
CA LEU A 125 24.00 -10.34 2.61
C LEU A 125 24.94 -10.88 1.51
N THR A 126 24.56 -12.01 0.89
CA THR A 126 25.43 -12.72 -0.09
C THR A 126 26.83 -13.06 0.48
N ASP A 127 26.89 -13.46 1.75
CA ASP A 127 28.12 -14.03 2.33
C ASP A 127 28.34 -15.47 1.80
N THR A 128 29.17 -16.25 2.51
CA THR A 128 29.36 -17.67 2.17
C THR A 128 28.07 -18.47 2.39
N SER A 129 27.13 -18.37 1.46
CA SER A 129 25.84 -19.05 1.57
C SER A 129 25.32 -19.53 0.20
N ARG A 130 24.61 -20.65 0.20
CA ARG A 130 23.99 -21.19 -1.01
C ARG A 130 22.76 -20.35 -1.40
N TYR A 131 21.96 -20.00 -0.40
CA TYR A 131 20.83 -19.08 -0.58
C TYR A 131 21.03 -17.83 0.28
N THR A 132 20.92 -16.65 -0.32
CA THR A 132 21.07 -15.38 0.42
C THR A 132 19.70 -14.78 0.79
N GLY A 133 18.67 -15.62 0.83
CA GLY A 133 17.33 -15.16 1.15
C GLY A 133 16.36 -16.30 1.42
N SER A 134 15.07 -15.96 1.51
CA SER A 134 14.00 -16.94 1.80
C SER A 134 14.07 -17.48 3.25
N HIS A 135 12.93 -17.92 3.77
CA HIS A 135 12.88 -18.51 5.12
C HIS A 135 12.26 -19.92 5.09
N LYS A 136 13.11 -20.92 5.22
CA LYS A 136 12.68 -22.32 5.24
C LYS A 136 12.78 -22.88 6.67
N GLU A 137 13.12 -22.00 7.61
CA GLU A 137 13.38 -22.36 9.01
C GLU A 137 12.07 -22.52 9.80
N ARG A 138 11.07 -23.17 9.22
CA ARG A 138 9.74 -23.29 9.84
C ARG A 138 9.66 -24.45 10.86
N PHE A 139 10.64 -24.51 11.76
CA PHE A 139 10.67 -25.49 12.87
C PHE A 139 10.75 -26.94 12.37
N ASP A 140 11.77 -27.67 12.80
CA ASP A 140 11.86 -29.11 12.53
C ASP A 140 10.76 -29.84 13.32
N GLU A 141 10.35 -31.01 12.84
CA GLU A 141 9.22 -31.77 13.42
C GLU A 141 7.86 -31.11 13.08
N SER A 142 6.83 -31.94 12.88
CA SER A 142 5.50 -31.45 12.49
C SER A 142 4.65 -31.04 13.69
N GLY A 143 5.26 -31.02 14.88
CA GLY A 143 4.54 -30.64 16.09
C GLY A 143 4.17 -29.16 16.14
N LYS A 144 3.35 -28.79 17.13
CA LYS A 144 2.87 -27.40 17.32
C LYS A 144 1.89 -26.94 16.23
N GLY A 145 2.07 -27.41 14.98
CA GLY A 145 1.16 -27.08 13.91
C GLY A 145 -0.27 -27.56 14.18
N LYS A 146 -1.18 -26.61 14.38
CA LYS A 146 -2.60 -26.88 14.71
C LYS A 146 -2.78 -28.00 15.75
N GLY A 147 -3.94 -28.65 15.76
CA GLY A 147 -4.26 -29.57 16.85
C GLY A 147 -4.59 -28.80 18.13
N ILE A 148 -3.54 -28.34 18.81
CA ILE A 148 -3.69 -27.35 19.89
C ILE A 148 -3.15 -25.97 19.43
N ALA A 149 -2.29 -26.01 18.39
CA ALA A 149 -1.69 -24.81 17.80
C ALA A 149 -0.69 -24.11 18.74
N GLY A 150 -0.11 -23.00 18.29
CA GLY A 150 0.82 -22.24 19.12
C GLY A 150 0.13 -21.55 20.30
N ARG A 151 -0.16 -22.31 21.35
CA ARG A 151 -0.81 -21.77 22.54
C ARG A 151 0.15 -20.90 23.37
N GLN A 152 -0.02 -19.58 23.26
CA GLN A 152 0.81 -18.61 24.00
C GLN A 152 -0.07 -17.55 24.68
N ASP A 153 0.57 -16.46 25.12
CA ASP A 153 -0.14 -15.33 25.70
C ASP A 153 -0.58 -14.34 24.60
N ILE A 154 -1.89 -14.14 24.44
CA ILE A 154 -2.41 -13.25 23.41
C ILE A 154 -2.37 -11.78 23.86
N LEU A 155 -1.45 -11.01 23.29
CA LEU A 155 -1.30 -9.58 23.62
C LEU A 155 -2.34 -8.73 22.87
N ASP A 156 -2.61 -9.11 21.62
CA ASP A 156 -3.53 -8.36 20.77
C ASP A 156 -4.98 -8.41 21.27
N ASP A 157 -5.63 -7.24 21.26
CA ASP A 157 -7.07 -7.14 21.47
C ASP A 157 -7.72 -6.41 20.27
N SER A 158 -8.15 -7.19 19.27
CA SER A 158 -8.67 -6.66 18.00
C SER A 158 -9.49 -5.37 18.19
N GLY A 159 -8.90 -4.25 17.78
CA GLY A 159 -9.54 -2.95 17.94
C GLY A 159 -8.55 -1.80 18.06
N TYR A 160 -7.40 -2.09 18.68
CA TYR A 160 -6.28 -1.15 18.88
C TYR A 160 -6.71 0.27 19.35
N VAL A 161 -7.32 1.05 18.46
CA VAL A 161 -7.72 2.44 18.73
C VAL A 161 -6.52 3.37 18.98
N SER A 162 -6.13 4.13 17.97
CA SER A 162 -5.00 5.06 18.06
C SER A 162 -5.51 6.51 18.19
N ALA A 163 -6.15 7.00 17.13
CA ALA A 163 -6.77 8.32 17.14
C ALA A 163 -8.24 8.22 17.59
N TYR A 164 -8.60 8.98 18.63
CA TYR A 164 -9.96 8.94 19.19
C TYR A 164 -10.98 9.72 18.31
N LYS A 165 -11.03 9.37 17.02
CA LYS A 165 -12.03 9.89 16.08
C LYS A 165 -12.08 11.43 16.04
N ASN A 166 -10.92 12.07 16.21
CA ASN A 166 -10.82 13.54 16.20
C ASN A 166 -10.22 14.05 14.87
N ALA A 167 -10.08 15.39 14.76
CA ALA A 167 -9.55 16.05 13.55
C ALA A 167 -10.57 16.05 12.39
N GLY A 168 -10.82 17.23 11.84
CA GLY A 168 -11.81 17.37 10.76
C GLY A 168 -11.28 18.13 9.54
N THR A 169 -10.61 19.26 9.77
CA THR A 169 -10.05 20.05 8.67
C THR A 169 -8.88 19.33 7.98
N TYR A 170 -9.19 18.50 6.99
CA TYR A 170 -8.17 17.74 6.25
C TYR A 170 -8.01 18.25 4.81
N ASP A 171 -9.07 18.88 4.29
CA ASP A 171 -9.09 19.39 2.91
C ASP A 171 -8.21 20.64 2.73
N ALA A 172 -7.79 21.23 3.85
CA ALA A 172 -6.97 22.45 3.82
C ALA A 172 -5.48 22.15 3.56
N LYS A 173 -4.82 23.06 2.84
CA LYS A 173 -3.38 22.98 2.60
C LYS A 173 -2.98 21.85 1.63
N VAL A 174 -3.98 21.19 1.04
CA VAL A 174 -3.71 20.11 0.06
C VAL A 174 -2.97 20.64 -1.19
N LYS A 175 -3.20 21.91 -1.51
CA LYS A 175 -2.54 22.60 -2.64
C LYS A 175 -3.08 22.13 -3.99
N LYS A 176 -3.69 23.06 -4.73
CA LYS A 176 -4.15 22.81 -6.10
C LYS A 176 -3.13 23.36 -7.12
N LEU A 177 -2.98 22.66 -8.24
CA LEU A 177 -1.99 23.03 -9.26
C LEU A 177 -2.58 23.95 -10.33
N GLU A 178 -1.92 25.08 -10.58
CA GLU A 178 -2.36 26.04 -11.60
C GLU A 178 -2.27 25.45 -13.02
N MET A 1 -23.36 -3.10 -8.50
CA MET A 1 -22.00 -2.50 -8.38
C MET A 1 -20.93 -3.51 -8.83
N ALA A 2 -19.98 -3.07 -9.65
CA ALA A 2 -18.93 -3.94 -10.17
C ALA A 2 -17.80 -4.17 -9.15
N ALA A 3 -18.18 -4.61 -7.95
CA ALA A 3 -17.22 -4.85 -6.87
C ALA A 3 -17.84 -5.71 -5.76
N SER A 4 -17.00 -6.47 -5.06
CA SER A 4 -17.46 -7.32 -3.95
C SER A 4 -16.54 -7.20 -2.73
N THR A 5 -15.23 -7.26 -2.96
CA THR A 5 -14.25 -7.15 -1.87
C THR A 5 -13.12 -6.16 -2.24
N ASP A 6 -13.53 -5.00 -2.77
CA ASP A 6 -12.60 -3.99 -3.28
C ASP A 6 -11.78 -4.53 -4.48
N ILE A 7 -10.55 -5.00 -4.23
CA ILE A 7 -9.71 -5.61 -5.29
C ILE A 7 -8.98 -6.84 -4.75
N ALA A 8 -9.37 -8.02 -5.23
CA ALA A 8 -8.75 -9.29 -4.80
C ALA A 8 -7.23 -9.28 -5.04
N GLY A 9 -6.81 -8.80 -6.22
CA GLY A 9 -5.39 -8.69 -6.53
C GLY A 9 -4.63 -7.76 -5.57
N LEU A 10 -5.35 -6.81 -4.97
CA LEU A 10 -4.74 -5.87 -4.00
C LEU A 10 -4.43 -6.59 -2.68
N GLU A 11 -5.36 -7.42 -2.22
CA GLU A 11 -5.15 -8.24 -1.01
C GLU A 11 -3.90 -9.13 -1.18
N GLU A 12 -3.80 -9.81 -2.33
CA GLU A 12 -2.64 -10.64 -2.63
C GLU A 12 -1.36 -9.80 -2.72
N SER A 13 -1.44 -8.65 -3.38
CA SER A 13 -0.27 -7.74 -3.50
C SER A 13 0.31 -7.39 -2.12
N PHE A 14 -0.55 -6.89 -1.23
CA PHE A 14 -0.14 -6.61 0.16
C PHE A 14 0.41 -7.87 0.83
N ARG A 15 -0.26 -8.99 0.61
CA ARG A 15 0.11 -10.29 1.18
C ARG A 15 1.57 -10.67 0.82
N LYS A 16 1.94 -10.51 -0.46
CA LYS A 16 3.30 -10.81 -0.92
C LYS A 16 4.34 -9.84 -0.31
N PHE A 17 4.13 -8.53 -0.48
CA PHE A 17 5.07 -7.53 0.03
C PHE A 17 5.15 -7.53 1.56
N ALA A 18 4.08 -7.92 2.23
CA ALA A 18 4.06 -8.01 3.70
C ALA A 18 5.09 -9.04 4.20
N ILE A 19 4.99 -10.26 3.68
CA ILE A 19 5.89 -11.35 4.10
C ILE A 19 7.26 -11.29 3.39
N HIS A 20 7.46 -10.23 2.61
CA HIS A 20 8.68 -10.07 1.80
C HIS A 20 9.95 -10.00 2.65
N GLY A 21 9.86 -9.36 3.81
CA GLY A 21 11.03 -9.22 4.70
C GLY A 21 10.78 -9.72 6.10
N ASP A 22 9.57 -10.21 6.34
CA ASP A 22 9.16 -10.70 7.65
C ASP A 22 8.01 -11.73 7.53
N PRO A 23 8.35 -13.02 7.39
CA PRO A 23 7.36 -14.10 7.21
C PRO A 23 6.23 -14.11 8.27
N LYS A 24 6.54 -13.65 9.48
CA LYS A 24 5.56 -13.68 10.57
C LYS A 24 4.56 -12.51 10.47
N ALA A 25 4.68 -11.73 9.41
CA ALA A 25 3.66 -10.72 9.08
C ALA A 25 2.31 -11.39 8.77
N SER A 26 2.38 -12.60 8.19
CA SER A 26 1.19 -13.42 7.89
C SER A 26 0.20 -12.70 6.95
N GLY A 27 0.67 -11.70 6.23
CA GLY A 27 -0.21 -10.90 5.37
C GLY A 27 -1.16 -10.02 6.16
N GLN A 28 -0.91 -9.90 7.46
CA GLN A 28 -1.71 -9.04 8.34
C GLN A 28 -1.08 -7.65 8.45
N GLU A 29 0.25 -7.61 8.51
CA GLU A 29 0.99 -6.38 8.78
C GLU A 29 2.13 -6.18 7.77
N MET A 30 2.53 -4.92 7.55
CA MET A 30 3.65 -4.60 6.66
C MET A 30 4.55 -3.51 7.26
N ASN A 31 5.87 -3.70 7.17
CA ASN A 31 6.84 -2.74 7.72
C ASN A 31 7.22 -1.66 6.69
N GLY A 32 7.87 -0.60 7.17
CA GLY A 32 8.25 0.52 6.31
C GLY A 32 9.29 0.17 5.25
N LYS A 33 10.06 -0.90 5.47
CA LYS A 33 11.07 -1.32 4.50
C LYS A 33 10.42 -1.98 3.26
N ASN A 34 9.57 -2.97 3.49
CA ASN A 34 8.84 -3.62 2.39
C ASN A 34 7.90 -2.63 1.69
N TRP A 35 7.28 -1.75 2.49
CA TRP A 35 6.45 -0.66 1.95
C TRP A 35 7.26 0.28 1.05
N ALA A 36 8.51 0.55 1.45
CA ALA A 36 9.41 1.40 0.66
C ALA A 36 9.65 0.82 -0.74
N LYS A 37 9.91 -0.49 -0.82
CA LYS A 37 10.10 -1.15 -2.12
C LYS A 37 8.75 -1.32 -2.84
N LEU A 38 7.68 -1.53 -2.08
CA LEU A 38 6.33 -1.66 -2.66
C LEU A 38 6.04 -0.48 -3.59
N CYS A 39 6.25 0.74 -3.10
CA CYS A 39 6.02 1.96 -3.88
C CYS A 39 7.05 2.11 -5.02
N LYS A 40 8.33 1.98 -4.70
CA LYS A 40 9.40 2.19 -5.70
C LYS A 40 9.35 1.14 -6.82
N ASP A 41 9.23 -0.12 -6.44
CA ASP A 41 9.17 -1.24 -7.41
C ASP A 41 7.90 -1.15 -8.27
N CYS A 42 6.80 -0.67 -7.67
CA CYS A 42 5.55 -0.42 -8.41
C CYS A 42 5.51 1.02 -8.96
N LYS A 43 6.59 1.77 -8.72
CA LYS A 43 6.77 3.12 -9.23
C LYS A 43 5.59 4.05 -8.90
N VAL A 44 4.98 3.84 -7.72
CA VAL A 44 4.05 4.80 -7.16
C VAL A 44 4.77 6.12 -6.85
N ALA A 45 6.01 5.98 -6.37
CA ALA A 45 6.90 7.12 -6.14
C ALA A 45 7.89 7.28 -7.30
N ASP A 46 7.35 7.32 -8.53
CA ASP A 46 8.17 7.37 -9.74
C ASP A 46 8.98 8.68 -9.84
N GLY A 47 8.46 9.75 -9.24
CA GLY A 47 9.13 11.04 -9.28
C GLY A 47 8.18 12.22 -9.51
N LYS A 48 7.49 12.23 -10.66
CA LYS A 48 6.61 13.35 -11.05
C LYS A 48 5.31 13.43 -10.21
N SER A 49 5.29 12.81 -9.03
CA SER A 49 4.13 12.89 -8.13
C SER A 49 4.57 12.69 -6.67
N VAL A 50 5.06 11.50 -6.38
CA VAL A 50 5.52 11.14 -5.03
C VAL A 50 6.99 10.72 -5.04
N THR A 51 7.69 10.92 -3.91
CA THR A 51 9.10 10.53 -3.78
C THR A 51 9.27 9.50 -2.66
N GLY A 52 10.33 8.67 -2.75
CA GLY A 52 10.60 7.65 -1.73
C GLY A 52 10.63 8.21 -0.30
N THR A 53 11.24 9.38 -0.14
CA THR A 53 11.27 10.08 1.15
C THR A 53 9.85 10.31 1.67
N ASP A 54 8.98 10.84 0.81
CA ASP A 54 7.60 11.10 1.16
C ASP A 54 6.86 9.79 1.51
N VAL A 55 7.19 8.73 0.77
CA VAL A 55 6.63 7.38 1.04
C VAL A 55 6.89 6.92 2.48
N ASP A 56 8.07 7.27 3.01
CA ASP A 56 8.43 6.90 4.38
C ASP A 56 7.57 7.70 5.37
N ILE A 57 7.43 8.98 5.07
CA ILE A 57 6.65 9.91 5.88
C ILE A 57 5.16 9.51 5.93
N VAL A 58 4.60 9.16 4.77
CA VAL A 58 3.21 8.70 4.67
C VAL A 58 2.97 7.46 5.57
N PHE A 59 3.87 6.48 5.47
CA PHE A 59 3.78 5.27 6.30
C PHE A 59 3.62 5.62 7.79
N SER A 60 4.50 6.49 8.28
CA SER A 60 4.45 6.90 9.70
C SER A 60 3.23 7.80 9.98
N LYS A 61 2.80 8.55 8.97
CA LYS A 61 1.64 9.45 9.10
C LYS A 61 0.34 8.66 9.37
N VAL A 62 0.21 7.49 8.73
CA VAL A 62 -0.97 6.63 8.93
C VAL A 62 -0.72 5.55 10.01
N LYS A 63 0.54 5.23 10.28
CA LYS A 63 0.91 4.22 11.29
C LYS A 63 0.33 4.56 12.68
N GLY A 64 -0.23 3.56 13.35
CA GLY A 64 -0.74 3.74 14.70
C GLY A 64 0.36 3.98 15.75
N LYS A 65 0.79 5.24 15.87
CA LYS A 65 1.76 5.66 16.89
C LYS A 65 3.05 4.82 16.89
N SER A 66 3.06 3.74 17.69
CA SER A 66 4.26 2.91 17.87
C SER A 66 3.96 1.43 17.63
N ALA A 67 3.00 1.15 16.75
CA ALA A 67 2.62 -0.22 16.40
C ALA A 67 3.65 -0.91 15.50
N ARG A 68 4.79 -0.24 15.25
CA ARG A 68 5.84 -0.72 14.33
C ARG A 68 5.38 -0.72 12.87
N VAL A 69 4.39 -1.55 12.59
CA VAL A 69 3.92 -1.80 11.23
C VAL A 69 2.46 -1.37 11.04
N ILE A 70 2.00 -1.38 9.79
CA ILE A 70 0.61 -1.03 9.47
C ILE A 70 -0.18 -2.27 8.99
N ASN A 71 -1.49 -2.26 9.20
CA ASN A 71 -2.36 -3.35 8.71
C ASN A 71 -2.93 -3.02 7.32
N TYR A 72 -3.70 -3.96 6.76
CA TYR A 72 -4.22 -3.83 5.40
C TYR A 72 -5.07 -2.56 5.20
N GLU A 73 -5.92 -2.23 6.17
CA GLU A 73 -6.79 -1.05 6.05
C GLU A 73 -5.98 0.25 6.14
N GLU A 74 -4.92 0.24 6.95
CA GLU A 74 -4.01 1.40 7.03
C GLU A 74 -3.22 1.54 5.73
N PHE A 75 -2.91 0.39 5.12
CA PHE A 75 -2.33 0.35 3.78
C PHE A 75 -3.26 1.03 2.76
N LYS A 76 -4.56 0.76 2.87
CA LYS A 76 -5.56 1.41 2.00
C LYS A 76 -5.53 2.95 2.20
N LYS A 77 -5.33 3.39 3.44
CA LYS A 77 -5.22 4.83 3.74
C LYS A 77 -3.97 5.44 3.07
N ALA A 78 -2.88 4.67 3.06
CA ALA A 78 -1.66 5.10 2.39
C ALA A 78 -1.86 5.21 0.86
N LEU A 79 -2.61 4.26 0.31
CA LEU A 79 -2.98 4.30 -1.12
C LEU A 79 -3.79 5.56 -1.44
N GLU A 80 -4.83 5.81 -0.65
CA GLU A 80 -5.65 7.04 -0.77
C GLU A 80 -4.76 8.30 -0.76
N GLU A 81 -3.80 8.33 0.15
CA GLU A 81 -2.84 9.45 0.25
C GLU A 81 -2.03 9.62 -1.06
N LEU A 82 -1.23 8.61 -1.39
CA LEU A 82 -0.38 8.67 -2.59
C LEU A 82 -1.19 8.87 -3.87
N ALA A 83 -2.35 8.24 -3.95
CA ALA A 83 -3.24 8.39 -5.12
C ALA A 83 -3.70 9.84 -5.30
N THR A 84 -4.16 10.47 -4.21
CA THR A 84 -4.60 11.87 -4.27
C THR A 84 -3.44 12.83 -4.57
N LYS A 85 -2.21 12.39 -4.36
CA LYS A 85 -1.03 13.16 -4.77
C LYS A 85 -0.73 12.96 -6.27
N ARG A 86 -0.91 11.73 -6.76
CA ARG A 86 -0.62 11.40 -8.16
C ARG A 86 -1.74 11.85 -9.12
N PHE A 87 -2.95 11.33 -8.88
CA PHE A 87 -4.09 11.56 -9.78
C PHE A 87 -4.99 12.70 -9.26
N LYS A 88 -6.21 12.79 -9.79
CA LYS A 88 -7.15 13.85 -9.41
C LYS A 88 -7.53 13.77 -7.92
N GLY A 89 -7.23 14.82 -7.16
CA GLY A 89 -7.72 14.91 -5.78
C GLY A 89 -9.22 15.21 -5.74
N LYS A 90 -10.00 14.28 -6.28
CA LYS A 90 -11.44 14.50 -6.53
C LYS A 90 -12.16 13.18 -6.78
N SER A 91 -11.63 12.36 -7.69
CA SER A 91 -12.24 11.07 -8.04
C SER A 91 -11.62 9.92 -7.24
N LYS A 92 -12.45 9.20 -6.48
CA LYS A 92 -11.99 8.09 -5.64
C LYS A 92 -11.69 6.83 -6.47
N GLU A 93 -12.70 6.30 -7.15
CA GLU A 93 -12.55 5.04 -7.88
C GLU A 93 -11.48 5.12 -8.98
N GLU A 94 -11.38 6.26 -9.68
CA GLU A 94 -10.35 6.44 -10.71
C GLU A 94 -8.93 6.36 -10.11
N ALA A 95 -8.64 7.25 -9.17
CA ALA A 95 -7.32 7.31 -8.54
C ALA A 95 -6.95 5.98 -7.86
N PHE A 96 -7.92 5.38 -7.17
CA PHE A 96 -7.68 4.15 -6.43
C PHE A 96 -7.46 2.95 -7.39
N ASP A 97 -8.25 2.89 -8.47
CA ASP A 97 -8.10 1.82 -9.46
C ASP A 97 -6.72 1.91 -10.13
N ALA A 98 -6.40 3.09 -10.64
CA ALA A 98 -5.14 3.34 -11.33
C ALA A 98 -3.91 3.01 -10.45
N ILE A 99 -3.85 3.56 -9.23
CA ILE A 99 -2.72 3.29 -8.33
C ILE A 99 -2.61 1.80 -8.01
N CYS A 100 -3.75 1.13 -7.80
CA CYS A 100 -3.76 -0.31 -7.54
C CYS A 100 -3.41 -1.10 -8.81
N GLN A 101 -3.74 -0.54 -9.97
CA GLN A 101 -3.43 -1.16 -11.26
C GLN A 101 -1.91 -1.25 -11.46
N LEU A 102 -1.18 -0.29 -10.89
CA LEU A 102 0.29 -0.28 -10.96
C LEU A 102 0.93 -1.29 -9.97
N VAL A 103 0.17 -1.73 -8.96
CA VAL A 103 0.72 -2.54 -7.87
C VAL A 103 0.14 -3.98 -7.82
N ALA A 104 -1.18 -4.08 -7.79
CA ALA A 104 -1.88 -5.35 -7.59
C ALA A 104 -1.44 -6.45 -8.57
N GLY A 105 -0.78 -7.48 -8.04
CA GLY A 105 -0.44 -8.66 -8.83
C GLY A 105 0.84 -8.50 -9.66
N LYS A 106 1.45 -7.31 -9.64
CA LYS A 106 2.65 -7.06 -10.44
C LYS A 106 3.88 -7.81 -9.89
N GLU A 107 3.88 -8.07 -8.59
CA GLU A 107 4.98 -8.76 -7.88
C GLU A 107 6.22 -7.85 -7.72
N PRO A 108 7.07 -8.13 -6.70
CA PRO A 108 8.35 -7.41 -6.52
C PRO A 108 9.39 -7.85 -7.56
N ALA A 109 9.76 -6.94 -8.45
CA ALA A 109 10.66 -7.28 -9.57
C ALA A 109 11.12 -6.06 -10.38
N ASN A 110 10.30 -5.01 -10.44
CA ASN A 110 10.54 -3.88 -11.35
C ASN A 110 10.40 -4.35 -12.83
N VAL A 111 10.44 -3.43 -13.79
CA VAL A 111 10.32 -3.80 -15.21
C VAL A 111 11.42 -4.79 -15.67
N GLY A 112 11.15 -6.08 -15.50
CA GLY A 112 12.06 -7.11 -15.98
C GLY A 112 11.70 -7.59 -17.39
N VAL A 113 10.41 -7.59 -17.70
CA VAL A 113 9.92 -8.02 -19.02
C VAL A 113 10.21 -6.95 -20.10
N THR A 114 10.68 -7.42 -21.27
CA THR A 114 11.04 -6.58 -22.46
C THR A 114 12.03 -5.44 -22.15
N LYS A 115 11.67 -4.52 -21.25
CA LYS A 115 12.56 -3.40 -20.84
C LYS A 115 12.69 -2.31 -21.93
N ALA A 116 12.48 -2.69 -23.19
CA ALA A 116 12.61 -1.77 -24.33
C ALA A 116 11.68 -0.54 -24.21
N LYS A 117 10.59 -0.69 -23.46
CA LYS A 117 9.64 0.43 -23.26
C LYS A 117 10.23 1.51 -22.32
N THR A 118 11.06 2.38 -22.89
CA THR A 118 11.73 3.45 -22.12
C THR A 118 11.26 4.85 -22.57
N GLY A 119 11.71 5.87 -21.86
CA GLY A 119 11.34 7.24 -22.17
C GLY A 119 10.28 7.82 -21.23
N GLY A 120 9.12 7.17 -21.18
CA GLY A 120 8.04 7.61 -20.30
C GLY A 120 7.18 8.72 -20.91
N ALA A 121 7.04 8.69 -22.24
CA ALA A 121 6.26 9.70 -22.96
C ALA A 121 4.75 9.39 -22.89
N VAL A 122 4.02 10.17 -22.10
CA VAL A 122 2.58 9.98 -21.93
C VAL A 122 1.77 11.21 -22.37
N ASP A 123 1.12 11.11 -23.52
CA ASP A 123 0.23 12.18 -24.02
C ASP A 123 -1.21 11.97 -23.55
N ARG A 124 -1.88 13.07 -23.21
CA ARG A 124 -3.28 13.01 -22.74
C ARG A 124 -4.23 13.69 -23.75
N LEU A 125 -4.92 12.88 -24.54
CA LEU A 125 -5.93 13.38 -25.48
C LEU A 125 -7.34 13.26 -24.91
N THR A 126 -7.43 12.97 -23.61
CA THR A 126 -8.70 12.84 -22.92
C THR A 126 -9.44 14.19 -22.88
N ASP A 127 -10.43 14.35 -23.77
CA ASP A 127 -11.31 15.53 -23.75
C ASP A 127 -11.93 15.72 -22.34
N THR A 128 -12.07 16.97 -21.92
CA THR A 128 -12.58 17.27 -20.58
C THR A 128 -13.58 18.44 -20.58
N SER A 129 -14.00 18.89 -21.76
CA SER A 129 -14.95 20.00 -21.87
C SER A 129 -16.35 19.57 -21.40
N ARG A 130 -16.96 18.64 -22.15
CA ARG A 130 -18.28 18.08 -21.83
C ARG A 130 -19.44 19.07 -22.06
N TYR A 131 -19.33 20.28 -21.50
CA TYR A 131 -20.46 21.22 -21.47
C TYR A 131 -21.66 20.62 -20.72
N THR A 132 -22.86 21.14 -20.97
CA THR A 132 -24.08 20.53 -20.41
C THR A 132 -24.97 19.97 -21.53
N GLY A 133 -24.73 20.42 -22.76
CA GLY A 133 -25.52 19.97 -23.90
C GLY A 133 -25.03 18.66 -24.51
N SER A 134 -25.25 18.51 -25.82
CA SER A 134 -24.89 17.28 -26.53
C SER A 134 -23.50 17.38 -27.19
N HIS A 135 -22.77 16.28 -27.19
CA HIS A 135 -21.44 16.22 -27.81
C HIS A 135 -21.38 15.14 -28.90
N LYS A 136 -21.02 15.53 -30.12
CA LYS A 136 -20.94 14.59 -31.24
C LYS A 136 -19.86 13.51 -31.01
N GLU A 137 -20.28 12.26 -31.06
CA GLU A 137 -19.35 11.12 -30.96
C GLU A 137 -18.61 10.89 -32.29
N ARG A 138 -17.35 11.28 -32.35
CA ARG A 138 -16.55 11.16 -33.58
C ARG A 138 -15.36 10.19 -33.40
N PHE A 139 -15.31 9.52 -32.25
CA PHE A 139 -14.21 8.60 -31.93
C PHE A 139 -14.65 7.13 -31.99
N ASP A 140 -13.74 6.21 -31.67
CA ASP A 140 -14.03 4.77 -31.66
C ASP A 140 -13.70 4.14 -30.30
N GLU A 141 -14.43 3.10 -29.92
CA GLU A 141 -14.19 2.40 -28.66
C GLU A 141 -14.58 0.91 -28.78
N SER A 142 -13.81 0.18 -29.60
CA SER A 142 -14.10 -1.23 -29.89
C SER A 142 -13.60 -2.17 -28.78
N GLY A 143 -14.16 -2.03 -27.59
CA GLY A 143 -13.78 -2.88 -26.46
C GLY A 143 -12.33 -2.70 -26.02
N LYS A 144 -11.42 -3.40 -26.69
CA LYS A 144 -9.98 -3.34 -26.37
C LYS A 144 -9.11 -3.90 -27.51
N GLY A 145 -8.92 -3.10 -28.56
CA GLY A 145 -7.97 -3.44 -29.62
C GLY A 145 -8.44 -4.57 -30.56
N LYS A 146 -8.60 -5.78 -30.04
CA LYS A 146 -8.91 -6.97 -30.85
C LYS A 146 -10.16 -6.79 -31.72
N GLY A 147 -11.07 -5.91 -31.32
CA GLY A 147 -12.31 -5.71 -32.07
C GLY A 147 -13.41 -6.70 -31.66
N ILE A 148 -14.63 -6.22 -31.50
CA ILE A 148 -15.74 -7.06 -31.03
C ILE A 148 -16.93 -7.06 -32.02
N ALA A 149 -17.47 -8.25 -32.28
CA ALA A 149 -18.66 -8.40 -33.13
C ALA A 149 -19.79 -9.14 -32.39
N GLY A 150 -19.46 -9.73 -31.24
CA GLY A 150 -20.44 -10.45 -30.44
C GLY A 150 -19.92 -10.80 -29.05
N ARG A 151 -20.80 -11.24 -28.16
CA ARG A 151 -20.43 -11.57 -26.78
C ARG A 151 -19.98 -13.05 -26.65
N GLN A 152 -18.71 -13.30 -26.94
CA GLN A 152 -18.14 -14.66 -26.84
C GLN A 152 -17.55 -14.91 -25.45
N ASP A 153 -17.38 -13.84 -24.67
CA ASP A 153 -16.70 -13.88 -23.37
C ASP A 153 -17.53 -14.61 -22.28
N ILE A 154 -18.69 -15.14 -22.66
CA ILE A 154 -19.55 -15.86 -21.71
C ILE A 154 -18.92 -17.19 -21.24
N LEU A 155 -18.29 -17.16 -20.06
CA LEU A 155 -17.62 -18.34 -19.50
C LEU A 155 -18.27 -18.78 -18.17
N ASP A 156 -19.55 -18.44 -18.01
CA ASP A 156 -20.29 -18.71 -16.77
C ASP A 156 -19.55 -18.16 -15.53
N ASP A 157 -18.85 -17.05 -15.74
CA ASP A 157 -18.13 -16.36 -14.67
C ASP A 157 -19.10 -15.56 -13.75
N SER A 158 -20.28 -16.12 -13.52
CA SER A 158 -21.32 -15.47 -12.73
C SER A 158 -21.01 -15.55 -11.22
N GLY A 159 -20.28 -14.55 -10.72
CA GLY A 159 -19.82 -14.58 -9.34
C GLY A 159 -20.87 -14.13 -8.32
N TYR A 160 -21.57 -13.02 -8.61
CA TYR A 160 -22.50 -12.41 -7.63
C TYR A 160 -23.84 -13.18 -7.50
N VAL A 161 -23.93 -14.39 -8.07
CA VAL A 161 -25.14 -15.19 -7.99
C VAL A 161 -25.49 -15.58 -6.53
N SER A 162 -26.76 -15.44 -6.16
CA SER A 162 -27.22 -15.78 -4.81
C SER A 162 -27.25 -17.29 -4.58
N ALA A 163 -26.09 -17.86 -4.24
CA ALA A 163 -25.96 -19.31 -4.02
C ALA A 163 -26.20 -19.69 -2.55
N TYR A 164 -26.80 -18.78 -1.78
CA TYR A 164 -27.10 -19.00 -0.36
C TYR A 164 -25.84 -19.35 0.46
N LYS A 165 -24.81 -18.51 0.35
CA LYS A 165 -23.57 -18.70 1.12
C LYS A 165 -23.84 -18.61 2.63
N ASN A 166 -23.69 -19.76 3.31
CA ASN A 166 -23.96 -19.88 4.75
C ASN A 166 -25.45 -19.66 5.07
N ALA A 167 -26.31 -19.81 4.05
CA ALA A 167 -27.77 -19.76 4.22
C ALA A 167 -28.28 -18.38 4.68
N GLY A 168 -27.51 -17.32 4.39
CA GLY A 168 -27.92 -15.98 4.78
C GLY A 168 -26.77 -15.15 5.34
N THR A 169 -26.72 -15.00 6.66
CA THR A 169 -25.63 -14.28 7.34
C THR A 169 -24.93 -15.19 8.35
N TYR A 170 -25.58 -15.38 9.51
CA TYR A 170 -25.06 -16.21 10.61
C TYR A 170 -23.80 -15.59 11.27
N ASP A 171 -22.75 -15.38 10.48
CA ASP A 171 -21.52 -14.73 10.96
C ASP A 171 -21.81 -13.38 11.65
N ALA A 172 -21.50 -13.29 12.94
CA ALA A 172 -21.65 -12.03 13.69
C ALA A 172 -20.51 -11.06 13.34
N LYS A 173 -20.87 -9.90 12.79
CA LYS A 173 -19.89 -8.95 12.26
C LYS A 173 -19.02 -8.31 13.35
N VAL A 174 -19.46 -8.39 14.61
CA VAL A 174 -18.65 -7.89 15.73
C VAL A 174 -19.00 -8.57 17.07
N LYS A 175 -20.28 -8.52 17.45
CA LYS A 175 -20.73 -9.06 18.74
C LYS A 175 -22.26 -8.89 18.89
N LYS A 176 -22.93 -9.93 19.41
CA LYS A 176 -24.39 -9.90 19.60
C LYS A 176 -24.82 -8.75 20.52
N LEU A 177 -24.08 -8.55 21.60
CA LEU A 177 -24.29 -7.42 22.52
C LEU A 177 -22.95 -6.80 22.94
N GLU A 178 -22.63 -5.64 22.39
CA GLU A 178 -21.33 -5.00 22.67
C GLU A 178 -21.27 -4.41 24.08
N MET A 1 -22.29 -4.76 -4.56
CA MET A 1 -22.68 -3.33 -4.70
C MET A 1 -22.88 -2.65 -3.33
N ALA A 2 -23.59 -3.30 -2.42
CA ALA A 2 -23.81 -2.75 -1.07
C ALA A 2 -22.59 -3.06 -0.17
N ALA A 3 -21.51 -2.31 -0.38
CA ALA A 3 -20.25 -2.52 0.36
C ALA A 3 -19.71 -3.95 0.18
N SER A 4 -19.24 -4.25 -1.03
CA SER A 4 -18.75 -5.60 -1.37
C SER A 4 -17.31 -5.84 -0.91
N THR A 5 -17.00 -5.39 0.30
CA THR A 5 -15.68 -5.59 0.96
C THR A 5 -14.46 -5.24 0.07
N ASP A 6 -13.27 -5.67 0.50
CA ASP A 6 -12.01 -5.37 -0.19
C ASP A 6 -11.87 -6.14 -1.52
N ILE A 7 -10.79 -5.85 -2.25
CA ILE A 7 -10.49 -6.56 -3.51
C ILE A 7 -9.43 -7.66 -3.30
N ALA A 8 -9.82 -8.90 -3.56
CA ALA A 8 -8.97 -10.09 -3.32
C ALA A 8 -7.55 -9.96 -3.89
N GLY A 9 -7.42 -9.40 -5.09
CA GLY A 9 -6.11 -9.24 -5.71
C GLY A 9 -5.14 -8.39 -4.87
N LEU A 10 -5.66 -7.38 -4.19
CA LEU A 10 -4.83 -6.50 -3.36
C LEU A 10 -4.49 -7.17 -2.02
N GLU A 11 -5.48 -7.86 -1.44
CA GLU A 11 -5.26 -8.66 -0.23
C GLU A 11 -4.12 -9.68 -0.44
N GLU A 12 -4.14 -10.30 -1.62
CA GLU A 12 -3.11 -11.27 -2.02
C GLU A 12 -1.72 -10.62 -1.97
N SER A 13 -1.56 -9.50 -2.68
CA SER A 13 -0.34 -8.68 -2.65
C SER A 13 0.14 -8.42 -1.21
N PHE A 14 -0.74 -7.94 -0.33
CA PHE A 14 -0.34 -7.64 1.05
C PHE A 14 0.37 -8.84 1.70
N ARG A 15 -0.20 -10.04 1.53
CA ARG A 15 0.43 -11.27 2.07
C ARG A 15 1.71 -11.64 1.30
N LYS A 16 1.65 -11.60 -0.03
CA LYS A 16 2.81 -11.90 -0.88
C LYS A 16 4.02 -11.04 -0.48
N PHE A 17 3.75 -9.76 -0.24
CA PHE A 17 4.80 -8.80 0.08
C PHE A 17 5.34 -9.00 1.51
N ALA A 18 4.46 -9.40 2.44
CA ALA A 18 4.82 -9.60 3.85
C ALA A 18 5.80 -10.75 4.04
N ILE A 19 5.38 -11.94 3.61
CA ILE A 19 6.20 -13.15 3.76
C ILE A 19 7.28 -13.23 2.66
N HIS A 20 7.28 -12.22 1.79
CA HIS A 20 8.22 -12.11 0.67
C HIS A 20 9.68 -12.24 1.13
N GLY A 21 10.03 -11.55 2.21
CA GLY A 21 11.42 -11.50 2.65
C GLY A 21 11.70 -12.22 3.98
N ASP A 22 10.72 -12.98 4.48
CA ASP A 22 10.89 -13.71 5.74
C ASP A 22 9.92 -14.91 5.83
N PRO A 23 10.44 -16.12 6.11
CA PRO A 23 9.61 -17.34 6.18
C PRO A 23 8.75 -17.42 7.46
N LYS A 24 9.19 -16.77 8.53
CA LYS A 24 8.49 -16.84 9.83
C LYS A 24 7.55 -15.64 10.04
N ALA A 25 7.47 -14.76 9.05
CA ALA A 25 6.60 -13.59 9.10
C ALA A 25 5.13 -14.00 9.35
N SER A 26 4.47 -13.29 10.27
CA SER A 26 3.07 -13.56 10.60
C SER A 26 2.16 -13.45 9.36
N GLY A 27 2.50 -12.54 8.46
CA GLY A 27 1.73 -12.38 7.22
C GLY A 27 0.47 -11.54 7.39
N GLN A 28 0.40 -10.82 8.51
CA GLN A 28 -0.74 -9.95 8.81
C GLN A 28 -0.27 -8.52 9.10
N GLU A 29 0.97 -8.39 9.56
CA GLU A 29 1.56 -7.09 9.90
C GLU A 29 2.85 -6.84 9.11
N MET A 30 2.93 -5.69 8.44
CA MET A 30 4.09 -5.39 7.57
C MET A 30 4.93 -4.21 8.12
N ASN A 31 6.22 -4.19 7.81
CA ASN A 31 7.15 -3.13 8.26
C ASN A 31 7.35 -2.04 7.20
N GLY A 32 7.90 -0.89 7.63
CA GLY A 32 8.13 0.23 6.73
C GLY A 32 9.09 -0.08 5.58
N LYS A 33 10.01 -1.00 5.81
CA LYS A 33 10.94 -1.46 4.77
C LYS A 33 10.20 -1.88 3.48
N ASN A 34 9.12 -2.64 3.65
CA ASN A 34 8.33 -3.13 2.51
C ASN A 34 7.51 -2.01 1.87
N TRP A 35 7.17 -0.97 2.63
CA TRP A 35 6.48 0.21 2.09
C TRP A 35 7.38 0.98 1.11
N ALA A 36 8.63 1.19 1.50
CA ALA A 36 9.62 1.82 0.62
C ALA A 36 9.84 0.99 -0.65
N LYS A 37 10.04 -0.31 -0.46
CA LYS A 37 10.20 -1.24 -1.58
C LYS A 37 8.92 -1.32 -2.43
N LEU A 38 7.77 -1.16 -1.80
CA LEU A 38 6.47 -1.19 -2.49
C LEU A 38 6.43 -0.11 -3.58
N CYS A 39 6.68 1.14 -3.17
CA CYS A 39 6.66 2.28 -4.09
C CYS A 39 7.68 2.10 -5.24
N LYS A 40 8.88 1.64 -4.90
CA LYS A 40 9.94 1.43 -5.90
C LYS A 40 9.57 0.28 -6.87
N ASP A 41 9.02 -0.80 -6.32
CA ASP A 41 8.62 -1.96 -7.12
C ASP A 41 7.52 -1.58 -8.12
N CYS A 42 6.49 -0.90 -7.63
CA CYS A 42 5.37 -0.45 -8.47
C CYS A 42 5.70 0.85 -9.22
N LYS A 43 6.89 1.39 -8.95
CA LYS A 43 7.39 2.59 -9.66
C LYS A 43 6.45 3.80 -9.47
N VAL A 44 5.74 3.82 -8.34
CA VAL A 44 4.90 4.96 -7.97
C VAL A 44 5.76 6.20 -7.67
N ALA A 45 6.96 5.98 -7.11
CA ALA A 45 7.92 7.04 -6.86
C ALA A 45 8.35 7.73 -8.17
N ASP A 46 7.55 8.71 -8.57
CA ASP A 46 7.79 9.45 -9.81
C ASP A 46 9.12 10.24 -9.80
N GLY A 47 9.37 10.96 -8.71
CA GLY A 47 10.58 11.78 -8.62
C GLY A 47 10.32 13.24 -8.30
N LYS A 48 9.19 13.75 -8.81
CA LYS A 48 8.81 15.15 -8.53
C LYS A 48 7.35 15.26 -8.04
N SER A 49 6.48 14.32 -8.45
CA SER A 49 5.12 14.24 -7.89
C SER A 49 5.12 13.34 -6.65
N VAL A 50 5.87 12.25 -6.71
CA VAL A 50 6.07 11.36 -5.55
C VAL A 50 7.56 11.02 -5.38
N THR A 51 8.14 11.43 -4.25
CA THR A 51 9.55 11.15 -3.96
C THR A 51 9.68 10.17 -2.77
N GLY A 52 10.91 9.77 -2.47
CA GLY A 52 11.17 8.97 -1.27
C GLY A 52 10.72 9.69 0.00
N THR A 53 10.76 11.02 -0.03
CA THR A 53 10.26 11.84 1.07
C THR A 53 8.76 11.60 1.28
N ASP A 54 7.97 11.82 0.22
CA ASP A 54 6.51 11.59 0.26
C ASP A 54 6.18 10.21 0.85
N VAL A 55 6.94 9.20 0.43
CA VAL A 55 6.78 7.84 0.94
C VAL A 55 6.91 7.78 2.47
N ASP A 56 7.93 8.46 3.01
CA ASP A 56 8.16 8.47 4.46
C ASP A 56 7.09 9.32 5.18
N ILE A 57 6.61 10.37 4.51
CA ILE A 57 5.59 11.24 5.07
C ILE A 57 4.26 10.47 5.23
N VAL A 58 3.79 9.88 4.14
CA VAL A 58 2.52 9.11 4.15
C VAL A 58 2.54 8.02 5.23
N PHE A 59 3.63 7.26 5.29
CA PHE A 59 3.77 6.21 6.31
C PHE A 59 3.64 6.79 7.72
N SER A 60 4.19 7.99 7.92
CA SER A 60 4.11 8.68 9.21
C SER A 60 2.76 9.41 9.41
N LYS A 61 2.04 9.65 8.31
CA LYS A 61 0.73 10.31 8.37
C LYS A 61 -0.37 9.38 8.92
N VAL A 62 -0.38 8.13 8.47
CA VAL A 62 -1.36 7.16 8.93
C VAL A 62 -1.13 6.74 10.40
N LYS A 63 0.12 6.46 10.75
CA LYS A 63 0.46 5.99 12.10
C LYS A 63 0.57 7.14 13.13
N GLY A 64 0.58 6.78 14.41
CA GLY A 64 0.80 7.76 15.48
C GLY A 64 2.22 7.66 16.05
N LYS A 65 2.38 6.91 17.13
CA LYS A 65 3.71 6.69 17.74
C LYS A 65 3.97 5.20 18.03
N SER A 66 3.09 4.59 18.82
CA SER A 66 3.26 3.19 19.25
C SER A 66 2.89 2.20 18.13
N ALA A 67 3.65 2.21 17.04
CA ALA A 67 3.41 1.30 15.91
C ALA A 67 4.64 1.17 15.02
N ARG A 68 5.25 -0.02 15.01
CA ARG A 68 6.39 -0.29 14.12
C ARG A 68 5.91 -0.93 12.81
N VAL A 69 4.77 -1.61 12.86
CA VAL A 69 4.21 -2.27 11.67
C VAL A 69 2.81 -1.74 11.33
N ILE A 70 2.27 -2.19 10.20
CA ILE A 70 1.01 -1.65 9.65
C ILE A 70 0.05 -2.76 9.17
N ASN A 71 -1.22 -2.39 8.93
CA ASN A 71 -2.26 -3.34 8.51
C ASN A 71 -2.72 -3.06 7.05
N TYR A 72 -3.67 -3.87 6.57
CA TYR A 72 -4.17 -3.79 5.19
C TYR A 72 -5.31 -2.73 5.01
N GLU A 73 -6.30 -2.74 5.89
CA GLU A 73 -7.46 -1.84 5.73
C GLU A 73 -7.02 -0.35 5.77
N GLU A 74 -5.98 -0.06 6.54
CA GLU A 74 -5.37 1.28 6.51
C GLU A 74 -4.58 1.50 5.22
N PHE A 75 -3.91 0.46 4.71
CA PHE A 75 -3.26 0.49 3.40
C PHE A 75 -4.15 1.11 2.31
N LYS A 76 -5.43 0.75 2.33
CA LYS A 76 -6.42 1.36 1.41
C LYS A 76 -6.48 2.89 1.58
N LYS A 77 -6.45 3.35 2.83
CA LYS A 77 -6.52 4.78 3.13
C LYS A 77 -5.21 5.50 2.76
N ALA A 78 -4.08 4.88 3.09
CA ALA A 78 -2.77 5.41 2.73
C ALA A 78 -2.60 5.53 1.20
N LEU A 79 -3.00 4.49 0.46
CA LEU A 79 -3.02 4.57 -1.01
C LEU A 79 -3.80 5.80 -1.51
N GLU A 80 -4.98 6.04 -0.92
CA GLU A 80 -5.79 7.21 -1.26
C GLU A 80 -4.97 8.51 -1.12
N GLU A 81 -4.12 8.56 -0.09
CA GLU A 81 -3.20 9.69 0.11
C GLU A 81 -2.24 9.84 -1.09
N LEU A 82 -1.59 8.75 -1.49
CA LEU A 82 -0.69 8.78 -2.66
C LEU A 82 -1.42 9.18 -3.94
N ALA A 83 -2.57 8.55 -4.19
CA ALA A 83 -3.35 8.80 -5.40
C ALA A 83 -3.65 10.30 -5.58
N THR A 84 -4.08 10.95 -4.50
CA THR A 84 -4.39 12.38 -4.53
C THR A 84 -3.14 13.25 -4.73
N LYS A 85 -2.00 12.82 -4.20
CA LYS A 85 -0.73 13.55 -4.34
C LYS A 85 -0.07 13.29 -5.69
N ARG A 86 -0.30 12.11 -6.27
CA ARG A 86 0.34 11.71 -7.52
C ARG A 86 -0.45 12.23 -8.73
N PHE A 87 -1.74 11.88 -8.77
CA PHE A 87 -2.60 12.25 -9.90
C PHE A 87 -3.42 13.53 -9.59
N LYS A 88 -2.72 14.59 -9.15
CA LYS A 88 -3.36 15.87 -8.82
C LYS A 88 -4.08 16.46 -10.05
N GLY A 89 -5.39 16.27 -10.09
CA GLY A 89 -6.19 16.73 -11.23
C GLY A 89 -7.20 15.68 -11.66
N LYS A 90 -6.84 14.41 -11.46
CA LYS A 90 -7.72 13.29 -11.74
C LYS A 90 -8.64 13.00 -10.53
N SER A 91 -9.88 12.59 -10.80
CA SER A 91 -10.84 12.28 -9.73
C SER A 91 -10.31 11.16 -8.82
N LYS A 92 -10.43 11.36 -7.50
CA LYS A 92 -9.87 10.43 -6.51
C LYS A 92 -10.29 8.96 -6.74
N GLU A 93 -11.53 8.74 -7.19
CA GLU A 93 -12.01 7.38 -7.44
C GLU A 93 -11.25 6.72 -8.61
N GLU A 94 -11.19 7.41 -9.74
CA GLU A 94 -10.43 6.93 -10.91
C GLU A 94 -8.92 6.85 -10.59
N ALA A 95 -8.42 7.81 -9.81
CA ALA A 95 -7.01 7.86 -9.41
C ALA A 95 -6.65 6.66 -8.52
N PHE A 96 -7.52 6.34 -7.56
CA PHE A 96 -7.33 5.20 -6.67
C PHE A 96 -7.34 3.89 -7.46
N ASP A 97 -8.21 3.81 -8.45
CA ASP A 97 -8.28 2.65 -9.34
C ASP A 97 -6.95 2.47 -10.08
N ALA A 98 -6.48 3.55 -10.71
CA ALA A 98 -5.23 3.53 -11.48
C ALA A 98 -4.01 3.17 -10.62
N ILE A 99 -3.84 3.86 -9.49
CA ILE A 99 -2.70 3.59 -8.59
C ILE A 99 -2.72 2.12 -8.11
N CYS A 100 -3.91 1.62 -7.74
CA CYS A 100 -4.05 0.21 -7.32
C CYS A 100 -3.85 -0.74 -8.50
N GLN A 101 -4.16 -0.29 -9.70
CA GLN A 101 -3.97 -1.10 -10.93
C GLN A 101 -2.47 -1.39 -11.16
N LEU A 102 -1.62 -0.43 -10.79
CA LEU A 102 -0.16 -0.59 -10.92
C LEU A 102 0.42 -1.50 -9.82
N VAL A 103 -0.32 -1.66 -8.72
CA VAL A 103 0.18 -2.39 -7.54
C VAL A 103 -0.47 -3.78 -7.39
N ALA A 104 -1.79 -3.80 -7.23
CA ALA A 104 -2.54 -5.05 -6.98
C ALA A 104 -2.33 -6.08 -8.10
N GLY A 105 -2.36 -7.36 -7.73
CA GLY A 105 -2.22 -8.44 -8.70
C GLY A 105 -0.81 -9.00 -8.78
N LYS A 106 0.19 -8.13 -8.63
CA LYS A 106 1.60 -8.56 -8.69
C LYS A 106 2.04 -9.22 -7.37
N GLU A 107 2.30 -8.37 -6.36
CA GLU A 107 2.76 -8.85 -5.04
C GLU A 107 2.92 -7.72 -3.99
N PRO A 108 3.33 -6.49 -4.36
CA PRO A 108 3.43 -5.35 -3.40
C PRO A 108 2.10 -4.82 -2.85
N ALA A 109 2.12 -4.44 -1.55
CA ALA A 109 0.93 -3.90 -0.84
C ALA A 109 1.17 -3.82 0.69
N ASN A 110 1.18 -2.58 1.27
CA ASN A 110 1.34 -2.39 2.73
C ASN A 110 1.57 -0.91 3.15
N VAL A 111 0.76 -0.42 4.11
CA VAL A 111 1.01 0.85 4.84
C VAL A 111 -0.21 1.26 5.69
N GLY A 112 0.00 1.67 6.95
CA GLY A 112 -1.15 1.99 7.81
C GLY A 112 -0.84 2.10 9.30
N VAL A 113 -1.65 1.43 10.14
CA VAL A 113 -1.52 1.52 11.60
C VAL A 113 -1.67 0.14 12.29
N THR A 114 -1.28 0.04 13.56
CA THR A 114 -1.51 -1.19 14.35
C THR A 114 -1.92 -0.86 15.80
N LYS A 115 -3.22 -0.67 16.02
CA LYS A 115 -3.76 -0.46 17.37
C LYS A 115 -5.18 -1.03 17.49
N ALA A 116 -6.10 -0.50 16.68
CA ALA A 116 -7.48 -1.04 16.56
C ALA A 116 -8.24 -1.02 17.91
N LYS A 117 -9.32 -1.82 17.98
CA LYS A 117 -10.23 -1.93 19.14
C LYS A 117 -11.39 -0.92 19.06
N THR A 118 -12.17 -1.03 17.99
CA THR A 118 -13.43 -0.26 17.80
C THR A 118 -13.21 1.27 17.74
N GLY A 119 -12.97 1.87 18.90
CA GLY A 119 -12.83 3.33 18.96
C GLY A 119 -12.63 3.85 20.39
N GLY A 120 -13.48 3.43 21.31
CA GLY A 120 -13.34 3.82 22.71
C GLY A 120 -12.26 3.04 23.45
N ALA A 121 -11.09 2.92 22.83
CA ALA A 121 -9.99 2.15 23.39
C ALA A 121 -9.09 3.00 24.29
N VAL A 122 -9.33 2.95 25.60
CA VAL A 122 -8.49 3.65 26.58
C VAL A 122 -7.35 2.76 27.08
N ASP A 123 -7.33 1.51 26.61
CA ASP A 123 -6.34 0.51 27.02
C ASP A 123 -6.42 0.20 28.54
N ARG A 124 -5.51 -0.64 29.03
CA ARG A 124 -5.54 -1.07 30.44
C ARG A 124 -4.59 -0.21 31.30
N LEU A 125 -3.30 -0.57 31.29
CA LEU A 125 -2.30 0.11 32.14
C LEU A 125 -0.90 -0.47 31.90
N THR A 126 -0.63 -1.65 32.46
CA THR A 126 0.68 -2.32 32.31
C THR A 126 0.65 -3.36 31.16
N ASP A 127 -0.56 -3.69 30.71
CA ASP A 127 -0.77 -4.70 29.65
C ASP A 127 -0.37 -6.11 30.10
N THR A 128 -0.71 -7.10 29.25
CA THR A 128 -0.34 -8.50 29.47
C THR A 128 0.35 -9.07 28.22
N SER A 129 0.83 -10.32 28.32
CA SER A 129 1.41 -11.00 27.15
C SER A 129 0.39 -11.12 26.02
N ARG A 130 0.75 -10.65 24.83
CA ARG A 130 -0.18 -10.65 23.69
C ARG A 130 -0.65 -12.06 23.32
N TYR A 131 0.07 -13.07 23.80
CA TYR A 131 -0.31 -14.49 23.64
C TYR A 131 -1.74 -14.75 24.13
N THR A 132 -2.22 -13.90 25.05
CA THR A 132 -3.58 -14.01 25.60
C THR A 132 -4.39 -12.71 25.36
N GLY A 133 -4.08 -12.01 24.27
CA GLY A 133 -4.75 -10.75 23.95
C GLY A 133 -6.22 -10.91 23.52
N SER A 134 -6.69 -12.16 23.48
CA SER A 134 -8.08 -12.47 23.11
C SER A 134 -8.41 -12.06 21.66
N HIS A 135 -8.81 -10.81 21.46
CA HIS A 135 -9.25 -10.33 20.13
C HIS A 135 -10.52 -11.06 19.63
N LYS A 136 -11.04 -11.98 20.45
CA LYS A 136 -12.14 -12.87 20.06
C LYS A 136 -13.52 -12.25 20.31
N GLU A 137 -13.57 -10.95 20.58
CA GLU A 137 -14.84 -10.26 20.84
C GLU A 137 -15.12 -9.16 19.80
N ARG A 138 -15.77 -9.53 18.70
CA ARG A 138 -16.15 -8.57 17.66
C ARG A 138 -17.53 -7.96 17.97
N PHE A 139 -17.55 -6.69 18.39
CA PHE A 139 -18.80 -6.01 18.72
C PHE A 139 -19.60 -5.67 17.46
N ASP A 140 -20.81 -6.22 17.35
CA ASP A 140 -21.72 -5.91 16.26
C ASP A 140 -22.22 -4.46 16.36
N GLU A 141 -21.47 -3.55 15.76
CA GLU A 141 -21.79 -2.12 15.78
C GLU A 141 -23.17 -1.84 15.15
N SER A 142 -23.40 -2.44 13.99
CA SER A 142 -24.69 -2.32 13.27
C SER A 142 -24.94 -0.88 12.78
N GLY A 143 -25.30 0.01 13.70
CA GLY A 143 -25.60 1.39 13.35
C GLY A 143 -24.40 2.18 12.85
N LYS A 144 -24.24 2.26 11.53
CA LYS A 144 -23.18 3.06 10.91
C LYS A 144 -23.76 4.14 9.97
N GLY A 145 -23.11 5.30 9.90
CA GLY A 145 -23.62 6.42 9.12
C GLY A 145 -23.38 6.28 7.62
N LYS A 146 -24.46 6.10 6.86
CA LYS A 146 -24.37 6.01 5.39
C LYS A 146 -24.31 7.41 4.74
N GLY A 147 -23.74 8.38 5.46
CA GLY A 147 -23.72 9.75 4.98
C GLY A 147 -25.07 10.46 5.11
N ILE A 148 -25.60 10.49 6.33
CA ILE A 148 -26.90 11.14 6.61
C ILE A 148 -26.96 12.57 6.04
N ALA A 149 -25.88 13.32 6.23
CA ALA A 149 -25.76 14.69 5.73
C ALA A 149 -24.34 15.21 5.94
N GLY A 150 -24.03 15.54 7.19
CA GLY A 150 -22.68 15.96 7.57
C GLY A 150 -22.46 15.79 9.06
N ARG A 151 -22.79 14.60 9.57
CA ARG A 151 -22.80 14.33 11.02
C ARG A 151 -23.81 15.26 11.71
N GLN A 152 -23.63 15.52 13.00
CA GLN A 152 -24.37 16.57 13.67
C GLN A 152 -23.82 17.94 13.21
N ASP A 153 -24.67 18.72 12.54
CA ASP A 153 -24.23 19.96 11.89
C ASP A 153 -23.43 20.87 12.83
N ILE A 154 -22.12 20.94 12.57
CA ILE A 154 -21.22 21.79 13.34
C ILE A 154 -21.50 23.28 13.10
N LEU A 155 -21.62 24.03 14.18
CA LEU A 155 -21.83 25.47 14.08
C LEU A 155 -20.48 26.20 13.94
N ASP A 156 -19.99 26.29 12.71
CA ASP A 156 -18.70 26.92 12.41
C ASP A 156 -18.61 28.33 13.02
N ASP A 157 -17.43 28.68 13.56
CA ASP A 157 -17.19 30.03 14.09
C ASP A 157 -17.34 31.07 12.98
N SER A 158 -16.81 30.74 11.81
CA SER A 158 -17.00 31.54 10.59
C SER A 158 -17.16 30.60 9.39
N GLY A 159 -18.37 30.53 8.84
CA GLY A 159 -18.65 29.64 7.72
C GLY A 159 -18.10 30.16 6.38
N TYR A 160 -16.77 30.27 6.28
CA TYR A 160 -16.10 30.68 5.04
C TYR A 160 -16.47 32.13 4.61
N VAL A 161 -17.15 32.85 5.49
CA VAL A 161 -17.63 34.21 5.18
C VAL A 161 -16.59 35.31 5.49
N SER A 162 -15.79 35.10 6.54
CA SER A 162 -14.81 36.13 6.96
C SER A 162 -13.58 36.15 6.06
N ALA A 163 -13.51 37.17 5.19
CA ALA A 163 -12.35 37.39 4.31
C ALA A 163 -12.09 36.21 3.35
N TYR A 164 -12.55 36.34 2.11
CA TYR A 164 -12.27 35.37 1.05
C TYR A 164 -10.86 35.57 0.49
N LYS A 165 -10.66 36.74 -0.11
CA LYS A 165 -9.35 37.14 -0.62
C LYS A 165 -8.55 37.89 0.47
N ASN A 166 -7.71 37.15 1.20
CA ASN A 166 -6.94 37.75 2.30
C ASN A 166 -5.88 38.74 1.78
N ALA A 167 -6.03 40.01 2.14
CA ALA A 167 -5.08 41.06 1.73
C ALA A 167 -3.93 41.20 2.73
N GLY A 168 -4.10 40.66 3.93
CA GLY A 168 -3.09 40.78 4.98
C GLY A 168 -1.90 39.84 4.78
N THR A 169 -1.13 40.07 3.71
CA THR A 169 -0.01 39.20 3.36
C THR A 169 1.12 39.27 4.40
N TYR A 170 1.57 40.48 4.70
CA TYR A 170 2.63 40.70 5.70
C TYR A 170 2.08 41.40 6.95
N ASP A 171 0.75 41.48 7.03
CA ASP A 171 0.07 42.18 8.13
C ASP A 171 -0.22 41.25 9.32
N ALA A 172 0.55 40.17 9.43
CA ALA A 172 0.38 39.17 10.51
C ALA A 172 -0.91 38.34 10.37
N LYS A 173 -1.76 38.71 9.41
CA LYS A 173 -3.00 37.97 9.12
C LYS A 173 -2.68 36.77 8.23
N VAL A 174 -2.12 35.73 8.84
CA VAL A 174 -1.51 34.60 8.12
C VAL A 174 -2.56 33.60 7.57
N LYS A 175 -3.76 34.06 7.26
CA LYS A 175 -4.78 33.20 6.66
C LYS A 175 -4.45 32.90 5.19
N LYS A 176 -3.79 31.77 4.94
CA LYS A 176 -3.42 31.37 3.58
C LYS A 176 -4.43 30.38 3.00
N LEU A 177 -5.40 30.89 2.24
CA LEU A 177 -6.47 30.06 1.69
C LEU A 177 -5.96 29.19 0.52
N GLU A 178 -5.43 28.02 0.85
CA GLU A 178 -5.00 27.04 -0.13
C GLU A 178 -5.98 25.87 -0.22
N MET A 1 -15.87 -5.27 4.02
CA MET A 1 -16.44 -6.28 4.95
C MET A 1 -17.70 -6.93 4.34
N ALA A 2 -18.69 -6.10 3.99
CA ALA A 2 -19.83 -6.57 3.20
C ALA A 2 -19.36 -7.00 1.81
N ALA A 3 -19.53 -8.29 1.49
CA ALA A 3 -18.96 -8.88 0.27
C ALA A 3 -17.41 -8.84 0.31
N SER A 4 -16.77 -9.12 -0.82
CA SER A 4 -15.30 -9.07 -0.90
C SER A 4 -14.78 -7.64 -0.77
N THR A 5 -13.49 -7.50 -0.46
CA THR A 5 -12.85 -6.19 -0.34
C THR A 5 -12.76 -5.49 -1.71
N ASP A 6 -12.22 -4.26 -1.71
CA ASP A 6 -12.01 -3.47 -2.93
C ASP A 6 -11.52 -4.33 -4.11
N ILE A 7 -10.29 -4.82 -4.02
CA ILE A 7 -9.76 -5.75 -5.03
C ILE A 7 -8.84 -6.82 -4.39
N ALA A 8 -9.13 -8.09 -4.67
CA ALA A 8 -8.34 -9.20 -4.12
C ALA A 8 -6.85 -9.11 -4.53
N GLY A 9 -6.60 -8.57 -5.72
CA GLY A 9 -5.23 -8.38 -6.18
C GLY A 9 -4.39 -7.52 -5.24
N LEU A 10 -5.04 -6.56 -4.55
CA LEU A 10 -4.35 -5.69 -3.60
C LEU A 10 -3.96 -6.48 -2.34
N GLU A 11 -4.88 -7.31 -1.85
CA GLU A 11 -4.60 -8.18 -0.70
C GLU A 11 -3.40 -9.10 -0.99
N GLU A 12 -3.42 -9.71 -2.17
CA GLU A 12 -2.32 -10.57 -2.63
C GLU A 12 -0.98 -9.82 -2.63
N SER A 13 -0.97 -8.64 -3.24
CA SER A 13 0.25 -7.82 -3.35
C SER A 13 0.76 -7.38 -1.97
N PHE A 14 -0.12 -6.81 -1.14
CA PHE A 14 0.25 -6.42 0.22
C PHE A 14 0.84 -7.61 0.99
N ARG A 15 0.15 -8.73 0.92
CA ARG A 15 0.58 -9.97 1.57
C ARG A 15 1.91 -10.47 0.98
N LYS A 16 2.05 -10.32 -0.34
CA LYS A 16 3.24 -10.76 -1.07
C LYS A 16 4.51 -10.07 -0.53
N PHE A 17 4.41 -8.76 -0.26
CA PHE A 17 5.51 -8.00 0.37
C PHE A 17 5.57 -8.23 1.89
N ALA A 18 4.40 -8.43 2.51
CA ALA A 18 4.32 -8.62 3.96
C ALA A 18 5.10 -9.86 4.44
N ILE A 19 5.11 -10.90 3.63
CA ILE A 19 5.81 -12.15 3.96
C ILE A 19 7.22 -12.19 3.35
N HIS A 20 7.71 -11.03 2.89
CA HIS A 20 9.02 -10.93 2.21
C HIS A 20 10.20 -11.28 3.15
N GLY A 21 9.95 -11.28 4.46
CA GLY A 21 11.01 -11.60 5.42
C GLY A 21 10.86 -12.99 6.04
N ASP A 22 9.62 -13.39 6.33
CA ASP A 22 9.36 -14.67 7.01
C ASP A 22 7.90 -15.11 6.83
N PRO A 23 7.64 -16.44 6.81
CA PRO A 23 6.28 -16.99 6.62
C PRO A 23 5.37 -16.81 7.85
N LYS A 24 5.93 -16.27 8.93
CA LYS A 24 5.15 -16.03 10.17
C LYS A 24 4.43 -14.67 10.10
N ALA A 25 4.88 -13.80 9.20
CA ALA A 25 4.16 -12.57 8.89
C ALA A 25 2.95 -12.87 7.97
N SER A 26 2.12 -13.80 8.45
CA SER A 26 0.99 -14.40 7.68
C SER A 26 0.44 -13.53 6.54
N GLY A 27 0.06 -12.30 6.85
CA GLY A 27 -0.49 -11.39 5.85
C GLY A 27 -1.52 -10.44 6.42
N GLN A 28 -1.09 -9.64 7.39
CA GLN A 28 -1.98 -8.68 8.05
C GLN A 28 -1.31 -7.30 8.21
N GLU A 29 0.02 -7.27 8.12
CA GLU A 29 0.79 -6.05 8.43
C GLU A 29 2.13 -6.01 7.66
N MET A 30 2.62 -4.78 7.39
CA MET A 30 3.87 -4.60 6.66
C MET A 30 4.75 -3.49 7.31
N ASN A 31 6.07 -3.62 7.18
CA ASN A 31 7.00 -2.64 7.75
C ASN A 31 7.47 -1.61 6.71
N GLY A 32 8.12 -0.55 7.16
CA GLY A 32 8.55 0.54 6.28
C GLY A 32 9.55 0.10 5.21
N LYS A 33 10.39 -0.89 5.52
CA LYS A 33 11.40 -1.39 4.57
C LYS A 33 10.74 -2.01 3.32
N ASN A 34 9.82 -2.94 3.53
CA ASN A 34 9.08 -3.55 2.41
C ASN A 34 8.14 -2.54 1.73
N TRP A 35 7.48 -1.72 2.55
CA TRP A 35 6.62 -0.63 2.05
C TRP A 35 7.39 0.33 1.12
N ALA A 36 8.62 0.66 1.50
CA ALA A 36 9.47 1.55 0.70
C ALA A 36 9.78 0.94 -0.67
N LYS A 37 10.25 -0.30 -0.69
CA LYS A 37 10.58 -0.98 -1.95
C LYS A 37 9.29 -1.32 -2.74
N LEU A 38 8.18 -1.50 -2.03
CA LEU A 38 6.88 -1.74 -2.67
C LEU A 38 6.54 -0.58 -3.63
N CYS A 39 6.52 0.63 -3.09
CA CYS A 39 6.19 1.83 -3.88
C CYS A 39 7.19 2.04 -5.04
N LYS A 40 8.48 1.96 -4.72
CA LYS A 40 9.53 2.21 -5.72
C LYS A 40 9.56 1.15 -6.83
N ASP A 41 9.40 -0.12 -6.44
CA ASP A 41 9.44 -1.24 -7.40
C ASP A 41 8.12 -1.35 -8.19
N CYS A 42 7.00 -0.95 -7.56
CA CYS A 42 5.70 -0.94 -8.24
C CYS A 42 5.43 0.40 -8.92
N LYS A 43 6.38 1.34 -8.80
CA LYS A 43 6.33 2.63 -9.51
C LYS A 43 5.25 3.57 -8.95
N VAL A 44 4.85 3.34 -7.70
CA VAL A 44 3.92 4.23 -7.00
C VAL A 44 4.56 5.60 -6.71
N ALA A 45 5.88 5.60 -6.56
CA ALA A 45 6.64 6.85 -6.40
C ALA A 45 7.07 7.39 -7.78
N ASP A 46 6.65 8.62 -8.10
CA ASP A 46 6.88 9.17 -9.44
C ASP A 46 8.31 9.71 -9.60
N GLY A 47 8.64 10.76 -8.87
CA GLY A 47 9.86 11.51 -9.12
C GLY A 47 9.58 13.00 -9.22
N LYS A 48 10.21 13.76 -8.32
CA LYS A 48 10.05 15.24 -8.25
C LYS A 48 8.77 15.65 -7.52
N SER A 49 7.84 14.70 -7.35
CA SER A 49 6.64 14.93 -6.54
C SER A 49 6.57 13.90 -5.42
N VAL A 50 6.04 12.72 -5.72
CA VAL A 50 6.07 11.60 -4.78
C VAL A 50 7.38 10.79 -4.92
N THR A 51 8.23 10.86 -3.90
CA THR A 51 9.51 10.15 -3.89
C THR A 51 9.64 9.27 -2.64
N GLY A 52 10.77 8.56 -2.52
CA GLY A 52 11.00 7.71 -1.34
C GLY A 52 10.77 8.45 -0.01
N THR A 53 11.12 9.73 0.02
CA THR A 53 10.89 10.57 1.19
C THR A 53 9.40 10.65 1.52
N ASP A 54 8.61 11.13 0.55
CA ASP A 54 7.16 11.26 0.71
C ASP A 54 6.53 9.92 1.15
N VAL A 55 7.01 8.82 0.54
CA VAL A 55 6.56 7.46 0.88
C VAL A 55 6.75 7.15 2.37
N ASP A 56 7.87 7.60 2.96
CA ASP A 56 8.16 7.34 4.37
C ASP A 56 7.27 8.24 5.26
N ILE A 57 7.05 9.48 4.81
CA ILE A 57 6.21 10.43 5.52
C ILE A 57 4.77 9.90 5.66
N VAL A 58 4.21 9.43 4.55
CA VAL A 58 2.87 8.84 4.54
C VAL A 58 2.79 7.58 5.43
N PHE A 59 3.80 6.72 5.32
CA PHE A 59 3.87 5.49 6.14
C PHE A 59 3.65 5.78 7.63
N SER A 60 4.35 6.80 8.14
CA SER A 60 4.25 7.16 9.57
C SER A 60 3.02 8.05 9.83
N LYS A 61 2.46 8.61 8.77
CA LYS A 61 1.29 9.50 8.88
C LYS A 61 -0.01 8.70 9.13
N VAL A 62 -0.13 7.54 8.47
CA VAL A 62 -1.36 6.73 8.55
C VAL A 62 -1.37 5.76 9.75
N LYS A 63 -0.26 5.69 10.48
CA LYS A 63 -0.15 4.77 11.63
C LYS A 63 0.13 5.52 12.94
N GLY A 64 0.30 4.78 14.03
CA GLY A 64 0.63 5.38 15.33
C GLY A 64 2.09 5.20 15.74
N LYS A 65 2.43 5.68 16.92
CA LYS A 65 3.80 5.61 17.44
C LYS A 65 4.16 4.19 17.93
N SER A 66 3.21 3.53 18.58
CA SER A 66 3.43 2.19 19.14
C SER A 66 3.65 1.14 18.04
N ALA A 67 2.94 1.30 16.92
CA ALA A 67 3.06 0.39 15.79
C ALA A 67 4.10 0.90 14.77
N ARG A 68 5.12 0.09 14.49
CA ARG A 68 6.11 0.43 13.47
C ARG A 68 5.74 -0.20 12.12
N VAL A 69 4.56 -0.81 12.07
CA VAL A 69 4.03 -1.45 10.86
C VAL A 69 2.61 -0.97 10.56
N ILE A 70 2.15 -1.13 9.32
CA ILE A 70 0.77 -0.79 8.96
C ILE A 70 -0.02 -2.05 8.55
N ASN A 71 -1.33 -2.02 8.78
CA ASN A 71 -2.21 -3.14 8.40
C ASN A 71 -3.04 -2.80 7.15
N TYR A 72 -3.76 -3.79 6.62
CA TYR A 72 -4.42 -3.69 5.29
C TYR A 72 -5.20 -2.37 5.08
N GLU A 73 -6.11 -2.06 5.99
CA GLU A 73 -6.96 -0.86 5.82
C GLU A 73 -6.14 0.44 5.86
N GLU A 74 -5.20 0.52 6.81
CA GLU A 74 -4.32 1.68 6.96
C GLU A 74 -3.39 1.81 5.75
N PHE A 75 -2.99 0.67 5.21
CA PHE A 75 -2.23 0.61 3.96
C PHE A 75 -3.00 1.30 2.83
N LYS A 76 -4.30 1.02 2.74
CA LYS A 76 -5.17 1.66 1.74
C LYS A 76 -5.36 3.15 2.06
N LYS A 77 -5.38 3.50 3.35
CA LYS A 77 -5.43 4.91 3.76
C LYS A 77 -4.18 5.66 3.25
N ALA A 78 -3.04 4.97 3.28
CA ALA A 78 -1.82 5.50 2.67
C ALA A 78 -1.98 5.66 1.16
N LEU A 79 -2.61 4.66 0.52
CA LEU A 79 -2.92 4.72 -0.90
C LEU A 79 -3.86 5.88 -1.22
N GLU A 80 -4.78 6.20 -0.30
CA GLU A 80 -5.68 7.35 -0.46
C GLU A 80 -4.87 8.66 -0.56
N GLU A 81 -3.95 8.87 0.38
CA GLU A 81 -3.05 10.02 0.34
C GLU A 81 -2.28 10.08 -0.99
N LEU A 82 -1.54 9.00 -1.29
CA LEU A 82 -0.74 8.93 -2.52
C LEU A 82 -1.59 9.13 -3.78
N ALA A 83 -2.76 8.48 -3.82
CA ALA A 83 -3.66 8.58 -4.98
C ALA A 83 -4.20 10.00 -5.17
N THR A 84 -4.63 10.63 -4.08
CA THR A 84 -5.19 11.99 -4.14
C THR A 84 -4.13 13.06 -4.41
N LYS A 85 -2.85 12.69 -4.29
CA LYS A 85 -1.75 13.57 -4.69
C LYS A 85 -1.30 13.31 -6.14
N ARG A 86 -1.10 12.03 -6.50
CA ARG A 86 -0.66 11.66 -7.85
C ARG A 86 -1.77 11.88 -8.89
N PHE A 87 -2.96 11.37 -8.59
CA PHE A 87 -4.10 11.45 -9.50
C PHE A 87 -5.14 12.47 -9.00
N LYS A 88 -4.65 13.58 -8.45
CA LYS A 88 -5.52 14.63 -7.90
C LYS A 88 -6.50 15.18 -8.95
N GLY A 89 -7.69 14.58 -9.02
CA GLY A 89 -8.70 15.03 -9.95
C GLY A 89 -10.11 14.56 -9.60
N LYS A 90 -10.47 14.68 -8.32
CA LYS A 90 -11.82 14.32 -7.80
C LYS A 90 -12.09 12.80 -7.80
N SER A 91 -12.03 12.17 -8.98
CA SER A 91 -12.36 10.75 -9.12
C SER A 91 -11.50 9.85 -8.23
N LYS A 92 -11.96 9.63 -7.00
CA LYS A 92 -11.25 8.78 -6.03
C LYS A 92 -11.22 7.31 -6.48
N GLU A 93 -12.36 6.81 -6.97
CA GLU A 93 -12.44 5.43 -7.45
C GLU A 93 -11.35 5.14 -8.50
N GLU A 94 -11.41 5.88 -9.61
CA GLU A 94 -10.44 5.73 -10.69
C GLU A 94 -9.00 5.91 -10.20
N ALA A 95 -8.78 6.91 -9.34
CA ALA A 95 -7.46 7.15 -8.76
C ALA A 95 -6.96 5.94 -7.98
N PHE A 96 -7.85 5.33 -7.19
CA PHE A 96 -7.52 4.16 -6.38
C PHE A 96 -7.25 2.93 -7.26
N ASP A 97 -8.15 2.66 -8.21
CA ASP A 97 -7.95 1.57 -9.17
C ASP A 97 -6.62 1.72 -9.93
N ALA A 98 -6.32 2.94 -10.39
CA ALA A 98 -5.08 3.22 -11.14
C ALA A 98 -3.81 2.93 -10.31
N ILE A 99 -3.69 3.58 -9.15
CA ILE A 99 -2.54 3.34 -8.27
C ILE A 99 -2.46 1.86 -7.88
N CYS A 100 -3.62 1.20 -7.84
CA CYS A 100 -3.69 -0.25 -7.58
C CYS A 100 -3.44 -1.07 -8.85
N GLN A 101 -3.59 -0.47 -10.03
CA GLN A 101 -3.18 -1.13 -11.28
C GLN A 101 -1.67 -1.34 -11.29
N LEU A 102 -0.95 -0.40 -10.68
CA LEU A 102 0.51 -0.48 -10.55
C LEU A 102 0.95 -1.49 -9.45
N VAL A 103 0.00 -1.96 -8.64
CA VAL A 103 0.34 -2.81 -7.48
C VAL A 103 -0.33 -4.20 -7.52
N ALA A 104 -1.65 -4.22 -7.71
CA ALA A 104 -2.45 -5.46 -7.68
C ALA A 104 -1.84 -6.58 -8.55
N GLY A 105 -1.39 -7.66 -7.90
CA GLY A 105 -0.79 -8.78 -8.61
C GLY A 105 0.74 -8.66 -8.76
N LYS A 106 1.21 -7.42 -8.84
CA LYS A 106 2.65 -7.12 -9.02
C LYS A 106 3.55 -7.92 -8.05
N GLU A 107 4.61 -8.50 -8.59
CA GLU A 107 5.58 -9.26 -7.80
C GLU A 107 6.63 -8.34 -7.13
N PRO A 108 7.24 -8.79 -6.02
CA PRO A 108 8.26 -7.99 -5.32
C PRO A 108 9.64 -8.06 -5.98
N ALA A 109 10.34 -6.92 -6.04
CA ALA A 109 11.69 -6.85 -6.62
C ALA A 109 11.69 -7.34 -8.08
N ASN A 110 10.83 -6.74 -8.90
CA ASN A 110 10.64 -7.18 -10.29
C ASN A 110 11.75 -6.64 -11.21
N VAL A 111 12.93 -6.42 -10.65
CA VAL A 111 14.09 -5.99 -11.43
C VAL A 111 15.07 -7.15 -11.64
N GLY A 112 15.47 -7.80 -10.55
CA GLY A 112 16.43 -8.90 -10.63
C GLY A 112 17.67 -8.56 -11.46
N VAL A 113 18.53 -7.73 -10.89
CA VAL A 113 19.74 -7.27 -11.60
C VAL A 113 20.67 -8.44 -11.96
N THR A 114 20.50 -8.96 -13.17
CA THR A 114 21.26 -10.12 -13.64
C THR A 114 21.80 -9.89 -15.06
N LYS A 115 23.03 -10.36 -15.31
CA LYS A 115 23.65 -10.22 -16.62
C LYS A 115 22.95 -11.09 -17.67
N ALA A 116 22.16 -10.44 -18.55
CA ALA A 116 21.41 -11.12 -19.60
C ALA A 116 20.29 -12.01 -19.03
N LYS A 117 19.09 -11.44 -18.88
CA LYS A 117 17.96 -12.14 -18.28
C LYS A 117 16.65 -11.85 -19.04
N THR A 118 16.72 -11.78 -20.36
CA THR A 118 15.54 -11.53 -21.20
C THR A 118 14.47 -12.62 -20.99
N GLY A 119 14.91 -13.87 -20.87
CA GLY A 119 14.00 -14.97 -20.58
C GLY A 119 13.64 -15.06 -19.10
N GLY A 120 12.42 -14.64 -18.76
CA GLY A 120 11.96 -14.67 -17.37
C GLY A 120 11.65 -16.08 -16.85
N ALA A 121 12.68 -16.90 -16.71
CA ALA A 121 12.54 -18.29 -16.21
C ALA A 121 11.59 -19.14 -17.08
N VAL A 122 10.29 -19.05 -16.81
CA VAL A 122 9.30 -19.88 -17.50
C VAL A 122 8.54 -19.09 -18.58
N ASP A 123 8.78 -19.44 -19.84
CA ASP A 123 8.13 -18.74 -20.96
C ASP A 123 6.74 -19.31 -21.29
N ARG A 124 6.33 -20.37 -20.58
CA ARG A 124 4.99 -20.94 -20.77
C ARG A 124 3.88 -19.88 -20.52
N LEU A 125 2.99 -19.72 -21.49
CA LEU A 125 1.92 -18.72 -21.39
C LEU A 125 0.76 -19.22 -20.52
N THR A 126 1.01 -19.34 -19.21
CA THR A 126 -0.02 -19.76 -18.25
C THR A 126 -0.35 -18.63 -17.27
N ASP A 127 0.25 -17.46 -17.49
CA ASP A 127 0.07 -16.30 -16.62
C ASP A 127 -1.13 -15.44 -17.08
N THR A 128 -1.87 -14.88 -16.11
CA THR A 128 -3.06 -14.07 -16.41
C THR A 128 -2.67 -12.62 -16.73
N SER A 129 -1.95 -12.43 -17.84
CA SER A 129 -1.50 -11.10 -18.27
C SER A 129 -2.59 -10.33 -19.03
N ARG A 130 -3.22 -11.00 -20.00
CA ARG A 130 -4.29 -10.43 -20.83
C ARG A 130 -3.77 -9.35 -21.82
N TYR A 131 -2.60 -8.77 -21.53
CA TYR A 131 -1.94 -7.77 -22.40
C TYR A 131 -2.71 -6.42 -22.46
N THR A 132 -3.94 -6.40 -21.93
CA THR A 132 -4.75 -5.17 -21.78
C THR A 132 -4.89 -4.35 -23.09
N GLY A 133 -4.64 -5.00 -24.23
CA GLY A 133 -4.87 -4.39 -25.53
C GLY A 133 -4.31 -2.98 -25.72
N SER A 134 -5.22 -1.99 -25.81
CA SER A 134 -4.86 -0.60 -26.13
C SER A 134 -4.02 0.06 -25.02
N HIS A 135 -3.78 -0.65 -23.92
CA HIS A 135 -2.96 -0.13 -22.82
C HIS A 135 -1.45 -0.35 -23.09
N LYS A 136 -1.12 -0.82 -24.30
CA LYS A 136 0.27 -0.98 -24.74
C LYS A 136 0.92 0.39 -24.96
N GLU A 137 1.23 1.09 -23.87
CA GLU A 137 1.82 2.42 -23.94
C GLU A 137 3.36 2.36 -24.10
N ARG A 138 3.81 2.38 -25.35
CA ARG A 138 5.25 2.48 -25.66
C ARG A 138 5.55 3.84 -26.28
N PHE A 139 6.32 4.66 -25.55
CA PHE A 139 6.60 6.05 -25.96
C PHE A 139 5.32 6.83 -26.22
N ASP A 140 4.60 7.18 -25.14
CA ASP A 140 3.38 7.97 -25.25
C ASP A 140 3.72 9.47 -25.24
N GLU A 141 3.21 10.20 -26.23
CA GLU A 141 3.61 11.60 -26.46
C GLU A 141 3.38 12.51 -25.24
N SER A 142 4.44 13.26 -24.87
CA SER A 142 4.38 14.25 -23.78
C SER A 142 4.15 13.60 -22.40
N GLY A 143 2.92 13.15 -22.13
CA GLY A 143 2.62 12.53 -20.86
C GLY A 143 1.85 13.45 -19.90
N LYS A 144 2.20 13.41 -18.62
CA LYS A 144 1.49 14.18 -17.58
C LYS A 144 2.32 15.40 -17.11
N GLY A 145 3.57 15.48 -17.55
CA GLY A 145 4.47 16.54 -17.09
C GLY A 145 4.10 17.95 -17.55
N LYS A 146 3.10 18.56 -16.92
CA LYS A 146 2.71 19.94 -17.20
C LYS A 146 2.19 20.64 -15.93
N GLY A 147 2.66 21.86 -15.67
CA GLY A 147 2.27 22.58 -14.47
C GLY A 147 2.84 21.97 -13.19
N ILE A 148 2.27 22.35 -12.05
CA ILE A 148 2.67 21.75 -10.75
C ILE A 148 1.98 20.39 -10.56
N ALA A 149 0.67 20.35 -10.83
CA ALA A 149 -0.12 19.12 -10.85
C ALA A 149 -0.13 18.36 -9.51
N GLY A 150 0.94 17.60 -9.23
CA GLY A 150 0.96 16.70 -8.07
C GLY A 150 0.71 17.36 -6.72
N ARG A 151 1.35 18.51 -6.50
CA ARG A 151 1.24 19.23 -5.22
C ARG A 151 0.62 20.62 -5.41
N GLN A 152 0.49 21.38 -4.32
CA GLN A 152 -0.08 22.71 -4.36
C GLN A 152 0.99 23.80 -4.36
N ASP A 153 0.75 24.88 -5.11
CA ASP A 153 1.70 25.99 -5.19
C ASP A 153 1.54 26.94 -3.99
N ILE A 154 0.43 27.66 -3.96
CA ILE A 154 0.11 28.56 -2.84
C ILE A 154 -0.51 27.77 -1.68
N LEU A 155 -0.07 28.07 -0.45
CA LEU A 155 -0.60 27.38 0.75
C LEU A 155 -2.00 27.89 1.13
N ASP A 156 -2.97 27.63 0.25
CA ASP A 156 -4.40 28.00 0.44
C ASP A 156 -4.62 29.39 1.08
N ASP A 157 -3.65 30.29 0.91
CA ASP A 157 -3.75 31.65 1.46
C ASP A 157 -4.93 32.43 0.83
N SER A 158 -5.25 32.12 -0.43
CA SER A 158 -6.35 32.76 -1.16
C SER A 158 -7.72 32.23 -0.71
N GLY A 159 -7.75 31.53 0.42
CA GLY A 159 -9.02 31.09 1.01
C GLY A 159 -9.50 32.01 2.12
N TYR A 160 -8.65 32.97 2.51
CA TYR A 160 -8.99 33.93 3.58
C TYR A 160 -9.28 35.33 3.01
N VAL A 161 -8.33 35.86 2.24
CA VAL A 161 -8.40 37.25 1.77
C VAL A 161 -8.90 37.37 0.32
N SER A 162 -9.94 38.19 0.13
CA SER A 162 -10.46 38.53 -1.20
C SER A 162 -11.06 37.32 -1.95
N ALA A 163 -12.19 37.56 -2.63
CA ALA A 163 -12.94 36.49 -3.33
C ALA A 163 -13.42 35.42 -2.34
N TYR A 164 -14.58 35.67 -1.73
CA TYR A 164 -15.10 34.80 -0.67
C TYR A 164 -15.65 33.49 -1.22
N LYS A 165 -16.00 33.48 -2.50
CA LYS A 165 -16.42 32.26 -3.19
C LYS A 165 -17.69 31.66 -2.55
N ASN A 166 -17.99 30.39 -2.88
CA ASN A 166 -19.10 29.68 -2.25
C ASN A 166 -18.59 28.42 -1.51
N ALA A 167 -19.41 27.86 -0.62
CA ALA A 167 -19.01 26.70 0.19
C ALA A 167 -19.09 25.37 -0.59
N GLY A 168 -19.18 25.45 -1.91
CA GLY A 168 -19.31 24.26 -2.74
C GLY A 168 -20.77 23.92 -3.04
N THR A 169 -21.44 24.80 -3.79
CA THR A 169 -22.84 24.59 -4.16
C THR A 169 -22.99 23.84 -5.49
N TYR A 170 -23.77 22.78 -5.47
CA TYR A 170 -24.03 21.98 -6.68
C TYR A 170 -25.23 22.52 -7.45
N ASP A 171 -26.01 23.38 -6.80
CA ASP A 171 -27.22 23.95 -7.41
C ASP A 171 -26.87 25.07 -8.41
N ALA A 172 -26.52 24.69 -9.63
CA ALA A 172 -26.24 25.63 -10.73
C ALA A 172 -25.14 26.66 -10.41
N LYS A 173 -24.43 26.47 -9.29
CA LYS A 173 -23.41 27.42 -8.83
C LYS A 173 -23.99 28.84 -8.65
N VAL A 174 -24.63 29.09 -7.49
CA VAL A 174 -25.32 30.36 -7.19
C VAL A 174 -26.12 30.90 -8.39
N LYS A 175 -27.41 30.56 -8.44
CA LYS A 175 -28.27 30.92 -9.58
C LYS A 175 -28.95 32.28 -9.37
N LYS A 176 -28.26 33.36 -9.74
CA LYS A 176 -28.78 34.72 -9.57
C LYS A 176 -29.18 35.34 -10.93
N LEU A 177 -28.36 35.08 -11.95
CA LEU A 177 -28.62 35.51 -13.34
C LEU A 177 -28.41 37.02 -13.56
N GLU A 178 -29.15 37.84 -12.83
CA GLU A 178 -29.23 39.30 -13.07
C GLU A 178 -30.05 39.59 -14.34
N MET A 1 -19.45 -17.43 3.73
CA MET A 1 -19.61 -17.14 2.28
C MET A 1 -19.94 -15.65 2.04
N ALA A 2 -19.39 -15.06 0.98
CA ALA A 2 -19.60 -13.65 0.67
C ALA A 2 -19.88 -13.42 -0.83
N ALA A 3 -20.16 -12.16 -1.18
CA ALA A 3 -20.44 -11.77 -2.57
C ALA A 3 -19.15 -11.30 -3.28
N SER A 4 -19.31 -10.49 -4.33
CA SER A 4 -18.16 -9.91 -5.04
C SER A 4 -17.28 -9.08 -4.08
N THR A 5 -16.16 -9.68 -3.65
CA THR A 5 -15.25 -9.06 -2.68
C THR A 5 -14.35 -7.99 -3.31
N ASP A 6 -13.45 -7.43 -2.49
CA ASP A 6 -12.46 -6.43 -2.96
C ASP A 6 -11.42 -7.07 -3.90
N ILE A 7 -10.48 -6.25 -4.35
CA ILE A 7 -9.40 -6.72 -5.23
C ILE A 7 -8.47 -7.70 -4.47
N ALA A 8 -8.73 -9.00 -4.64
CA ALA A 8 -7.97 -10.04 -3.94
C ALA A 8 -6.47 -9.99 -4.25
N GLY A 9 -6.12 -9.62 -5.48
CA GLY A 9 -4.72 -9.52 -5.89
C GLY A 9 -3.92 -8.55 -5.00
N LEU A 10 -4.59 -7.52 -4.50
CA LEU A 10 -3.96 -6.53 -3.62
C LEU A 10 -3.63 -7.12 -2.24
N GLU A 11 -4.64 -7.71 -1.59
CA GLU A 11 -4.43 -8.31 -0.26
C GLU A 11 -3.44 -9.48 -0.32
N GLU A 12 -3.53 -10.28 -1.37
CA GLU A 12 -2.57 -11.38 -1.60
C GLU A 12 -1.14 -10.85 -1.68
N SER A 13 -0.89 -9.92 -2.59
CA SER A 13 0.45 -9.39 -2.80
C SER A 13 0.96 -8.58 -1.60
N PHE A 14 0.10 -7.71 -1.05
CA PHE A 14 0.39 -7.01 0.21
C PHE A 14 0.86 -7.99 1.30
N ARG A 15 0.07 -9.04 1.51
CA ARG A 15 0.37 -10.07 2.50
C ARG A 15 1.71 -10.76 2.18
N LYS A 16 1.89 -11.08 0.90
CA LYS A 16 3.11 -11.75 0.44
C LYS A 16 4.33 -10.81 0.52
N PHE A 17 4.07 -9.51 0.42
CA PHE A 17 5.12 -8.49 0.54
C PHE A 17 5.47 -8.26 2.01
N ALA A 18 4.48 -8.39 2.88
CA ALA A 18 4.68 -8.27 4.33
C ALA A 18 5.49 -9.44 4.90
N ILE A 19 5.25 -10.65 4.37
CA ILE A 19 5.98 -11.84 4.80
C ILE A 19 7.17 -12.12 3.86
N HIS A 20 7.53 -11.12 3.06
CA HIS A 20 8.64 -11.23 2.11
C HIS A 20 9.94 -11.69 2.82
N GLY A 21 10.21 -13.00 2.74
CA GLY A 21 11.36 -13.58 3.43
C GLY A 21 10.96 -14.67 4.43
N ASP A 22 9.83 -14.46 5.10
CA ASP A 22 9.33 -15.39 6.12
C ASP A 22 7.92 -15.92 5.77
N PRO A 23 7.83 -17.07 5.07
CA PRO A 23 6.53 -17.64 4.65
C PRO A 23 5.72 -18.25 5.82
N LYS A 24 6.29 -18.23 7.03
CA LYS A 24 5.63 -18.79 8.22
C LYS A 24 4.73 -17.77 8.93
N ALA A 25 4.79 -16.51 8.48
CA ALA A 25 3.96 -15.44 9.05
C ALA A 25 2.66 -15.27 8.25
N SER A 26 1.62 -14.71 8.89
CA SER A 26 0.35 -14.44 8.20
C SER A 26 0.37 -13.07 7.52
N GLY A 27 1.28 -12.21 7.95
CA GLY A 27 1.54 -10.96 7.26
C GLY A 27 0.37 -9.96 7.23
N GLN A 28 -0.14 -9.60 8.41
CA GLN A 28 -1.10 -8.49 8.50
C GLN A 28 -0.37 -7.18 8.86
N GLU A 29 0.91 -7.32 9.20
CA GLU A 29 1.76 -6.19 9.58
C GLU A 29 2.88 -5.95 8.54
N MET A 30 2.79 -4.83 7.81
CA MET A 30 3.85 -4.46 6.86
C MET A 30 4.82 -3.44 7.46
N ASN A 31 6.12 -3.68 7.28
CA ASN A 31 7.16 -2.79 7.79
C ASN A 31 7.49 -1.68 6.78
N GLY A 32 8.03 -0.57 7.28
CA GLY A 32 8.39 0.56 6.42
C GLY A 32 9.38 0.19 5.32
N LYS A 33 10.21 -0.82 5.58
CA LYS A 33 11.16 -1.33 4.59
C LYS A 33 10.44 -1.77 3.30
N ASN A 34 9.54 -2.74 3.44
CA ASN A 34 8.79 -3.28 2.31
C ASN A 34 7.86 -2.22 1.68
N TRP A 35 7.24 -1.39 2.52
CA TRP A 35 6.38 -0.30 2.05
C TRP A 35 7.13 0.65 1.08
N ALA A 36 8.32 1.09 1.48
CA ALA A 36 9.14 1.97 0.63
C ALA A 36 9.52 1.28 -0.70
N LYS A 37 9.99 0.04 -0.61
CA LYS A 37 10.38 -0.72 -1.80
C LYS A 37 9.15 -1.05 -2.68
N LEU A 38 7.99 -1.20 -2.04
CA LEU A 38 6.73 -1.47 -2.74
C LEU A 38 6.38 -0.31 -3.68
N CYS A 39 6.44 0.91 -3.15
CA CYS A 39 6.18 2.12 -3.94
C CYS A 39 7.14 2.23 -5.15
N LYS A 40 8.42 1.96 -4.90
CA LYS A 40 9.43 2.01 -5.97
C LYS A 40 9.26 0.85 -6.96
N ASP A 41 8.80 -0.30 -6.47
CA ASP A 41 8.54 -1.48 -7.31
C ASP A 41 7.39 -1.18 -8.30
N CYS A 42 6.39 -0.45 -7.83
CA CYS A 42 5.20 -0.13 -8.64
C CYS A 42 5.30 1.28 -9.21
N LYS A 43 6.42 1.95 -8.92
CA LYS A 43 6.73 3.28 -9.46
C LYS A 43 5.66 4.32 -9.08
N VAL A 44 5.05 4.14 -7.92
CA VAL A 44 4.16 5.17 -7.35
C VAL A 44 5.01 6.35 -6.88
N ALA A 45 6.19 6.05 -6.34
CA ALA A 45 7.20 7.08 -6.06
C ALA A 45 7.98 7.38 -7.35
N ASP A 46 7.43 8.28 -8.15
CA ASP A 46 7.95 8.54 -9.50
C ASP A 46 7.27 9.80 -10.07
N GLY A 47 7.75 10.95 -9.64
CA GLY A 47 7.17 12.21 -10.11
C GLY A 47 7.89 13.43 -9.57
N LYS A 48 9.22 13.36 -9.44
CA LYS A 48 10.04 14.47 -8.96
C LYS A 48 9.52 15.10 -7.65
N SER A 49 8.62 14.40 -6.97
CA SER A 49 7.98 14.93 -5.76
C SER A 49 7.60 13.80 -4.81
N VAL A 50 6.75 12.89 -5.29
CA VAL A 50 6.43 11.68 -4.53
C VAL A 50 7.66 10.76 -4.47
N THR A 51 8.48 10.94 -3.43
CA THR A 51 9.72 10.17 -3.27
C THR A 51 9.80 9.55 -1.86
N GLY A 52 10.97 8.98 -1.52
CA GLY A 52 11.14 8.33 -0.22
C GLY A 52 10.66 9.17 0.96
N THR A 53 10.85 10.50 0.89
CA THR A 53 10.38 11.39 1.96
C THR A 53 8.84 11.38 2.07
N ASP A 54 8.15 11.68 0.97
CA ASP A 54 6.68 11.75 0.97
C ASP A 54 6.07 10.37 1.32
N VAL A 55 6.66 9.31 0.78
CA VAL A 55 6.24 7.94 1.07
C VAL A 55 6.40 7.62 2.56
N ASP A 56 7.38 8.22 3.22
CA ASP A 56 7.61 8.00 4.65
C ASP A 56 6.65 8.88 5.46
N ILE A 57 6.33 10.04 4.91
CA ILE A 57 5.34 10.95 5.48
C ILE A 57 3.96 10.29 5.57
N VAL A 58 3.48 9.73 4.44
CA VAL A 58 2.22 8.99 4.42
C VAL A 58 2.26 7.80 5.40
N PHE A 59 3.39 7.08 5.42
CA PHE A 59 3.60 5.99 6.37
C PHE A 59 3.48 6.50 7.83
N SER A 60 4.03 7.68 8.07
CA SER A 60 3.96 8.31 9.40
C SER A 60 2.63 9.06 9.61
N LYS A 61 1.88 9.22 8.53
CA LYS A 61 0.55 9.84 8.58
C LYS A 61 -0.49 8.87 9.14
N VAL A 62 -0.52 7.67 8.56
CA VAL A 62 -1.41 6.61 9.05
C VAL A 62 -0.99 6.11 10.46
N LYS A 63 0.30 6.26 10.77
CA LYS A 63 0.83 5.95 12.10
C LYS A 63 0.32 6.97 13.14
N GLY A 64 -0.63 6.53 13.98
CA GLY A 64 -1.20 7.43 14.99
C GLY A 64 -0.47 7.37 16.32
N LYS A 65 -0.46 6.20 16.95
CA LYS A 65 0.18 6.01 18.26
C LYS A 65 1.28 4.94 18.19
N SER A 66 1.56 4.27 19.32
CA SER A 66 2.64 3.26 19.38
C SER A 66 2.37 2.08 18.43
N ALA A 67 2.88 2.21 17.20
CA ALA A 67 2.75 1.16 16.19
C ALA A 67 3.80 1.35 15.08
N ARG A 68 4.79 0.46 15.05
CA ARG A 68 5.89 0.54 14.07
C ARG A 68 5.40 0.22 12.66
N VAL A 69 4.61 -0.84 12.57
CA VAL A 69 4.12 -1.36 11.29
C VAL A 69 2.72 -0.84 10.94
N ILE A 70 2.27 -1.11 9.70
CA ILE A 70 0.93 -0.73 9.25
C ILE A 70 0.12 -1.97 8.81
N ASN A 71 -1.20 -1.90 8.97
CA ASN A 71 -2.10 -3.00 8.56
C ASN A 71 -2.75 -2.72 7.20
N TYR A 72 -3.44 -3.72 6.65
CA TYR A 72 -4.05 -3.60 5.32
C TYR A 72 -5.05 -2.43 5.22
N GLU A 73 -5.78 -2.16 6.30
CA GLU A 73 -6.74 -1.04 6.33
C GLU A 73 -6.04 0.31 6.10
N GLU A 74 -5.01 0.59 6.91
CA GLU A 74 -4.24 1.83 6.76
C GLU A 74 -3.46 1.84 5.44
N PHE A 75 -3.13 0.65 4.93
CA PHE A 75 -2.49 0.50 3.62
C PHE A 75 -3.38 1.03 2.50
N LYS A 76 -4.66 0.64 2.51
CA LYS A 76 -5.64 1.15 1.54
C LYS A 76 -5.73 2.69 1.60
N LYS A 77 -5.84 3.21 2.83
CA LYS A 77 -5.85 4.67 3.06
C LYS A 77 -4.58 5.32 2.49
N ALA A 78 -3.44 4.69 2.70
CA ALA A 78 -2.16 5.16 2.17
C ALA A 78 -2.18 5.20 0.63
N LEU A 79 -2.73 4.15 0.02
CA LEU A 79 -2.84 4.09 -1.44
C LEU A 79 -3.65 5.28 -2.00
N GLU A 80 -4.73 5.63 -1.31
CA GLU A 80 -5.57 6.77 -1.72
C GLU A 80 -4.79 8.09 -1.65
N GLU A 81 -3.92 8.23 -0.64
CA GLU A 81 -3.01 9.37 -0.56
C GLU A 81 -2.02 9.38 -1.74
N LEU A 82 -1.21 8.32 -1.85
CA LEU A 82 -0.23 8.18 -2.94
C LEU A 82 -0.88 8.41 -4.32
N ALA A 83 -2.08 7.87 -4.49
CA ALA A 83 -2.85 8.07 -5.71
C ALA A 83 -3.07 9.57 -6.02
N THR A 84 -3.60 10.30 -5.03
CA THR A 84 -3.87 11.75 -5.20
C THR A 84 -2.58 12.58 -5.14
N LYS A 85 -1.47 11.94 -4.76
CA LYS A 85 -0.14 12.60 -4.77
C LYS A 85 0.54 12.45 -6.14
N ARG A 86 0.51 11.24 -6.69
CA ARG A 86 1.18 10.94 -7.96
C ARG A 86 0.28 11.33 -9.16
N PHE A 87 -0.96 10.89 -9.13
CA PHE A 87 -1.93 11.19 -10.19
C PHE A 87 -2.55 12.59 -10.00
N LYS A 88 -3.46 12.96 -10.90
CA LYS A 88 -4.17 14.24 -10.80
C LYS A 88 -5.50 14.08 -10.05
N GLY A 89 -5.86 15.06 -9.24
CA GLY A 89 -7.08 14.98 -8.43
C GLY A 89 -8.37 15.22 -9.22
N LYS A 90 -8.58 14.45 -10.28
CA LYS A 90 -9.84 14.51 -11.04
C LYS A 90 -10.93 13.65 -10.37
N SER A 91 -10.50 12.57 -9.72
CA SER A 91 -11.40 11.67 -9.00
C SER A 91 -10.62 10.80 -8.01
N LYS A 92 -11.04 10.81 -6.75
CA LYS A 92 -10.35 10.04 -5.69
C LYS A 92 -10.55 8.53 -5.87
N GLU A 93 -11.79 8.11 -6.12
CA GLU A 93 -12.10 6.69 -6.33
C GLU A 93 -11.42 6.17 -7.61
N GLU A 94 -11.43 6.97 -8.66
CA GLU A 94 -10.78 6.62 -9.93
C GLU A 94 -9.25 6.52 -9.75
N ALA A 95 -8.68 7.49 -9.05
CA ALA A 95 -7.24 7.47 -8.74
C ALA A 95 -6.87 6.20 -7.95
N PHE A 96 -7.78 5.76 -7.08
CA PHE A 96 -7.60 4.51 -6.33
C PHE A 96 -7.58 3.30 -7.27
N ASP A 97 -8.48 3.28 -8.25
CA ASP A 97 -8.50 2.21 -9.25
C ASP A 97 -7.21 2.24 -10.11
N ALA A 98 -6.74 3.44 -10.43
CA ALA A 98 -5.51 3.62 -11.24
C ALA A 98 -4.27 3.12 -10.49
N ILE A 99 -4.08 3.58 -9.24
CA ILE A 99 -2.95 3.11 -8.44
C ILE A 99 -3.08 1.60 -8.18
N CYS A 100 -4.32 1.11 -8.06
CA CYS A 100 -4.58 -0.34 -7.99
C CYS A 100 -4.18 -1.03 -9.30
N GLN A 101 -4.37 -0.33 -10.41
CA GLN A 101 -4.03 -0.85 -11.75
C GLN A 101 -2.50 -0.95 -11.94
N LEU A 102 -1.75 -0.19 -11.15
CA LEU A 102 -0.28 -0.26 -11.16
C LEU A 102 0.25 -1.19 -10.05
N VAL A 103 -0.40 -1.17 -8.90
CA VAL A 103 0.07 -1.91 -7.71
C VAL A 103 -0.61 -3.28 -7.56
N ALA A 104 -1.92 -3.25 -7.31
CA ALA A 104 -2.68 -4.43 -6.88
C ALA A 104 -2.48 -5.65 -7.79
N GLY A 105 -1.78 -6.66 -7.26
CA GLY A 105 -1.54 -7.89 -8.02
C GLY A 105 -0.11 -8.01 -8.50
N LYS A 106 0.48 -6.90 -8.91
CA LYS A 106 1.87 -6.88 -9.37
C LYS A 106 2.83 -6.88 -8.18
N GLU A 107 2.75 -5.81 -7.40
CA GLU A 107 3.51 -5.61 -6.15
C GLU A 107 4.90 -6.30 -6.12
N PRO A 108 5.10 -7.58 -5.70
CA PRO A 108 6.44 -8.19 -5.73
C PRO A 108 6.88 -8.56 -7.16
N ALA A 109 7.32 -7.55 -7.93
CA ALA A 109 7.70 -7.77 -9.34
C ALA A 109 9.12 -7.26 -9.68
N ASN A 110 9.40 -6.02 -9.35
CA ASN A 110 10.64 -5.36 -9.76
C ASN A 110 11.85 -5.81 -8.90
N VAL A 111 12.31 -7.03 -9.13
CA VAL A 111 13.53 -7.55 -8.50
C VAL A 111 14.77 -7.25 -9.37
N GLY A 112 14.51 -6.68 -10.54
CA GLY A 112 15.58 -6.31 -11.47
C GLY A 112 15.05 -5.50 -12.65
N VAL A 113 15.01 -6.11 -13.83
CA VAL A 113 14.48 -5.47 -15.03
C VAL A 113 13.19 -6.15 -15.52
N THR A 114 12.15 -5.35 -15.77
CA THR A 114 10.89 -5.90 -16.29
C THR A 114 10.96 -6.10 -17.82
N LYS A 115 10.48 -7.25 -18.29
CA LYS A 115 10.49 -7.56 -19.72
C LYS A 115 9.27 -6.95 -20.41
N ALA A 116 9.31 -6.88 -21.75
CA ALA A 116 8.23 -6.27 -22.55
C ALA A 116 8.14 -4.75 -22.34
N LYS A 117 8.25 -3.98 -23.43
CA LYS A 117 8.25 -2.51 -23.39
C LYS A 117 9.49 -1.97 -22.66
N THR A 118 10.51 -2.81 -22.49
CA THR A 118 11.76 -2.43 -21.81
C THR A 118 12.45 -1.25 -22.51
N GLY A 119 12.44 -1.26 -23.85
CA GLY A 119 13.10 -0.21 -24.62
C GLY A 119 13.65 -0.72 -25.95
N GLY A 120 14.95 -0.50 -26.18
CA GLY A 120 15.58 -0.95 -27.42
C GLY A 120 15.49 0.08 -28.55
N ALA A 121 14.34 0.10 -29.23
CA ALA A 121 14.11 1.06 -30.31
C ALA A 121 13.89 2.49 -29.78
N VAL A 122 14.33 3.48 -30.53
CA VAL A 122 14.21 4.88 -30.13
C VAL A 122 12.74 5.36 -30.08
N ASP A 123 12.06 5.05 -28.98
CA ASP A 123 10.69 5.50 -28.71
C ASP A 123 9.68 5.06 -29.79
N ARG A 124 9.65 5.81 -30.89
CA ARG A 124 8.72 5.55 -32.00
C ARG A 124 9.23 6.21 -33.30
N LEU A 125 10.52 6.56 -33.31
CA LEU A 125 11.12 7.32 -34.42
C LEU A 125 11.48 6.43 -35.62
N THR A 126 11.22 6.94 -36.82
CA THR A 126 11.59 6.27 -38.06
C THR A 126 12.54 7.14 -38.88
N ASP A 127 13.83 7.04 -38.58
CA ASP A 127 14.87 7.72 -39.36
C ASP A 127 15.06 7.06 -40.74
N THR A 128 15.49 7.85 -41.71
CA THR A 128 15.75 7.37 -43.09
C THR A 128 14.45 6.95 -43.81
N SER A 129 14.04 7.74 -44.81
CA SER A 129 12.83 7.45 -45.62
C SER A 129 11.54 7.58 -44.79
N ARG A 130 10.74 8.60 -45.09
CA ARG A 130 9.56 8.93 -44.29
C ARG A 130 8.24 8.58 -45.00
N TYR A 131 8.33 7.80 -46.07
CA TYR A 131 7.15 7.39 -46.86
C TYR A 131 6.16 6.52 -46.07
N THR A 132 6.52 6.14 -44.84
CA THR A 132 5.67 5.25 -44.02
C THR A 132 4.45 5.98 -43.43
N GLY A 133 3.36 5.24 -43.22
CA GLY A 133 2.15 5.83 -42.66
C GLY A 133 1.26 6.48 -43.71
N SER A 134 0.56 5.66 -44.51
CA SER A 134 -0.30 6.17 -45.60
C SER A 134 -1.80 6.03 -45.28
N HIS A 135 -2.14 5.75 -44.03
CA HIS A 135 -3.56 5.55 -43.64
C HIS A 135 -3.76 5.65 -42.12
N LYS A 136 -4.74 6.44 -41.69
CA LYS A 136 -5.06 6.58 -40.26
C LYS A 136 -5.92 5.39 -39.78
N GLU A 137 -6.88 4.98 -40.60
CA GLU A 137 -7.69 3.80 -40.29
C GLU A 137 -6.90 2.51 -40.52
N ARG A 138 -7.10 1.52 -39.65
CA ARG A 138 -6.25 0.32 -39.64
C ARG A 138 -6.75 -0.69 -38.59
N PHE A 139 -7.24 -0.17 -37.47
CA PHE A 139 -7.69 -1.01 -36.34
C PHE A 139 -9.13 -0.69 -35.95
N ASP A 140 -9.75 -1.60 -35.19
CA ASP A 140 -11.12 -1.40 -34.68
C ASP A 140 -11.19 -0.23 -33.68
N GLU A 141 -12.31 -0.16 -32.93
CA GLU A 141 -12.45 0.83 -31.87
C GLU A 141 -11.78 0.35 -30.57
N SER A 142 -11.86 1.15 -29.52
CA SER A 142 -11.38 0.74 -28.20
C SER A 142 -12.21 -0.42 -27.65
N GLY A 143 -11.57 -1.34 -26.96
CA GLY A 143 -12.24 -2.54 -26.47
C GLY A 143 -13.35 -2.25 -25.45
N LYS A 144 -14.58 -2.06 -25.94
CA LYS A 144 -15.74 -1.85 -25.05
C LYS A 144 -16.14 -3.17 -24.36
N GLY A 145 -16.01 -4.27 -25.09
CA GLY A 145 -16.37 -5.58 -24.57
C GLY A 145 -17.88 -5.76 -24.43
N LYS A 146 -18.34 -6.02 -23.21
CA LYS A 146 -19.77 -6.21 -22.93
C LYS A 146 -20.06 -6.05 -21.42
N GLY A 147 -19.19 -5.33 -20.72
CA GLY A 147 -19.32 -5.17 -19.28
C GLY A 147 -18.30 -5.99 -18.51
N ILE A 148 -17.08 -5.44 -18.39
CA ILE A 148 -15.94 -6.14 -17.79
C ILE A 148 -15.54 -7.38 -18.62
N ALA A 149 -16.40 -8.40 -18.64
CA ALA A 149 -16.13 -9.63 -19.39
C ALA A 149 -17.39 -10.17 -20.09
N GLY A 150 -18.46 -10.37 -19.33
CA GLY A 150 -19.66 -10.98 -19.87
C GLY A 150 -19.54 -12.49 -20.00
N ARG A 151 -19.41 -13.17 -18.85
CA ARG A 151 -19.11 -14.62 -18.72
C ARG A 151 -17.84 -15.06 -19.49
N GLN A 152 -17.82 -14.86 -20.81
CA GLN A 152 -16.65 -15.17 -21.64
C GLN A 152 -16.44 -16.69 -21.80
N ASP A 153 -16.73 -17.19 -23.00
CA ASP A 153 -16.46 -18.58 -23.34
C ASP A 153 -15.21 -18.68 -24.22
N ILE A 154 -14.42 -19.74 -24.05
CA ILE A 154 -13.13 -19.87 -24.76
C ILE A 154 -13.26 -20.64 -26.07
N LEU A 155 -12.24 -20.51 -26.93
CA LEU A 155 -12.14 -21.23 -28.21
C LEU A 155 -13.12 -20.70 -29.29
N ASP A 156 -14.38 -20.52 -28.92
CA ASP A 156 -15.41 -20.06 -29.84
C ASP A 156 -15.03 -18.73 -30.52
N ASP A 157 -14.73 -17.71 -29.71
CA ASP A 157 -14.27 -16.42 -30.22
C ASP A 157 -13.00 -15.98 -29.48
N SER A 158 -12.30 -14.98 -30.02
CA SER A 158 -11.00 -14.49 -29.48
C SER A 158 -9.86 -15.48 -29.76
N GLY A 159 -10.08 -16.76 -29.43
CA GLY A 159 -9.07 -17.79 -29.68
C GLY A 159 -8.61 -17.86 -31.13
N TYR A 160 -7.40 -17.35 -31.39
CA TYR A 160 -6.84 -17.32 -32.74
C TYR A 160 -6.53 -18.74 -33.26
N VAL A 161 -7.46 -19.28 -34.03
CA VAL A 161 -7.32 -20.63 -34.61
C VAL A 161 -8.29 -20.85 -35.79
N SER A 162 -7.83 -21.52 -36.83
CA SER A 162 -8.68 -21.88 -37.98
C SER A 162 -8.40 -23.32 -38.41
N ALA A 163 -9.43 -24.16 -38.44
CA ALA A 163 -9.25 -25.59 -38.74
C ALA A 163 -10.47 -26.21 -39.42
N TYR A 164 -10.23 -26.87 -40.56
CA TYR A 164 -11.27 -27.63 -41.26
C TYR A 164 -10.65 -28.85 -41.95
N LYS A 165 -10.56 -29.97 -41.21
CA LYS A 165 -9.99 -31.21 -41.74
C LYS A 165 -8.56 -30.97 -42.29
N ASN A 166 -7.80 -30.15 -41.58
CA ASN A 166 -6.46 -29.73 -42.01
C ASN A 166 -5.40 -30.79 -41.61
N ALA A 167 -4.12 -30.46 -41.81
CA ALA A 167 -3.03 -31.36 -41.43
C ALA A 167 -2.97 -31.56 -39.90
N GLY A 168 -3.53 -32.68 -39.44
CA GLY A 168 -3.52 -33.01 -38.01
C GLY A 168 -2.12 -33.27 -37.47
N THR A 169 -1.52 -34.39 -37.89
CA THR A 169 -0.15 -34.77 -37.49
C THR A 169 0.07 -34.65 -35.97
N TYR A 170 -0.84 -35.21 -35.18
CA TYR A 170 -0.80 -35.07 -33.72
C TYR A 170 0.12 -36.13 -33.05
N ASP A 171 1.24 -36.44 -33.70
CA ASP A 171 2.22 -37.38 -33.12
C ASP A 171 3.32 -36.59 -32.38
N ALA A 172 3.57 -36.97 -31.13
CA ALA A 172 4.50 -36.23 -30.26
C ALA A 172 5.96 -36.72 -30.37
N LYS A 173 6.17 -37.85 -31.04
CA LYS A 173 7.51 -38.44 -31.16
C LYS A 173 8.41 -37.60 -32.08
N VAL A 174 7.84 -37.15 -33.20
CA VAL A 174 8.57 -36.30 -34.14
C VAL A 174 8.73 -34.86 -33.61
N LYS A 175 9.87 -34.60 -32.96
CA LYS A 175 10.16 -33.27 -32.41
C LYS A 175 10.76 -32.33 -33.47
N LYS A 176 10.09 -31.21 -33.72
CA LYS A 176 10.62 -30.17 -34.60
C LYS A 176 10.99 -28.93 -33.75
N LEU A 177 11.13 -27.76 -34.38
CA LEU A 177 11.60 -26.55 -33.67
C LEU A 177 10.51 -25.93 -32.76
N GLU A 178 10.14 -26.65 -31.70
CA GLU A 178 9.23 -26.14 -30.65
C GLU A 178 7.76 -26.00 -31.10
N MET A 1 -22.55 -9.47 0.49
CA MET A 1 -22.89 -8.02 0.32
C MET A 1 -21.72 -7.26 -0.31
N ALA A 2 -22.04 -6.15 -0.99
CA ALA A 2 -21.03 -5.33 -1.66
C ALA A 2 -20.11 -4.62 -0.66
N ALA A 3 -19.12 -5.36 -0.15
CA ALA A 3 -18.18 -4.85 0.85
C ALA A 3 -17.09 -5.88 1.18
N SER A 4 -17.39 -7.16 0.92
CA SER A 4 -16.45 -8.25 1.19
C SER A 4 -15.27 -8.24 0.21
N THR A 5 -15.58 -8.31 -1.09
CA THR A 5 -14.54 -8.33 -2.13
C THR A 5 -14.51 -7.01 -2.92
N ASP A 6 -13.57 -6.14 -2.56
CA ASP A 6 -13.37 -4.88 -3.28
C ASP A 6 -12.47 -5.09 -4.52
N ILE A 7 -11.23 -5.48 -4.27
CA ILE A 7 -10.28 -5.82 -5.34
C ILE A 7 -9.77 -7.26 -5.17
N ALA A 8 -9.69 -7.72 -3.92
CA ALA A 8 -9.19 -9.07 -3.58
C ALA A 8 -7.70 -9.23 -3.90
N GLY A 9 -7.36 -9.24 -5.20
CA GLY A 9 -5.97 -9.35 -5.63
C GLY A 9 -5.03 -8.36 -4.95
N LEU A 10 -5.57 -7.21 -4.56
CA LEU A 10 -4.80 -6.20 -3.82
C LEU A 10 -4.37 -6.73 -2.44
N GLU A 11 -5.26 -7.48 -1.79
CA GLU A 11 -4.94 -8.08 -0.49
C GLU A 11 -3.84 -9.15 -0.64
N GLU A 12 -3.99 -10.02 -1.65
CA GLU A 12 -2.94 -10.98 -1.99
C GLU A 12 -1.58 -10.28 -2.18
N SER A 13 -1.58 -9.16 -2.93
CA SER A 13 -0.36 -8.36 -3.12
C SER A 13 0.18 -7.86 -1.77
N PHE A 14 -0.71 -7.43 -0.88
CA PHE A 14 -0.32 -7.00 0.46
C PHE A 14 0.40 -8.14 1.20
N ARG A 15 -0.18 -9.35 1.15
CA ARG A 15 0.45 -10.54 1.74
C ARG A 15 1.86 -10.75 1.19
N LYS A 16 1.98 -10.83 -0.13
CA LYS A 16 3.27 -11.12 -0.80
C LYS A 16 4.37 -10.14 -0.38
N PHE A 17 4.05 -8.85 -0.34
CA PHE A 17 4.99 -7.83 0.12
C PHE A 17 5.26 -7.94 1.64
N ALA A 18 4.20 -8.21 2.41
CA ALA A 18 4.32 -8.29 3.87
C ALA A 18 5.21 -9.47 4.32
N ILE A 19 4.89 -10.66 3.85
CA ILE A 19 5.61 -11.88 4.25
C ILE A 19 6.95 -12.02 3.51
N HIS A 20 7.23 -11.09 2.61
CA HIS A 20 8.52 -11.05 1.91
C HIS A 20 9.68 -11.00 2.91
N GLY A 21 9.46 -10.33 4.04
CA GLY A 21 10.44 -10.29 5.12
C GLY A 21 10.34 -11.52 6.02
N ASP A 22 10.53 -12.70 5.40
CA ASP A 22 10.33 -13.99 6.08
C ASP A 22 8.85 -14.24 6.41
N PRO A 23 8.28 -15.37 5.94
CA PRO A 23 6.86 -15.71 6.15
C PRO A 23 6.37 -15.53 7.60
N LYS A 24 7.27 -15.73 8.57
CA LYS A 24 6.93 -15.57 9.99
C LYS A 24 6.82 -14.09 10.42
N ALA A 25 6.97 -13.17 9.46
CA ALA A 25 6.85 -11.74 9.74
C ALA A 25 5.50 -11.38 10.37
N SER A 26 4.42 -11.81 9.72
CA SER A 26 3.06 -11.52 10.20
C SER A 26 1.99 -12.08 9.25
N GLY A 27 1.88 -11.47 8.07
CA GLY A 27 0.82 -11.81 7.13
C GLY A 27 -0.27 -10.73 7.05
N GLN A 28 -0.40 -9.98 8.14
CA GLN A 28 -1.37 -8.88 8.23
C GLN A 28 -0.65 -7.52 8.41
N GLU A 29 0.64 -7.58 8.77
CA GLU A 29 1.42 -6.37 9.06
C GLU A 29 2.52 -6.15 8.00
N MET A 30 2.82 -4.87 7.69
CA MET A 30 3.86 -4.52 6.73
C MET A 30 4.76 -3.39 7.28
N ASN A 31 6.09 -3.54 7.13
CA ASN A 31 7.04 -2.54 7.64
C ASN A 31 7.44 -1.51 6.57
N GLY A 32 8.12 -0.44 7.01
CA GLY A 32 8.54 0.63 6.10
C GLY A 32 9.53 0.17 5.03
N LYS A 33 10.31 -0.86 5.34
CA LYS A 33 11.28 -1.42 4.37
C LYS A 33 10.57 -1.97 3.12
N ASN A 34 9.69 -2.95 3.35
CA ASN A 34 8.90 -3.56 2.27
C ASN A 34 7.95 -2.54 1.62
N TRP A 35 7.43 -1.63 2.44
CA TRP A 35 6.57 -0.53 1.95
C TRP A 35 7.34 0.40 0.99
N ALA A 36 8.59 0.72 1.34
CA ALA A 36 9.44 1.55 0.49
C ALA A 36 9.63 0.92 -0.90
N LYS A 37 9.91 -0.39 -0.92
CA LYS A 37 10.01 -1.12 -2.19
C LYS A 37 8.67 -1.16 -2.92
N LEU A 38 7.58 -1.45 -2.18
CA LEU A 38 6.24 -1.52 -2.77
C LEU A 38 5.98 -0.31 -3.69
N CYS A 39 6.36 0.87 -3.25
CA CYS A 39 6.23 2.09 -4.05
C CYS A 39 7.20 2.08 -5.25
N LYS A 40 8.46 1.71 -5.00
CA LYS A 40 9.50 1.72 -6.04
C LYS A 40 9.22 0.68 -7.13
N ASP A 41 9.00 -0.57 -6.72
CA ASP A 41 8.66 -1.66 -7.63
C ASP A 41 7.41 -1.33 -8.46
N CYS A 42 6.44 -0.66 -7.84
CA CYS A 42 5.23 -0.19 -8.54
C CYS A 42 5.44 1.18 -9.20
N LYS A 43 6.61 1.79 -8.97
CA LYS A 43 6.97 3.09 -9.56
C LYS A 43 5.93 4.19 -9.29
N VAL A 44 5.40 4.22 -8.07
CA VAL A 44 4.53 5.32 -7.63
C VAL A 44 5.39 6.54 -7.25
N ALA A 45 6.57 6.28 -6.68
CA ALA A 45 7.50 7.33 -6.27
C ALA A 45 8.66 7.48 -7.28
N ASP A 46 8.39 8.14 -8.40
CA ASP A 46 9.39 8.36 -9.45
C ASP A 46 10.61 9.15 -8.95
N GLY A 47 10.40 9.97 -7.93
CA GLY A 47 11.45 10.88 -7.47
C GLY A 47 11.23 12.31 -7.96
N LYS A 48 10.58 12.42 -9.13
CA LYS A 48 10.22 13.74 -9.69
C LYS A 48 9.04 14.36 -8.92
N SER A 49 7.89 13.68 -8.93
CA SER A 49 6.70 14.16 -8.24
C SER A 49 6.66 13.62 -6.80
N VAL A 50 6.35 12.34 -6.66
CA VAL A 50 6.39 11.65 -5.38
C VAL A 50 7.79 11.06 -5.12
N THR A 51 8.31 11.24 -3.91
CA THR A 51 9.66 10.78 -3.56
C THR A 51 9.64 9.84 -2.35
N GLY A 52 10.79 9.25 -2.03
CA GLY A 52 10.91 8.39 -0.85
C GLY A 52 10.47 9.10 0.43
N THR A 53 10.72 10.40 0.51
CA THR A 53 10.29 11.22 1.64
C THR A 53 8.78 11.07 1.89
N ASP A 54 7.97 11.37 0.87
CA ASP A 54 6.51 11.26 0.95
C ASP A 54 6.09 9.87 1.43
N VAL A 55 6.75 8.83 0.90
CA VAL A 55 6.46 7.45 1.25
C VAL A 55 6.58 7.20 2.77
N ASP A 56 7.63 7.75 3.39
CA ASP A 56 7.84 7.57 4.83
C ASP A 56 6.85 8.41 5.64
N ILE A 57 6.50 9.57 5.11
CA ILE A 57 5.52 10.44 5.76
C ILE A 57 4.15 9.77 5.83
N VAL A 58 3.69 9.24 4.70
CA VAL A 58 2.41 8.55 4.63
C VAL A 58 2.38 7.32 5.56
N PHE A 59 3.46 6.55 5.56
CA PHE A 59 3.59 5.38 6.44
C PHE A 59 3.43 5.76 7.92
N SER A 60 3.93 6.95 8.27
CA SER A 60 3.81 7.47 9.64
C SER A 60 2.51 8.26 9.84
N LYS A 61 1.93 8.73 8.74
CA LYS A 61 0.72 9.56 8.78
C LYS A 61 -0.52 8.76 9.24
N VAL A 62 -0.64 7.53 8.77
CA VAL A 62 -1.74 6.64 9.18
C VAL A 62 -1.43 5.94 10.52
N LYS A 63 -0.14 5.87 10.85
CA LYS A 63 0.35 5.15 12.04
C LYS A 63 0.06 5.92 13.35
N GLY A 64 0.01 5.18 14.47
CA GLY A 64 -0.16 5.79 15.79
C GLY A 64 1.17 6.12 16.48
N LYS A 65 1.34 5.66 17.73
CA LYS A 65 2.57 5.93 18.49
C LYS A 65 3.54 4.74 18.51
N SER A 66 3.24 3.72 19.33
CA SER A 66 4.17 2.59 19.54
C SER A 66 4.16 1.59 18.37
N ALA A 67 3.27 1.81 17.41
CA ALA A 67 3.19 0.94 16.24
C ALA A 67 4.42 1.08 15.33
N ARG A 68 5.12 -0.02 15.11
CA ARG A 68 6.30 -0.01 14.24
C ARG A 68 5.89 -0.21 12.77
N VAL A 69 4.81 -0.97 12.56
CA VAL A 69 4.33 -1.33 11.23
C VAL A 69 2.83 -0.99 11.05
N ILE A 70 2.32 -1.10 9.83
CA ILE A 70 0.90 -0.86 9.53
C ILE A 70 0.21 -2.13 9.01
N ASN A 71 -1.12 -2.10 8.89
CA ASN A 71 -1.86 -3.28 8.40
C ASN A 71 -2.80 -2.97 7.22
N TYR A 72 -3.50 -4.01 6.76
CA TYR A 72 -4.37 -4.01 5.57
C TYR A 72 -5.13 -2.68 5.32
N GLU A 73 -5.99 -2.28 6.26
CA GLU A 73 -6.83 -1.10 6.06
C GLU A 73 -5.99 0.19 5.99
N GLU A 74 -4.94 0.28 6.81
CA GLU A 74 -4.03 1.42 6.78
C GLU A 74 -3.33 1.51 5.41
N PHE A 75 -3.01 0.34 4.85
CA PHE A 75 -2.41 0.23 3.52
C PHE A 75 -3.28 0.91 2.45
N LYS A 76 -4.59 0.63 2.48
CA LYS A 76 -5.52 1.26 1.53
C LYS A 76 -5.53 2.79 1.66
N LYS A 77 -5.46 3.29 2.90
CA LYS A 77 -5.39 4.73 3.13
C LYS A 77 -4.02 5.31 2.72
N ALA A 78 -2.98 4.48 2.84
CA ALA A 78 -1.64 4.86 2.36
C ALA A 78 -1.66 5.06 0.83
N LEU A 79 -2.26 4.12 0.12
CA LEU A 79 -2.45 4.22 -1.33
C LEU A 79 -3.34 5.41 -1.69
N GLU A 80 -4.34 5.68 -0.85
CA GLU A 80 -5.26 6.81 -1.05
C GLU A 80 -4.50 8.15 -1.03
N GLU A 81 -3.59 8.29 -0.07
CA GLU A 81 -2.69 9.46 -0.02
C GLU A 81 -1.83 9.56 -1.29
N LEU A 82 -1.05 8.52 -1.56
CA LEU A 82 -0.14 8.50 -2.72
C LEU A 82 -0.90 8.75 -4.04
N ALA A 83 -2.07 8.13 -4.19
CA ALA A 83 -2.89 8.30 -5.39
C ALA A 83 -3.25 9.77 -5.64
N THR A 84 -3.80 10.41 -4.60
CA THR A 84 -4.22 11.82 -4.69
C THR A 84 -3.04 12.78 -4.88
N LYS A 85 -1.83 12.32 -4.52
CA LYS A 85 -0.62 13.15 -4.63
C LYS A 85 0.24 12.76 -5.85
N ARG A 86 -0.05 11.60 -6.45
CA ARG A 86 0.67 11.15 -7.66
C ARG A 86 -0.14 11.47 -8.92
N PHE A 87 -1.33 10.88 -9.00
CA PHE A 87 -2.23 11.07 -10.14
C PHE A 87 -2.94 12.43 -10.09
N LYS A 88 -3.79 12.67 -11.08
CA LYS A 88 -4.59 13.91 -11.15
C LYS A 88 -5.53 14.01 -9.93
N GLY A 89 -5.57 15.18 -9.29
CA GLY A 89 -6.32 15.35 -8.04
C GLY A 89 -7.84 15.46 -8.25
N LYS A 90 -8.46 14.42 -8.80
CA LYS A 90 -9.91 14.37 -8.96
C LYS A 90 -10.40 12.95 -9.29
N SER A 91 -11.66 12.67 -8.93
CA SER A 91 -12.26 11.35 -9.08
C SER A 91 -11.58 10.29 -8.19
N LYS A 92 -12.05 10.20 -6.94
CA LYS A 92 -11.59 9.17 -5.98
C LYS A 92 -11.52 7.78 -6.64
N GLU A 93 -12.54 7.48 -7.43
CA GLU A 93 -12.63 6.22 -8.17
C GLU A 93 -11.41 6.00 -9.09
N GLU A 94 -11.22 6.92 -10.04
CA GLU A 94 -10.14 6.79 -11.03
C GLU A 94 -8.75 6.75 -10.35
N ALA A 95 -8.54 7.63 -9.37
CA ALA A 95 -7.26 7.71 -8.66
C ALA A 95 -6.93 6.41 -7.91
N PHE A 96 -7.90 5.89 -7.16
CA PHE A 96 -7.70 4.68 -6.37
C PHE A 96 -7.50 3.44 -7.28
N ASP A 97 -8.38 3.28 -8.28
CA ASP A 97 -8.23 2.20 -9.26
C ASP A 97 -6.86 2.22 -9.93
N ALA A 98 -6.43 3.39 -10.40
CA ALA A 98 -5.14 3.55 -11.09
C ALA A 98 -3.95 3.05 -10.23
N ILE A 99 -3.87 3.54 -8.99
CA ILE A 99 -2.77 3.14 -8.10
C ILE A 99 -2.87 1.65 -7.72
N CYS A 100 -4.10 1.13 -7.62
CA CYS A 100 -4.31 -0.30 -7.39
C CYS A 100 -3.84 -1.12 -8.60
N GLN A 101 -4.00 -0.56 -9.80
CA GLN A 101 -3.51 -1.18 -11.03
C GLN A 101 -1.98 -1.26 -11.04
N LEU A 102 -1.32 -0.30 -10.39
CA LEU A 102 0.15 -0.30 -10.28
C LEU A 102 0.64 -1.38 -9.28
N VAL A 103 -0.09 -1.56 -8.19
CA VAL A 103 0.33 -2.47 -7.11
C VAL A 103 -0.23 -3.90 -7.28
N ALA A 104 -1.55 -4.00 -7.35
CA ALA A 104 -2.25 -5.30 -7.30
C ALA A 104 -1.77 -6.30 -8.37
N GLY A 105 -0.89 -7.21 -7.99
CA GLY A 105 -0.52 -8.34 -8.84
C GLY A 105 0.59 -8.04 -9.85
N LYS A 106 1.19 -6.86 -9.79
CA LYS A 106 2.27 -6.50 -10.73
C LYS A 106 3.63 -7.03 -10.27
N GLU A 107 3.65 -7.68 -9.09
CA GLU A 107 4.84 -8.37 -8.56
C GLU A 107 5.92 -7.41 -8.03
N PRO A 108 6.68 -7.84 -7.00
CA PRO A 108 7.79 -7.05 -6.44
C PRO A 108 9.02 -7.07 -7.36
N ALA A 109 9.02 -6.22 -8.37
CA ALA A 109 10.13 -6.12 -9.33
C ALA A 109 10.50 -7.50 -9.94
N ASN A 110 11.77 -7.68 -10.27
CA ASN A 110 12.25 -8.96 -10.79
C ASN A 110 12.24 -10.03 -9.68
N VAL A 111 11.28 -10.94 -9.74
CA VAL A 111 11.14 -11.99 -8.72
C VAL A 111 12.31 -12.98 -8.72
N GLY A 112 12.84 -13.28 -9.92
CA GLY A 112 13.97 -14.20 -10.04
C GLY A 112 15.20 -13.53 -10.66
N VAL A 113 15.42 -13.77 -11.95
CA VAL A 113 16.51 -13.12 -12.68
C VAL A 113 16.20 -11.64 -12.97
N THR A 114 17.18 -10.77 -12.75
CA THR A 114 16.98 -9.33 -12.97
C THR A 114 17.11 -8.95 -14.46
N LYS A 115 16.46 -7.84 -14.83
CA LYS A 115 16.51 -7.31 -16.20
C LYS A 115 15.84 -8.24 -17.22
N ALA A 116 16.58 -9.27 -17.67
CA ALA A 116 16.17 -10.11 -18.81
C ALA A 116 16.25 -9.31 -20.12
N LYS A 117 15.46 -8.23 -20.22
CA LYS A 117 15.55 -7.31 -21.36
C LYS A 117 14.84 -5.97 -21.05
N THR A 118 13.54 -6.05 -20.69
CA THR A 118 12.74 -4.87 -20.27
C THR A 118 12.80 -3.68 -21.24
N GLY A 119 13.12 -3.93 -22.50
CA GLY A 119 13.19 -2.87 -23.50
C GLY A 119 14.46 -2.02 -23.42
N GLY A 120 15.45 -2.49 -22.66
CA GLY A 120 16.71 -1.76 -22.50
C GLY A 120 17.47 -1.56 -23.81
N ALA A 121 17.06 -2.29 -24.85
CA ALA A 121 17.69 -2.16 -26.19
C ALA A 121 17.07 -0.98 -26.98
N VAL A 122 15.73 -0.86 -26.94
CA VAL A 122 15.03 0.18 -27.70
C VAL A 122 14.73 1.42 -26.85
N ASP A 123 15.35 1.49 -25.68
CA ASP A 123 15.20 2.65 -24.77
C ASP A 123 15.60 3.96 -25.47
N ARG A 124 14.66 4.89 -25.59
CA ARG A 124 14.91 6.17 -26.28
C ARG A 124 15.39 7.27 -25.31
N LEU A 125 15.53 8.48 -25.84
CA LEU A 125 15.95 9.64 -25.04
C LEU A 125 14.81 10.67 -24.94
N THR A 126 15.14 11.96 -24.83
CA THR A 126 14.11 12.99 -24.68
C THR A 126 13.21 13.11 -25.93
N ASP A 127 12.10 12.40 -25.91
CA ASP A 127 11.09 12.48 -26.99
C ASP A 127 10.42 13.87 -27.02
N THR A 128 9.85 14.24 -28.16
CA THR A 128 9.08 15.49 -28.28
C THR A 128 7.62 15.26 -27.86
N SER A 129 6.93 14.42 -28.61
CA SER A 129 5.57 13.96 -28.26
C SER A 129 5.34 12.55 -28.80
N ARG A 130 4.70 11.70 -28.00
CA ARG A 130 4.43 10.31 -28.41
C ARG A 130 3.43 10.28 -29.58
N TYR A 131 2.34 11.01 -29.40
CA TYR A 131 1.30 11.16 -30.43
C TYR A 131 0.26 12.17 -29.91
N THR A 132 0.70 13.02 -28.99
CA THR A 132 -0.21 13.79 -28.14
C THR A 132 -0.35 15.26 -28.57
N GLY A 133 -1.58 15.68 -28.84
CA GLY A 133 -1.89 17.09 -28.97
C GLY A 133 -2.50 17.63 -27.68
N SER A 134 -2.59 18.95 -27.54
CA SER A 134 -3.20 19.56 -26.35
C SER A 134 -4.64 19.05 -26.15
N HIS A 135 -4.82 18.03 -25.31
CA HIS A 135 -6.13 17.42 -25.10
C HIS A 135 -7.03 18.25 -24.16
N LYS A 136 -7.81 19.15 -24.76
CA LYS A 136 -8.89 19.83 -24.04
C LYS A 136 -10.25 19.37 -24.60
N GLU A 137 -10.20 18.64 -25.72
CA GLU A 137 -11.39 18.09 -26.39
C GLU A 137 -12.18 17.16 -25.44
N ARG A 138 -13.48 17.08 -25.67
CA ARG A 138 -14.37 16.27 -24.83
C ARG A 138 -14.92 15.05 -25.61
N PHE A 139 -15.85 14.30 -25.01
CA PHE A 139 -16.49 13.12 -25.61
C PHE A 139 -15.56 11.90 -25.59
N ASP A 140 -14.62 11.91 -24.66
CA ASP A 140 -13.76 10.75 -24.39
C ASP A 140 -14.47 9.77 -23.43
N GLU A 141 -15.56 10.25 -22.84
CA GLU A 141 -16.32 9.51 -21.83
C GLU A 141 -17.12 8.34 -22.44
N SER A 142 -17.22 7.25 -21.68
CA SER A 142 -17.98 6.05 -22.10
C SER A 142 -18.57 5.33 -20.88
N GLY A 143 -17.71 4.93 -19.94
CA GLY A 143 -18.17 4.27 -18.73
C GLY A 143 -18.10 2.74 -18.80
N LYS A 144 -18.75 2.17 -19.80
CA LYS A 144 -18.79 0.70 -19.97
C LYS A 144 -17.82 0.24 -21.07
N GLY A 145 -17.96 -1.02 -21.49
CA GLY A 145 -17.18 -1.52 -22.62
C GLY A 145 -17.46 -0.77 -23.91
N LYS A 146 -16.60 -0.95 -24.92
CA LYS A 146 -16.73 -0.21 -26.18
C LYS A 146 -18.00 -0.63 -26.96
N GLY A 147 -18.51 -1.83 -26.67
CA GLY A 147 -19.71 -2.33 -27.34
C GLY A 147 -20.77 -2.81 -26.34
N ILE A 148 -21.95 -3.19 -26.83
CA ILE A 148 -23.04 -3.62 -25.96
C ILE A 148 -23.92 -4.71 -26.61
N ALA A 149 -24.29 -5.72 -25.81
CA ALA A 149 -25.19 -6.81 -26.22
C ALA A 149 -24.51 -7.82 -27.15
N GLY A 150 -23.99 -7.35 -28.28
CA GLY A 150 -23.38 -8.23 -29.28
C GLY A 150 -22.19 -9.03 -28.74
N ARG A 151 -21.00 -8.42 -28.75
CA ARG A 151 -19.79 -9.10 -28.26
C ARG A 151 -19.69 -9.03 -26.74
N GLN A 152 -19.67 -10.18 -26.08
CA GLN A 152 -19.52 -10.24 -24.61
C GLN A 152 -18.04 -10.21 -24.21
N ASP A 153 -17.73 -9.38 -23.21
CA ASP A 153 -16.34 -9.10 -22.75
C ASP A 153 -15.31 -9.05 -23.89
N ILE A 154 -14.63 -10.15 -24.18
CA ILE A 154 -13.58 -10.17 -25.20
C ILE A 154 -13.27 -11.59 -25.71
N LEU A 155 -13.52 -11.83 -27.00
CA LEU A 155 -13.22 -13.13 -27.62
C LEU A 155 -11.85 -13.10 -28.33
N ASP A 156 -11.52 -11.95 -28.91
CA ASP A 156 -10.27 -11.80 -29.68
C ASP A 156 -9.12 -11.24 -28.82
N ASP A 157 -8.06 -12.02 -28.65
CA ASP A 157 -6.88 -11.61 -27.88
C ASP A 157 -5.80 -11.00 -28.79
N SER A 158 -4.73 -10.47 -28.18
CA SER A 158 -3.64 -9.84 -28.93
C SER A 158 -3.00 -10.78 -29.97
N GLY A 159 -3.16 -10.42 -31.25
CA GLY A 159 -2.53 -11.19 -32.33
C GLY A 159 -1.60 -10.35 -33.18
N TYR A 160 -1.60 -10.57 -34.50
CA TYR A 160 -0.78 -9.81 -35.45
C TYR A 160 0.73 -10.03 -35.22
N VAL A 161 1.25 -9.41 -34.16
CA VAL A 161 2.68 -9.43 -33.85
C VAL A 161 3.07 -10.62 -32.96
N SER A 162 4.20 -11.25 -33.27
CA SER A 162 4.73 -12.37 -32.48
C SER A 162 5.41 -11.86 -31.18
N ALA A 163 4.64 -11.15 -30.35
CA ALA A 163 5.17 -10.53 -29.13
C ALA A 163 5.27 -11.55 -27.97
N TYR A 164 5.58 -12.81 -28.30
CA TYR A 164 5.71 -13.88 -27.31
C TYR A 164 4.37 -14.20 -26.61
N LYS A 165 3.59 -15.07 -27.23
CA LYS A 165 2.31 -15.51 -26.64
C LYS A 165 2.54 -16.46 -25.45
N ASN A 166 1.59 -16.48 -24.52
CA ASN A 166 1.68 -17.32 -23.32
C ASN A 166 1.13 -18.74 -23.58
N ALA A 167 1.04 -19.54 -22.52
CA ALA A 167 0.55 -20.92 -22.62
C ALA A 167 -0.85 -21.01 -23.26
N GLY A 168 -0.93 -21.72 -24.39
CA GLY A 168 -2.21 -21.91 -25.07
C GLY A 168 -3.03 -23.06 -24.47
N THR A 169 -4.26 -23.23 -24.94
CA THR A 169 -5.18 -24.26 -24.39
C THR A 169 -4.87 -25.67 -24.92
N TYR A 170 -3.58 -26.00 -25.04
CA TYR A 170 -3.11 -27.36 -25.39
C TYR A 170 -3.69 -27.89 -26.72
N ASP A 171 -4.19 -26.99 -27.57
CA ASP A 171 -4.79 -27.39 -28.86
C ASP A 171 -6.05 -28.26 -28.65
N ALA A 172 -7.22 -27.66 -28.88
CA ALA A 172 -8.49 -28.39 -28.76
C ALA A 172 -8.67 -29.39 -29.91
N LYS A 173 -8.26 -30.63 -29.69
CA LYS A 173 -8.34 -31.67 -30.72
C LYS A 173 -9.68 -32.42 -30.64
N VAL A 174 -10.65 -31.99 -31.44
CA VAL A 174 -12.01 -32.55 -31.39
C VAL A 174 -12.59 -32.78 -32.79
N LYS A 175 -13.64 -33.61 -32.87
CA LYS A 175 -14.31 -33.94 -34.13
C LYS A 175 -15.30 -32.81 -34.52
N LYS A 176 -15.67 -31.99 -33.53
CA LYS A 176 -16.63 -30.88 -33.73
C LYS A 176 -16.38 -30.12 -35.04
N LEU A 177 -17.46 -29.93 -35.82
CA LEU A 177 -17.37 -29.25 -37.12
C LEU A 177 -16.84 -27.81 -36.96
N GLU A 178 -17.74 -26.88 -36.66
CA GLU A 178 -17.34 -25.49 -36.45
C GLU A 178 -17.04 -25.18 -34.98
N MET A 1 -14.45 -14.89 -2.10
CA MET A 1 -15.77 -15.58 -2.09
C MET A 1 -16.79 -14.89 -1.17
N ALA A 2 -16.31 -14.11 -0.20
CA ALA A 2 -17.19 -13.40 0.75
C ALA A 2 -17.38 -11.93 0.38
N ALA A 3 -16.32 -11.30 -0.11
CA ALA A 3 -16.35 -9.87 -0.46
C ALA A 3 -15.05 -9.43 -1.16
N SER A 4 -13.92 -9.99 -0.70
CA SER A 4 -12.58 -9.68 -1.25
C SER A 4 -12.06 -8.31 -0.78
N THR A 5 -12.98 -7.35 -0.59
CA THR A 5 -12.62 -5.98 -0.15
C THR A 5 -11.81 -5.26 -1.22
N ASP A 6 -12.49 -4.42 -2.01
CA ASP A 6 -11.89 -3.72 -3.16
C ASP A 6 -11.51 -4.71 -4.28
N ILE A 7 -10.49 -5.52 -4.01
CA ILE A 7 -10.05 -6.56 -4.96
C ILE A 7 -9.16 -7.61 -4.24
N ALA A 8 -9.55 -8.88 -4.34
CA ALA A 8 -8.82 -9.98 -3.68
C ALA A 8 -7.32 -9.99 -4.01
N GLY A 9 -6.99 -9.58 -5.25
CA GLY A 9 -5.60 -9.52 -5.66
C GLY A 9 -4.76 -8.57 -4.81
N LEU A 10 -5.35 -7.46 -4.39
CA LEU A 10 -4.65 -6.48 -3.56
C LEU A 10 -4.23 -7.11 -2.23
N GLU A 11 -5.11 -7.90 -1.64
CA GLU A 11 -4.79 -8.66 -0.42
C GLU A 11 -3.58 -9.58 -0.65
N GLU A 12 -3.58 -10.29 -1.78
CA GLU A 12 -2.46 -11.19 -2.11
C GLU A 12 -1.14 -10.41 -2.22
N SER A 13 -1.15 -9.31 -2.98
CA SER A 13 0.04 -8.47 -3.16
C SER A 13 0.55 -7.96 -1.82
N PHE A 14 -0.36 -7.47 -0.97
CA PHE A 14 -0.04 -7.04 0.39
C PHE A 14 0.57 -8.20 1.18
N ARG A 15 -0.04 -9.37 1.06
CA ARG A 15 0.43 -10.61 1.70
C ARG A 15 1.88 -10.92 1.31
N LYS A 16 2.19 -10.76 0.02
CA LYS A 16 3.53 -11.05 -0.52
C LYS A 16 4.62 -10.20 0.16
N PHE A 17 4.44 -8.89 0.15
CA PHE A 17 5.43 -7.97 0.77
C PHE A 17 5.42 -8.07 2.31
N ALA A 18 4.24 -8.33 2.90
CA ALA A 18 4.11 -8.39 4.37
C ALA A 18 4.84 -9.61 4.97
N ILE A 19 5.19 -10.58 4.13
CA ILE A 19 5.98 -11.75 4.56
C ILE A 19 7.37 -11.75 3.91
N HIS A 20 7.80 -10.60 3.44
CA HIS A 20 9.10 -10.45 2.75
C HIS A 20 10.30 -10.66 3.69
N GLY A 21 10.08 -10.58 5.00
CA GLY A 21 11.17 -10.76 5.96
C GLY A 21 11.20 -12.15 6.59
N ASP A 22 10.03 -12.67 6.97
CA ASP A 22 9.92 -13.96 7.64
C ASP A 22 9.13 -14.96 6.77
N PRO A 23 9.31 -16.28 6.99
CA PRO A 23 8.62 -17.32 6.20
C PRO A 23 7.11 -17.39 6.48
N LYS A 24 6.68 -16.75 7.57
CA LYS A 24 5.24 -16.60 7.87
C LYS A 24 4.93 -15.15 8.25
N ALA A 25 5.86 -14.54 9.00
CA ALA A 25 5.74 -13.16 9.47
C ALA A 25 4.35 -12.84 10.09
N SER A 26 3.43 -12.43 9.23
CA SER A 26 2.09 -12.00 9.66
C SER A 26 1.12 -11.98 8.47
N GLY A 27 1.49 -11.21 7.44
CA GLY A 27 0.65 -11.09 6.27
C GLY A 27 -0.31 -9.90 6.34
N GLN A 28 -0.79 -9.59 7.54
CA GLN A 28 -1.67 -8.44 7.75
C GLN A 28 -0.88 -7.24 8.33
N GLU A 29 0.42 -7.42 8.52
CA GLU A 29 1.29 -6.37 9.07
C GLU A 29 2.48 -6.08 8.13
N MET A 30 2.49 -4.89 7.53
CA MET A 30 3.59 -4.46 6.65
C MET A 30 4.47 -3.39 7.32
N ASN A 31 5.77 -3.43 7.05
CA ASN A 31 6.72 -2.50 7.68
C ASN A 31 7.27 -1.47 6.68
N GLY A 32 7.96 -0.45 7.20
CA GLY A 32 8.43 0.64 6.37
C GLY A 32 9.39 0.22 5.25
N LYS A 33 10.26 -0.74 5.53
CA LYS A 33 11.30 -1.14 4.57
C LYS A 33 10.71 -1.74 3.28
N ASN A 34 9.85 -2.75 3.41
CA ASN A 34 9.23 -3.38 2.24
C ASN A 34 8.13 -2.49 1.61
N TRP A 35 7.49 -1.66 2.43
CA TRP A 35 6.57 -0.63 1.93
C TRP A 35 7.29 0.38 1.01
N ALA A 36 8.48 0.81 1.42
CA ALA A 36 9.31 1.71 0.60
C ALA A 36 9.70 1.03 -0.72
N LYS A 37 10.19 -0.21 -0.64
CA LYS A 37 10.58 -0.97 -1.82
C LYS A 37 9.36 -1.28 -2.70
N LEU A 38 8.20 -1.46 -2.08
CA LEU A 38 6.93 -1.70 -2.81
C LEU A 38 6.66 -0.54 -3.78
N CYS A 39 6.64 0.68 -3.24
CA CYS A 39 6.42 1.88 -4.06
C CYS A 39 7.49 2.00 -5.16
N LYS A 40 8.75 1.80 -4.79
CA LYS A 40 9.86 1.89 -5.74
C LYS A 40 9.81 0.77 -6.81
N ASP A 41 9.32 -0.41 -6.44
CA ASP A 41 9.22 -1.53 -7.38
C ASP A 41 8.06 -1.29 -8.37
N CYS A 42 6.90 -0.90 -7.83
CA CYS A 42 5.75 -0.49 -8.65
C CYS A 42 5.96 0.91 -9.24
N LYS A 43 7.09 1.54 -8.89
CA LYS A 43 7.49 2.84 -9.42
C LYS A 43 6.42 3.92 -9.24
N VAL A 44 5.72 3.85 -8.11
CA VAL A 44 4.74 4.87 -7.73
C VAL A 44 5.44 6.20 -7.38
N ALA A 45 6.69 6.09 -6.92
CA ALA A 45 7.48 7.29 -6.59
C ALA A 45 7.79 8.12 -7.85
N ASP A 46 7.42 9.40 -7.79
CA ASP A 46 7.57 10.31 -8.92
C ASP A 46 9.04 10.75 -9.12
N GLY A 47 9.83 10.68 -8.04
CA GLY A 47 11.23 11.08 -8.11
C GLY A 47 11.41 12.59 -7.93
N LYS A 48 10.62 13.38 -8.65
CA LYS A 48 10.64 14.84 -8.54
C LYS A 48 9.89 15.30 -7.28
N SER A 49 8.63 14.92 -7.19
CA SER A 49 7.76 15.26 -6.05
C SER A 49 7.70 14.10 -5.03
N VAL A 50 7.00 13.03 -5.39
CA VAL A 50 6.86 11.86 -4.51
C VAL A 50 8.15 11.01 -4.50
N THR A 51 8.80 10.96 -3.35
CA THR A 51 10.04 10.19 -3.19
C THR A 51 10.08 9.50 -1.82
N GLY A 52 11.19 8.84 -1.49
CA GLY A 52 11.31 8.10 -0.22
C GLY A 52 10.80 8.87 0.99
N THR A 53 11.17 10.14 1.09
CA THR A 53 10.66 11.01 2.17
C THR A 53 9.13 11.02 2.20
N ASP A 54 8.51 11.38 1.08
CA ASP A 54 7.04 11.47 0.98
C ASP A 54 6.38 10.12 1.32
N VAL A 55 6.96 9.03 0.80
CA VAL A 55 6.46 7.67 1.07
C VAL A 55 6.55 7.33 2.57
N ASP A 56 7.48 7.96 3.26
CA ASP A 56 7.67 7.72 4.71
C ASP A 56 6.68 8.56 5.51
N ILE A 57 6.47 9.79 5.04
CA ILE A 57 5.47 10.70 5.63
C ILE A 57 4.08 10.04 5.62
N VAL A 58 3.72 9.45 4.48
CA VAL A 58 2.45 8.72 4.35
C VAL A 58 2.39 7.52 5.30
N PHE A 59 3.46 6.73 5.33
CA PHE A 59 3.57 5.56 6.22
C PHE A 59 3.31 5.95 7.70
N SER A 60 3.91 7.06 8.13
CA SER A 60 3.73 7.56 9.50
C SER A 60 2.36 8.22 9.68
N LYS A 61 1.88 8.88 8.63
CA LYS A 61 0.60 9.61 8.67
C LYS A 61 -0.60 8.68 8.92
N VAL A 62 -0.74 7.66 8.07
CA VAL A 62 -1.86 6.72 8.20
C VAL A 62 -1.76 5.87 9.48
N LYS A 63 -0.54 5.74 9.98
CA LYS A 63 -0.25 4.97 11.20
C LYS A 63 0.05 5.92 12.37
N GLY A 64 -1.01 6.42 13.02
CA GLY A 64 -0.85 7.43 14.05
C GLY A 64 -0.94 6.92 15.48
N LYS A 65 -1.36 5.67 15.66
CA LYS A 65 -1.53 5.10 17.01
C LYS A 65 -0.21 4.53 17.57
N SER A 66 0.88 5.30 17.43
CA SER A 66 2.20 4.93 18.00
C SER A 66 2.65 3.52 17.55
N ALA A 67 2.01 2.98 16.51
CA ALA A 67 2.32 1.64 16.01
C ALA A 67 3.61 1.63 15.18
N ARG A 68 4.13 0.43 14.91
CA ARG A 68 5.36 0.29 14.13
C ARG A 68 5.05 -0.20 12.70
N VAL A 69 4.06 -1.07 12.57
CA VAL A 69 3.63 -1.59 11.26
C VAL A 69 2.26 -1.06 10.85
N ILE A 70 1.92 -1.21 9.57
CA ILE A 70 0.59 -0.83 9.06
C ILE A 70 -0.21 -2.07 8.65
N ASN A 71 -1.54 -2.02 8.82
CA ASN A 71 -2.41 -3.11 8.41
C ASN A 71 -3.10 -2.81 7.06
N TYR A 72 -3.93 -3.75 6.59
CA TYR A 72 -4.56 -3.64 5.26
C TYR A 72 -5.36 -2.32 5.09
N GLU A 73 -6.06 -1.91 6.14
CA GLU A 73 -6.84 -0.67 6.11
C GLU A 73 -5.94 0.56 5.98
N GLU A 74 -4.91 0.63 6.84
CA GLU A 74 -3.94 1.74 6.81
C GLU A 74 -3.19 1.79 5.47
N PHE A 75 -2.92 0.60 4.91
CA PHE A 75 -2.35 0.47 3.58
C PHE A 75 -3.26 1.13 2.53
N LYS A 76 -4.56 0.86 2.64
CA LYS A 76 -5.57 1.49 1.76
C LYS A 76 -5.57 3.03 1.92
N LYS A 77 -5.46 3.51 3.17
CA LYS A 77 -5.34 4.95 3.43
C LYS A 77 -4.09 5.53 2.74
N ALA A 78 -3.00 4.76 2.81
CA ALA A 78 -1.75 5.15 2.16
C ALA A 78 -1.92 5.23 0.63
N LEU A 79 -2.66 4.28 0.07
CA LEU A 79 -2.96 4.27 -1.36
C LEU A 79 -3.75 5.53 -1.77
N GLU A 80 -4.68 5.97 -0.91
CA GLU A 80 -5.44 7.20 -1.17
C GLU A 80 -4.49 8.42 -1.23
N GLU A 81 -3.52 8.47 -0.32
CA GLU A 81 -2.50 9.53 -0.33
C GLU A 81 -1.70 9.50 -1.65
N LEU A 82 -1.12 8.34 -1.97
CA LEU A 82 -0.33 8.19 -3.20
C LEU A 82 -1.18 8.47 -4.44
N ALA A 83 -2.45 8.05 -4.41
CA ALA A 83 -3.38 8.30 -5.52
C ALA A 83 -3.53 9.81 -5.79
N THR A 84 -3.90 10.56 -4.75
CA THR A 84 -4.05 12.01 -4.85
C THR A 84 -2.72 12.70 -5.19
N LYS A 85 -1.61 12.06 -4.87
CA LYS A 85 -0.27 12.55 -5.24
C LYS A 85 0.01 12.35 -6.74
N ARG A 86 -0.36 11.18 -7.26
CA ARG A 86 -0.05 10.81 -8.65
C ARG A 86 -1.14 11.23 -9.65
N PHE A 87 -2.36 10.75 -9.42
CA PHE A 87 -3.46 10.92 -10.40
C PHE A 87 -4.39 12.09 -10.03
N LYS A 88 -3.85 13.06 -9.31
CA LYS A 88 -4.62 14.22 -8.83
C LYS A 88 -5.77 13.82 -7.89
N GLY A 89 -6.59 14.79 -7.49
CA GLY A 89 -7.72 14.51 -6.62
C GLY A 89 -9.05 14.36 -7.37
N LYS A 90 -8.97 14.14 -8.68
CA LYS A 90 -10.17 14.00 -9.51
C LYS A 90 -10.83 12.63 -9.29
N SER A 91 -11.85 12.59 -8.42
CA SER A 91 -12.56 11.35 -8.07
C SER A 91 -11.66 10.34 -7.34
N LYS A 92 -11.92 10.14 -6.04
CA LYS A 92 -11.19 9.14 -5.27
C LYS A 92 -11.31 7.75 -5.89
N GLU A 93 -12.46 7.44 -6.48
CA GLU A 93 -12.70 6.13 -7.08
C GLU A 93 -11.70 5.82 -8.20
N GLU A 94 -11.58 6.73 -9.16
CA GLU A 94 -10.65 6.54 -10.29
C GLU A 94 -9.19 6.63 -9.84
N ALA A 95 -8.87 7.59 -8.97
CA ALA A 95 -7.51 7.72 -8.42
C ALA A 95 -7.09 6.47 -7.63
N PHE A 96 -7.97 6.00 -6.76
CA PHE A 96 -7.71 4.80 -5.95
C PHE A 96 -7.62 3.55 -6.85
N ASP A 97 -8.46 3.50 -7.88
CA ASP A 97 -8.41 2.43 -8.88
C ASP A 97 -7.03 2.38 -9.55
N ALA A 98 -6.59 3.52 -10.03
CA ALA A 98 -5.32 3.65 -10.75
C ALA A 98 -4.09 3.35 -9.86
N ILE A 99 -4.10 3.83 -8.62
CA ILE A 99 -3.00 3.54 -7.69
C ILE A 99 -2.95 2.03 -7.37
N CYS A 100 -4.13 1.42 -7.25
CA CYS A 100 -4.22 -0.04 -7.10
C CYS A 100 -3.84 -0.74 -8.40
N GLN A 101 -4.10 -0.08 -9.52
CA GLN A 101 -3.76 -0.61 -10.86
C GLN A 101 -2.25 -0.85 -10.98
N LEU A 102 -1.46 0.03 -10.35
CA LEU A 102 0.01 -0.10 -10.34
C LEU A 102 0.48 -1.33 -9.53
N VAL A 103 -0.37 -1.80 -8.61
CA VAL A 103 -0.05 -2.97 -7.77
C VAL A 103 -0.94 -4.18 -8.13
N ALA A 104 -2.23 -4.07 -7.79
CA ALA A 104 -3.23 -5.10 -8.12
C ALA A 104 -2.84 -6.51 -7.63
N GLY A 105 -2.08 -7.24 -8.44
CA GLY A 105 -1.70 -8.61 -8.10
C GLY A 105 -0.29 -8.96 -8.56
N LYS A 106 0.57 -7.94 -8.64
CA LYS A 106 1.94 -8.12 -9.13
C LYS A 106 2.85 -8.84 -8.10
N GLU A 107 4.13 -8.89 -8.42
CA GLU A 107 5.14 -9.51 -7.55
C GLU A 107 6.39 -8.63 -7.47
N PRO A 108 7.15 -8.70 -6.36
CA PRO A 108 8.36 -7.87 -6.18
C PRO A 108 9.41 -8.11 -7.29
N ALA A 109 9.39 -7.24 -8.31
CA ALA A 109 10.28 -7.33 -9.47
C ALA A 109 10.07 -8.64 -10.27
N ASN A 110 10.64 -9.74 -9.76
CA ASN A 110 10.56 -11.04 -10.41
C ASN A 110 10.98 -12.15 -9.44
N VAL A 111 10.03 -13.01 -9.07
CA VAL A 111 10.31 -14.09 -8.11
C VAL A 111 10.63 -15.41 -8.81
N GLY A 112 11.00 -16.43 -8.03
CA GLY A 112 11.24 -17.75 -8.59
C GLY A 112 10.00 -18.34 -9.27
N VAL A 113 10.22 -19.18 -10.28
CA VAL A 113 9.11 -19.78 -11.03
C VAL A 113 8.33 -20.83 -10.20
N THR A 114 8.82 -21.12 -9.01
CA THR A 114 8.11 -22.04 -8.09
C THR A 114 6.67 -21.58 -7.84
N LYS A 115 5.71 -22.47 -8.04
CA LYS A 115 4.30 -22.12 -7.93
C LYS A 115 3.85 -21.99 -6.46
N ALA A 116 3.52 -20.76 -6.07
CA ALA A 116 3.05 -20.49 -4.70
C ALA A 116 1.56 -20.84 -4.53
N LYS A 117 1.12 -21.02 -3.27
CA LYS A 117 -0.27 -21.40 -2.96
C LYS A 117 -0.60 -22.81 -3.49
N THR A 118 -0.69 -22.95 -4.81
CA THR A 118 -0.92 -24.23 -5.48
C THR A 118 -2.11 -25.01 -4.91
N GLY A 119 -1.86 -25.95 -3.97
CA GLY A 119 -2.90 -26.88 -3.54
C GLY A 119 -3.59 -27.57 -4.72
N GLY A 120 -4.85 -27.94 -4.55
CA GLY A 120 -5.66 -28.34 -5.70
C GLY A 120 -6.18 -27.12 -6.45
N ALA A 121 -7.09 -26.40 -5.80
CA ALA A 121 -7.55 -25.10 -6.26
C ALA A 121 -7.65 -24.14 -5.06
N VAL A 122 -8.55 -24.48 -4.13
CA VAL A 122 -8.70 -23.74 -2.87
C VAL A 122 -8.16 -24.59 -1.70
N ASP A 123 -7.49 -25.70 -2.06
CA ASP A 123 -6.95 -26.67 -1.10
C ASP A 123 -8.06 -27.58 -0.52
N ARG A 124 -7.68 -28.80 -0.14
CA ARG A 124 -8.67 -29.81 0.28
C ARG A 124 -9.23 -29.55 1.68
N LEU A 125 -10.47 -29.06 1.72
CA LEU A 125 -11.22 -28.88 2.98
C LEU A 125 -12.44 -29.80 3.00
N THR A 126 -13.42 -29.51 3.87
CA THR A 126 -14.69 -30.26 3.93
C THR A 126 -14.48 -31.78 4.12
N ASP A 127 -13.30 -32.16 4.61
CA ASP A 127 -12.92 -33.56 4.75
C ASP A 127 -13.36 -34.15 6.09
N THR A 128 -12.67 -35.20 6.56
CA THR A 128 -13.04 -35.90 7.79
C THR A 128 -12.70 -35.10 9.06
N SER A 129 -11.57 -34.39 9.02
CA SER A 129 -11.05 -33.68 10.21
C SER A 129 -12.08 -32.70 10.80
N ARG A 130 -12.41 -32.89 12.08
CA ARG A 130 -13.29 -31.96 12.80
C ARG A 130 -12.53 -30.69 13.18
N TYR A 131 -11.33 -30.87 13.75
CA TYR A 131 -10.45 -29.76 14.18
C TYR A 131 -10.99 -29.00 15.41
N THR A 132 -12.30 -28.74 15.43
CA THR A 132 -12.94 -27.99 16.53
C THR A 132 -12.75 -28.67 17.91
N GLY A 133 -12.25 -29.91 17.89
CA GLY A 133 -11.97 -30.62 19.13
C GLY A 133 -11.03 -31.79 18.93
N SER A 134 -9.89 -31.78 19.63
CA SER A 134 -8.91 -32.89 19.54
C SER A 134 -9.48 -34.16 20.16
N HIS A 135 -10.43 -34.01 21.09
CA HIS A 135 -11.17 -35.14 21.64
C HIS A 135 -12.31 -35.53 20.71
N LYS A 136 -11.96 -36.10 19.55
CA LYS A 136 -12.94 -36.46 18.52
C LYS A 136 -13.89 -37.57 19.00
N GLU A 137 -13.34 -38.58 19.65
CA GLU A 137 -14.15 -39.68 20.21
C GLU A 137 -14.41 -39.46 21.71
N ARG A 138 -15.37 -38.59 22.00
CA ARG A 138 -15.72 -38.21 23.36
C ARG A 138 -16.93 -39.01 23.86
N PHE A 139 -18.11 -38.58 23.41
CA PHE A 139 -19.39 -39.24 23.71
C PHE A 139 -20.56 -38.36 23.23
N ASP A 140 -20.87 -38.44 21.94
CA ASP A 140 -21.98 -37.68 21.37
C ASP A 140 -23.32 -38.28 21.80
N GLU A 141 -24.23 -37.43 22.28
CA GLU A 141 -25.55 -37.88 22.74
C GLU A 141 -26.61 -36.79 22.48
N SER A 142 -26.77 -35.84 23.42
CA SER A 142 -27.74 -34.72 23.31
C SER A 142 -29.09 -35.16 22.72
N GLY A 143 -29.16 -35.26 21.39
CA GLY A 143 -30.36 -35.72 20.70
C GLY A 143 -30.06 -36.72 19.60
N LYS A 144 -28.85 -36.65 19.03
CA LYS A 144 -28.41 -37.49 17.90
C LYS A 144 -29.22 -37.22 16.63
N GLY A 145 -30.51 -37.55 16.66
CA GLY A 145 -31.39 -37.26 15.52
C GLY A 145 -31.91 -35.83 15.53
N LYS A 146 -30.99 -34.86 15.45
CA LYS A 146 -31.36 -33.44 15.45
C LYS A 146 -32.06 -33.04 14.14
N GLY A 147 -33.13 -32.26 14.25
CA GLY A 147 -33.89 -31.87 13.06
C GLY A 147 -34.88 -32.93 12.62
N ILE A 148 -35.84 -33.23 13.48
CA ILE A 148 -36.87 -34.23 13.19
C ILE A 148 -37.89 -33.72 12.15
N ALA A 149 -38.26 -34.56 11.19
CA ALA A 149 -39.24 -34.19 10.17
C ALA A 149 -40.64 -33.98 10.78
N GLY A 150 -40.95 -32.73 11.12
CA GLY A 150 -42.26 -32.41 11.68
C GLY A 150 -42.68 -30.96 11.43
N ARG A 151 -43.14 -30.28 12.48
CA ARG A 151 -43.58 -28.88 12.37
C ARG A 151 -42.80 -27.98 13.33
N GLN A 152 -42.85 -26.67 13.08
CA GLN A 152 -42.27 -25.69 14.01
C GLN A 152 -43.25 -25.46 15.17
N ASP A 153 -42.88 -25.90 16.37
CA ASP A 153 -43.81 -25.89 17.51
C ASP A 153 -43.67 -24.60 18.34
N ILE A 154 -44.58 -24.42 19.29
CA ILE A 154 -44.61 -23.23 20.16
C ILE A 154 -43.92 -23.49 21.52
N LEU A 155 -43.87 -22.46 22.36
CA LEU A 155 -43.33 -22.56 23.73
C LEU A 155 -41.83 -22.93 23.75
N ASP A 156 -40.98 -21.91 23.79
CA ASP A 156 -39.55 -22.10 24.04
C ASP A 156 -39.30 -22.36 25.54
N ASP A 157 -38.28 -23.16 25.85
CA ASP A 157 -38.04 -23.59 27.24
C ASP A 157 -37.72 -22.40 28.16
N SER A 158 -38.25 -22.42 29.36
CA SER A 158 -37.95 -21.41 30.38
C SER A 158 -36.87 -21.92 31.35
N GLY A 159 -35.73 -22.35 30.80
CA GLY A 159 -34.64 -22.85 31.61
C GLY A 159 -33.99 -21.79 32.49
N TYR A 160 -33.94 -20.54 32.00
CA TYR A 160 -33.39 -19.44 32.77
C TYR A 160 -34.36 -18.99 33.88
N VAL A 161 -34.34 -19.72 35.00
CA VAL A 161 -35.24 -19.44 36.13
C VAL A 161 -34.67 -18.40 37.10
N SER A 162 -33.91 -17.44 36.57
CA SER A 162 -33.33 -16.37 37.40
C SER A 162 -34.41 -15.44 37.97
N ALA A 163 -35.63 -15.55 37.42
CA ALA A 163 -36.80 -14.80 37.92
C ALA A 163 -36.64 -13.28 37.77
N TYR A 164 -35.85 -12.67 38.65
CA TYR A 164 -35.66 -11.21 38.63
C TYR A 164 -34.50 -10.80 37.71
N LYS A 165 -33.45 -11.61 37.73
CA LYS A 165 -32.20 -11.29 37.03
C LYS A 165 -32.22 -11.75 35.57
N ASN A 166 -31.76 -10.89 34.66
CA ASN A 166 -31.72 -11.21 33.22
C ASN A 166 -30.42 -11.96 32.86
N ALA A 167 -30.46 -12.72 31.78
CA ALA A 167 -29.29 -13.49 31.34
C ALA A 167 -28.18 -12.58 30.76
N GLY A 168 -28.58 -11.52 30.07
CA GLY A 168 -27.62 -10.58 29.49
C GLY A 168 -26.79 -9.85 30.54
N THR A 169 -25.47 -9.98 30.46
CA THR A 169 -24.56 -9.38 31.45
C THR A 169 -23.20 -8.99 30.84
N TYR A 170 -22.64 -7.88 31.32
CA TYR A 170 -21.31 -7.42 30.93
C TYR A 170 -20.57 -6.81 32.13
N ASP A 171 -19.57 -7.52 32.62
CA ASP A 171 -18.87 -7.13 33.85
C ASP A 171 -18.04 -5.83 33.70
N ALA A 172 -17.48 -5.61 32.50
CA ALA A 172 -16.74 -4.38 32.17
C ALA A 172 -15.30 -4.37 32.75
N LYS A 173 -14.60 -3.24 32.59
CA LYS A 173 -13.20 -3.13 33.04
C LYS A 173 -13.03 -2.20 34.25
N VAL A 174 -13.50 -0.95 34.11
CA VAL A 174 -13.23 0.10 35.11
C VAL A 174 -13.90 -0.17 36.47
N LYS A 175 -13.11 -0.71 37.40
CA LYS A 175 -13.58 -1.04 38.77
C LYS A 175 -14.61 -2.18 38.77
N LYS A 176 -15.77 -1.94 38.16
CA LYS A 176 -16.78 -2.97 37.99
C LYS A 176 -16.22 -4.14 37.17
N LEU A 177 -16.11 -5.31 37.80
CA LEU A 177 -15.58 -6.50 37.14
C LEU A 177 -15.82 -7.75 38.02
N GLU A 178 -16.48 -8.76 37.45
CA GLU A 178 -16.77 -10.00 38.19
C GLU A 178 -16.87 -11.18 37.20
#